data_9BC5
#
_entry.id   9BC5
#
_cell.length_a   1.00
_cell.length_b   1.00
_cell.length_c   1.00
_cell.angle_alpha   90.00
_cell.angle_beta   90.00
_cell.angle_gamma   90.00
#
_symmetry.space_group_name_H-M   'P 1'
#
loop_
_entity.id
_entity.type
_entity.pdbx_description
1 polymer 'Protein Rep68'
2 polymer 'AAVS1 DNA (41-MER) Sense strand'
3 polymer 'AAVS1 DNA (41-MER) ANTISENSE'
#
loop_
_entity_poly.entity_id
_entity_poly.type
_entity_poly.pdbx_seq_one_letter_code
_entity_poly.pdbx_strand_id
1 'polypeptide(L)'
;GPPGFYEIVIKVPSDLDEHLPGISDSFVNWVAEKEWELPPDSDMDLNLIEQAPLTVAEKLQRDFLTEWRRVSKAPEALFF
VQFEKGESYFHMHVLVETTGVKSMVLGRFLSQIREKLIQRIYRGIEPTLPNWFAVTKTRNGAGGGNKVVDESYIPNYLLP
KTQPELQWAWTNMEQYLSACLNLTERKRLVAQHLTHVSQTQEQNKENQNPNSDAPVIRSKTSARYMELVGWLVDKGITSE
KQWIQEDQASYISFNAASNSRSQIKAALDNAGKIMSLTKTAPDYLVGQQPVEDISSNRIYKILELNGYDPQYAASVFLGW
ATKKFGKRNTIWLFGPATTGKTNIAEAIAHTVPFYGCVNWTNENFPFNDCVDKMVIWWEEGKMTAKVVESAKAILGGSKV
RVDQKCKSSAQIDPTPVIVTSNTNMCAVIDGNSTTFEHQQPLQDRMFKFELTRRLDHDFGKVTKQEVKDFFRWAKDHVVE
VEHEFYVKKGG
;
A,B,C,D,E,F,G
2 'polydeoxyribonucleotide'
;(DG)(DG)(DC)(DG)(DG)(DG)(DT)(DG)(DG)(DT)(DG)(DG)(DC)(DG)(DG)(DC)(DG)(DG)(DT)(DT)
(DG)(DG)(DG)(DG)(DC)(DT)(DC)(DG)(DG)(DC)(DG)(DC)(DT)(DC)(DG)(DC)(DT)(DC)(DG)(DC)
(DT)(DC)(DG)(DC)(DT)(DG)(DG)(DG)(DC)(DG)
;
H
3 'polydeoxyribonucleotide'
;(DC)(DG)(DC)(DC)(DC)(DA)(DG)(DC)(DG)(DA)(DG)(DC)(DG)(DA)(DG)(DC)(DG)(DA)(DG)(DC)
(DG)(DC)(DC)(DG)(DA)(DG)(DC)(DC)(DC)(DC)(DA)(DA)(DC)(DC)(DG)(DC)(DC)(DG)(DC)(DC)
(DA)(DC)(DC)(DA)(DC)(DC)(DC)(DG)(DC)(DC)
;
I
#
loop_
_chem_comp.id
_chem_comp.type
_chem_comp.name
_chem_comp.formula
DA DNA linking 2'-DEOXYADENOSINE-5'-MONOPHOSPHATE 'C10 H14 N5 O6 P'
DC DNA linking 2'-DEOXYCYTIDINE-5'-MONOPHOSPHATE 'C9 H14 N3 O7 P'
DG DNA linking 2'-DEOXYGUANOSINE-5'-MONOPHOSPHATE 'C10 H14 N5 O7 P'
DT DNA linking THYMIDINE-5'-MONOPHOSPHATE 'C10 H15 N2 O8 P'
#
# COMPACT_ATOMS: atom_id res chain seq x y z
N PRO A 3 46.74 -18.95 -2.55
CA PRO A 3 47.01 -18.22 -3.80
C PRO A 3 45.79 -18.10 -4.70
N GLY A 4 45.34 -16.86 -4.92
CA GLY A 4 44.18 -16.64 -5.75
C GLY A 4 44.47 -16.87 -7.22
N PHE A 5 43.40 -16.82 -8.03
CA PHE A 5 43.50 -17.02 -9.46
C PHE A 5 42.48 -16.14 -10.16
N TYR A 6 42.78 -15.79 -11.41
CA TYR A 6 41.90 -14.97 -12.23
C TYR A 6 41.25 -15.86 -13.30
N GLU A 7 39.92 -15.91 -13.28
CA GLU A 7 39.18 -16.73 -14.25
C GLU A 7 39.09 -15.98 -15.57
N ILE A 8 40.02 -16.29 -16.47
CA ILE A 8 40.06 -15.65 -17.78
C ILE A 8 39.19 -16.48 -18.73
N VAL A 9 38.21 -15.83 -19.34
CA VAL A 9 37.28 -16.48 -20.27
C VAL A 9 37.76 -16.19 -21.69
N ILE A 10 37.87 -17.24 -22.50
CA ILE A 10 38.30 -17.11 -23.89
C ILE A 10 37.40 -17.96 -24.77
N LYS A 11 36.45 -17.32 -25.46
CA LYS A 11 35.54 -18.02 -26.34
C LYS A 11 36.25 -18.34 -27.64
N VAL A 12 36.49 -19.62 -27.89
CA VAL A 12 37.21 -20.05 -29.10
C VAL A 12 36.25 -20.02 -30.28
N PRO A 13 36.58 -19.35 -31.38
CA PRO A 13 35.68 -19.36 -32.54
C PRO A 13 35.43 -20.76 -33.04
N SER A 14 34.16 -21.05 -33.34
CA SER A 14 33.76 -22.36 -33.85
C SER A 14 33.86 -22.42 -35.37
N ASP A 15 33.11 -21.56 -36.06
CA ASP A 15 33.12 -21.51 -37.52
C ASP A 15 34.24 -20.55 -37.96
N LEU A 16 35.28 -21.10 -38.57
CA LEU A 16 36.40 -20.28 -39.01
C LEU A 16 36.01 -19.34 -40.15
N ASP A 17 34.96 -19.66 -40.89
CA ASP A 17 34.53 -18.82 -42.01
C ASP A 17 33.56 -17.73 -41.58
N GLU A 18 32.72 -18.00 -40.58
CA GLU A 18 31.75 -17.01 -40.11
C GLU A 18 32.33 -16.11 -39.03
N HIS A 19 33.16 -16.65 -38.14
CA HIS A 19 33.75 -15.87 -37.07
C HIS A 19 35.08 -15.23 -37.45
N LEU A 20 35.84 -15.87 -38.34
CA LEU A 20 37.14 -15.37 -38.79
C LEU A 20 37.13 -15.24 -40.31
N PRO A 21 36.36 -14.29 -40.84
CA PRO A 21 36.30 -14.13 -42.30
C PRO A 21 37.63 -13.64 -42.85
N GLY A 22 38.05 -14.25 -43.96
CA GLY A 22 39.31 -13.90 -44.59
C GLY A 22 40.53 -14.57 -44.03
N ILE A 23 40.37 -15.61 -43.21
CA ILE A 23 41.51 -16.30 -42.62
C ILE A 23 42.31 -16.98 -43.72
N SER A 24 43.64 -16.97 -43.57
CA SER A 24 44.50 -17.59 -44.56
C SER A 24 44.23 -19.09 -44.65
N ASP A 25 44.44 -19.65 -45.85
CA ASP A 25 44.19 -21.06 -46.06
C ASP A 25 45.23 -21.93 -45.37
N SER A 26 46.47 -21.44 -45.23
CA SER A 26 47.52 -22.23 -44.58
C SER A 26 47.18 -22.51 -43.13
N PHE A 27 46.61 -21.51 -42.42
CA PHE A 27 46.25 -21.71 -41.03
C PHE A 27 45.19 -22.78 -40.89
N VAL A 28 44.15 -22.73 -41.73
CA VAL A 28 43.08 -23.72 -41.66
C VAL A 28 43.63 -25.10 -42.01
N ASN A 29 44.52 -25.17 -43.01
CA ASN A 29 45.10 -26.45 -43.38
C ASN A 29 45.91 -27.04 -42.23
N TRP A 30 46.71 -26.21 -41.55
CA TRP A 30 47.50 -26.71 -40.43
C TRP A 30 46.60 -27.13 -39.28
N VAL A 31 45.51 -26.39 -39.04
CA VAL A 31 44.62 -26.74 -37.94
C VAL A 31 43.89 -28.03 -38.23
N ALA A 32 43.55 -28.28 -39.50
CA ALA A 32 42.83 -29.50 -39.85
C ALA A 32 43.75 -30.70 -39.96
N GLU A 33 45.02 -30.49 -40.30
CA GLU A 33 45.95 -31.61 -40.44
C GLU A 33 46.46 -32.11 -39.09
N LYS A 34 46.54 -31.23 -38.09
CA LYS A 34 47.03 -31.64 -36.79
C LYS A 34 46.07 -32.62 -36.13
N GLU A 35 46.61 -33.63 -35.46
CA GLU A 35 45.82 -34.64 -34.78
C GLU A 35 46.53 -35.04 -33.50
N TRP A 36 45.75 -35.29 -32.45
CA TRP A 36 46.26 -35.67 -31.15
C TRP A 36 45.96 -37.15 -30.89
N GLU A 37 46.35 -37.62 -29.71
CA GLU A 37 46.14 -39.00 -29.32
C GLU A 37 46.05 -39.08 -27.80
N LEU A 38 45.25 -40.03 -27.32
CA LEU A 38 45.08 -40.20 -25.89
C LEU A 38 46.41 -40.59 -25.25
N PRO A 39 46.80 -39.97 -24.13
CA PRO A 39 48.06 -40.35 -23.48
C PRO A 39 48.02 -41.81 -23.06
N PRO A 40 49.16 -42.36 -22.62
CA PRO A 40 49.15 -43.77 -22.17
C PRO A 40 48.18 -44.04 -21.05
N ASP A 41 48.15 -43.18 -20.03
CA ASP A 41 47.25 -43.35 -18.89
C ASP A 41 45.99 -42.52 -19.12
N SER A 42 45.17 -42.99 -20.05
CA SER A 42 43.92 -42.33 -20.41
C SER A 42 42.85 -43.37 -20.68
N ASP A 43 41.59 -42.97 -20.48
CA ASP A 43 40.47 -43.88 -20.72
C ASP A 43 39.26 -43.16 -21.28
N MET A 44 39.41 -41.97 -21.86
CA MET A 44 38.31 -41.21 -22.43
C MET A 44 38.19 -41.49 -23.91
N ASP A 45 36.96 -41.51 -24.41
CA ASP A 45 36.72 -41.77 -25.83
C ASP A 45 37.23 -40.61 -26.65
N LEU A 46 38.11 -40.90 -27.62
CA LEU A 46 38.65 -39.85 -28.47
C LEU A 46 37.69 -39.47 -29.60
N ASN A 47 36.81 -40.38 -30.00
CA ASN A 47 35.86 -40.08 -31.06
C ASN A 47 34.91 -38.96 -30.65
N LEU A 48 34.55 -38.92 -29.37
CA LEU A 48 33.65 -37.86 -28.90
C LEU A 48 34.33 -36.51 -28.94
N ILE A 49 35.55 -36.43 -28.43
CA ILE A 49 36.28 -35.17 -28.43
C ILE A 49 36.63 -34.78 -29.86
N GLU A 50 36.57 -33.48 -30.15
CA GLU A 50 36.84 -32.98 -31.48
C GLU A 50 38.36 -32.98 -31.73
N GLN A 51 38.76 -32.46 -32.89
CA GLN A 51 40.16 -32.43 -33.29
C GLN A 51 40.65 -31.00 -33.49
N ALA A 52 40.17 -30.30 -34.52
CA ALA A 52 40.63 -28.94 -34.77
C ALA A 52 40.35 -28.01 -33.60
N PRO A 53 39.17 -28.01 -32.97
CA PRO A 53 38.97 -27.14 -31.81
C PRO A 53 39.96 -27.42 -30.69
N LEU A 54 40.32 -28.68 -30.48
CA LEU A 54 41.30 -29.01 -29.45
C LEU A 54 42.64 -28.36 -29.73
N THR A 55 43.11 -28.46 -30.98
CA THR A 55 44.40 -27.85 -31.33
C THR A 55 44.32 -26.33 -31.23
N VAL A 56 43.18 -25.75 -31.64
CA VAL A 56 43.04 -24.30 -31.56
C VAL A 56 43.11 -23.84 -30.10
N ALA A 57 42.39 -24.53 -29.22
CA ALA A 57 42.41 -24.17 -27.80
C ALA A 57 43.79 -24.38 -27.19
N GLU A 58 44.49 -25.44 -27.62
CA GLU A 58 45.83 -25.69 -27.11
C GLU A 58 46.77 -24.56 -27.50
N LYS A 59 46.75 -24.17 -28.77
CA LYS A 59 47.59 -23.05 -29.20
C LYS A 59 47.23 -21.77 -28.47
N LEU A 60 45.93 -21.51 -28.31
CA LEU A 60 45.49 -20.29 -27.63
C LEU A 60 46.02 -20.25 -26.21
N GLN A 61 45.77 -21.31 -25.43
CA GLN A 61 46.20 -21.31 -24.04
C GLN A 61 47.72 -21.32 -23.93
N ARG A 62 48.42 -21.97 -24.86
CA ARG A 62 49.88 -21.97 -24.81
C ARG A 62 50.44 -20.56 -25.02
N ASP A 63 49.96 -19.88 -26.06
CA ASP A 63 50.45 -18.52 -26.31
C ASP A 63 50.07 -17.59 -25.17
N PHE A 64 48.86 -17.77 -24.60
CA PHE A 64 48.44 -16.94 -23.48
C PHE A 64 49.35 -17.16 -22.27
N LEU A 65 49.66 -18.42 -21.96
CA LEU A 65 50.53 -18.70 -20.82
C LEU A 65 51.93 -18.15 -21.04
N THR A 66 52.45 -18.29 -22.26
CA THR A 66 53.78 -17.75 -22.55
C THR A 66 53.80 -16.24 -22.40
N GLU A 67 52.79 -15.56 -22.94
CA GLU A 67 52.74 -14.11 -22.83
C GLU A 67 52.60 -13.68 -21.37
N TRP A 68 51.81 -14.42 -20.58
CA TRP A 68 51.67 -14.10 -19.16
C TRP A 68 52.98 -14.27 -18.43
N ARG A 69 53.68 -15.38 -18.67
CA ARG A 69 54.97 -15.59 -18.02
C ARG A 69 56.00 -14.56 -18.44
N ARG A 70 55.90 -14.07 -19.68
CA ARG A 70 56.86 -13.07 -20.15
C ARG A 70 56.57 -11.70 -19.55
N VAL A 71 55.30 -11.31 -19.48
CA VAL A 71 54.96 -9.98 -18.97
C VAL A 71 54.97 -9.92 -17.45
N SER A 72 54.87 -11.06 -16.76
CA SER A 72 54.88 -11.09 -15.31
C SER A 72 56.28 -11.29 -14.74
N LYS A 73 57.25 -11.71 -15.55
CA LYS A 73 58.61 -11.94 -15.09
C LYS A 73 58.65 -12.99 -13.99
N ALA A 74 57.84 -14.05 -14.15
CA ALA A 74 57.77 -15.13 -13.18
C ALA A 74 57.31 -16.41 -13.85
N PRO A 75 58.20 -17.12 -14.54
CA PRO A 75 57.78 -18.36 -15.22
C PRO A 75 57.32 -19.45 -14.26
N GLU A 76 57.74 -19.40 -12.99
CA GLU A 76 57.33 -20.39 -12.00
C GLU A 76 56.04 -19.92 -11.36
N ALA A 77 54.92 -20.28 -11.97
CA ALA A 77 53.61 -19.90 -11.49
C ALA A 77 52.61 -20.99 -11.81
N LEU A 78 51.57 -21.10 -10.99
CA LEU A 78 50.53 -22.10 -11.17
C LEU A 78 49.44 -21.58 -12.10
N PHE A 79 48.84 -22.50 -12.84
CA PHE A 79 47.77 -22.16 -13.77
C PHE A 79 46.88 -23.38 -13.95
N PHE A 80 45.77 -23.16 -14.65
CA PHE A 80 44.80 -24.24 -14.90
C PHE A 80 43.96 -23.85 -16.10
N VAL A 81 43.90 -24.72 -17.11
CA VAL A 81 43.13 -24.49 -18.32
C VAL A 81 42.16 -25.65 -18.49
N GLN A 82 40.99 -25.35 -19.06
CA GLN A 82 39.96 -26.36 -19.29
C GLN A 82 39.20 -25.99 -20.55
N PHE A 83 39.26 -26.85 -21.55
CA PHE A 83 38.56 -26.63 -22.81
C PHE A 83 37.19 -27.31 -22.74
N GLU A 84 36.14 -26.54 -22.99
CA GLU A 84 34.78 -27.04 -22.90
C GLU A 84 33.95 -26.60 -24.10
N LYS A 85 32.64 -26.83 -24.06
CA LYS A 85 31.74 -26.48 -25.14
C LYS A 85 30.53 -25.78 -24.53
N GLY A 86 30.31 -24.52 -24.92
CA GLY A 86 29.20 -23.75 -24.41
C GLY A 86 27.87 -24.17 -25.01
N GLU A 87 26.88 -23.27 -24.98
CA GLU A 87 25.58 -23.60 -25.53
C GLU A 87 25.65 -23.80 -27.03
N SER A 88 26.45 -22.99 -27.73
CA SER A 88 26.60 -23.11 -29.17
C SER A 88 27.90 -22.49 -29.63
N TYR A 89 28.95 -22.63 -28.82
CA TYR A 89 30.26 -22.07 -29.16
C TYR A 89 31.28 -22.59 -28.16
N PHE A 90 32.47 -22.90 -28.65
CA PHE A 90 33.53 -23.40 -27.79
C PHE A 90 34.10 -22.27 -26.93
N HIS A 91 34.54 -22.63 -25.73
CA HIS A 91 35.11 -21.66 -24.81
C HIS A 91 36.11 -22.37 -23.91
N MET A 92 36.71 -21.62 -22.99
CA MET A 92 37.71 -22.14 -22.07
C MET A 92 37.50 -21.49 -20.70
N HIS A 93 38.32 -21.91 -19.73
CA HIS A 93 38.28 -21.38 -18.37
C HIS A 93 39.71 -21.35 -17.83
N VAL A 94 40.54 -20.49 -18.42
CA VAL A 94 41.93 -20.39 -18.02
C VAL A 94 42.04 -19.73 -16.65
N LEU A 95 43.06 -20.11 -15.90
CA LEU A 95 43.31 -19.56 -14.58
C LEU A 95 44.79 -19.30 -14.42
N VAL A 96 45.14 -18.13 -13.88
CA VAL A 96 46.53 -17.73 -13.68
C VAL A 96 46.67 -17.15 -12.28
N GLU A 97 47.77 -17.48 -11.62
CA GLU A 97 48.01 -16.99 -10.27
C GLU A 97 48.21 -15.47 -10.28
N THR A 98 48.04 -14.87 -9.11
CA THR A 98 48.20 -13.44 -8.93
C THR A 98 49.62 -13.03 -8.54
N THR A 99 50.57 -13.96 -8.62
CA THR A 99 51.96 -13.66 -8.25
C THR A 99 52.57 -12.71 -9.28
N GLY A 100 52.97 -11.53 -8.83
CA GLY A 100 53.59 -10.55 -9.70
C GLY A 100 52.61 -9.71 -10.50
N VAL A 101 51.32 -10.04 -10.49
CA VAL A 101 50.29 -9.32 -11.23
C VAL A 101 49.18 -8.99 -10.25
N LYS A 102 49.08 -7.73 -9.85
CA LYS A 102 48.04 -7.30 -8.92
C LYS A 102 46.69 -7.24 -9.65
N SER A 103 45.67 -6.80 -8.92
CA SER A 103 44.34 -6.68 -9.51
C SER A 103 44.19 -5.43 -10.36
N MET A 104 44.82 -4.32 -9.96
CA MET A 104 44.71 -3.09 -10.71
C MET A 104 45.47 -3.15 -12.03
N VAL A 105 46.44 -4.05 -12.17
CA VAL A 105 47.22 -4.16 -13.40
C VAL A 105 46.73 -5.29 -14.30
N LEU A 106 45.80 -6.12 -13.83
CA LEU A 106 45.33 -7.23 -14.66
C LEU A 106 44.70 -6.72 -15.95
N GLY A 107 44.00 -5.59 -15.89
CA GLY A 107 43.35 -5.07 -17.08
C GLY A 107 44.34 -4.71 -18.17
N ARG A 108 45.40 -3.99 -17.80
CA ARG A 108 46.39 -3.57 -18.80
C ARG A 108 47.11 -4.78 -19.40
N PHE A 109 47.47 -5.76 -18.56
CA PHE A 109 48.14 -6.94 -19.08
C PHE A 109 47.22 -7.72 -20.01
N LEU A 110 45.94 -7.84 -19.64
CA LEU A 110 44.99 -8.54 -20.50
C LEU A 110 44.82 -7.82 -21.83
N SER A 111 44.74 -6.49 -21.79
CA SER A 111 44.61 -5.73 -23.03
C SER A 111 45.85 -5.89 -23.91
N GLN A 112 47.03 -5.89 -23.29
CA GLN A 112 48.27 -6.08 -24.06
C GLN A 112 48.30 -7.46 -24.69
N ILE A 113 47.90 -8.49 -23.94
CA ILE A 113 47.87 -9.84 -24.49
C ILE A 113 46.86 -9.94 -25.62
N ARG A 114 45.71 -9.26 -25.48
CA ARG A 114 44.71 -9.24 -26.54
C ARG A 114 45.27 -8.60 -27.79
N GLU A 115 45.93 -7.46 -27.65
CA GLU A 115 46.51 -6.78 -28.80
C GLU A 115 47.61 -7.61 -29.45
N LYS A 116 48.35 -8.38 -28.64
CA LYS A 116 49.41 -9.22 -29.19
C LYS A 116 48.82 -10.42 -29.93
N LEU A 117 47.70 -10.96 -29.44
CA LEU A 117 47.07 -12.10 -30.10
C LEU A 117 46.76 -11.79 -31.56
N ILE A 118 46.04 -10.69 -31.80
CA ILE A 118 45.73 -10.29 -33.16
C ILE A 118 47.01 -9.89 -33.89
N GLN A 119 46.98 -10.00 -35.22
CA GLN A 119 48.13 -9.70 -36.06
C GLN A 119 49.30 -10.65 -35.77
N ARG A 120 48.99 -11.86 -35.33
CA ARG A 120 50.01 -12.86 -35.03
C ARG A 120 49.43 -14.26 -35.15
N ILE A 121 48.40 -14.56 -34.36
CA ILE A 121 47.75 -15.86 -34.42
C ILE A 121 46.67 -15.88 -35.49
N TYR A 122 45.88 -14.82 -35.59
CA TYR A 122 44.82 -14.73 -36.59
C TYR A 122 45.27 -14.03 -37.87
N ARG A 123 46.44 -13.38 -37.86
CA ARG A 123 46.97 -12.71 -39.04
C ARG A 123 46.08 -11.54 -39.45
N GLY A 124 45.78 -10.67 -38.50
CA GLY A 124 44.98 -9.48 -38.73
C GLY A 124 43.49 -9.67 -38.52
N ILE A 125 42.97 -10.84 -38.89
CA ILE A 125 41.55 -11.11 -38.74
C ILE A 125 41.19 -11.15 -37.26
N GLU A 126 39.99 -10.67 -36.95
CA GLU A 126 39.50 -10.64 -35.57
C GLU A 126 38.23 -11.47 -35.46
N PRO A 127 37.95 -12.03 -34.28
CA PRO A 127 36.73 -12.83 -34.11
C PRO A 127 35.50 -11.95 -33.92
N THR A 128 34.35 -12.51 -34.29
CA THR A 128 33.08 -11.81 -34.16
C THR A 128 32.33 -12.18 -32.89
N LEU A 129 32.68 -13.27 -32.23
CA LEU A 129 31.99 -13.68 -31.01
C LEU A 129 32.28 -12.67 -29.90
N PRO A 130 31.27 -12.00 -29.35
CA PRO A 130 31.53 -11.05 -28.25
C PRO A 130 32.19 -11.74 -27.06
N ASN A 131 33.01 -10.98 -26.34
CA ASN A 131 33.71 -11.48 -25.17
C ASN A 131 34.59 -12.67 -25.52
N TRP A 132 35.41 -12.51 -26.55
CA TRP A 132 36.31 -13.56 -26.99
C TRP A 132 37.59 -13.64 -26.15
N PHE A 133 37.84 -12.65 -25.30
CA PHE A 133 39.03 -12.67 -24.45
C PHE A 133 38.90 -11.63 -23.35
N ALA A 134 38.32 -12.02 -22.21
CA ALA A 134 38.13 -11.12 -21.08
C ALA A 134 38.35 -11.92 -19.79
N VAL A 135 38.04 -11.29 -18.67
CA VAL A 135 38.19 -11.91 -17.35
C VAL A 135 36.85 -11.84 -16.64
N THR A 136 36.52 -12.92 -15.92
CA THR A 136 35.26 -12.98 -15.19
C THR A 136 35.27 -11.97 -14.05
N LYS A 137 34.26 -11.10 -14.03
CA LYS A 137 34.13 -10.08 -13.01
C LYS A 137 33.21 -10.56 -11.89
N THR A 138 33.29 -9.87 -10.75
CA THR A 138 32.46 -10.21 -9.60
C THR A 138 30.99 -9.96 -9.90
N ARG A 139 30.61 -8.69 -10.04
CA ARG A 139 29.24 -8.32 -10.33
C ARG A 139 28.99 -8.32 -11.84
N ASN A 140 27.75 -8.60 -12.21
CA ASN A 140 27.34 -8.65 -13.62
C ASN A 140 27.18 -7.21 -14.12
N GLY A 141 28.20 -6.70 -14.77
CA GLY A 141 28.16 -5.35 -15.30
C GLY A 141 29.56 -4.80 -15.51
N ALA A 142 29.60 -3.62 -16.11
CA ALA A 142 30.89 -2.97 -16.36
C ALA A 142 31.58 -2.56 -15.08
N GLY A 143 30.81 -2.20 -14.05
CA GLY A 143 31.39 -1.80 -12.78
C GLY A 143 31.88 -2.93 -11.90
N GLY A 144 31.61 -4.18 -12.29
CA GLY A 144 32.05 -5.31 -11.50
C GLY A 144 33.57 -5.43 -11.50
N GLY A 145 34.13 -5.67 -10.31
CA GLY A 145 35.55 -5.82 -10.17
C GLY A 145 36.04 -7.21 -10.50
N ASN A 146 37.35 -7.38 -10.44
CA ASN A 146 37.96 -8.67 -10.73
C ASN A 146 37.62 -9.68 -9.64
N LYS A 147 37.28 -10.90 -10.06
CA LYS A 147 36.92 -11.98 -9.15
C LYS A 147 38.16 -12.85 -8.91
N VAL A 148 38.66 -12.82 -7.69
CA VAL A 148 39.83 -13.60 -7.30
C VAL A 148 39.32 -14.89 -6.68
N VAL A 149 39.29 -15.96 -7.47
CA VAL A 149 38.82 -17.26 -7.00
C VAL A 149 39.90 -17.91 -6.14
N ASP A 150 39.66 -19.15 -5.71
CA ASP A 150 40.59 -19.90 -4.89
C ASP A 150 40.83 -21.27 -5.50
N GLU A 151 41.70 -22.05 -4.88
CA GLU A 151 41.99 -23.38 -5.39
C GLU A 151 40.77 -24.28 -5.36
N SER A 152 39.83 -24.01 -4.44
CA SER A 152 38.61 -24.81 -4.33
C SER A 152 37.58 -24.46 -5.39
N TYR A 153 37.87 -23.51 -6.27
CA TYR A 153 36.91 -23.14 -7.31
C TYR A 153 36.92 -24.12 -8.47
N ILE A 154 38.05 -24.80 -8.70
CA ILE A 154 38.17 -25.75 -9.80
C ILE A 154 37.24 -26.94 -9.53
N PRO A 155 37.40 -27.66 -8.41
CA PRO A 155 36.52 -28.81 -8.17
C PRO A 155 35.08 -28.44 -7.87
N ASN A 156 34.75 -27.16 -7.75
CA ASN A 156 33.40 -26.72 -7.47
C ASN A 156 32.64 -26.22 -8.69
N TYR A 157 33.35 -25.87 -9.78
CA TYR A 157 32.67 -25.36 -10.96
C TYR A 157 33.35 -25.76 -12.26
N LEU A 158 34.14 -26.84 -12.27
CA LEU A 158 34.81 -27.28 -13.48
C LEU A 158 34.91 -28.80 -13.52
N LEU A 159 35.52 -29.39 -12.50
CA LEU A 159 35.67 -30.85 -12.46
C LEU A 159 34.33 -31.57 -12.41
N PRO A 160 33.33 -31.12 -11.65
CA PRO A 160 32.05 -31.85 -11.62
C PRO A 160 31.42 -32.03 -12.99
N LYS A 161 31.81 -31.23 -13.99
CA LYS A 161 31.24 -31.38 -15.32
C LYS A 161 31.58 -32.76 -15.89
N THR A 162 30.95 -33.07 -17.02
CA THR A 162 31.09 -34.37 -17.68
C THR A 162 31.89 -34.21 -18.97
N GLN A 163 31.85 -35.25 -19.80
CA GLN A 163 32.61 -35.22 -21.06
C GLN A 163 32.14 -34.12 -21.99
N PRO A 164 30.85 -34.04 -22.36
CA PRO A 164 30.44 -32.96 -23.27
C PRO A 164 30.71 -31.58 -22.74
N GLU A 165 30.86 -31.41 -21.42
CA GLU A 165 31.19 -30.14 -20.81
C GLU A 165 32.65 -30.03 -20.43
N LEU A 166 33.48 -31.01 -20.79
CA LEU A 166 34.90 -30.99 -20.46
C LEU A 166 35.62 -31.82 -21.51
N GLN A 167 36.42 -31.16 -22.36
CA GLN A 167 37.15 -31.85 -23.42
C GLN A 167 38.57 -32.15 -22.98
N TRP A 168 39.40 -31.11 -22.84
CA TRP A 168 40.79 -31.25 -22.44
C TRP A 168 41.15 -30.14 -21.47
N ALA A 169 41.95 -30.49 -20.46
CA ALA A 169 42.37 -29.55 -19.43
C ALA A 169 43.88 -29.65 -19.25
N TRP A 170 44.55 -28.50 -19.29
CA TRP A 170 45.99 -28.41 -19.11
C TRP A 170 46.31 -27.66 -17.83
N THR A 171 47.35 -28.10 -17.14
CA THR A 171 47.77 -27.49 -15.88
C THR A 171 49.15 -28.02 -15.53
N ASN A 172 49.71 -27.51 -14.44
CA ASN A 172 51.02 -27.93 -13.97
C ASN A 172 51.04 -28.39 -12.52
N MET A 173 49.95 -28.21 -11.78
CA MET A 173 49.91 -28.65 -10.39
C MET A 173 49.94 -30.17 -10.31
N GLU A 174 50.75 -30.69 -9.39
CA GLU A 174 50.86 -32.14 -9.25
C GLU A 174 49.53 -32.77 -8.89
N GLN A 175 48.75 -32.11 -8.03
CA GLN A 175 47.45 -32.65 -7.65
C GLN A 175 46.48 -32.69 -8.83
N TYR A 176 46.58 -31.72 -9.74
CA TYR A 176 45.71 -31.64 -10.90
C TYR A 176 46.37 -32.14 -12.18
N LEU A 177 47.68 -32.43 -12.15
CA LEU A 177 48.36 -32.91 -13.34
C LEU A 177 47.86 -34.27 -13.80
N SER A 178 47.31 -35.07 -12.87
CA SER A 178 46.82 -36.40 -13.24
C SER A 178 45.45 -36.34 -13.90
N ALA A 179 44.61 -35.39 -13.53
CA ALA A 179 43.27 -35.25 -14.10
C ALA A 179 43.26 -34.31 -15.30
N CYS A 180 44.21 -34.50 -16.21
CA CYS A 180 44.30 -33.68 -17.41
C CYS A 180 43.50 -34.26 -18.57
N LEU A 181 43.45 -35.59 -18.69
CA LEU A 181 42.71 -36.27 -19.74
C LEU A 181 42.38 -37.68 -19.24
N ASN A 182 41.52 -37.74 -18.22
CA ASN A 182 41.11 -39.02 -17.64
C ASN A 182 39.90 -38.83 -16.75
N LEU A 183 38.85 -39.63 -16.98
CA LEU A 183 37.64 -39.51 -16.18
C LEU A 183 37.79 -40.14 -14.81
N THR A 184 38.60 -41.20 -14.69
CA THR A 184 38.77 -41.86 -13.41
C THR A 184 39.45 -40.93 -12.40
N GLU A 185 40.56 -40.32 -12.81
CA GLU A 185 41.24 -39.39 -11.90
C GLU A 185 40.37 -38.18 -11.58
N ARG A 186 39.61 -37.71 -12.58
CA ARG A 186 38.69 -36.60 -12.34
C ARG A 186 37.67 -36.95 -11.28
N LYS A 187 37.05 -38.13 -11.40
CA LYS A 187 36.06 -38.55 -10.41
C LYS A 187 36.70 -38.75 -9.04
N ARG A 188 37.91 -39.31 -9.00
CA ARG A 188 38.60 -39.49 -7.73
C ARG A 188 38.83 -38.16 -7.03
N LEU A 189 39.35 -37.17 -7.76
CA LEU A 189 39.60 -35.86 -7.18
C LEU A 189 38.29 -35.19 -6.79
N VAL A 190 37.24 -35.34 -7.60
CA VAL A 190 35.95 -34.74 -7.27
C VAL A 190 35.42 -35.31 -5.96
N ALA A 191 35.53 -36.63 -5.79
CA ALA A 191 35.06 -37.24 -4.54
C ALA A 191 35.92 -36.81 -3.36
N GLN A 192 37.24 -36.77 -3.54
CA GLN A 192 38.12 -36.36 -2.45
C GLN A 192 37.85 -34.92 -2.02
N HIS A 193 37.47 -34.06 -2.97
CA HIS A 193 37.17 -32.68 -2.63
C HIS A 193 35.77 -32.53 -2.06
N LEU A 194 34.81 -33.30 -2.54
CA LEU A 194 33.47 -33.26 -1.96
C LEU A 194 33.46 -33.76 -0.53
N THR A 195 34.34 -34.72 -0.21
CA THR A 195 34.46 -35.15 1.18
C THR A 195 34.84 -33.99 2.09
N HIS A 196 35.86 -33.23 1.70
CA HIS A 196 36.28 -32.08 2.49
C HIS A 196 35.21 -30.99 2.51
N VAL A 197 34.50 -30.81 1.39
CA VAL A 197 33.44 -29.82 1.34
C VAL A 197 32.34 -30.17 2.34
N SER A 198 31.96 -31.45 2.39
CA SER A 198 30.94 -31.87 3.35
C SER A 198 31.45 -31.75 4.78
N GLN A 199 32.72 -32.10 5.00
CA GLN A 199 33.29 -31.95 6.35
C GLN A 199 33.25 -30.50 6.80
N THR A 200 33.54 -29.57 5.89
CA THR A 200 33.49 -28.15 6.24
C THR A 200 32.06 -27.69 6.46
N GLN A 201 31.13 -28.14 5.62
CA GLN A 201 29.73 -27.76 5.80
C GLN A 201 29.19 -28.25 7.14
N GLU A 202 29.61 -29.44 7.57
CA GLU A 202 29.15 -29.96 8.86
C GLU A 202 29.78 -29.20 10.02
N GLN A 203 30.97 -28.64 9.81
CA GLN A 203 31.65 -27.88 10.86
C GLN A 203 30.90 -26.59 11.17
N PRO A 215 9.81 -27.26 13.56
CA PRO A 215 10.88 -26.25 13.64
C PRO A 215 10.51 -25.13 14.63
N VAL A 216 11.51 -24.36 15.08
CA VAL A 216 11.26 -23.28 16.02
C VAL A 216 11.93 -22.02 15.49
N ILE A 217 11.15 -20.96 15.35
CA ILE A 217 11.68 -19.69 14.85
C ILE A 217 12.65 -19.12 15.86
N ARG A 218 13.83 -18.71 15.40
CA ARG A 218 14.88 -18.15 16.25
C ARG A 218 15.09 -16.70 15.84
N SER A 219 14.71 -15.78 16.71
CA SER A 219 14.86 -14.35 16.46
C SER A 219 14.66 -13.60 17.77
N LYS A 220 15.11 -12.35 17.79
CA LYS A 220 14.96 -11.53 19.00
C LYS A 220 13.50 -11.31 19.31
N THR A 221 12.71 -10.87 18.32
CA THR A 221 11.30 -10.59 18.56
C THR A 221 10.55 -11.87 18.93
N SER A 222 10.85 -12.98 18.27
CA SER A 222 10.15 -14.23 18.56
C SER A 222 10.43 -14.70 19.99
N ALA A 223 11.70 -14.70 20.39
CA ALA A 223 12.04 -15.10 21.75
C ALA A 223 11.45 -14.14 22.78
N ARG A 224 11.45 -12.85 22.47
CA ARG A 224 10.85 -11.87 23.38
C ARG A 224 9.36 -12.14 23.57
N TYR A 225 8.65 -12.39 22.46
CA TYR A 225 7.22 -12.68 22.56
C TYR A 225 6.97 -13.98 23.31
N MET A 226 7.82 -14.98 23.09
CA MET A 226 7.68 -16.25 23.81
C MET A 226 7.84 -16.04 25.31
N GLU A 227 8.90 -15.35 25.71
CA GLU A 227 9.11 -15.09 27.13
C GLU A 227 7.98 -14.24 27.71
N LEU A 228 7.48 -13.29 26.93
CA LEU A 228 6.38 -12.44 27.39
C LEU A 228 5.13 -13.27 27.67
N VAL A 229 4.72 -14.10 26.71
CA VAL A 229 3.51 -14.90 26.89
C VAL A 229 3.72 -15.90 28.03
N GLY A 230 4.94 -16.44 28.17
CA GLY A 230 5.19 -17.35 29.27
C GLY A 230 5.05 -16.68 30.62
N TRP A 231 5.68 -15.52 30.78
CA TRP A 231 5.59 -14.79 32.05
C TRP A 231 4.17 -14.33 32.32
N LEU A 232 3.39 -14.04 31.28
CA LEU A 232 2.01 -13.62 31.47
C LEU A 232 1.14 -14.79 31.90
N VAL A 233 1.37 -15.98 31.32
CA VAL A 233 0.62 -17.16 31.73
C VAL A 233 1.01 -17.59 33.13
N ASP A 234 2.27 -17.36 33.53
CA ASP A 234 2.72 -17.74 34.85
C ASP A 234 2.06 -16.91 35.95
N LYS A 235 1.60 -15.70 35.63
CA LYS A 235 0.97 -14.83 36.62
C LYS A 235 -0.55 -14.97 36.65
N GLY A 236 -1.16 -15.35 35.53
CA GLY A 236 -2.60 -15.51 35.47
C GLY A 236 -3.32 -14.27 34.98
N ILE A 237 -3.08 -13.90 33.73
CA ILE A 237 -3.71 -12.73 33.10
C ILE A 237 -4.29 -13.22 31.78
N THR A 238 -5.56 -13.61 31.78
CA THR A 238 -6.22 -14.12 30.58
C THR A 238 -6.85 -13.01 29.75
N SER A 239 -7.05 -11.82 30.31
CA SER A 239 -7.67 -10.72 29.60
C SER A 239 -6.95 -9.43 29.99
N GLU A 240 -7.32 -8.34 29.30
CA GLU A 240 -6.71 -7.04 29.56
C GLU A 240 -7.12 -6.46 30.91
N LYS A 241 -8.13 -7.03 31.56
CA LYS A 241 -8.57 -6.51 32.86
C LYS A 241 -7.48 -6.70 33.91
N GLN A 242 -6.92 -7.91 34.01
CA GLN A 242 -5.88 -8.18 34.98
C GLN A 242 -4.52 -7.62 34.56
N TRP A 243 -4.30 -7.41 33.27
CA TRP A 243 -3.01 -6.88 32.81
C TRP A 243 -2.76 -5.49 33.40
N ILE A 244 -3.78 -4.63 33.38
CA ILE A 244 -3.61 -3.29 33.93
C ILE A 244 -3.63 -3.32 35.46
N GLN A 245 -4.32 -4.29 36.05
CA GLN A 245 -4.38 -4.36 37.51
C GLN A 245 -3.04 -4.78 38.09
N GLU A 246 -2.42 -5.82 37.54
CA GLU A 246 -1.15 -6.31 38.03
C GLU A 246 -0.03 -5.30 37.74
N ASP A 247 0.29 -5.13 36.45
CA ASP A 247 1.34 -4.21 36.02
C ASP A 247 0.81 -3.39 34.86
N GLN A 248 0.46 -2.13 35.12
CA GLN A 248 -0.06 -1.24 34.10
C GLN A 248 1.03 -0.65 33.21
N ALA A 249 2.30 -0.70 33.64
CA ALA A 249 3.38 -0.15 32.83
C ALA A 249 3.75 -1.09 31.68
N SER A 250 3.72 -2.40 31.93
CA SER A 250 4.04 -3.36 30.87
C SER A 250 3.02 -3.29 29.75
N TYR A 251 1.73 -3.16 30.09
CA TYR A 251 0.71 -3.05 29.06
C TYR A 251 0.94 -1.82 28.19
N ILE A 252 1.30 -0.69 28.81
CA ILE A 252 1.58 0.51 28.04
C ILE A 252 2.81 0.32 27.16
N SER A 253 3.86 -0.28 27.71
CA SER A 253 5.08 -0.49 26.92
C SER A 253 4.82 -1.39 25.72
N PHE A 254 3.94 -2.38 25.88
CA PHE A 254 3.66 -3.28 24.78
C PHE A 254 2.72 -2.66 23.75
N ASN A 255 1.66 -1.98 24.21
CA ASN A 255 0.70 -1.37 23.30
C ASN A 255 1.27 -0.19 22.53
N ALA A 256 2.45 0.32 22.93
CA ALA A 256 3.02 1.47 22.23
C ALA A 256 3.37 1.11 20.79
N ALA A 257 3.84 -0.10 20.56
CA ALA A 257 4.21 -0.54 19.22
C ALA A 257 2.96 -0.86 18.40
N SER A 258 2.97 -0.46 17.13
CA SER A 258 1.83 -0.72 16.26
C SER A 258 1.70 -2.21 15.95
N ASN A 259 2.82 -2.93 15.87
CA ASN A 259 2.80 -4.35 15.58
C ASN A 259 2.33 -5.18 16.77
N SER A 260 2.21 -4.59 17.95
CA SER A 260 1.80 -5.31 19.15
C SER A 260 0.28 -5.40 19.30
N ARG A 261 -0.47 -4.64 18.50
CA ARG A 261 -1.93 -4.65 18.64
C ARG A 261 -2.48 -6.07 18.50
N SER A 262 -2.26 -6.70 17.35
CA SER A 262 -2.75 -8.06 17.13
C SER A 262 -2.00 -9.06 18.00
N GLN A 263 -0.73 -8.78 18.30
CA GLN A 263 0.05 -9.72 19.11
C GLN A 263 -0.50 -9.85 20.52
N ILE A 264 -1.03 -8.77 21.09
CA ILE A 264 -1.61 -8.84 22.42
C ILE A 264 -2.80 -9.80 22.43
N LYS A 265 -3.71 -9.63 21.47
CA LYS A 265 -4.86 -10.52 21.39
C LYS A 265 -4.44 -11.96 21.12
N ALA A 266 -3.43 -12.14 20.25
CA ALA A 266 -2.95 -13.49 19.97
C ALA A 266 -2.39 -14.15 21.23
N ALA A 267 -1.60 -13.41 22.00
CA ALA A 267 -1.04 -13.97 23.24
C ALA A 267 -2.14 -14.27 24.24
N LEU A 268 -3.13 -13.39 24.36
CA LEU A 268 -4.24 -13.65 25.27
C LEU A 268 -4.98 -14.92 24.89
N ASP A 269 -5.30 -15.08 23.61
CA ASP A 269 -6.00 -16.27 23.15
C ASP A 269 -5.17 -17.52 23.36
N ASN A 270 -3.86 -17.43 23.08
CA ASN A 270 -2.99 -18.59 23.26
C ASN A 270 -2.91 -18.99 24.72
N ALA A 271 -2.80 -18.02 25.62
CA ALA A 271 -2.77 -18.32 27.06
C ALA A 271 -4.08 -18.95 27.50
N GLY A 272 -5.21 -18.39 27.06
CA GLY A 272 -6.49 -18.96 27.41
C GLY A 272 -6.63 -20.40 26.94
N LYS A 273 -6.22 -20.67 25.69
CA LYS A 273 -6.34 -22.02 25.16
C LYS A 273 -5.41 -22.98 25.89
N ILE A 274 -4.17 -22.57 26.16
CA ILE A 274 -3.22 -23.44 26.85
C ILE A 274 -3.70 -23.72 28.26
N MET A 275 -4.39 -22.77 28.89
CA MET A 275 -4.93 -23.02 30.22
C MET A 275 -6.14 -23.93 30.16
N SER A 276 -7.02 -23.75 29.18
CA SER A 276 -8.16 -24.62 29.02
C SER A 276 -7.75 -26.04 28.63
N LEU A 277 -6.55 -26.21 28.08
CA LEU A 277 -6.07 -27.52 27.65
C LEU A 277 -5.16 -28.20 28.66
N THR A 278 -4.19 -27.46 29.23
CA THR A 278 -3.21 -28.04 30.15
C THR A 278 -3.05 -27.10 31.34
N LYS A 279 -3.95 -27.22 32.31
CA LYS A 279 -3.88 -26.43 33.55
C LYS A 279 -4.94 -26.90 34.53
N THR A 280 -4.63 -26.84 35.82
CA THR A 280 -5.55 -27.22 36.87
C THR A 280 -5.75 -26.06 37.83
N ALA A 281 -6.84 -26.12 38.60
CA ALA A 281 -7.17 -25.06 39.54
C ALA A 281 -6.19 -25.03 40.71
N PRO A 282 -5.87 -26.18 41.32
CA PRO A 282 -4.94 -26.15 42.47
C PRO A 282 -3.61 -25.50 42.17
N ASP A 283 -3.17 -25.50 40.91
CA ASP A 283 -1.89 -24.89 40.58
C ASP A 283 -1.88 -23.40 40.94
N TYR A 284 -2.93 -22.68 40.55
CA TYR A 284 -3.01 -21.26 40.89
C TYR A 284 -3.60 -21.03 42.28
N LEU A 285 -4.45 -21.95 42.75
CA LEU A 285 -5.03 -21.79 44.08
C LEU A 285 -3.97 -21.99 45.16
N VAL A 286 -3.03 -22.90 44.94
CA VAL A 286 -1.97 -23.18 45.91
C VAL A 286 -0.89 -22.11 45.75
N GLY A 287 -0.58 -21.41 46.85
CA GLY A 287 0.44 -20.39 46.81
C GLY A 287 1.82 -20.96 46.55
N GLN A 288 2.73 -20.07 46.15
CA GLN A 288 4.10 -20.46 45.84
C GLN A 288 4.98 -20.37 47.09
N GLN A 289 5.04 -19.20 47.72
CA GLN A 289 5.86 -19.03 48.89
C GLN A 289 5.15 -19.60 50.13
N PRO A 290 5.91 -20.00 51.15
CA PRO A 290 5.29 -20.57 52.35
C PRO A 290 4.56 -19.51 53.15
N VAL A 291 3.85 -19.97 54.18
CA VAL A 291 3.09 -19.11 55.07
C VAL A 291 3.50 -19.43 56.51
N GLU A 292 3.91 -18.38 57.24
CA GLU A 292 4.34 -18.54 58.63
C GLU A 292 3.28 -18.11 59.64
N ASP A 293 2.33 -17.27 59.24
CA ASP A 293 1.26 -16.79 60.12
C ASP A 293 -0.06 -16.93 59.36
N ILE A 294 -0.72 -18.07 59.53
CA ILE A 294 -1.99 -18.31 58.85
C ILE A 294 -3.19 -17.93 59.72
N SER A 295 -3.00 -17.76 61.03
CA SER A 295 -4.12 -17.39 61.89
C SER A 295 -4.69 -16.03 61.51
N SER A 296 -3.88 -15.14 60.95
CA SER A 296 -4.34 -13.82 60.53
C SER A 296 -5.22 -13.88 59.29
N ASN A 297 -5.28 -15.01 58.61
CA ASN A 297 -6.09 -15.13 57.40
C ASN A 297 -7.57 -15.04 57.75
N ARG A 298 -8.37 -14.61 56.76
CA ARG A 298 -9.81 -14.50 56.97
C ARG A 298 -10.50 -15.85 56.87
N ILE A 299 -10.03 -16.71 55.95
CA ILE A 299 -10.61 -18.04 55.82
C ILE A 299 -10.40 -18.85 57.09
N TYR A 300 -9.20 -18.74 57.68
CA TYR A 300 -8.92 -19.44 58.92
C TYR A 300 -9.86 -19.00 60.03
N LYS A 301 -10.07 -17.69 60.16
CA LYS A 301 -10.97 -17.19 61.19
C LYS A 301 -12.41 -17.64 60.93
N ILE A 302 -12.83 -17.61 59.67
CA ILE A 302 -14.20 -18.03 59.34
C ILE A 302 -14.40 -19.50 59.68
N LEU A 303 -13.37 -20.32 59.42
CA LEU A 303 -13.50 -21.75 59.69
C LEU A 303 -13.39 -22.07 61.18
N GLU A 304 -12.64 -21.26 61.93
CA GLU A 304 -12.50 -21.51 63.37
C GLU A 304 -13.67 -20.94 64.17
N LEU A 305 -14.36 -19.93 63.64
CA LEU A 305 -15.48 -19.34 64.38
C LEU A 305 -16.70 -20.24 64.35
N ASN A 306 -16.89 -21.00 63.27
CA ASN A 306 -18.03 -21.89 63.13
C ASN A 306 -17.80 -23.25 63.78
N GLY A 307 -16.75 -23.41 64.57
CA GLY A 307 -16.46 -24.66 65.24
C GLY A 307 -15.79 -25.70 64.38
N TYR A 308 -15.68 -25.49 63.07
CA TYR A 308 -15.05 -26.46 62.20
C TYR A 308 -13.54 -26.45 62.41
N ASP A 309 -12.94 -27.65 62.42
CA ASP A 309 -11.50 -27.78 62.59
C ASP A 309 -10.79 -27.11 61.41
N PRO A 310 -9.96 -26.09 61.65
CA PRO A 310 -9.26 -25.46 60.51
C PRO A 310 -8.46 -26.44 59.68
N GLN A 311 -7.72 -27.35 60.32
CA GLN A 311 -6.90 -28.31 59.58
C GLN A 311 -7.78 -29.24 58.75
N TYR A 312 -8.86 -29.75 59.33
CA TYR A 312 -9.74 -30.65 58.60
C TYR A 312 -10.41 -29.95 57.43
N ALA A 313 -10.89 -28.71 57.65
CA ALA A 313 -11.51 -27.97 56.56
C ALA A 313 -10.52 -27.68 55.46
N ALA A 314 -9.28 -27.33 55.82
CA ALA A 314 -8.26 -27.06 54.81
C ALA A 314 -7.95 -28.32 54.01
N SER A 315 -7.84 -29.46 54.67
CA SER A 315 -7.59 -30.72 53.97
C SER A 315 -8.75 -31.07 53.05
N VAL A 316 -9.99 -30.84 53.50
CA VAL A 316 -11.15 -31.11 52.67
C VAL A 316 -11.13 -30.23 51.43
N PHE A 317 -10.82 -28.95 51.60
CA PHE A 317 -10.75 -28.04 50.46
C PHE A 317 -9.66 -28.47 49.49
N LEU A 318 -8.50 -28.86 50.02
CA LEU A 318 -7.41 -29.30 49.16
C LEU A 318 -7.80 -30.54 48.37
N GLY A 319 -8.41 -31.52 49.03
CA GLY A 319 -8.86 -32.72 48.34
C GLY A 319 -9.94 -32.45 47.32
N TRP A 320 -10.80 -31.48 47.59
CA TRP A 320 -11.87 -31.15 46.64
C TRP A 320 -11.31 -30.43 45.42
N ALA A 321 -10.30 -29.57 45.62
CA ALA A 321 -9.71 -28.86 44.50
C ALA A 321 -8.90 -29.77 43.60
N THR A 322 -8.31 -30.82 44.16
CA THR A 322 -7.46 -31.74 43.40
C THR A 322 -8.23 -32.96 42.89
N LYS A 323 -9.55 -32.99 43.09
CA LYS A 323 -10.37 -34.12 42.63
C LYS A 323 -9.91 -35.43 43.27
N LYS A 324 -9.47 -35.34 44.54
CA LYS A 324 -8.99 -36.53 45.23
C LYS A 324 -10.13 -37.43 45.69
N PHE A 325 -11.31 -36.87 45.95
CA PHE A 325 -12.44 -37.68 46.38
C PHE A 325 -13.16 -38.36 45.22
N GLY A 326 -13.07 -37.79 44.02
CA GLY A 326 -13.72 -38.36 42.87
C GLY A 326 -15.17 -37.93 42.72
N LYS A 327 -16.09 -38.74 43.20
CA LYS A 327 -17.50 -38.39 43.11
C LYS A 327 -17.85 -37.23 44.02
N ARG A 328 -17.22 -37.16 45.20
CA ARG A 328 -17.46 -36.09 46.16
C ARG A 328 -16.57 -34.89 45.85
N ASN A 329 -16.75 -34.35 44.64
CA ASN A 329 -15.99 -33.21 44.16
C ASN A 329 -16.80 -31.93 44.19
N THR A 330 -17.43 -31.65 45.33
CA THR A 330 -18.23 -30.44 45.49
C THR A 330 -18.31 -30.10 46.97
N ILE A 331 -18.37 -28.80 47.25
CA ILE A 331 -18.50 -28.29 48.61
C ILE A 331 -19.73 -27.41 48.68
N TRP A 332 -20.51 -27.57 49.75
CA TRP A 332 -21.74 -26.81 49.96
C TRP A 332 -21.68 -26.14 51.32
N LEU A 333 -21.78 -24.81 51.32
CA LEU A 333 -21.76 -24.02 52.55
C LEU A 333 -23.20 -23.69 52.93
N PHE A 334 -23.71 -24.36 53.95
CA PHE A 334 -25.08 -24.17 54.42
C PHE A 334 -25.09 -23.21 55.60
N GLY A 335 -26.08 -22.33 55.62
CA GLY A 335 -26.23 -21.38 56.70
C GLY A 335 -26.88 -20.09 56.23
N PRO A 336 -27.21 -19.20 57.17
CA PRO A 336 -27.83 -17.92 56.80
C PRO A 336 -26.92 -17.10 55.91
N ALA A 337 -27.49 -16.02 55.37
CA ALA A 337 -26.72 -15.13 54.51
C ALA A 337 -25.76 -14.29 55.33
N THR A 338 -24.65 -13.90 54.69
CA THR A 338 -23.62 -13.09 55.35
C THR A 338 -23.02 -13.83 56.54
N THR A 339 -22.57 -15.07 56.29
CA THR A 339 -21.98 -15.91 57.32
C THR A 339 -20.66 -16.51 56.84
N GLY A 340 -19.92 -15.78 56.01
CA GLY A 340 -18.65 -16.26 55.52
C GLY A 340 -18.72 -17.19 54.33
N LYS A 341 -19.89 -17.32 53.70
CA LYS A 341 -20.05 -18.20 52.54
C LYS A 341 -19.80 -17.45 51.24
N THR A 342 -20.58 -16.38 51.00
CA THR A 342 -20.42 -15.62 49.76
C THR A 342 -19.03 -15.04 49.64
N ASN A 343 -18.45 -14.57 50.76
CA ASN A 343 -17.12 -13.99 50.72
C ASN A 343 -16.09 -14.99 50.21
N ILE A 344 -16.00 -16.14 50.87
CA ILE A 344 -15.01 -17.15 50.48
C ILE A 344 -15.30 -17.65 49.08
N ALA A 345 -16.58 -17.81 48.73
CA ALA A 345 -16.93 -18.29 47.40
C ALA A 345 -16.44 -17.33 46.32
N GLU A 346 -16.74 -16.04 46.48
CA GLU A 346 -16.30 -15.06 45.49
C GLU A 346 -14.78 -14.96 45.46
N ALA A 347 -14.13 -15.07 46.62
CA ALA A 347 -12.67 -15.03 46.65
C ALA A 347 -12.06 -16.17 45.85
N ILE A 348 -12.54 -17.39 46.10
CA ILE A 348 -12.00 -18.56 45.40
C ILE A 348 -12.36 -18.51 43.92
N ALA A 349 -13.49 -17.90 43.57
CA ALA A 349 -13.87 -17.82 42.17
C ALA A 349 -13.04 -16.79 41.42
N HIS A 350 -12.69 -15.68 42.08
CA HIS A 350 -11.90 -14.64 41.43
C HIS A 350 -10.41 -14.93 41.46
N THR A 351 -9.95 -15.80 42.37
CA THR A 351 -8.53 -16.13 42.42
C THR A 351 -8.08 -16.81 41.14
N VAL A 352 -8.87 -17.77 40.65
CA VAL A 352 -8.41 -18.56 39.46
C VAL A 352 -9.06 -18.00 38.20
N PRO A 353 -8.37 -18.04 37.03
CA PRO A 353 -8.97 -17.62 35.77
C PRO A 353 -10.11 -18.56 35.36
N PHE A 354 -10.99 -18.11 34.47
CA PHE A 354 -12.11 -18.95 33.98
C PHE A 354 -12.97 -19.47 35.13
N TYR A 355 -13.75 -18.60 35.78
CA TYR A 355 -14.67 -19.10 36.79
C TYR A 355 -16.08 -19.14 36.21
N GLY A 356 -16.84 -20.16 36.60
CA GLY A 356 -18.20 -20.31 36.13
C GLY A 356 -19.22 -19.70 37.05
N CYS A 357 -20.47 -19.67 36.58
CA CYS A 357 -21.58 -19.11 37.35
C CYS A 357 -22.86 -19.81 36.92
N VAL A 358 -23.52 -20.47 37.88
CA VAL A 358 -24.75 -21.20 37.61
C VAL A 358 -25.93 -20.24 37.74
N ASN A 359 -26.86 -20.32 36.78
CA ASN A 359 -28.05 -19.48 36.76
C ASN A 359 -29.25 -20.37 37.02
N TRP A 360 -29.52 -20.63 38.30
CA TRP A 360 -30.65 -21.47 38.66
C TRP A 360 -31.98 -20.85 38.28
N THR A 361 -32.03 -19.52 38.19
CA THR A 361 -33.27 -18.85 37.81
C THR A 361 -33.70 -19.24 36.40
N ASN A 362 -32.74 -19.45 35.50
CA ASN A 362 -33.04 -19.83 34.12
C ASN A 362 -33.04 -21.36 34.04
N GLU A 363 -34.24 -21.95 34.18
CA GLU A 363 -34.36 -23.40 34.13
C GLU A 363 -34.09 -23.95 32.74
N ASN A 364 -34.20 -23.11 31.69
CA ASN A 364 -33.96 -23.59 30.33
C ASN A 364 -32.47 -23.77 30.06
N PHE A 365 -31.65 -22.85 30.55
CA PHE A 365 -30.20 -22.89 30.37
C PHE A 365 -29.52 -22.61 31.71
N PRO A 366 -29.62 -23.55 32.66
CA PRO A 366 -29.00 -23.33 33.98
C PRO A 366 -27.48 -23.36 33.91
N PHE A 367 -26.92 -24.44 33.35
CA PHE A 367 -25.48 -24.60 33.25
C PHE A 367 -24.96 -23.97 31.95
N ASN A 368 -25.17 -22.66 31.85
CA ASN A 368 -24.75 -21.90 30.68
C ASN A 368 -23.30 -21.42 30.82
N ASP A 369 -23.05 -20.55 31.81
CA ASP A 369 -21.71 -20.02 32.05
C ASP A 369 -20.92 -20.95 32.96
N CYS A 370 -20.69 -22.17 32.46
CA CYS A 370 -19.94 -23.17 33.21
C CYS A 370 -19.05 -24.03 32.31
N VAL A 371 -18.94 -23.71 31.03
CA VAL A 371 -18.12 -24.48 30.10
C VAL A 371 -16.74 -23.85 30.02
N ASP A 372 -15.69 -24.68 30.05
CA ASP A 372 -14.32 -24.23 29.98
C ASP A 372 -13.99 -23.30 31.15
N LYS A 373 -14.33 -23.76 32.35
CA LYS A 373 -14.10 -23.01 33.58
C LYS A 373 -13.26 -23.85 34.53
N MET A 374 -12.86 -23.22 35.64
CA MET A 374 -12.04 -23.88 36.66
C MET A 374 -12.75 -24.01 38.00
N VAL A 375 -13.60 -23.05 38.37
CA VAL A 375 -14.33 -23.08 39.64
C VAL A 375 -15.77 -22.67 39.33
N ILE A 376 -16.68 -23.64 39.36
CA ILE A 376 -18.10 -23.37 39.10
C ILE A 376 -18.72 -22.85 40.38
N TRP A 377 -19.09 -21.57 40.38
CA TRP A 377 -19.70 -20.94 41.54
C TRP A 377 -21.22 -20.99 41.42
N TRP A 378 -21.86 -21.50 42.47
CA TRP A 378 -23.31 -21.62 42.54
C TRP A 378 -23.80 -20.74 43.69
N GLU A 379 -24.11 -19.48 43.38
CA GLU A 379 -24.56 -18.51 44.38
C GLU A 379 -26.06 -18.65 44.58
N GLU A 380 -26.47 -19.00 45.80
CA GLU A 380 -27.88 -19.15 46.15
C GLU A 380 -28.56 -20.16 45.22
N GLY A 381 -28.06 -21.40 45.27
CA GLY A 381 -28.60 -22.44 44.43
C GLY A 381 -29.90 -23.01 44.99
N LYS A 382 -30.72 -23.54 44.07
CA LYS A 382 -32.00 -24.13 44.44
C LYS A 382 -32.27 -25.28 43.48
N MET A 383 -32.05 -26.51 43.96
CA MET A 383 -32.26 -27.68 43.12
C MET A 383 -33.73 -27.82 42.75
N THR A 384 -33.98 -28.22 41.51
CA THR A 384 -35.33 -28.42 41.01
C THR A 384 -35.40 -29.73 40.23
N ALA A 385 -36.62 -30.22 40.03
CA ALA A 385 -36.81 -31.47 39.30
C ALA A 385 -36.39 -31.35 37.83
N LYS A 386 -36.39 -30.14 37.28
CA LYS A 386 -36.02 -29.95 35.88
C LYS A 386 -34.51 -29.83 35.68
N VAL A 387 -33.73 -29.74 36.76
CA VAL A 387 -32.29 -29.61 36.66
C VAL A 387 -31.62 -30.54 37.67
N VAL A 388 -32.19 -31.72 37.86
CA VAL A 388 -31.64 -32.68 38.81
C VAL A 388 -30.73 -33.69 38.11
N GLU A 389 -31.10 -34.14 36.91
CA GLU A 389 -30.30 -35.12 36.20
C GLU A 389 -28.93 -34.54 35.84
N SER A 390 -28.92 -33.42 35.12
CA SER A 390 -27.64 -32.80 34.75
C SER A 390 -26.85 -32.37 35.98
N ALA A 391 -27.55 -31.98 37.05
CA ALA A 391 -26.85 -31.58 38.27
C ALA A 391 -26.15 -32.77 38.92
N LYS A 392 -26.80 -33.93 38.94
CA LYS A 392 -26.18 -35.11 39.53
C LYS A 392 -24.92 -35.51 38.78
N ALA A 393 -24.85 -35.22 37.48
CA ALA A 393 -23.66 -35.54 36.69
C ALA A 393 -22.59 -34.47 36.78
N ILE A 394 -22.98 -33.19 36.88
CA ILE A 394 -21.99 -32.13 36.97
C ILE A 394 -21.36 -32.08 38.35
N LEU A 395 -22.13 -32.37 39.39
CA LEU A 395 -21.60 -32.34 40.75
C LEU A 395 -20.72 -33.54 41.05
N GLY A 396 -21.04 -34.70 40.48
CA GLY A 396 -20.28 -35.92 40.69
C GLY A 396 -18.99 -36.02 39.92
N GLY A 397 -18.59 -34.96 39.23
CA GLY A 397 -17.35 -34.98 38.45
C GLY A 397 -17.40 -35.98 37.31
N SER A 398 -18.29 -35.74 36.35
CA SER A 398 -18.44 -36.61 35.19
C SER A 398 -18.76 -35.77 33.97
N LYS A 399 -18.31 -36.24 32.81
CA LYS A 399 -18.56 -35.53 31.57
C LYS A 399 -20.03 -35.64 31.18
N VAL A 400 -20.60 -34.51 30.76
CA VAL A 400 -22.00 -34.46 30.35
C VAL A 400 -22.22 -33.18 29.56
N ARG A 401 -23.03 -33.28 28.51
CA ARG A 401 -23.33 -32.15 27.66
C ARG A 401 -24.51 -31.36 28.22
N VAL A 402 -24.58 -30.09 27.85
CA VAL A 402 -25.63 -29.17 28.28
C VAL A 402 -26.01 -28.28 27.12
N ASP A 403 -27.04 -27.45 27.33
CA ASP A 403 -27.53 -26.53 26.33
C ASP A 403 -27.29 -25.10 26.82
N GLN A 404 -26.54 -24.32 26.04
CA GLN A 404 -26.23 -22.95 26.39
C GLN A 404 -27.30 -22.00 25.84
N LYS A 405 -27.30 -20.78 26.38
CA LYS A 405 -28.26 -19.77 25.96
C LYS A 405 -27.75 -19.08 24.70
N CYS A 406 -28.51 -19.20 23.61
CA CYS A 406 -28.14 -18.58 22.33
C CYS A 406 -26.80 -19.11 21.82
N LYS A 407 -26.48 -20.35 22.16
CA LYS A 407 -25.22 -20.96 21.73
C LYS A 407 -25.44 -22.45 21.57
N SER A 408 -24.46 -23.11 20.95
CA SER A 408 -24.53 -24.55 20.73
C SER A 408 -24.16 -25.30 22.01
N SER A 409 -24.51 -26.58 22.02
CA SER A 409 -24.22 -27.42 23.18
C SER A 409 -22.71 -27.59 23.35
N ALA A 410 -22.31 -27.86 24.59
CA ALA A 410 -20.89 -28.04 24.91
C ALA A 410 -20.78 -28.96 26.13
N GLN A 411 -19.67 -29.68 26.19
CA GLN A 411 -19.40 -30.59 27.29
C GLN A 411 -18.68 -29.88 28.42
N ILE A 412 -18.96 -30.32 29.64
CA ILE A 412 -18.35 -29.76 30.85
C ILE A 412 -17.53 -30.87 31.49
N ASP A 413 -16.21 -30.79 31.33
CA ASP A 413 -15.32 -31.78 31.92
C ASP A 413 -15.36 -31.69 33.45
N PRO A 414 -14.87 -32.72 34.14
CA PRO A 414 -14.86 -32.67 35.61
C PRO A 414 -14.14 -31.45 36.15
N THR A 415 -14.88 -30.54 36.78
CA THR A 415 -14.34 -29.31 37.32
C THR A 415 -14.83 -29.10 38.74
N PRO A 416 -13.98 -28.60 39.64
CA PRO A 416 -14.46 -28.34 41.00
C PRO A 416 -15.65 -27.40 41.02
N VAL A 417 -16.61 -27.69 41.89
CA VAL A 417 -17.83 -26.91 42.03
C VAL A 417 -18.01 -26.54 43.49
N ILE A 418 -18.57 -25.34 43.71
CA ILE A 418 -18.83 -24.83 45.06
C ILE A 418 -20.26 -24.30 45.09
N VAL A 419 -20.95 -24.54 46.20
CA VAL A 419 -22.33 -24.11 46.38
C VAL A 419 -22.44 -23.35 47.69
N THR A 420 -23.22 -22.26 47.68
CA THR A 420 -23.42 -21.44 48.87
C THR A 420 -24.87 -20.95 48.85
N SER A 421 -25.68 -21.49 49.76
CA SER A 421 -27.08 -21.11 49.84
C SER A 421 -27.59 -21.38 51.25
N ASN A 422 -28.73 -20.78 51.58
CA ASN A 422 -29.34 -20.94 52.89
C ASN A 422 -30.43 -21.99 52.91
N THR A 423 -30.99 -22.36 51.77
CA THR A 423 -32.04 -23.36 51.71
C THR A 423 -31.44 -24.76 51.55
N ASN A 424 -32.29 -25.76 51.69
CA ASN A 424 -31.85 -27.16 51.57
C ASN A 424 -31.67 -27.50 50.10
N MET A 425 -30.44 -27.87 49.72
CA MET A 425 -30.17 -28.23 48.33
C MET A 425 -30.68 -29.62 47.99
N CYS A 426 -30.69 -30.54 48.95
CA CYS A 426 -31.16 -31.90 48.68
C CYS A 426 -32.64 -31.92 48.35
N ALA A 427 -33.41 -30.98 48.90
CA ALA A 427 -34.85 -30.92 48.65
C ALA A 427 -35.08 -30.51 47.20
N VAL A 428 -35.62 -31.44 46.40
CA VAL A 428 -35.89 -31.17 44.99
C VAL A 428 -37.24 -30.48 44.88
N ILE A 429 -37.24 -29.24 44.40
CA ILE A 429 -38.46 -28.47 44.23
C ILE A 429 -39.09 -28.81 42.89
N ASP A 430 -40.43 -28.91 42.88
CA ASP A 430 -41.17 -29.24 41.66
C ASP A 430 -42.51 -28.48 41.73
N GLY A 431 -42.44 -27.18 41.45
CA GLY A 431 -43.62 -26.34 41.49
C GLY A 431 -44.14 -26.10 42.89
N ASN A 432 -45.40 -26.46 43.14
CA ASN A 432 -46.02 -26.29 44.44
C ASN A 432 -45.89 -27.54 45.31
N SER A 433 -44.75 -28.21 45.26
CA SER A 433 -44.53 -29.42 46.05
C SER A 433 -43.03 -29.63 46.18
N THR A 434 -42.67 -30.64 46.98
CA THR A 434 -41.27 -30.98 47.21
C THR A 434 -41.16 -32.48 47.44
N THR A 435 -40.05 -33.05 46.97
CA THR A 435 -39.79 -34.48 47.10
C THR A 435 -38.35 -34.69 47.48
N PHE A 436 -38.10 -35.65 48.37
CA PHE A 436 -36.77 -35.99 48.84
C PHE A 436 -36.26 -37.30 48.26
N GLU A 437 -36.69 -37.62 47.03
CA GLU A 437 -36.25 -38.87 46.40
C GLU A 437 -34.76 -38.82 46.09
N HIS A 438 -34.30 -37.72 45.50
CA HIS A 438 -32.89 -37.56 45.15
C HIS A 438 -32.09 -36.95 46.30
N GLN A 439 -32.20 -37.55 47.48
CA GLN A 439 -31.50 -37.06 48.66
C GLN A 439 -30.12 -37.70 48.82
N GLN A 440 -30.06 -39.03 48.77
CA GLN A 440 -28.77 -39.70 48.92
C GLN A 440 -27.81 -39.41 47.78
N PRO A 441 -28.24 -39.37 46.52
CA PRO A 441 -27.29 -39.03 45.44
C PRO A 441 -26.62 -37.68 45.63
N LEU A 442 -27.38 -36.67 46.05
CA LEU A 442 -26.80 -35.35 46.27
C LEU A 442 -26.03 -35.27 47.59
N GLN A 443 -26.41 -36.07 48.58
CA GLN A 443 -25.69 -36.06 49.85
C GLN A 443 -24.34 -36.75 49.73
N ASP A 444 -24.24 -37.77 48.88
CA ASP A 444 -22.99 -38.48 48.67
C ASP A 444 -22.09 -37.83 47.63
N ARG A 445 -22.30 -36.53 47.34
CA ARG A 445 -21.49 -35.83 46.36
C ARG A 445 -21.26 -34.37 46.74
N MET A 446 -21.37 -34.04 48.02
CA MET A 446 -21.18 -32.67 48.49
C MET A 446 -20.46 -32.71 49.84
N PHE A 447 -20.21 -31.51 50.39
CA PHE A 447 -19.56 -31.36 51.69
C PHE A 447 -20.29 -30.24 52.43
N LYS A 448 -21.33 -30.62 53.17
CA LYS A 448 -22.12 -29.63 53.89
C LYS A 448 -21.29 -28.97 54.97
N PHE A 449 -21.27 -27.64 54.96
CA PHE A 449 -20.53 -26.83 55.93
C PHE A 449 -21.52 -25.91 56.62
N GLU A 450 -21.93 -26.27 57.83
CA GLU A 450 -22.89 -25.49 58.60
C GLU A 450 -22.19 -24.26 59.16
N LEU A 451 -22.31 -23.13 58.47
CA LEU A 451 -21.72 -21.86 58.86
C LEU A 451 -22.82 -20.97 59.40
N THR A 452 -23.26 -21.27 60.63
CA THR A 452 -24.34 -20.52 61.26
C THR A 452 -23.85 -19.26 61.96
N ARG A 453 -22.55 -19.16 62.25
CA ARG A 453 -22.02 -17.98 62.93
C ARG A 453 -21.90 -16.82 61.95
N ARG A 454 -22.43 -15.66 62.36
CA ARG A 454 -22.40 -14.46 61.53
C ARG A 454 -21.11 -13.68 61.79
N LEU A 455 -20.58 -13.08 60.73
CA LEU A 455 -19.36 -12.30 60.83
C LEU A 455 -19.69 -10.83 61.15
N ASP A 456 -18.66 -10.08 61.52
CA ASP A 456 -18.82 -8.68 61.85
C ASP A 456 -18.85 -7.83 60.58
N HIS A 457 -19.35 -6.60 60.73
CA HIS A 457 -19.42 -5.69 59.59
C HIS A 457 -18.04 -5.25 59.13
N ASP A 458 -17.08 -5.16 60.05
CA ASP A 458 -15.72 -4.75 59.72
C ASP A 458 -14.80 -5.93 59.46
N PHE A 459 -15.35 -7.06 59.00
CA PHE A 459 -14.52 -8.23 58.73
C PHE A 459 -13.71 -8.05 57.45
N GLY A 460 -14.29 -7.39 56.44
CA GLY A 460 -13.60 -7.17 55.18
C GLY A 460 -13.66 -8.37 54.27
N LYS A 461 -13.60 -8.13 52.96
CA LYS A 461 -13.65 -9.21 51.99
C LYS A 461 -12.32 -9.93 51.91
N VAL A 462 -12.38 -11.22 51.57
CA VAL A 462 -11.18 -12.05 51.47
C VAL A 462 -10.48 -11.74 50.14
N THR A 463 -9.25 -11.25 50.22
CA THR A 463 -8.49 -10.91 49.03
C THR A 463 -8.04 -12.20 48.32
N LYS A 464 -7.34 -12.02 47.19
CA LYS A 464 -6.87 -13.16 46.43
C LYS A 464 -5.64 -13.81 47.05
N GLN A 465 -4.78 -13.02 47.70
CA GLN A 465 -3.61 -13.59 48.34
C GLN A 465 -3.98 -14.44 49.56
N GLU A 466 -5.11 -14.12 50.20
CA GLU A 466 -5.54 -14.90 51.35
C GLU A 466 -5.89 -16.33 50.94
N VAL A 467 -6.58 -16.50 49.82
CA VAL A 467 -6.91 -17.84 49.35
C VAL A 467 -5.64 -18.60 49.00
N LYS A 468 -4.68 -17.93 48.39
CA LYS A 468 -3.41 -18.58 48.06
C LYS A 468 -2.71 -19.06 49.33
N ASP A 469 -2.63 -18.19 50.34
CA ASP A 469 -1.98 -18.57 51.59
C ASP A 469 -2.71 -19.73 52.26
N PHE A 470 -4.04 -19.69 52.24
CA PHE A 470 -4.83 -20.77 52.86
C PHE A 470 -4.55 -22.09 52.17
N PHE A 471 -4.58 -22.10 50.83
CA PHE A 471 -4.33 -23.34 50.10
C PHE A 471 -2.90 -23.82 50.29
N ARG A 472 -1.94 -22.89 50.39
CA ARG A 472 -0.56 -23.29 50.65
C ARG A 472 -0.42 -23.95 52.01
N TRP A 473 -1.01 -23.33 53.05
CA TRP A 473 -1.00 -23.95 54.37
C TRP A 473 -1.71 -25.29 54.37
N ALA A 474 -2.75 -25.43 53.54
CA ALA A 474 -3.45 -26.71 53.44
C ALA A 474 -2.55 -27.78 52.85
N LYS A 475 -1.84 -27.46 51.76
CA LYS A 475 -0.96 -28.43 51.15
C LYS A 475 0.16 -28.86 52.09
N ASP A 476 0.60 -27.96 52.97
CA ASP A 476 1.67 -28.28 53.90
C ASP A 476 1.21 -29.13 55.07
N HIS A 477 -0.11 -29.17 55.34
CA HIS A 477 -0.67 -29.95 56.44
C HIS A 477 -1.84 -30.75 55.88
N VAL A 478 -1.57 -31.99 55.46
CA VAL A 478 -2.58 -32.87 54.90
C VAL A 478 -2.90 -33.95 55.92
N VAL A 479 -4.20 -34.24 56.08
CA VAL A 479 -4.67 -35.26 57.01
C VAL A 479 -5.69 -36.13 56.31
N GLU A 480 -5.93 -37.31 56.87
CA GLU A 480 -6.88 -38.25 56.30
C GLU A 480 -8.29 -37.66 56.36
N VAL A 481 -8.95 -37.58 55.21
CA VAL A 481 -10.30 -37.03 55.10
C VAL A 481 -11.24 -38.18 54.75
N GLU A 482 -12.19 -38.44 55.64
CA GLU A 482 -13.15 -39.51 55.41
C GLU A 482 -14.28 -39.04 54.51
N HIS A 483 -14.67 -39.88 53.56
CA HIS A 483 -15.73 -39.56 52.62
C HIS A 483 -17.06 -39.58 53.37
N GLU A 484 -17.59 -38.39 53.67
CA GLU A 484 -18.85 -38.26 54.39
C GLU A 484 -19.55 -36.99 53.94
N PHE A 485 -20.85 -36.92 54.22
CA PHE A 485 -21.64 -35.75 53.86
C PHE A 485 -21.49 -34.63 54.88
N TYR A 486 -21.70 -34.94 56.15
CA TYR A 486 -21.59 -33.96 57.22
C TYR A 486 -20.13 -33.88 57.67
N VAL A 487 -19.54 -32.69 57.60
CA VAL A 487 -18.17 -32.50 58.01
C VAL A 487 -18.08 -32.51 59.54
N LYS A 488 -17.00 -33.09 60.06
CA LYS A 488 -16.81 -33.17 61.51
C LYS A 488 -16.32 -31.84 62.04
N LYS A 489 -17.05 -31.30 63.02
CA LYS A 489 -16.69 -30.02 63.61
C LYS A 489 -15.56 -30.20 64.63
N GLY A 490 -14.74 -29.16 64.77
CA GLY A 490 -13.63 -29.23 65.70
C GLY A 490 -14.11 -29.16 67.14
N GLY A 491 -13.35 -29.85 68.01
CA GLY A 491 -13.68 -29.89 69.43
C GLY A 491 -13.53 -28.54 70.10
N PRO B 215 10.03 -8.55 33.06
CA PRO B 215 10.37 -8.36 31.64
C PRO B 215 9.71 -7.11 31.04
N VAL B 216 10.53 -6.23 30.46
CA VAL B 216 10.05 -4.99 29.85
C VAL B 216 10.76 -4.83 28.51
N ILE B 217 10.44 -3.74 27.82
CA ILE B 217 11.03 -3.42 26.52
C ILE B 217 11.13 -1.92 26.39
N ARG B 218 12.21 -1.45 25.78
CA ARG B 218 12.46 -0.03 25.59
C ARG B 218 12.79 0.24 24.13
N SER B 219 12.42 1.43 23.67
CA SER B 219 12.66 1.85 22.29
C SER B 219 12.29 3.33 22.19
N LYS B 220 12.45 3.88 20.98
CA LYS B 220 12.12 5.28 20.76
C LYS B 220 10.62 5.50 20.75
N THR B 221 9.90 4.75 19.92
CA THR B 221 8.44 4.89 19.87
C THR B 221 7.81 4.51 21.21
N SER B 222 8.36 3.50 21.87
CA SER B 222 7.82 3.10 23.17
C SER B 222 7.98 4.21 24.19
N ALA B 223 9.17 4.82 24.25
CA ALA B 223 9.39 5.92 25.19
C ALA B 223 8.51 7.11 24.85
N ARG B 224 8.33 7.39 23.55
CA ARG B 224 7.47 8.50 23.16
C ARG B 224 6.03 8.26 23.61
N TYR B 225 5.52 7.04 23.37
CA TYR B 225 4.16 6.72 23.80
C TYR B 225 4.03 6.80 25.32
N MET B 226 5.04 6.31 26.03
CA MET B 226 5.01 6.37 27.50
C MET B 226 4.94 7.81 27.99
N GLU B 227 5.80 8.67 27.44
CA GLU B 227 5.79 10.07 27.85
C GLU B 227 4.47 10.73 27.51
N LEU B 228 3.91 10.42 26.33
CA LEU B 228 2.64 11.02 25.92
C LEU B 228 1.53 10.62 26.88
N VAL B 229 1.41 9.32 27.16
CA VAL B 229 0.33 8.87 28.04
C VAL B 229 0.54 9.39 29.46
N GLY B 230 1.80 9.51 29.90
CA GLY B 230 2.06 10.06 31.21
C GLY B 230 1.62 11.51 31.31
N TRP B 231 1.99 12.33 30.32
CA TRP B 231 1.56 13.72 30.32
C TRP B 231 0.05 13.81 30.24
N LEU B 232 -0.59 12.94 29.46
CA LEU B 232 -2.04 12.97 29.34
C LEU B 232 -2.72 12.67 30.67
N VAL B 233 -2.30 11.60 31.34
CA VAL B 233 -2.89 11.25 32.63
C VAL B 233 -2.53 12.26 33.71
N ASP B 234 -1.42 12.97 33.56
CA ASP B 234 -1.07 13.99 34.54
C ASP B 234 -1.93 15.24 34.37
N LYS B 235 -2.14 15.68 33.13
CA LYS B 235 -2.97 16.84 32.86
C LYS B 235 -4.45 16.49 32.72
N GLY B 236 -4.83 15.25 33.01
CA GLY B 236 -6.22 14.83 32.92
C GLY B 236 -6.81 15.05 31.55
N ILE B 237 -6.42 14.20 30.59
CA ILE B 237 -6.89 14.30 29.21
C ILE B 237 -7.36 12.88 28.82
N THR B 238 -8.65 12.63 28.97
CA THR B 238 -9.25 11.35 28.63
C THR B 238 -10.08 11.41 27.34
N SER B 239 -9.84 12.43 26.52
CA SER B 239 -10.58 12.59 25.26
C SER B 239 -9.89 13.65 24.43
N GLU B 240 -10.17 13.63 23.12
CA GLU B 240 -9.57 14.60 22.22
C GLU B 240 -10.01 16.02 22.56
N LYS B 241 -11.22 16.18 23.12
CA LYS B 241 -11.70 17.50 23.49
C LYS B 241 -10.82 18.13 24.56
N GLN B 242 -10.54 17.37 25.62
CA GLN B 242 -9.65 17.87 26.67
C GLN B 242 -8.26 18.13 26.15
N TRP B 243 -7.79 17.29 25.22
CA TRP B 243 -6.46 17.51 24.63
C TRP B 243 -6.42 18.83 23.88
N ILE B 244 -7.42 19.10 23.04
CA ILE B 244 -7.46 20.36 22.31
C ILE B 244 -7.62 21.54 23.26
N GLN B 245 -8.36 21.35 24.36
CA GLN B 245 -8.53 22.43 25.32
C GLN B 245 -7.21 22.76 26.01
N GLU B 246 -6.42 21.75 26.36
CA GLU B 246 -5.16 21.95 27.03
C GLU B 246 -4.10 22.49 26.07
N ASP B 247 -3.57 21.62 25.20
CA ASP B 247 -2.56 21.99 24.23
C ASP B 247 -3.00 21.54 22.85
N GLN B 248 -2.97 22.46 21.89
CA GLN B 248 -3.36 22.18 20.51
C GLN B 248 -2.18 21.80 19.63
N ALA B 249 -1.02 22.43 19.84
CA ALA B 249 0.14 22.15 19.00
C ALA B 249 0.56 20.68 19.12
N SER B 250 0.63 20.18 20.35
CA SER B 250 1.05 18.80 20.55
C SER B 250 0.06 17.83 19.91
N TYR B 251 -1.24 18.08 20.07
CA TYR B 251 -2.24 17.20 19.47
C TYR B 251 -2.15 17.23 17.94
N ILE B 252 -1.98 18.42 17.37
CA ILE B 252 -1.89 18.53 15.91
C ILE B 252 -0.64 17.83 15.40
N SER B 253 0.46 17.91 16.15
CA SER B 253 1.69 17.25 15.74
C SER B 253 1.56 15.74 15.82
N PHE B 254 0.92 15.24 16.88
CA PHE B 254 0.74 13.81 17.02
C PHE B 254 -0.26 13.27 16.02
N ASN B 255 -1.20 14.09 15.56
CA ASN B 255 -2.19 13.67 14.57
C ASN B 255 -1.67 13.75 13.15
N ALA B 256 -0.53 14.40 12.92
CA ALA B 256 0.01 14.51 11.57
C ALA B 256 0.65 13.22 11.08
N ALA B 257 0.99 12.31 11.99
CA ALA B 257 1.59 11.05 11.59
C ALA B 257 0.62 10.21 10.77
N SER B 258 1.15 9.17 10.13
CA SER B 258 0.32 8.29 9.31
C SER B 258 -0.69 7.55 10.17
N ASN B 259 -0.22 6.70 11.08
CA ASN B 259 -1.09 5.94 11.97
C ASN B 259 -1.51 6.82 13.14
N SER B 260 -2.28 7.85 12.83
CA SER B 260 -2.74 8.81 13.82
C SER B 260 -4.04 8.38 14.49
N ARG B 261 -5.02 7.95 13.69
CA ARG B 261 -6.31 7.56 14.24
C ARG B 261 -6.16 6.42 15.25
N SER B 262 -5.51 5.33 14.84
CA SER B 262 -5.38 4.17 15.71
C SER B 262 -4.55 4.51 16.95
N GLN B 263 -3.46 5.25 16.77
CA GLN B 263 -2.61 5.61 17.90
C GLN B 263 -3.40 6.44 18.92
N ILE B 264 -4.11 7.47 18.45
CA ILE B 264 -4.86 8.32 19.36
C ILE B 264 -5.96 7.52 20.05
N LYS B 265 -6.64 6.64 19.30
CA LYS B 265 -7.71 5.85 19.90
C LYS B 265 -7.17 4.94 21.00
N ALA B 266 -6.07 4.24 20.72
CA ALA B 266 -5.48 3.36 21.72
C ALA B 266 -5.01 4.13 22.94
N ALA B 267 -4.36 5.28 22.72
CA ALA B 267 -3.88 6.07 23.83
C ALA B 267 -5.04 6.53 24.71
N LEU B 268 -6.09 7.07 24.09
CA LEU B 268 -7.23 7.55 24.86
C LEU B 268 -7.91 6.41 25.61
N ASP B 269 -8.09 5.26 24.96
CA ASP B 269 -8.73 4.12 25.62
C ASP B 269 -7.91 3.66 26.82
N ASN B 270 -6.60 3.51 26.63
CA ASN B 270 -5.75 3.06 27.74
C ASN B 270 -5.76 4.07 28.88
N ALA B 271 -5.65 5.36 28.57
CA ALA B 271 -5.66 6.37 29.61
C ALA B 271 -6.97 6.34 30.39
N GLY B 272 -8.10 6.30 29.67
CA GLY B 272 -9.38 6.25 30.36
C GLY B 272 -9.54 5.02 31.23
N LYS B 273 -9.14 3.85 30.72
CA LYS B 273 -9.25 2.63 31.50
C LYS B 273 -8.38 2.69 32.74
N ILE B 274 -7.15 3.18 32.60
CA ILE B 274 -6.24 3.23 33.75
C ILE B 274 -6.74 4.24 34.78
N MET B 275 -7.33 5.35 34.32
CA MET B 275 -7.83 6.35 35.25
C MET B 275 -9.11 5.88 35.94
N SER B 276 -9.90 5.04 35.27
CA SER B 276 -11.13 4.55 35.88
C SER B 276 -10.87 3.36 36.79
N LEU B 277 -9.79 2.61 36.55
CA LEU B 277 -9.48 1.44 37.36
C LEU B 277 -8.58 1.79 38.55
N THR B 278 -7.40 2.33 38.27
CA THR B 278 -6.45 2.63 39.34
C THR B 278 -6.83 3.91 40.07
N LYS B 279 -6.68 5.05 39.40
CA LYS B 279 -6.96 6.34 40.02
C LYS B 279 -8.43 6.43 40.43
N THR B 280 -8.73 7.41 41.27
CA THR B 280 -10.07 7.64 41.79
C THR B 280 -10.41 9.12 41.64
N ALA B 281 -11.60 9.49 42.12
CA ALA B 281 -12.03 10.88 42.00
C ALA B 281 -11.17 11.84 42.80
N PRO B 282 -10.78 11.56 44.04
CA PRO B 282 -9.94 12.52 44.78
C PRO B 282 -8.64 12.85 44.07
N ASP B 283 -8.11 11.94 43.25
CA ASP B 283 -6.86 12.21 42.55
C ASP B 283 -6.99 13.42 41.65
N TYR B 284 -8.16 13.59 41.00
CA TYR B 284 -8.40 14.73 40.13
C TYR B 284 -9.09 15.88 40.84
N LEU B 285 -9.81 15.61 41.92
CA LEU B 285 -10.51 16.68 42.64
C LEU B 285 -9.55 17.49 43.51
N VAL B 286 -8.64 16.81 44.22
CA VAL B 286 -7.70 17.51 45.07
C VAL B 286 -6.65 18.20 44.22
N GLY B 287 -6.38 19.47 44.52
CA GLY B 287 -5.41 20.23 43.77
C GLY B 287 -3.98 19.91 44.16
N GLN B 288 -3.04 20.50 43.42
CA GLN B 288 -1.62 20.30 43.66
C GLN B 288 -1.00 21.45 44.45
N GLN B 289 -1.10 22.67 43.91
CA GLN B 289 -0.53 23.82 44.58
C GLN B 289 -1.40 24.23 45.77
N PRO B 290 -0.82 24.90 46.77
CA PRO B 290 -1.62 25.32 47.93
C PRO B 290 -2.57 26.45 47.60
N VAL B 291 -3.37 26.86 48.59
CA VAL B 291 -4.34 27.94 48.43
C VAL B 291 -4.02 29.03 49.45
N GLU B 292 -3.93 30.27 48.98
CA GLU B 292 -3.62 31.40 49.83
C GLU B 292 -4.85 32.26 50.15
N ASP B 293 -5.86 32.25 49.29
CA ASP B 293 -7.08 33.04 49.50
C ASP B 293 -8.27 32.17 49.14
N ILE B 294 -8.98 31.68 50.16
CA ILE B 294 -10.15 30.84 49.93
C ILE B 294 -11.46 31.62 50.03
N SER B 295 -11.47 32.76 50.71
CA SER B 295 -12.70 33.54 50.82
C SER B 295 -13.22 33.98 49.47
N SER B 296 -12.33 34.19 48.50
CA SER B 296 -12.75 34.61 47.16
C SER B 296 -13.40 33.49 46.37
N ASN B 297 -13.34 32.25 46.85
CA ASN B 297 -13.95 31.14 46.13
C ASN B 297 -15.47 31.25 46.16
N ARG B 298 -16.10 30.70 45.12
CA ARG B 298 -17.56 30.73 45.04
C ARG B 298 -18.20 29.74 46.01
N ILE B 299 -17.61 28.55 46.14
CA ILE B 299 -18.14 27.55 47.06
C ILE B 299 -18.08 28.06 48.49
N TYR B 300 -16.97 28.74 48.85
CA TYR B 300 -16.85 29.29 50.19
C TYR B 300 -17.92 30.32 50.46
N LYS B 301 -18.19 31.21 49.50
CA LYS B 301 -19.22 32.22 49.68
C LYS B 301 -20.60 31.57 49.79
N ILE B 302 -20.86 30.55 48.97
CA ILE B 302 -22.16 29.88 49.01
C ILE B 302 -22.35 29.20 50.36
N LEU B 303 -21.29 28.61 50.91
CA LEU B 303 -21.41 27.94 52.20
C LEU B 303 -21.53 28.93 53.34
N GLU B 304 -20.88 30.10 53.23
CA GLU B 304 -20.96 31.09 54.29
C GLU B 304 -22.30 31.80 54.30
N LEU B 305 -22.86 32.08 53.12
CA LEU B 305 -24.14 32.77 53.06
C LEU B 305 -25.26 31.89 53.63
N ASN B 306 -25.20 30.59 53.38
CA ASN B 306 -26.22 29.66 53.85
C ASN B 306 -26.09 29.35 55.34
N GLY B 307 -25.07 29.89 56.02
CA GLY B 307 -24.88 29.66 57.43
C GLY B 307 -24.07 28.43 57.78
N TYR B 308 -23.88 27.51 56.83
CA TYR B 308 -23.11 26.31 57.10
C TYR B 308 -21.66 26.66 57.36
N ASP B 309 -21.07 25.99 58.35
CA ASP B 309 -19.68 26.22 58.69
C ASP B 309 -18.78 25.85 57.52
N PRO B 310 -18.00 26.79 56.97
CA PRO B 310 -17.13 26.42 55.84
C PRO B 310 -16.19 25.27 56.15
N GLN B 311 -15.57 25.27 57.33
CA GLN B 311 -14.64 24.20 57.67
C GLN B 311 -15.34 22.86 57.75
N TYR B 312 -16.51 22.83 58.40
CA TYR B 312 -17.24 21.57 58.54
C TYR B 312 -17.69 21.05 57.18
N ALA B 313 -18.22 21.93 56.33
CA ALA B 313 -18.65 21.51 55.01
C ALA B 313 -17.48 21.01 54.18
N ALA B 314 -16.33 21.69 54.26
CA ALA B 314 -15.15 21.26 53.53
C ALA B 314 -14.69 19.89 54.00
N SER B 315 -14.67 19.67 55.32
CA SER B 315 -14.26 18.37 55.84
C SER B 315 -15.24 17.28 55.42
N VAL B 316 -16.54 17.59 55.42
CA VAL B 316 -17.53 16.61 55.00
C VAL B 316 -17.34 16.25 53.54
N PHE B 317 -17.10 17.26 52.69
CA PHE B 317 -16.87 16.99 51.27
C PHE B 317 -15.61 16.17 51.06
N LEU B 318 -14.55 16.47 51.82
CA LEU B 318 -13.32 15.70 51.70
C LEU B 318 -13.55 14.25 52.09
N GLY B 319 -14.25 14.02 53.21
CA GLY B 319 -14.54 12.66 53.62
C GLY B 319 -15.44 11.92 52.66
N TRP B 320 -16.35 12.64 51.99
CA TRP B 320 -17.25 12.02 51.03
C TRP B 320 -16.54 11.68 49.73
N ALA B 321 -15.58 12.50 49.31
CA ALA B 321 -14.87 12.24 48.06
C ALA B 321 -13.93 11.05 48.20
N THR B 322 -13.28 10.91 49.35
CA THR B 322 -12.32 9.84 49.60
C THR B 322 -12.97 8.59 50.16
N LYS B 323 -14.30 8.55 50.26
CA LYS B 323 -15.02 7.38 50.79
C LYS B 323 -14.58 7.09 52.22
N LYS B 324 -14.49 8.15 53.02
CA LYS B 324 -14.06 7.99 54.41
C LYS B 324 -15.21 7.55 55.31
N PHE B 325 -16.45 7.93 54.98
CA PHE B 325 -17.58 7.56 55.81
C PHE B 325 -18.07 6.14 55.51
N GLY B 326 -17.85 5.66 54.29
CA GLY B 326 -18.28 4.33 53.93
C GLY B 326 -19.72 4.28 53.46
N LYS B 327 -20.63 4.01 54.39
CA LYS B 327 -22.05 3.96 54.02
C LYS B 327 -22.59 5.35 53.72
N ARG B 328 -22.12 6.36 54.45
CA ARG B 328 -22.56 7.74 54.24
C ARG B 328 -21.71 8.43 53.17
N ASN B 329 -21.69 7.82 51.99
CA ASN B 329 -20.92 8.32 50.85
C ASN B 329 -21.81 9.06 49.86
N THR B 330 -22.60 10.00 50.35
CA THR B 330 -23.47 10.80 49.50
C THR B 330 -23.75 12.13 50.19
N ILE B 331 -23.84 13.18 49.38
CA ILE B 331 -24.15 14.53 49.86
C ILE B 331 -25.36 15.03 49.09
N TRP B 332 -26.47 15.22 49.78
CA TRP B 332 -27.71 15.69 49.17
C TRP B 332 -27.91 17.16 49.49
N LEU B 333 -28.08 17.97 48.44
CA LEU B 333 -28.30 19.41 48.59
C LEU B 333 -29.79 19.67 48.42
N PHE B 334 -30.44 20.13 49.49
CA PHE B 334 -31.86 20.42 49.49
C PHE B 334 -32.09 21.92 49.51
N GLY B 335 -33.10 22.37 48.76
CA GLY B 335 -33.44 23.77 48.71
C GLY B 335 -34.06 24.15 47.37
N PRO B 336 -34.55 25.38 47.27
CA PRO B 336 -35.15 25.83 46.00
C PRO B 336 -34.14 25.82 44.87
N ALA B 337 -34.64 26.04 43.66
CA ALA B 337 -33.78 26.06 42.48
C ALA B 337 -32.98 27.36 42.43
N THR B 338 -31.81 27.29 41.78
CA THR B 338 -30.92 28.44 41.64
C THR B 338 -30.46 28.93 43.01
N THR B 339 -29.83 28.01 43.76
CA THR B 339 -29.32 28.31 45.09
C THR B 339 -27.93 27.70 45.30
N GLY B 340 -27.17 27.54 44.22
CA GLY B 340 -25.83 26.98 44.31
C GLY B 340 -25.76 25.47 44.28
N LYS B 341 -26.90 24.79 44.23
CA LYS B 341 -26.88 23.33 44.22
C LYS B 341 -26.46 22.78 42.86
N THR B 342 -27.24 23.09 41.81
CA THR B 342 -26.92 22.59 40.48
C THR B 342 -25.57 23.13 40.01
N ASN B 343 -25.26 24.38 40.34
CA ASN B 343 -23.98 24.96 39.93
C ASN B 343 -22.81 24.17 40.50
N ILE B 344 -22.80 23.97 41.82
CA ILE B 344 -21.70 23.26 42.45
C ILE B 344 -21.67 21.81 41.98
N ALA B 345 -22.84 21.20 41.76
CA ALA B 345 -22.89 19.83 41.29
C ALA B 345 -22.24 19.70 39.92
N GLU B 346 -22.61 20.58 38.98
CA GLU B 346 -22.02 20.54 37.65
C GLU B 346 -20.54 20.84 37.71
N ALA B 347 -20.12 21.77 38.58
CA ALA B 347 -18.70 22.07 38.71
C ALA B 347 -17.91 20.85 39.17
N ILE B 348 -18.42 20.16 40.19
CA ILE B 348 -17.73 18.98 40.71
C ILE B 348 -17.74 17.87 39.67
N ALA B 349 -18.82 17.76 38.89
CA ALA B 349 -18.89 16.71 37.87
C ALA B 349 -17.91 16.97 36.74
N HIS B 350 -17.73 18.25 36.38
CA HIS B 350 -16.82 18.58 35.29
C HIS B 350 -15.36 18.66 35.73
N THR B 351 -15.11 18.81 37.04
CA THR B 351 -13.74 18.89 37.52
C THR B 351 -12.98 17.58 37.24
N VAL B 352 -13.69 16.47 37.18
CA VAL B 352 -13.06 15.17 36.92
C VAL B 352 -13.27 14.79 35.46
N PRO B 353 -12.49 13.85 34.92
CA PRO B 353 -12.68 13.47 33.51
C PRO B 353 -14.06 12.90 33.24
N PHE B 354 -14.42 11.83 33.94
CA PHE B 354 -15.71 11.17 33.77
C PHE B 354 -16.66 11.57 34.88
N TYR B 355 -17.95 11.38 34.62
CA TYR B 355 -18.98 11.71 35.59
C TYR B 355 -20.29 11.04 35.18
N GLY B 356 -21.02 10.51 36.15
CA GLY B 356 -22.26 9.85 35.88
C GLY B 356 -23.43 10.81 35.78
N CYS B 357 -24.56 10.28 35.30
CA CYS B 357 -25.77 11.08 35.14
C CYS B 357 -26.96 10.14 35.34
N VAL B 358 -27.53 10.15 36.54
CA VAL B 358 -28.67 9.30 36.86
C VAL B 358 -29.91 9.88 36.21
N ASN B 359 -30.60 9.07 35.41
CA ASN B 359 -31.83 9.47 34.71
C ASN B 359 -33.00 8.75 35.37
N TRP B 360 -33.53 9.35 36.44
CA TRP B 360 -34.66 8.75 37.15
C TRP B 360 -35.90 8.66 36.28
N THR B 361 -36.01 9.50 35.24
CA THR B 361 -37.18 9.44 34.37
C THR B 361 -37.27 8.12 33.63
N ASN B 362 -36.13 7.53 33.29
CA ASN B 362 -36.09 6.24 32.60
C ASN B 362 -36.12 5.13 33.63
N GLU B 363 -37.31 4.58 33.87
CA GLU B 363 -37.45 3.51 34.86
C GLU B 363 -36.86 2.19 34.36
N ASN B 364 -36.71 2.03 33.05
CA ASN B 364 -36.15 0.78 32.51
C ASN B 364 -34.65 0.71 32.76
N PHE B 365 -33.92 1.77 32.42
CA PHE B 365 -32.48 1.84 32.60
C PHE B 365 -32.12 3.17 33.24
N PRO B 366 -32.47 3.35 34.52
CA PRO B 366 -32.16 4.62 35.19
C PRO B 366 -30.67 4.80 35.43
N PHE B 367 -30.03 3.78 36.01
CA PHE B 367 -28.59 3.84 36.29
C PHE B 367 -27.77 3.32 35.11
N ASN B 368 -28.03 3.87 33.93
CA ASN B 368 -27.30 3.43 32.73
C ASN B 368 -25.95 4.12 32.63
N ASP B 369 -25.94 5.45 32.60
CA ASP B 369 -24.70 6.23 32.51
C ASP B 369 -24.10 6.43 33.90
N CYS B 370 -23.68 5.30 34.50
CA CYS B 370 -23.08 5.33 35.83
C CYS B 370 -21.93 4.34 36.00
N VAL B 371 -21.72 3.42 35.06
CA VAL B 371 -20.63 2.45 35.18
C VAL B 371 -19.33 3.10 34.73
N ASP B 372 -18.25 2.81 35.45
CA ASP B 372 -16.92 3.36 35.14
C ASP B 372 -16.95 4.88 35.17
N LYS B 373 -17.42 5.44 36.28
CA LYS B 373 -17.52 6.88 36.47
C LYS B 373 -16.85 7.26 37.79
N MET B 374 -16.62 8.55 37.96
CA MET B 374 -15.98 9.09 39.16
C MET B 374 -16.92 9.88 40.05
N VAL B 375 -17.88 10.61 39.47
CA VAL B 375 -18.83 11.40 40.23
C VAL B 375 -20.22 11.12 39.64
N ILE B 376 -21.09 10.49 40.43
CA ILE B 376 -22.44 10.17 40.01
C ILE B 376 -23.31 11.37 40.32
N TRP B 377 -23.65 12.13 39.29
CA TRP B 377 -24.49 13.32 39.43
C TRP B 377 -25.95 12.95 39.24
N TRP B 378 -26.79 13.34 40.19
CA TRP B 378 -28.23 13.07 40.16
C TRP B 378 -28.95 14.42 40.14
N GLU B 379 -29.23 14.93 38.95
CA GLU B 379 -29.89 16.22 38.79
C GLU B 379 -31.40 16.03 38.90
N GLU B 380 -32.01 16.72 39.86
CA GLU B 380 -33.46 16.64 40.09
C GLU B 380 -33.90 15.20 40.32
N GLY B 381 -33.26 14.57 41.31
CA GLY B 381 -33.57 13.18 41.62
C GLY B 381 -34.89 13.04 42.36
N LYS B 382 -35.53 11.89 42.16
CA LYS B 382 -36.80 11.59 42.80
C LYS B 382 -36.85 10.09 43.07
N MET B 383 -36.70 9.72 44.35
CA MET B 383 -36.71 8.31 44.71
C MET B 383 -38.07 7.70 44.41
N THR B 384 -38.05 6.44 43.97
CA THR B 384 -39.28 5.71 43.65
C THR B 384 -39.17 4.30 44.19
N ALA B 385 -40.33 3.67 44.37
CA ALA B 385 -40.36 2.30 44.89
C ALA B 385 -39.86 1.29 43.87
N LYS B 386 -39.82 1.66 42.58
CA LYS B 386 -39.36 0.74 41.55
C LYS B 386 -37.85 0.58 41.52
N VAL B 387 -37.12 1.57 42.01
CA VAL B 387 -35.66 1.52 42.01
C VAL B 387 -35.14 1.94 43.38
N VAL B 388 -35.83 1.52 44.44
CA VAL B 388 -35.39 1.86 45.79
C VAL B 388 -34.24 0.96 46.24
N GLU B 389 -34.32 -0.33 45.91
CA GLU B 389 -33.25 -1.24 46.31
C GLU B 389 -31.94 -0.91 45.59
N SER B 390 -32.01 -0.62 44.29
CA SER B 390 -30.81 -0.25 43.55
C SER B 390 -30.19 1.02 44.12
N ALA B 391 -31.02 2.01 44.43
CA ALA B 391 -30.50 3.26 45.00
C ALA B 391 -29.87 3.02 46.36
N LYS B 392 -30.53 2.22 47.21
CA LYS B 392 -29.96 1.94 48.53
C LYS B 392 -28.65 1.17 48.42
N ALA B 393 -28.52 0.31 47.41
CA ALA B 393 -27.29 -0.47 47.25
C ALA B 393 -26.17 0.38 46.67
N ILE B 394 -26.49 1.31 45.77
CA ILE B 394 -25.47 2.15 45.16
C ILE B 394 -24.99 3.21 46.13
N LEU B 395 -25.92 3.97 46.71
CA LEU B 395 -25.54 5.04 47.63
C LEU B 395 -24.89 4.49 48.91
N GLY B 396 -25.14 3.23 49.25
CA GLY B 396 -24.57 2.62 50.43
C GLY B 396 -23.14 2.15 50.29
N GLY B 397 -22.47 2.48 49.18
CA GLY B 397 -21.10 2.05 48.98
C GLY B 397 -20.93 0.56 48.81
N SER B 398 -21.99 -0.15 48.44
CA SER B 398 -21.94 -1.59 48.24
C SER B 398 -22.02 -1.90 46.75
N LYS B 399 -21.30 -2.95 46.34
CA LYS B 399 -21.30 -3.35 44.94
C LYS B 399 -22.63 -3.98 44.56
N VAL B 400 -23.16 -3.57 43.41
CA VAL B 400 -24.44 -4.09 42.93
C VAL B 400 -24.49 -3.89 41.43
N ARG B 401 -25.06 -4.87 40.73
CA ARG B 401 -25.19 -4.83 39.28
C ARG B 401 -26.44 -4.06 38.89
N VAL B 402 -26.47 -3.65 37.62
CA VAL B 402 -27.59 -2.90 37.04
C VAL B 402 -27.84 -3.42 35.63
N ASP B 403 -28.86 -2.86 34.99
CA ASP B 403 -29.25 -3.22 33.62
C ASP B 403 -29.04 -2.02 32.71
N GLN B 404 -28.24 -2.19 31.67
CA GLN B 404 -27.95 -1.14 30.72
C GLN B 404 -28.86 -1.24 29.51
N LYS B 405 -28.96 -0.13 28.77
CA LYS B 405 -29.79 -0.08 27.57
C LYS B 405 -29.05 -0.72 26.40
N CYS B 406 -29.59 -1.81 25.87
CA CYS B 406 -29.00 -2.52 24.74
C CYS B 406 -27.59 -3.02 25.08
N LYS B 407 -27.36 -3.36 26.35
CA LYS B 407 -26.07 -3.84 26.79
C LYS B 407 -26.26 -4.77 27.98
N SER B 408 -25.28 -5.66 28.17
CA SER B 408 -25.34 -6.60 29.29
C SER B 408 -25.20 -5.86 30.62
N SER B 409 -25.48 -6.59 31.70
CA SER B 409 -25.37 -6.02 33.03
C SER B 409 -23.93 -5.64 33.35
N ALA B 410 -23.78 -4.70 34.27
CA ALA B 410 -22.47 -4.24 34.69
C ALA B 410 -22.52 -3.82 36.15
N GLN B 411 -21.40 -3.99 36.84
CA GLN B 411 -21.30 -3.65 38.25
C GLN B 411 -20.83 -2.21 38.41
N ILE B 412 -21.32 -1.56 39.47
CA ILE B 412 -20.97 -0.18 39.79
C ILE B 412 -20.22 -0.20 41.11
N ASP B 413 -18.90 -0.04 41.05
CA ASP B 413 -18.09 -0.03 42.25
C ASP B 413 -18.42 1.20 43.10
N PRO B 414 -18.03 1.19 44.37
CA PRO B 414 -18.29 2.36 45.23
C PRO B 414 -17.72 3.63 44.63
N THR B 415 -18.61 4.57 44.31
CA THR B 415 -18.23 5.84 43.70
C THR B 415 -19.00 6.96 44.38
N PRO B 416 -18.38 8.11 44.62
CA PRO B 416 -19.10 9.23 45.23
C PRO B 416 -20.33 9.61 44.42
N VAL B 417 -21.40 9.95 45.12
CA VAL B 417 -22.67 10.32 44.50
C VAL B 417 -23.12 11.66 45.08
N ILE B 418 -23.75 12.47 44.24
CA ILE B 418 -24.27 13.77 44.64
C ILE B 418 -25.64 13.96 44.03
N VAL B 419 -26.58 14.49 44.82
CA VAL B 419 -27.95 14.71 44.39
C VAL B 419 -28.30 16.17 44.59
N THR B 420 -29.09 16.72 43.66
CA THR B 420 -29.53 18.11 43.73
C THR B 420 -30.97 18.18 43.26
N SER B 421 -31.89 18.37 44.21
CA SER B 421 -33.31 18.45 43.88
C SER B 421 -34.02 19.23 44.97
N ASN B 422 -35.17 19.79 44.62
CA ASN B 422 -35.97 20.57 45.56
C ASN B 422 -37.00 19.73 46.31
N THR B 423 -37.27 18.50 45.86
CA THR B 423 -38.22 17.63 46.52
C THR B 423 -37.52 16.79 47.59
N ASN B 424 -38.34 16.09 48.39
CA ASN B 424 -37.81 15.24 49.45
C ASN B 424 -37.36 13.91 48.87
N MET B 425 -36.07 13.60 48.98
CA MET B 425 -35.56 12.35 48.45
C MET B 425 -36.02 11.16 49.27
N CYS B 426 -36.18 11.34 50.58
CA CYS B 426 -36.63 10.23 51.44
C CYS B 426 -38.06 9.80 51.10
N ALA B 427 -38.89 10.73 50.64
CA ALA B 427 -40.27 10.43 50.30
C ALA B 427 -40.28 9.53 49.06
N VAL B 428 -40.48 8.23 49.28
CA VAL B 428 -40.52 7.26 48.18
C VAL B 428 -41.85 7.39 47.47
N ILE B 429 -41.81 7.81 46.21
CA ILE B 429 -43.02 7.98 45.41
C ILE B 429 -43.39 6.63 44.79
N ASP B 430 -44.70 6.34 44.77
CA ASP B 430 -45.22 5.08 44.20
C ASP B 430 -46.55 5.42 43.52
N GLY B 431 -46.46 5.97 42.31
CA GLY B 431 -47.64 6.33 41.55
C GLY B 431 -48.39 7.50 42.17
N ASN B 432 -49.67 7.29 42.48
CA ASN B 432 -50.52 8.32 43.07
C ASN B 432 -50.53 8.24 44.59
N SER B 433 -49.39 7.94 45.21
CA SER B 433 -49.29 7.85 46.65
C SER B 433 -47.84 8.04 47.06
N THR B 434 -47.59 8.06 48.36
CA THR B 434 -46.25 8.22 48.90
C THR B 434 -46.14 7.46 50.20
N THR B 435 -44.94 6.92 50.45
CA THR B 435 -44.66 6.16 51.66
C THR B 435 -43.29 6.54 52.18
N PHE B 436 -43.18 6.64 53.51
CA PHE B 436 -41.94 6.99 54.18
C PHE B 436 -41.30 5.78 54.88
N GLU B 437 -41.51 4.58 54.32
CA GLU B 437 -40.93 3.39 54.92
C GLU B 437 -39.42 3.39 54.82
N HIS B 438 -38.89 3.75 53.65
CA HIS B 438 -37.44 3.80 53.43
C HIS B 438 -36.87 5.17 53.78
N GLN B 439 -37.17 5.64 54.99
CA GLN B 439 -36.70 6.95 55.45
C GLN B 439 -35.35 6.84 56.15
N GLN B 440 -35.25 5.97 57.15
CA GLN B 440 -34.01 5.81 57.91
C GLN B 440 -32.89 5.25 57.03
N PRO B 441 -33.16 4.26 56.17
CA PRO B 441 -32.08 3.76 55.30
C PRO B 441 -31.46 4.83 54.43
N LEU B 442 -32.28 5.74 53.89
CA LEU B 442 -31.74 6.80 53.04
C LEU B 442 -31.16 7.95 53.86
N GLN B 443 -31.67 8.17 55.07
CA GLN B 443 -31.14 9.24 55.91
C GLN B 443 -29.78 8.87 56.49
N ASP B 444 -29.55 7.58 56.75
CA ASP B 444 -28.28 7.12 57.28
C ASP B 444 -27.22 6.92 56.19
N ARG B 445 -27.47 7.41 54.97
CA ARG B 445 -26.50 7.26 53.88
C ARG B 445 -26.40 8.53 53.03
N MET B 446 -26.72 9.69 53.59
CA MET B 446 -26.67 10.95 52.86
C MET B 446 -26.19 12.04 53.80
N PHE B 447 -25.96 13.23 53.22
CA PHE B 447 -25.53 14.41 53.97
C PHE B 447 -26.38 15.59 53.49
N LYS B 448 -27.46 15.86 54.22
CA LYS B 448 -28.36 16.93 53.83
C LYS B 448 -27.66 18.28 53.96
N PHE B 449 -27.99 19.20 53.06
CA PHE B 449 -27.43 20.55 53.04
C PHE B 449 -28.54 21.51 52.62
N GLU B 450 -29.18 22.14 53.60
CA GLU B 450 -30.28 23.07 53.34
C GLU B 450 -29.68 24.39 52.86
N LEU B 451 -29.67 24.58 51.54
CA LEU B 451 -29.16 25.80 50.91
C LEU B 451 -30.36 26.60 50.42
N THR B 452 -31.05 27.25 51.36
CA THR B 452 -32.23 28.04 51.01
C THR B 452 -31.89 29.44 50.53
N ARG B 453 -30.71 29.96 50.88
CA ARG B 453 -30.34 31.30 50.47
C ARG B 453 -30.12 31.34 48.95
N ARG B 454 -30.67 32.37 48.32
CA ARG B 454 -30.55 32.55 46.88
C ARG B 454 -29.32 33.36 46.54
N LEU B 455 -28.70 33.05 45.40
CA LEU B 455 -27.52 33.74 44.94
C LEU B 455 -27.89 34.91 44.03
N ASP B 456 -26.93 35.80 43.81
CA ASP B 456 -27.15 36.96 42.97
C ASP B 456 -27.01 36.57 41.50
N HIS B 457 -27.48 37.49 40.63
CA HIS B 457 -27.41 37.23 39.19
C HIS B 457 -25.99 37.32 38.67
N ASP B 458 -25.16 38.16 39.29
CA ASP B 458 -23.76 38.34 38.88
C ASP B 458 -22.81 37.47 39.69
N PHE B 459 -23.26 36.30 40.14
CA PHE B 459 -22.41 35.41 40.92
C PHE B 459 -21.45 34.62 40.04
N GLY B 460 -21.93 34.15 38.89
CA GLY B 460 -21.11 33.38 37.99
C GLY B 460 -21.05 31.91 38.34
N LYS B 461 -20.63 31.12 37.36
CA LYS B 461 -20.52 29.68 37.53
C LYS B 461 -19.17 29.31 38.15
N VAL B 462 -19.16 28.19 38.85
CA VAL B 462 -17.94 27.69 39.50
C VAL B 462 -17.15 26.87 38.49
N THR B 463 -15.88 27.22 38.33
CA THR B 463 -15.01 26.53 37.38
C THR B 463 -14.31 25.36 38.07
N LYS B 464 -13.43 24.69 37.32
CA LYS B 464 -12.70 23.55 37.88
C LYS B 464 -11.60 24.00 38.83
N GLN B 465 -10.97 25.15 38.54
CA GLN B 465 -9.92 25.65 39.41
C GLN B 465 -10.46 25.97 40.80
N GLU B 466 -11.67 26.51 40.87
CA GLU B 466 -12.27 26.82 42.17
C GLU B 466 -12.53 25.55 42.96
N VAL B 467 -13.05 24.51 42.30
CA VAL B 467 -13.29 23.25 42.99
C VAL B 467 -11.98 22.63 43.46
N LYS B 468 -10.94 22.72 42.63
CA LYS B 468 -9.63 22.19 43.03
C LYS B 468 -9.09 22.92 44.24
N ASP B 469 -9.20 24.25 44.25
CA ASP B 469 -8.73 25.03 45.40
C ASP B 469 -9.53 24.69 46.65
N PHE B 470 -10.85 24.51 46.50
CA PHE B 470 -11.68 24.16 47.65
C PHE B 470 -11.28 22.80 48.21
N PHE B 471 -11.05 21.82 47.33
CA PHE B 471 -10.65 20.50 47.80
C PHE B 471 -9.27 20.54 48.45
N ARG B 472 -8.35 21.36 47.91
CA ARG B 472 -7.04 21.50 48.52
C ARG B 472 -7.15 22.10 49.92
N TRP B 473 -7.96 23.15 50.06
CA TRP B 473 -8.14 23.76 51.37
C TRP B 473 -8.79 22.79 52.34
N ALA B 474 -9.73 21.97 51.85
CA ALA B 474 -10.36 20.96 52.71
C ALA B 474 -9.33 19.95 53.19
N LYS B 475 -8.49 19.46 52.28
CA LYS B 475 -7.47 18.49 52.67
C LYS B 475 -6.47 19.11 53.63
N ASP B 476 -6.17 20.39 53.46
CA ASP B 476 -5.22 21.09 54.33
C ASP B 476 -5.82 21.44 55.69
N HIS B 477 -7.13 21.33 55.85
CA HIS B 477 -7.81 21.65 57.12
C HIS B 477 -8.87 20.57 57.35
N VAL B 478 -8.49 19.54 58.11
CA VAL B 478 -9.38 18.42 58.41
C VAL B 478 -9.81 18.54 59.87
N VAL B 479 -11.05 18.15 60.15
CA VAL B 479 -11.62 18.19 61.50
C VAL B 479 -12.42 16.91 61.72
N GLU B 480 -12.91 16.75 62.94
CA GLU B 480 -13.70 15.58 63.32
C GLU B 480 -15.10 15.74 62.76
N VAL B 481 -15.40 14.99 61.70
CA VAL B 481 -16.72 15.04 61.06
C VAL B 481 -17.62 14.02 61.74
N GLU B 482 -18.78 14.49 62.21
CA GLU B 482 -19.73 13.62 62.88
C GLU B 482 -20.63 12.94 61.88
N HIS B 483 -20.87 11.64 62.07
CA HIS B 483 -21.72 10.86 61.17
C HIS B 483 -23.18 11.17 61.52
N GLU B 484 -23.82 12.00 60.70
CA GLU B 484 -25.20 12.38 60.92
C GLU B 484 -25.81 12.79 59.59
N PHE B 485 -27.14 12.86 59.57
CA PHE B 485 -27.85 13.25 58.35
C PHE B 485 -27.94 14.77 58.21
N TYR B 486 -28.37 15.45 59.26
CA TYR B 486 -28.49 16.91 59.24
C TYR B 486 -27.15 17.52 59.65
N VAL B 487 -26.57 18.29 58.75
CA VAL B 487 -25.29 18.94 59.02
C VAL B 487 -25.53 20.16 59.91
N LYS B 488 -24.68 20.32 60.92
CA LYS B 488 -24.82 21.45 61.83
C LYS B 488 -24.41 22.74 61.13
N LYS B 489 -25.29 23.74 61.18
CA LYS B 489 -25.01 25.02 60.56
C LYS B 489 -24.08 25.86 61.44
N GLY B 490 -23.20 26.61 60.80
CA GLY B 490 -22.27 27.46 61.52
C GLY B 490 -22.95 28.58 62.28
N GLY B 491 -23.35 28.30 63.51
CA GLY B 491 -24.02 29.28 64.34
C GLY B 491 -23.10 30.41 64.74
N PRO C 3 28.58 11.37 44.76
CA PRO C 3 29.94 10.86 44.53
C PRO C 3 29.96 9.51 43.83
N GLY C 4 31.05 9.20 43.14
CA GLY C 4 31.20 7.95 42.43
C GLY C 4 31.98 6.93 43.24
N PHE C 5 31.74 5.65 42.96
CA PHE C 5 32.42 4.56 43.65
C PHE C 5 32.49 3.37 42.70
N TYR C 6 33.69 3.08 42.22
CA TYR C 6 33.91 1.96 41.32
C TYR C 6 34.15 0.68 42.13
N GLU C 7 33.38 -0.36 41.82
CA GLU C 7 33.48 -1.63 42.50
C GLU C 7 34.38 -2.56 41.69
N ILE C 8 35.45 -3.04 42.33
CA ILE C 8 36.41 -3.94 41.70
C ILE C 8 36.53 -5.19 42.56
N VAL C 9 36.54 -6.35 41.91
CA VAL C 9 36.65 -7.64 42.58
C VAL C 9 37.91 -8.33 42.10
N ILE C 10 38.72 -8.81 43.05
CA ILE C 10 39.96 -9.51 42.76
C ILE C 10 39.94 -10.81 43.55
N LYS C 11 39.76 -11.93 42.85
CA LYS C 11 39.71 -13.23 43.50
C LYS C 11 41.06 -13.55 44.12
N VAL C 12 41.10 -13.69 45.44
CA VAL C 12 42.32 -14.01 46.17
C VAL C 12 42.53 -15.53 46.10
N PRO C 13 43.63 -16.00 45.50
CA PRO C 13 43.86 -17.46 45.43
C PRO C 13 43.85 -18.11 46.80
N SER C 14 42.82 -18.89 47.09
CA SER C 14 42.71 -19.59 48.37
C SER C 14 43.78 -20.67 48.47
N ASP C 15 43.66 -21.71 47.64
CA ASP C 15 44.64 -22.79 47.62
C ASP C 15 45.86 -22.32 46.84
N LEU C 16 46.92 -21.96 47.58
CA LEU C 16 48.12 -21.42 46.94
C LEU C 16 48.80 -22.48 46.07
N ASP C 17 48.96 -23.69 46.60
CA ASP C 17 49.65 -24.74 45.86
C ASP C 17 48.89 -25.18 44.63
N GLU C 18 47.60 -24.83 44.52
CA GLU C 18 46.77 -25.21 43.38
C GLU C 18 46.38 -24.01 42.53
N HIS C 19 45.85 -22.95 43.14
CA HIS C 19 45.42 -21.78 42.38
C HIS C 19 46.59 -20.89 41.98
N LEU C 20 47.73 -20.98 42.67
CA LEU C 20 48.90 -20.16 42.38
C LEU C 20 50.14 -21.04 42.41
N PRO C 21 50.27 -21.95 41.43
CA PRO C 21 51.44 -22.83 41.41
C PRO C 21 52.71 -22.09 41.03
N GLY C 22 53.83 -22.72 41.32
CA GLY C 22 55.13 -22.14 41.01
C GLY C 22 55.60 -21.07 41.97
N ILE C 23 54.89 -20.86 43.07
CA ILE C 23 55.27 -19.84 44.05
C ILE C 23 56.43 -20.37 44.90
N SER C 24 57.34 -19.47 45.25
CA SER C 24 58.49 -19.86 46.07
C SER C 24 58.06 -20.14 47.50
N ASP C 25 59.00 -20.57 48.32
CA ASP C 25 58.73 -20.89 49.71
C ASP C 25 58.87 -19.68 50.64
N SER C 26 59.70 -18.71 50.26
CA SER C 26 59.86 -17.51 51.09
C SER C 26 58.54 -16.76 51.21
N PHE C 27 57.77 -16.70 50.12
CA PHE C 27 56.48 -16.02 50.18
C PHE C 27 55.54 -16.72 51.15
N VAL C 28 55.49 -18.05 51.11
CA VAL C 28 54.62 -18.80 52.01
C VAL C 28 55.08 -18.60 53.46
N ASN C 29 56.40 -18.57 53.68
CA ASN C 29 56.91 -18.36 55.02
C ASN C 29 56.52 -16.98 55.54
N TRP C 30 56.67 -15.96 54.71
CA TRP C 30 56.29 -14.61 55.12
C TRP C 30 54.79 -14.51 55.37
N VAL C 31 53.99 -15.23 54.59
CA VAL C 31 52.54 -15.21 54.78
C VAL C 31 52.17 -15.86 56.11
N ALA C 32 52.78 -17.02 56.40
CA ALA C 32 52.47 -17.72 57.64
C ALA C 32 53.06 -17.05 58.86
N GLU C 33 54.07 -16.19 58.68
CA GLU C 33 54.70 -15.52 59.82
C GLU C 33 53.79 -14.43 60.38
N LYS C 34 53.32 -13.53 59.52
CA LYS C 34 52.49 -12.43 59.98
C LYS C 34 51.15 -12.93 60.48
N GLU C 35 50.60 -12.23 61.47
CA GLU C 35 49.31 -12.57 62.06
C GLU C 35 48.55 -11.28 62.33
N TRP C 36 47.24 -11.32 62.08
CA TRP C 36 46.35 -10.18 62.28
C TRP C 36 45.33 -10.54 63.33
N GLU C 37 45.48 -9.98 64.53
CA GLU C 37 44.56 -10.25 65.63
C GLU C 37 43.33 -9.34 65.52
N LEU C 38 42.35 -9.61 66.37
CA LEU C 38 41.11 -8.83 66.40
C LEU C 38 41.29 -7.64 67.33
N PRO C 39 41.18 -6.40 66.83
CA PRO C 39 41.31 -5.24 67.72
C PRO C 39 40.27 -5.26 68.82
N PRO C 40 40.39 -4.38 69.83
CA PRO C 40 39.40 -4.39 70.92
C PRO C 40 37.99 -4.09 70.46
N ASP C 41 37.81 -3.10 69.59
CA ASP C 41 36.46 -2.73 69.15
C ASP C 41 35.78 -3.87 68.40
N SER C 42 36.55 -4.68 67.68
CA SER C 42 35.97 -5.80 66.94
C SER C 42 35.40 -6.83 67.91
N ASP C 43 34.14 -7.20 67.69
CA ASP C 43 33.47 -8.18 68.52
C ASP C 43 33.38 -9.56 67.88
N MET C 44 33.94 -9.74 66.68
CA MET C 44 33.90 -11.02 66.01
C MET C 44 34.79 -12.03 66.73
N ASP C 45 34.74 -13.27 66.27
CA ASP C 45 35.53 -14.35 66.83
C ASP C 45 36.72 -14.66 65.94
N LEU C 46 37.85 -15.00 66.56
CA LEU C 46 39.07 -15.27 65.80
C LEU C 46 39.06 -16.66 65.17
N ASN C 47 38.32 -17.60 65.75
CA ASN C 47 38.30 -18.96 65.20
C ASN C 47 37.69 -19.00 63.81
N LEU C 48 36.74 -18.11 63.52
CA LEU C 48 36.09 -18.05 62.22
C LEU C 48 36.62 -16.91 61.36
N ILE C 49 37.94 -16.73 61.33
CA ILE C 49 38.59 -15.71 60.52
C ILE C 49 39.83 -16.31 59.89
N GLU C 50 40.03 -16.04 58.61
CA GLU C 50 41.19 -16.58 57.90
C GLU C 50 42.47 -15.90 58.38
N GLN C 51 43.59 -16.61 58.20
CA GLN C 51 44.89 -16.15 58.67
C GLN C 51 45.87 -15.92 57.53
N ALA C 52 46.27 -16.98 56.80
CA ALA C 52 47.27 -16.80 55.75
C ALA C 52 46.72 -16.02 54.57
N PRO C 53 45.63 -16.45 53.92
CA PRO C 53 45.05 -15.62 52.85
C PRO C 53 44.79 -14.19 53.28
N LEU C 54 44.58 -13.94 54.58
CA LEU C 54 44.37 -12.57 55.03
C LEU C 54 45.61 -11.72 54.80
N THR C 55 46.79 -12.29 54.99
CA THR C 55 48.02 -11.55 54.72
C THR C 55 48.15 -11.21 53.25
N VAL C 56 47.80 -12.15 52.37
CA VAL C 56 47.85 -11.88 50.93
C VAL C 56 46.85 -10.79 50.57
N ALA C 57 45.66 -10.83 51.15
CA ALA C 57 44.67 -9.79 50.87
C ALA C 57 45.14 -8.43 51.37
N GLU C 58 45.79 -8.39 52.54
CA GLU C 58 46.31 -7.14 53.06
C GLU C 58 47.41 -6.59 52.15
N LYS C 59 48.32 -7.45 51.69
CA LYS C 59 49.35 -7.01 50.76
C LYS C 59 48.73 -6.47 49.48
N LEU C 60 47.72 -7.17 48.95
CA LEU C 60 47.06 -6.73 47.73
C LEU C 60 46.44 -5.35 47.91
N GLN C 61 45.68 -5.17 48.98
CA GLN C 61 45.00 -3.88 49.19
C GLN C 61 46.00 -2.77 49.46
N ARG C 62 47.09 -3.07 50.18
CA ARG C 62 48.11 -2.06 50.43
C ARG C 62 48.76 -1.62 49.13
N ASP C 63 49.15 -2.57 48.28
CA ASP C 63 49.74 -2.22 47.00
C ASP C 63 48.76 -1.44 46.14
N PHE C 64 47.49 -1.87 46.12
CA PHE C 64 46.48 -1.17 45.33
C PHE C 64 46.34 0.27 45.77
N LEU C 65 46.23 0.50 47.08
CA LEU C 65 46.07 1.86 47.58
C LEU C 65 47.31 2.70 47.33
N THR C 66 48.50 2.12 47.52
CA THR C 66 49.72 2.88 47.30
C THR C 66 49.89 3.26 45.83
N GLU C 67 49.45 2.40 44.91
CA GLU C 67 49.56 2.71 43.49
C GLU C 67 48.43 3.60 43.00
N TRP C 68 47.29 3.61 43.69
CA TRP C 68 46.16 4.45 43.29
C TRP C 68 46.27 5.87 43.85
N ARG C 69 46.91 6.04 45.01
CA ARG C 69 47.08 7.37 45.57
C ARG C 69 47.94 8.27 44.70
N ARG C 70 48.73 7.69 43.79
CA ARG C 70 49.58 8.50 42.93
C ARG C 70 48.81 9.00 41.71
N VAL C 71 48.15 8.10 40.99
CA VAL C 71 47.41 8.51 39.79
C VAL C 71 46.23 9.40 40.17
N SER C 72 45.72 9.26 41.39
CA SER C 72 44.59 10.06 41.83
C SER C 72 44.97 11.49 42.19
N LYS C 73 46.27 11.79 42.31
CA LYS C 73 46.75 13.12 42.66
C LYS C 73 46.22 13.56 44.02
N ALA C 74 46.55 12.76 45.04
CA ALA C 74 46.14 13.03 46.41
C ALA C 74 46.98 12.17 47.34
N PRO C 75 47.13 12.59 48.60
CA PRO C 75 47.94 11.78 49.53
C PRO C 75 47.20 10.56 50.04
N GLU C 76 45.94 10.75 50.44
CA GLU C 76 45.11 9.66 50.95
C GLU C 76 43.70 9.84 50.39
N ALA C 77 43.38 9.08 49.36
CA ALA C 77 42.07 9.15 48.71
C ALA C 77 41.08 8.25 49.44
N LEU C 78 39.80 8.57 49.28
CA LEU C 78 38.74 7.80 49.92
C LEU C 78 38.67 6.40 49.31
N PHE C 79 38.71 5.38 50.17
CA PHE C 79 38.67 4.00 49.73
C PHE C 79 37.83 3.19 50.71
N PHE C 80 37.46 1.98 50.29
CA PHE C 80 36.66 1.10 51.14
C PHE C 80 36.74 -0.31 50.54
N VAL C 81 37.70 -1.09 51.02
CA VAL C 81 37.90 -2.47 50.58
C VAL C 81 37.38 -3.41 51.64
N GLN C 82 36.75 -4.50 51.20
CA GLN C 82 36.16 -5.48 52.11
C GLN C 82 36.58 -6.87 51.65
N PHE C 83 37.28 -7.60 52.52
CA PHE C 83 37.73 -8.96 52.24
C PHE C 83 36.63 -9.93 52.66
N GLU C 84 36.03 -10.60 51.70
CA GLU C 84 34.92 -11.52 51.93
C GLU C 84 35.32 -12.92 51.47
N LYS C 85 34.38 -13.86 51.59
CA LYS C 85 34.57 -15.25 51.21
C LYS C 85 33.56 -15.63 50.14
N GLY C 86 34.00 -16.44 49.18
CA GLY C 86 33.15 -16.89 48.11
C GLY C 86 32.65 -18.32 48.32
N GLU C 87 32.02 -18.84 47.27
CA GLU C 87 31.49 -20.21 47.34
C GLU C 87 32.60 -21.23 47.45
N SER C 88 33.80 -20.91 46.93
CA SER C 88 34.90 -21.87 47.01
C SER C 88 36.27 -21.20 46.96
N TYR C 89 36.38 -19.90 47.20
CA TYR C 89 37.66 -19.20 47.16
C TYR C 89 37.48 -17.85 47.84
N PHE C 90 38.61 -17.17 48.05
CA PHE C 90 38.62 -15.86 48.68
C PHE C 90 38.63 -14.76 47.63
N HIS C 91 37.83 -13.73 47.86
CA HIS C 91 37.72 -12.60 46.94
C HIS C 91 37.57 -11.32 47.74
N MET C 92 37.95 -10.21 47.12
CA MET C 92 37.88 -8.89 47.72
C MET C 92 36.84 -8.04 47.02
N HIS C 93 36.50 -6.90 47.65
CA HIS C 93 35.53 -5.95 47.12
C HIS C 93 36.10 -4.55 47.33
N VAL C 94 36.94 -4.12 46.40
CA VAL C 94 37.59 -2.81 46.49
C VAL C 94 36.62 -1.74 46.03
N LEU C 95 36.65 -0.59 46.71
CA LEU C 95 35.80 0.55 46.38
C LEU C 95 36.60 1.83 46.63
N VAL C 96 36.90 2.55 45.55
CA VAL C 96 37.68 3.78 45.63
C VAL C 96 36.86 4.93 45.05
N GLU C 97 37.35 6.14 45.25
CA GLU C 97 36.69 7.34 44.77
C GLU C 97 37.19 7.71 43.37
N THR C 98 36.35 8.38 42.61
CA THR C 98 36.68 8.80 41.25
C THR C 98 37.39 10.17 41.28
N THR C 99 38.56 10.17 41.92
CA THR C 99 39.38 11.37 42.08
C THR C 99 40.61 11.23 41.20
N GLY C 100 40.79 12.18 40.29
CA GLY C 100 41.95 12.16 39.41
C GLY C 100 41.99 10.98 38.46
N VAL C 101 40.84 10.38 38.16
CA VAL C 101 40.76 9.24 37.26
C VAL C 101 39.55 9.43 36.35
N LYS C 102 39.51 8.64 35.27
CA LYS C 102 38.43 8.70 34.31
C LYS C 102 38.13 7.29 33.80
N SER C 103 36.87 7.07 33.41
CA SER C 103 36.47 5.75 32.93
C SER C 103 37.22 5.34 31.68
N MET C 104 37.72 6.30 30.89
CA MET C 104 38.43 5.96 29.67
C MET C 104 39.81 5.38 29.97
N VAL C 105 40.57 6.03 30.85
CA VAL C 105 41.90 5.54 31.22
C VAL C 105 41.87 4.54 32.36
N LEU C 106 40.70 4.32 32.98
CA LEU C 106 40.62 3.33 34.04
C LEU C 106 40.91 1.93 33.51
N GLY C 107 40.57 1.67 32.25
CA GLY C 107 40.88 0.37 31.68
C GLY C 107 42.37 0.08 31.67
N ARG C 108 43.16 1.07 31.25
CA ARG C 108 44.61 0.90 31.25
C ARG C 108 45.17 0.90 32.66
N PHE C 109 44.61 1.72 33.55
CA PHE C 109 45.05 1.72 34.94
C PHE C 109 44.84 0.36 35.58
N LEU C 110 43.74 -0.31 35.23
CA LEU C 110 43.47 -1.63 35.81
C LEU C 110 44.52 -2.64 35.37
N SER C 111 44.88 -2.64 34.09
CA SER C 111 45.91 -3.57 33.61
C SER C 111 47.26 -3.25 34.24
N GLN C 112 47.60 -1.97 34.36
CA GLN C 112 48.86 -1.60 34.99
C GLN C 112 48.90 -2.06 36.44
N ILE C 113 47.81 -1.85 37.18
CA ILE C 113 47.77 -2.26 38.58
C ILE C 113 47.82 -3.78 38.68
N ARG C 114 47.19 -4.49 37.74
CA ARG C 114 47.26 -5.95 37.74
C ARG C 114 48.69 -6.43 37.56
N GLU C 115 49.39 -5.87 36.56
CA GLU C 115 50.77 -6.27 36.33
C GLU C 115 51.65 -5.94 37.54
N LYS C 116 51.44 -4.77 38.15
CA LYS C 116 52.24 -4.38 39.30
C LYS C 116 51.99 -5.31 40.47
N LEU C 117 50.73 -5.60 40.77
CA LEU C 117 50.39 -6.51 41.85
C LEU C 117 50.99 -7.89 41.60
N ILE C 118 50.91 -8.37 40.36
CA ILE C 118 51.51 -9.66 40.03
C ILE C 118 52.99 -9.64 40.35
N GLN C 119 53.72 -8.71 39.73
CA GLN C 119 55.18 -8.66 39.91
C GLN C 119 55.58 -8.42 41.35
N ARG C 120 54.72 -7.81 42.16
CA ARG C 120 55.09 -7.48 43.53
C ARG C 120 54.75 -8.59 44.52
N ILE C 121 53.65 -9.31 44.32
CA ILE C 121 53.19 -10.33 45.27
C ILE C 121 53.43 -11.74 44.72
N TYR C 122 52.90 -12.03 43.52
CA TYR C 122 53.05 -13.36 42.96
C TYR C 122 54.43 -13.60 42.36
N ARG C 123 55.19 -12.53 42.10
CA ARG C 123 56.54 -12.64 41.58
C ARG C 123 56.54 -13.31 40.21
N GLY C 124 55.94 -12.60 39.26
CA GLY C 124 55.87 -13.09 37.89
C GLY C 124 55.08 -14.37 37.73
N ILE C 125 53.99 -14.51 38.49
CA ILE C 125 53.12 -15.68 38.43
C ILE C 125 51.68 -15.19 38.37
N GLU C 126 50.89 -15.76 37.45
CA GLU C 126 49.50 -15.39 37.28
C GLU C 126 48.60 -16.47 37.86
N PRO C 127 47.58 -16.13 38.65
CA PRO C 127 46.68 -17.17 39.17
C PRO C 127 46.03 -17.96 38.05
N THR C 128 45.48 -19.12 38.43
CA THR C 128 44.82 -20.02 37.49
C THR C 128 43.34 -20.19 37.84
N LEU C 129 42.72 -19.14 38.38
CA LEU C 129 41.32 -19.17 38.75
C LEU C 129 40.46 -18.55 37.66
N PRO C 130 39.15 -18.79 37.67
CA PRO C 130 38.29 -18.19 36.65
C PRO C 130 38.30 -16.68 36.68
N ASN C 131 38.98 -16.05 35.72
CA ASN C 131 39.11 -14.60 35.63
C ASN C 131 39.27 -13.98 37.01
N TRP C 132 40.45 -14.13 37.61
CA TRP C 132 40.67 -13.58 38.94
C TRP C 132 40.60 -12.06 38.94
N PHE C 133 40.96 -11.42 37.83
CA PHE C 133 40.93 -9.97 37.72
C PHE C 133 39.71 -9.52 36.92
N ALA C 134 38.54 -9.89 37.43
CA ALA C 134 37.26 -9.55 36.80
C ALA C 134 36.62 -8.39 37.56
N VAL C 135 36.43 -7.28 36.88
CA VAL C 135 35.81 -6.10 37.47
C VAL C 135 34.31 -6.16 37.23
N THR C 136 33.55 -5.64 38.20
CA THR C 136 32.10 -5.64 38.08
C THR C 136 31.66 -4.77 36.91
N LYS C 137 30.60 -5.21 36.22
CA LYS C 137 30.06 -4.51 35.08
C LYS C 137 28.55 -4.41 35.21
N THR C 138 27.99 -3.28 34.78
CA THR C 138 26.54 -3.09 34.86
C THR C 138 25.83 -3.99 33.86
N ARG C 139 26.10 -3.80 32.57
CA ARG C 139 25.49 -4.58 31.51
C ARG C 139 26.39 -5.76 31.13
N ASN C 140 25.80 -6.72 30.43
CA ASN C 140 26.55 -7.89 30.00
C ASN C 140 27.60 -7.52 28.96
N GLY C 141 28.64 -8.34 28.86
CA GLY C 141 29.72 -8.11 27.92
C GLY C 141 30.79 -7.20 28.48
N ALA C 142 31.96 -7.25 27.84
CA ALA C 142 33.07 -6.42 28.28
C ALA C 142 32.85 -4.96 27.95
N GLY C 143 32.05 -4.66 26.93
CA GLY C 143 31.77 -3.29 26.54
C GLY C 143 30.85 -2.54 27.48
N GLY C 144 30.24 -3.23 28.44
CA GLY C 144 29.34 -2.58 29.37
C GLY C 144 30.06 -1.57 30.24
N GLY C 145 29.26 -0.77 30.95
CA GLY C 145 29.79 0.24 31.83
C GLY C 145 30.10 -0.29 33.22
N ASN C 146 31.01 0.39 33.90
CA ASN C 146 31.40 -0.01 35.24
C ASN C 146 30.23 0.20 36.21
N LYS C 147 30.39 -0.37 37.42
CA LYS C 147 29.36 -0.28 38.45
C LYS C 147 29.66 0.93 39.32
N VAL C 148 29.21 2.09 38.86
CA VAL C 148 29.37 3.34 39.57
C VAL C 148 28.20 3.52 40.53
N VAL C 149 28.51 3.82 41.79
CA VAL C 149 27.52 3.99 42.84
C VAL C 149 27.99 5.10 43.77
N ASP C 150 27.16 5.41 44.77
CA ASP C 150 27.45 6.42 45.77
C ASP C 150 27.75 5.76 47.11
N GLU C 151 27.67 6.54 48.19
CA GLU C 151 27.93 6.00 49.51
C GLU C 151 26.83 5.08 50.00
N SER C 152 25.64 5.15 49.41
CA SER C 152 24.53 4.30 49.83
C SER C 152 24.72 2.84 49.45
N TYR C 153 25.70 2.53 48.61
CA TYR C 153 25.92 1.14 48.20
C TYR C 153 26.59 0.32 49.29
N ILE C 154 27.34 0.97 50.18
CA ILE C 154 28.04 0.27 51.24
C ILE C 154 27.02 -0.37 52.18
N PRO C 155 26.16 0.41 52.86
CA PRO C 155 25.20 -0.20 53.78
C PRO C 155 24.12 -1.03 53.11
N ASN C 156 24.09 -1.10 51.78
CA ASN C 156 23.08 -1.85 51.06
C ASN C 156 23.56 -3.23 50.63
N TYR C 157 24.86 -3.53 50.71
CA TYR C 157 25.37 -4.81 50.27
C TYR C 157 26.58 -5.25 51.07
N LEU C 158 27.49 -4.31 51.37
CA LEU C 158 28.73 -4.67 52.05
C LEU C 158 28.51 -4.88 53.55
N LEU C 159 27.81 -3.96 54.20
CA LEU C 159 27.59 -4.04 55.64
C LEU C 159 26.53 -5.09 55.98
N PRO C 160 25.41 -5.16 55.24
CA PRO C 160 24.40 -6.18 55.55
C PRO C 160 24.95 -7.60 55.56
N LYS C 161 26.05 -7.82 54.85
CA LYS C 161 26.66 -9.15 54.82
C LYS C 161 27.05 -9.58 56.22
N THR C 162 26.75 -10.84 56.54
CA THR C 162 27.00 -11.39 57.87
C THR C 162 28.41 -11.94 57.97
N GLN C 163 28.81 -12.29 59.19
CA GLN C 163 30.15 -12.82 59.44
C GLN C 163 30.58 -13.90 58.44
N PRO C 164 29.81 -14.96 58.20
CA PRO C 164 30.27 -15.98 57.25
C PRO C 164 30.57 -15.42 55.87
N GLU C 165 29.94 -14.30 55.50
CA GLU C 165 30.21 -13.63 54.23
C GLU C 165 31.17 -12.46 54.40
N LEU C 166 32.03 -12.49 55.41
CA LEU C 166 32.96 -11.41 55.69
C LEU C 166 34.17 -11.98 56.41
N GLN C 167 35.31 -11.33 56.22
CA GLN C 167 36.55 -11.77 56.86
C GLN C 167 37.31 -10.56 57.44
N TRP C 168 37.58 -9.58 56.59
CA TRP C 168 38.30 -8.38 57.03
C TRP C 168 37.94 -7.24 56.09
N ALA C 169 38.28 -6.02 56.51
CA ALA C 169 38.00 -4.83 55.72
C ALA C 169 38.94 -3.72 56.16
N TRP C 170 39.22 -2.80 55.23
CA TRP C 170 40.08 -1.67 55.50
C TRP C 170 39.47 -0.43 54.86
N THR C 171 39.44 0.67 55.61
CA THR C 171 38.88 1.92 55.13
C THR C 171 39.56 3.07 55.86
N ASN C 172 39.04 4.28 55.68
CA ASN C 172 39.59 5.46 56.33
C ASN C 172 38.55 6.45 56.80
N MET C 173 37.28 6.31 56.42
CA MET C 173 36.26 7.25 56.85
C MET C 173 36.00 7.09 58.35
N GLU C 174 35.87 8.24 59.04
CA GLU C 174 35.64 8.20 60.47
C GLU C 174 34.32 7.52 60.82
N GLN C 175 33.34 7.60 59.93
CA GLN C 175 32.05 6.98 60.20
C GLN C 175 32.06 5.48 59.91
N TYR C 176 32.81 5.05 58.89
CA TYR C 176 32.88 3.64 58.53
C TYR C 176 34.08 2.92 59.15
N LEU C 177 35.01 3.66 59.77
CA LEU C 177 36.17 3.01 60.38
C LEU C 177 35.75 2.11 61.54
N SER C 178 34.75 2.53 62.32
CA SER C 178 34.31 1.71 63.44
C SER C 178 33.58 0.46 62.97
N ALA C 179 32.98 0.50 61.77
CA ALA C 179 32.26 -0.63 61.22
C ALA C 179 33.14 -1.54 60.38
N CYS C 180 34.41 -1.71 60.75
CA CYS C 180 35.32 -2.57 60.00
C CYS C 180 35.09 -4.03 60.37
N LEU C 181 35.55 -4.44 61.55
CA LEU C 181 35.41 -5.81 62.02
C LEU C 181 34.32 -5.95 63.09
N ASN C 182 33.56 -4.89 63.36
CA ASN C 182 32.52 -4.91 64.36
C ASN C 182 31.15 -5.01 63.66
N LEU C 183 30.38 -6.04 64.03
CA LEU C 183 29.06 -6.23 63.43
C LEU C 183 28.04 -5.26 64.01
N THR C 184 28.17 -4.90 65.29
CA THR C 184 27.24 -3.95 65.89
C THR C 184 27.32 -2.59 65.21
N GLU C 185 28.53 -2.11 64.94
CA GLU C 185 28.69 -0.84 64.25
C GLU C 185 28.13 -0.92 62.83
N ARG C 186 28.34 -2.06 62.16
CA ARG C 186 27.79 -2.23 60.82
C ARG C 186 26.27 -2.16 60.83
N LYS C 187 25.64 -2.85 61.79
CA LYS C 187 24.18 -2.81 61.88
C LYS C 187 23.69 -1.41 62.23
N ARG C 188 24.43 -0.70 63.10
CA ARG C 188 24.05 0.66 63.44
C ARG C 188 24.12 1.58 62.22
N LEU C 189 25.18 1.45 61.42
CA LEU C 189 25.29 2.26 60.21
C LEU C 189 24.20 1.90 59.21
N VAL C 190 23.86 0.61 59.10
CA VAL C 190 22.80 0.20 58.20
C VAL C 190 21.47 0.82 58.62
N ALA C 191 21.18 0.79 59.92
CA ALA C 191 19.94 1.38 60.42
C ALA C 191 19.94 2.90 60.20
N GLN C 192 21.08 3.55 60.41
CA GLN C 192 21.16 4.99 60.18
C GLN C 192 20.91 5.32 58.71
N HIS C 193 21.49 4.55 57.80
CA HIS C 193 21.26 4.78 56.38
C HIS C 193 19.81 4.54 56.01
N LEU C 194 19.20 3.50 56.58
CA LEU C 194 17.79 3.21 56.30
C LEU C 194 16.90 4.36 56.79
N THR C 195 17.20 4.90 57.96
CA THR C 195 16.41 6.02 58.47
C THR C 195 16.65 7.29 57.67
N HIS C 196 17.86 7.47 57.14
CA HIS C 196 18.15 8.66 56.35
C HIS C 196 17.45 8.62 55.00
N VAL C 197 17.57 7.49 54.29
CA VAL C 197 16.94 7.37 52.97
C VAL C 197 15.43 7.45 53.09
N SER C 198 14.88 7.03 54.22
CA SER C 198 13.43 7.07 54.44
C SER C 198 12.94 8.51 54.46
N PRO C 215 4.17 15.61 24.64
CA PRO C 215 5.39 15.79 23.86
C PRO C 215 5.11 16.51 22.54
N VAL C 216 6.15 16.85 21.78
CA VAL C 216 5.98 17.52 20.46
C VAL C 216 7.00 16.97 19.47
N ILE C 217 6.77 15.75 18.96
CA ILE C 217 7.67 15.18 17.96
C ILE C 217 7.67 16.07 16.72
N ARG C 218 8.82 16.10 16.03
CA ARG C 218 8.98 16.91 14.84
C ARG C 218 9.68 16.08 13.77
N SER C 219 9.46 16.46 12.52
CA SER C 219 10.04 15.78 11.37
C SER C 219 9.81 16.63 10.14
N LYS C 220 10.37 16.18 9.01
CA LYS C 220 10.22 16.90 7.76
C LYS C 220 8.79 16.85 7.23
N THR C 221 8.02 15.83 7.61
CA THR C 221 6.64 15.71 7.15
C THR C 221 5.63 16.34 8.10
N SER C 222 5.99 16.52 9.38
CA SER C 222 5.08 17.10 10.35
C SER C 222 5.16 18.62 10.40
N ALA C 223 6.36 19.19 10.18
CA ALA C 223 6.49 20.63 10.21
C ALA C 223 5.70 21.28 9.07
N ARG C 224 5.74 20.67 7.88
CA ARG C 224 4.98 21.19 6.75
C ARG C 224 3.48 21.15 7.04
N TYR C 225 3.00 20.05 7.62
CA TYR C 225 1.59 19.95 7.98
C TYR C 225 1.21 21.00 9.01
N MET C 226 2.08 21.21 10.00
CA MET C 226 1.81 22.22 11.03
C MET C 226 1.71 23.60 10.41
N GLU C 227 2.67 23.96 9.56
CA GLU C 227 2.64 25.26 8.90
C GLU C 227 1.40 25.41 8.04
N LEU C 228 1.02 24.34 7.33
CA LEU C 228 -0.15 24.40 6.47
C LEU C 228 -1.41 24.64 7.28
N VAL C 229 -1.59 23.90 8.38
CA VAL C 229 -2.79 24.09 9.19
C VAL C 229 -2.78 25.47 9.83
N GLY C 230 -1.61 25.97 10.22
CA GLY C 230 -1.54 27.30 10.81
C GLY C 230 -1.88 28.38 9.82
N TRP C 231 -1.48 28.21 8.55
CA TRP C 231 -1.84 29.18 7.53
C TRP C 231 -3.30 29.06 7.11
N LEU C 232 -3.88 27.86 7.23
CA LEU C 232 -5.27 27.66 6.85
C LEU C 232 -6.22 28.21 7.90
N VAL C 233 -5.97 27.92 9.18
CA VAL C 233 -6.85 28.38 10.25
C VAL C 233 -6.89 29.90 10.32
N ASP C 234 -5.88 30.59 9.77
CA ASP C 234 -5.87 32.04 9.80
C ASP C 234 -6.91 32.62 8.84
N LYS C 235 -7.13 31.97 7.70
CA LYS C 235 -8.09 32.43 6.72
C LYS C 235 -9.50 31.92 6.97
N GLY C 236 -9.68 30.96 7.88
CA GLY C 236 -10.99 30.44 8.17
C GLY C 236 -11.48 29.48 7.10
N ILE C 237 -10.70 28.43 6.83
CA ILE C 237 -11.05 27.45 5.82
C ILE C 237 -12.09 26.49 6.39
N THR C 238 -13.17 26.28 5.65
CA THR C 238 -14.26 25.40 6.06
C THR C 238 -14.14 24.00 5.45
N SER C 239 -13.99 23.91 4.14
CA SER C 239 -13.88 22.64 3.44
C SER C 239 -12.98 22.83 2.23
N GLU C 240 -12.91 21.80 1.38
CA GLU C 240 -12.09 21.89 0.17
C GLU C 240 -12.61 22.94 -0.80
N LYS C 241 -13.87 23.35 -0.67
CA LYS C 241 -14.42 24.36 -1.58
C LYS C 241 -13.73 25.70 -1.39
N GLN C 242 -13.39 26.05 -0.15
CA GLN C 242 -12.73 27.32 0.10
C GLN C 242 -11.28 27.31 -0.34
N TRP C 243 -10.66 26.12 -0.38
CA TRP C 243 -9.26 26.03 -0.80
C TRP C 243 -9.10 26.45 -2.25
N ILE C 244 -9.98 25.97 -3.14
CA ILE C 244 -9.91 26.35 -4.54
C ILE C 244 -10.19 27.85 -4.69
N GLN C 245 -11.09 28.39 -3.86
CA GLN C 245 -11.37 29.82 -3.93
C GLN C 245 -10.15 30.64 -3.52
N GLU C 246 -9.44 30.21 -2.49
CA GLU C 246 -8.24 30.92 -2.05
C GLU C 246 -7.09 30.69 -3.02
N ASP C 247 -6.75 29.43 -3.27
CA ASP C 247 -5.66 29.09 -4.19
C ASP C 247 -5.67 27.61 -4.52
N GLN C 248 -6.02 27.27 -5.77
CA GLN C 248 -6.03 25.87 -6.18
C GLN C 248 -4.63 25.33 -6.40
N ALA C 249 -3.64 26.19 -6.61
CA ALA C 249 -2.27 25.72 -6.83
C ALA C 249 -1.77 24.95 -5.60
N SER C 250 -1.89 25.55 -4.42
CA SER C 250 -1.47 24.87 -3.20
C SER C 250 -2.28 23.60 -2.96
N TYR C 251 -3.55 23.59 -3.37
CA TYR C 251 -4.37 22.40 -3.21
C TYR C 251 -3.82 21.25 -4.06
N ILE C 252 -3.57 21.52 -5.35
CA ILE C 252 -3.06 20.47 -6.23
C ILE C 252 -1.65 20.08 -5.83
N SER C 253 -0.90 21.00 -5.21
CA SER C 253 0.47 20.68 -4.80
C SER C 253 0.46 19.57 -3.75
N PHE C 254 -0.41 19.68 -2.75
CA PHE C 254 -0.49 18.65 -1.71
C PHE C 254 -1.25 17.43 -2.20
N ASN C 255 -2.29 17.62 -3.02
CA ASN C 255 -3.05 16.48 -3.53
C ASN C 255 -2.25 15.62 -4.49
N ALA C 256 -1.11 16.11 -4.98
CA ALA C 256 -0.29 15.31 -5.89
C ALA C 256 0.28 14.08 -5.18
N ALA C 257 0.55 14.19 -3.88
CA ALA C 257 1.10 13.06 -3.13
C ALA C 257 0.01 12.02 -2.91
N SER C 258 0.39 10.92 -2.26
CA SER C 258 -0.52 9.82 -1.99
C SER C 258 -1.04 9.81 -0.56
N ASN C 259 -0.28 10.37 0.39
CA ASN C 259 -0.69 10.42 1.79
C ASN C 259 -1.50 11.66 2.13
N SER C 260 -1.78 12.52 1.14
CA SER C 260 -2.54 13.73 1.41
C SER C 260 -4.04 13.49 1.47
N ARG C 261 -4.54 12.42 0.84
CA ARG C 261 -5.96 12.11 0.89
C ARG C 261 -6.43 11.92 2.33
N SER C 262 -5.68 11.14 3.10
CA SER C 262 -6.01 10.90 4.51
C SER C 262 -5.59 12.06 5.40
N GLN C 263 -4.79 13.00 4.91
CA GLN C 263 -4.35 14.12 5.72
C GLN C 263 -5.31 15.31 5.65
N ILE C 264 -5.87 15.58 4.46
CA ILE C 264 -6.77 16.73 4.32
C ILE C 264 -8.06 16.50 5.10
N LYS C 265 -8.58 15.26 5.07
CA LYS C 265 -9.80 14.96 5.80
C LYS C 265 -9.61 15.17 7.29
N ALA C 266 -8.44 14.81 7.82
CA ALA C 266 -8.17 15.02 9.24
C ALA C 266 -7.91 16.48 9.54
N ALA C 267 -7.24 17.19 8.62
CA ALA C 267 -6.95 18.60 8.85
C ALA C 267 -8.22 19.42 8.91
N LEU C 268 -9.20 19.11 8.06
CA LEU C 268 -10.46 19.83 8.08
C LEU C 268 -11.14 19.70 9.44
N ASP C 269 -11.26 18.47 9.93
CA ASP C 269 -11.92 18.23 11.22
C ASP C 269 -11.12 18.87 12.36
N ASN C 270 -9.79 18.80 12.28
CA ASN C 270 -8.96 19.41 13.33
C ASN C 270 -9.16 20.91 13.37
N ALA C 271 -9.15 21.57 12.20
CA ALA C 271 -9.36 23.01 12.16
C ALA C 271 -10.75 23.37 12.66
N GLY C 272 -11.76 22.58 12.28
CA GLY C 272 -13.10 22.85 12.78
C GLY C 272 -13.19 22.75 14.29
N LYS C 273 -12.66 21.67 14.85
CA LYS C 273 -12.71 21.48 16.30
C LYS C 273 -11.91 22.57 17.02
N ILE C 274 -10.79 22.99 16.45
CA ILE C 274 -10.00 24.05 17.07
C ILE C 274 -10.77 25.36 17.07
N MET C 275 -11.26 25.76 15.89
CA MET C 275 -11.94 27.07 15.79
C MET C 275 -13.10 27.14 16.80
N SER C 276 -13.77 26.01 17.03
CA SER C 276 -14.98 26.02 17.91
C SER C 276 -14.62 26.01 19.40
N LEU C 277 -13.43 25.51 19.76
CA LEU C 277 -13.12 25.39 21.19
C LEU C 277 -12.31 26.58 21.70
N THR C 278 -11.32 27.02 20.94
CA THR C 278 -10.48 28.15 21.36
C THR C 278 -11.15 29.48 21.05
N LYS C 279 -11.21 29.83 19.76
CA LYS C 279 -11.69 31.18 19.37
C LYS C 279 -13.21 31.35 19.49
N THR C 280 -13.66 32.60 19.48
CA THR C 280 -15.11 32.90 19.51
C THR C 280 -15.43 33.73 18.28
N ALA C 281 -16.68 33.70 17.82
CA ALA C 281 -17.08 34.40 16.57
C ALA C 281 -16.33 35.72 16.33
N PRO C 282 -16.26 36.70 17.26
CA PRO C 282 -15.64 37.99 16.93
C PRO C 282 -14.22 37.90 16.42
N ASP C 283 -13.54 36.76 16.58
CA ASP C 283 -12.18 36.63 16.07
C ASP C 283 -12.12 36.89 14.58
N TYR C 284 -13.14 36.48 13.84
CA TYR C 284 -13.21 36.67 12.40
C TYR C 284 -14.02 37.89 12.00
N LEU C 285 -15.07 38.23 12.75
CA LEU C 285 -15.88 39.39 12.42
C LEU C 285 -15.07 40.67 12.51
N VAL C 286 -14.20 40.78 13.51
CA VAL C 286 -13.38 41.98 13.69
C VAL C 286 -12.17 41.89 12.78
N GLY C 287 -11.98 42.92 11.95
CA GLY C 287 -10.85 42.94 11.06
C GLY C 287 -9.56 43.35 11.76
N GLN C 288 -8.44 42.99 11.13
CA GLN C 288 -7.13 43.30 11.68
C GLN C 288 -6.63 44.66 11.20
N GLN C 289 -6.53 44.85 9.89
CA GLN C 289 -6.06 46.10 9.34
C GLN C 289 -7.06 47.22 9.64
N PRO C 290 -6.62 48.47 9.63
CA PRO C 290 -7.50 49.60 9.92
C PRO C 290 -8.36 49.94 8.70
N VAL C 291 -9.22 50.93 8.87
CA VAL C 291 -10.12 51.40 7.82
C VAL C 291 -9.93 52.90 7.67
N GLU C 292 -10.05 53.38 6.42
CA GLU C 292 -9.88 54.80 6.12
C GLU C 292 -11.19 55.51 5.81
N ASP C 293 -12.28 54.77 5.59
CA ASP C 293 -13.56 55.38 5.28
C ASP C 293 -14.63 54.31 5.32
N ILE C 294 -15.81 54.66 5.86
CA ILE C 294 -16.93 53.74 5.95
C ILE C 294 -17.96 53.96 4.85
N SER C 295 -17.90 55.09 4.14
CA SER C 295 -18.87 55.35 3.07
C SER C 295 -18.82 54.27 1.99
N SER C 296 -17.65 53.66 1.79
CA SER C 296 -17.53 52.61 0.77
C SER C 296 -18.22 51.32 1.17
N ASN C 297 -18.61 51.17 2.45
CA ASN C 297 -19.27 49.96 2.90
C ASN C 297 -20.76 50.01 2.57
N ARG C 298 -21.33 48.83 2.32
CA ARG C 298 -22.75 48.74 2.01
C ARG C 298 -23.61 48.74 3.27
N ILE C 299 -23.08 48.21 4.38
CA ILE C 299 -23.84 48.22 5.63
C ILE C 299 -24.13 49.65 6.07
N TYR C 300 -23.15 50.54 5.92
CA TYR C 300 -23.36 51.94 6.28
C TYR C 300 -24.44 52.57 5.41
N LYS C 301 -24.41 52.30 4.11
CA LYS C 301 -25.44 52.83 3.22
C LYS C 301 -26.82 52.32 3.60
N ILE C 302 -26.92 51.02 3.92
CA ILE C 302 -28.20 50.44 4.29
C ILE C 302 -28.72 51.08 5.58
N LEU C 303 -27.84 51.23 6.58
CA LEU C 303 -28.26 51.82 7.84
C LEU C 303 -28.65 53.29 7.67
N GLU C 304 -27.97 54.01 6.77
CA GLU C 304 -28.32 55.40 6.54
C GLU C 304 -29.64 55.53 5.80
N LEU C 305 -29.91 54.64 4.85
CA LEU C 305 -31.17 54.67 4.13
C LEU C 305 -32.33 54.31 5.05
N ASN C 306 -32.17 53.26 5.85
CA ASN C 306 -33.22 52.85 6.78
C ASN C 306 -33.37 53.79 7.96
N GLY C 307 -32.41 54.71 8.17
CA GLY C 307 -32.51 55.64 9.26
C GLY C 307 -32.00 55.08 10.56
N TYR C 308 -30.68 55.07 10.76
CA TYR C 308 -30.08 54.56 11.97
C TYR C 308 -28.72 55.22 12.17
N ASP C 309 -28.43 55.60 13.40
CA ASP C 309 -27.17 56.23 13.72
C ASP C 309 -26.02 55.28 13.41
N PRO C 310 -25.10 55.64 12.52
CA PRO C 310 -23.98 54.71 12.22
C PRO C 310 -23.19 54.30 13.46
N GLN C 311 -22.87 55.24 14.34
CA GLN C 311 -22.09 54.92 15.52
C GLN C 311 -22.83 53.92 16.42
N TYR C 312 -24.09 54.23 16.73
CA TYR C 312 -24.86 53.35 17.61
C TYR C 312 -25.12 52.00 16.96
N ALA C 313 -25.48 52.00 15.67
CA ALA C 313 -25.74 50.74 14.98
C ALA C 313 -24.49 49.88 14.91
N ALA C 314 -23.31 50.51 14.79
CA ALA C 314 -22.07 49.75 14.73
C ALA C 314 -21.68 49.23 16.11
N SER C 315 -21.92 50.03 17.15
CA SER C 315 -21.61 49.57 18.50
C SER C 315 -22.55 48.46 18.95
N VAL C 316 -23.79 48.46 18.46
CA VAL C 316 -24.73 47.41 18.84
C VAL C 316 -24.22 46.05 18.36
N PHE C 317 -23.75 45.99 17.11
CA PHE C 317 -23.24 44.73 16.58
C PHE C 317 -22.00 44.27 17.34
N LEU C 318 -21.11 45.21 17.68
CA LEU C 318 -19.91 44.85 18.43
C LEU C 318 -20.26 44.31 19.81
N GLY C 319 -21.24 44.93 20.47
CA GLY C 319 -21.65 44.44 21.77
C GLY C 319 -22.39 43.12 21.71
N TRP C 320 -23.11 42.87 20.62
CA TRP C 320 -23.84 41.62 20.47
C TRP C 320 -22.91 40.46 20.11
N ALA C 321 -21.86 40.72 19.34
CA ALA C 321 -20.95 39.66 18.94
C ALA C 321 -20.06 39.21 20.10
N THR C 322 -19.73 40.12 21.01
CA THR C 322 -18.85 39.81 22.13
C THR C 322 -19.62 39.35 23.37
N LYS C 323 -20.93 39.20 23.29
CA LYS C 323 -21.75 38.77 24.43
C LYS C 323 -21.59 39.73 25.60
N LYS C 324 -21.68 41.02 25.30
CA LYS C 324 -21.54 42.04 26.33
C LYS C 324 -22.85 42.34 27.04
N PHE C 325 -23.99 42.16 26.37
CA PHE C 325 -25.28 42.43 26.99
C PHE C 325 -25.74 41.30 27.88
N GLY C 326 -25.32 40.07 27.60
CA GLY C 326 -25.72 38.91 28.40
C GLY C 326 -26.98 38.25 27.85
N LYS C 327 -28.11 38.47 28.53
CA LYS C 327 -29.36 37.87 28.08
C LYS C 327 -29.78 38.44 26.72
N ARG C 328 -29.83 39.76 26.62
CA ARG C 328 -30.23 40.41 25.37
C ARG C 328 -29.10 40.31 24.35
N ASN C 329 -28.83 39.10 23.86
CA ASN C 329 -27.77 38.87 22.89
C ASN C 329 -28.34 38.36 21.58
N THR C 330 -29.23 39.12 20.96
CA THR C 330 -29.81 38.73 19.68
C THR C 330 -30.24 39.98 18.94
N ILE C 331 -30.14 39.92 17.61
CA ILE C 331 -30.53 41.02 16.73
C ILE C 331 -31.67 40.55 15.85
N TRP C 332 -32.65 41.43 15.64
CA TRP C 332 -33.83 41.13 14.83
C TRP C 332 -34.06 42.29 13.87
N LEU C 333 -33.99 42.01 12.57
CA LEU C 333 -34.21 43.00 11.53
C LEU C 333 -35.64 42.86 11.03
N PHE C 334 -36.50 43.78 11.45
CA PHE C 334 -37.91 43.78 11.07
C PHE C 334 -38.14 44.69 9.87
N GLY C 335 -39.00 44.24 8.97
CA GLY C 335 -39.33 45.01 7.78
C GLY C 335 -39.70 44.13 6.61
N PRO C 336 -40.17 44.73 5.52
CA PRO C 336 -40.54 43.94 4.34
C PRO C 336 -39.34 43.20 3.77
N ALA C 337 -39.62 42.33 2.80
CA ALA C 337 -38.57 41.56 2.16
C ALA C 337 -37.75 42.44 1.24
N THR C 338 -36.45 42.13 1.14
CA THR C 338 -35.52 42.89 0.31
C THR C 338 -35.44 44.34 0.77
N THR C 339 -35.07 44.52 2.04
CA THR C 339 -34.95 45.84 2.63
C THR C 339 -33.66 45.98 3.43
N GLY C 340 -32.59 45.31 3.00
CA GLY C 340 -31.33 45.40 3.69
C GLY C 340 -31.18 44.47 4.87
N LYS C 341 -31.99 43.42 4.95
CA LYS C 341 -31.91 42.45 6.04
C LYS C 341 -31.23 41.15 5.61
N THR C 342 -31.77 40.50 4.58
CA THR C 342 -31.19 39.24 4.13
C THR C 342 -29.75 39.44 3.66
N ASN C 343 -29.46 40.57 3.01
CA ASN C 343 -28.12 40.83 2.51
C ASN C 343 -27.12 40.84 3.67
N ILE C 344 -27.34 41.69 4.66
CA ILE C 344 -26.41 41.81 5.77
C ILE C 344 -26.36 40.51 6.56
N ALA C 345 -27.50 39.84 6.70
CA ALA C 345 -27.53 38.58 7.43
C ALA C 345 -26.64 37.54 6.76
N GLU C 346 -26.81 37.35 5.45
CA GLU C 346 -26.00 36.38 4.73
C GLU C 346 -24.53 36.79 4.75
N ALA C 347 -24.24 38.09 4.66
CA ALA C 347 -22.86 38.55 4.71
C ALA C 347 -22.21 38.17 6.04
N ILE C 348 -22.90 38.46 7.16
CA ILE C 348 -22.35 38.15 8.46
C ILE C 348 -22.25 36.65 8.67
N ALA C 349 -23.17 35.87 8.07
CA ALA C 349 -23.13 34.43 8.25
C ALA C 349 -21.99 33.81 7.46
N HIS C 350 -21.69 34.35 6.27
CA HIS C 350 -20.62 33.81 5.44
C HIS C 350 -19.25 34.34 5.84
N THR C 351 -19.18 35.49 6.50
CA THR C 351 -17.89 36.02 6.93
C THR C 351 -17.20 35.06 7.89
N VAL C 352 -17.97 34.41 8.76
CA VAL C 352 -17.42 33.46 9.72
C VAL C 352 -17.27 32.10 9.05
N PRO C 353 -16.44 31.20 9.58
CA PRO C 353 -16.30 29.88 8.94
C PRO C 353 -17.59 29.07 8.96
N PHE C 354 -18.12 28.83 10.16
CA PHE C 354 -19.35 28.06 10.33
C PHE C 354 -20.44 28.95 10.89
N TYR C 355 -21.69 28.60 10.58
CA TYR C 355 -22.84 29.35 11.05
C TYR C 355 -24.04 28.41 11.14
N GLY C 356 -24.90 28.67 12.13
CA GLY C 356 -26.08 27.86 12.32
C GLY C 356 -27.27 28.35 11.52
N CYS C 357 -28.30 27.51 11.46
CA CYS C 357 -29.52 27.83 10.73
C CYS C 357 -30.70 27.21 11.47
N VAL C 358 -31.53 28.06 12.07
CA VAL C 358 -32.70 27.60 12.81
C VAL C 358 -33.82 27.36 11.81
N ASN C 359 -33.98 26.11 11.37
CA ASN C 359 -35.02 25.75 10.41
C ASN C 359 -36.32 25.52 11.16
N TRP C 360 -37.11 26.59 11.30
CA TRP C 360 -38.38 26.48 12.01
C TRP C 360 -39.37 25.60 11.27
N THR C 361 -39.23 25.51 9.94
CA THR C 361 -40.14 24.67 9.16
C THR C 361 -40.01 23.20 9.54
N ASN C 362 -38.81 22.75 9.91
CA ASN C 362 -38.57 21.37 10.29
C ASN C 362 -38.92 21.22 11.77
N GLU C 363 -40.18 20.90 12.03
CA GLU C 363 -40.64 20.73 13.41
C GLU C 363 -40.01 19.53 14.09
N ASN C 364 -39.53 18.55 13.32
CA ASN C 364 -38.91 17.37 13.91
C ASN C 364 -37.58 17.73 14.58
N PHE C 365 -36.67 18.34 13.83
CA PHE C 365 -35.36 18.74 14.33
C PHE C 365 -35.07 20.17 13.87
N PRO C 366 -35.76 21.16 14.44
CA PRO C 366 -35.52 22.55 14.02
C PRO C 366 -34.14 23.05 14.42
N PHE C 367 -33.69 22.72 15.63
CA PHE C 367 -32.39 23.16 16.13
C PHE C 367 -31.29 22.15 15.82
N ASN C 368 -31.34 21.51 14.64
CA ASN C 368 -30.32 20.53 14.27
C ASN C 368 -29.04 21.22 13.83
N ASP C 369 -29.14 22.18 12.91
CA ASP C 369 -27.97 22.91 12.42
C ASP C 369 -27.66 24.11 13.32
N CYS C 370 -27.39 23.80 14.58
CA CYS C 370 -27.08 24.82 15.58
C CYS C 370 -26.01 24.42 16.58
N VAL C 371 -25.57 23.17 16.60
CA VAL C 371 -24.56 22.71 17.54
C VAL C 371 -23.18 22.97 16.95
N ASP C 372 -22.27 23.47 17.77
CA ASP C 372 -20.90 23.76 17.35
C ASP C 372 -20.90 24.78 16.22
N LYS C 373 -21.60 25.89 16.43
CA LYS C 373 -21.70 26.97 15.47
C LYS C 373 -21.22 28.28 16.10
N MET C 374 -20.90 29.24 15.24
CA MET C 374 -20.42 30.55 15.67
C MET C 374 -21.48 31.63 15.55
N VAL C 375 -22.31 31.59 14.51
CA VAL C 375 -23.38 32.56 14.31
C VAL C 375 -24.64 31.80 13.91
N ILE C 376 -25.72 32.01 14.65
CA ILE C 376 -27.00 31.35 14.39
C ILE C 376 -27.87 32.33 13.62
N TRP C 377 -28.19 32.00 12.37
CA TRP C 377 -29.01 32.84 11.51
C TRP C 377 -30.40 32.23 11.43
N TRP C 378 -31.41 33.01 11.83
CA TRP C 378 -32.80 32.57 11.79
C TRP C 378 -33.52 33.26 10.63
N GLU C 379 -33.16 32.83 9.43
CA GLU C 379 -33.75 33.39 8.22
C GLU C 379 -35.24 33.06 8.14
N GLU C 380 -36.06 34.10 7.99
CA GLU C 380 -37.51 33.93 7.89
C GLU C 380 -38.05 33.18 9.11
N GLY C 381 -37.68 33.66 10.30
CA GLY C 381 -38.11 33.02 11.53
C GLY C 381 -39.55 33.34 11.87
N LYS C 382 -40.23 32.35 12.47
CA LYS C 382 -41.61 32.50 12.89
C LYS C 382 -41.80 31.71 14.18
N MET C 383 -41.96 32.41 15.29
CA MET C 383 -42.13 31.74 16.57
C MET C 383 -43.41 30.92 16.59
N THR C 384 -43.32 29.72 17.17
CA THR C 384 -44.46 28.83 17.28
C THR C 384 -44.50 28.22 18.66
N ALA C 385 -45.66 27.65 19.01
CA ALA C 385 -45.81 27.03 20.32
C ALA C 385 -44.95 25.79 20.48
N LYS C 386 -44.59 25.13 19.38
CA LYS C 386 -43.78 23.92 19.46
C LYS C 386 -42.30 24.23 19.72
N VAL C 387 -41.87 25.47 19.50
CA VAL C 387 -40.48 25.85 19.71
C VAL C 387 -40.43 27.16 20.50
N VAL C 388 -41.35 27.31 21.47
CA VAL C 388 -41.39 28.52 22.27
C VAL C 388 -40.53 28.43 23.53
N GLU C 389 -40.24 27.21 24.01
CA GLU C 389 -39.43 27.03 25.21
C GLU C 389 -37.94 27.04 24.89
N SER C 390 -37.51 26.14 23.99
CA SER C 390 -36.11 26.08 23.63
C SER C 390 -35.64 27.37 22.98
N ALA C 391 -36.52 28.05 22.24
CA ALA C 391 -36.14 29.30 21.59
C ALA C 391 -35.83 30.38 22.64
N LYS C 392 -36.63 30.45 23.71
CA LYS C 392 -36.39 31.45 24.74
C LYS C 392 -35.03 31.24 25.39
N ALA C 393 -34.62 29.98 25.56
CA ALA C 393 -33.32 29.69 26.17
C ALA C 393 -32.18 29.92 25.19
N ILE C 394 -32.39 29.64 23.90
CA ILE C 394 -31.32 29.83 22.92
C ILE C 394 -31.12 31.32 22.65
N LEU C 395 -32.17 32.13 22.75
CA LEU C 395 -32.05 33.56 22.49
C LEU C 395 -31.45 34.30 23.67
N GLY C 396 -31.67 33.81 24.88
CA GLY C 396 -31.15 34.47 26.07
C GLY C 396 -29.75 34.04 26.45
N GLY C 397 -29.04 33.42 25.49
CA GLY C 397 -27.69 32.96 25.76
C GLY C 397 -27.59 31.94 26.86
N SER C 398 -28.64 31.14 27.05
CA SER C 398 -28.67 30.11 28.08
C SER C 398 -28.44 28.75 27.46
N LYS C 399 -27.73 27.89 28.18
CA LYS C 399 -27.44 26.54 27.69
C LYS C 399 -28.71 25.68 27.74
N VAL C 400 -28.94 24.93 26.67
CA VAL C 400 -30.10 24.06 26.59
C VAL C 400 -29.83 23.00 25.52
N ARG C 401 -30.24 21.77 25.81
CA ARG C 401 -30.04 20.66 24.89
C ARG C 401 -31.20 20.58 23.90
N VAL C 402 -30.90 20.06 22.72
CA VAL C 402 -31.88 19.90 21.65
C VAL C 402 -31.64 18.58 20.94
N ASP C 403 -32.65 18.13 20.22
CA ASP C 403 -32.57 16.88 19.47
C ASP C 403 -31.95 17.11 18.10
N GLN C 404 -31.37 16.05 17.54
CA GLN C 404 -30.73 16.11 16.24
C GLN C 404 -31.25 14.98 15.37
N LYS C 405 -31.08 15.13 14.06
CA LYS C 405 -31.55 14.15 13.09
C LYS C 405 -30.56 12.99 13.06
N CYS C 406 -31.02 11.80 13.49
CA CYS C 406 -30.19 10.60 13.50
C CYS C 406 -28.95 10.78 14.37
N LYS C 407 -29.08 11.58 15.43
CA LYS C 407 -27.96 11.83 16.35
C LYS C 407 -28.51 12.13 17.73
N SER C 408 -27.72 11.80 18.75
CA SER C 408 -28.13 12.04 20.12
C SER C 408 -28.21 13.54 20.41
N SER C 409 -28.78 13.87 21.56
CA SER C 409 -28.92 15.26 21.95
C SER C 409 -27.55 15.89 22.18
N ALA C 410 -27.51 17.22 22.11
CA ALA C 410 -26.28 17.97 22.30
C ALA C 410 -26.62 19.35 22.84
N GLN C 411 -25.71 19.89 23.65
CA GLN C 411 -25.89 21.20 24.24
C GLN C 411 -25.40 22.29 23.29
N ILE C 412 -26.01 23.46 23.40
CA ILE C 412 -25.66 24.62 22.57
C ILE C 412 -25.18 25.71 23.52
N ASP C 413 -23.87 25.92 23.56
CA ASP C 413 -23.32 26.95 24.42
C ASP C 413 -23.77 28.34 23.95
N PRO C 414 -23.62 29.36 24.80
CA PRO C 414 -24.02 30.71 24.40
C PRO C 414 -23.34 31.16 23.11
N THR C 415 -24.13 31.37 22.06
CA THR C 415 -23.61 31.77 20.76
C THR C 415 -24.43 32.93 20.21
N PRO C 416 -23.79 33.90 19.55
CA PRO C 416 -24.57 35.00 18.96
C PRO C 416 -25.62 34.49 18.00
N VAL C 417 -26.80 35.13 18.05
CA VAL C 417 -27.92 34.75 17.21
C VAL C 417 -28.45 36.00 16.51
N ILE C 418 -28.92 35.82 15.27
CA ILE C 418 -29.48 36.89 14.48
C ILE C 418 -30.72 36.39 13.77
N VAL C 419 -31.78 37.19 13.78
CA VAL C 419 -33.06 36.84 13.17
C VAL C 419 -33.40 37.87 12.11
N THR C 420 -34.05 37.41 11.04
CA THR C 420 -34.47 38.29 9.95
C THR C 420 -35.79 37.75 9.41
N SER C 421 -36.87 38.48 9.66
CA SER C 421 -38.19 38.06 9.18
C SER C 421 -39.07 39.30 9.09
N ASN C 422 -40.09 39.20 8.21
CA ASN C 422 -41.02 40.30 8.01
C ASN C 422 -42.22 40.23 8.95
N THR C 423 -42.50 39.07 9.55
CA THR C 423 -43.61 38.93 10.47
C THR C 423 -43.19 39.31 11.88
N ASN C 424 -44.14 39.31 12.80
CA ASN C 424 -43.89 39.65 14.20
C ASN C 424 -43.45 38.40 14.95
N MET C 425 -42.22 38.42 15.46
CA MET C 425 -41.71 37.26 16.20
C MET C 425 -42.42 37.10 17.54
N CYS C 426 -42.87 38.20 18.14
CA CYS C 426 -43.55 38.11 19.43
C CYS C 426 -44.87 37.36 19.30
N ALA C 427 -45.52 37.44 18.14
CA ALA C 427 -46.80 36.76 17.92
C ALA C 427 -46.54 35.26 17.77
N VAL C 428 -46.80 34.50 18.83
CA VAL C 428 -46.59 33.06 18.80
C VAL C 428 -47.74 32.41 18.04
N ILE C 429 -47.42 31.75 16.93
CA ILE C 429 -48.41 31.09 16.10
C ILE C 429 -48.67 29.71 16.65
N ASP C 430 -49.95 29.30 16.65
CA ASP C 430 -50.37 27.99 17.13
C ASP C 430 -51.56 27.53 16.27
N GLY C 431 -51.25 27.12 15.05
CA GLY C 431 -52.27 26.65 14.13
C GLY C 431 -53.13 27.78 13.60
N ASN C 432 -54.44 27.68 13.80
CA ASN C 432 -55.38 28.70 13.34
C ASN C 432 -55.69 29.72 14.42
N SER C 433 -54.69 30.14 15.18
CA SER C 433 -54.88 31.12 16.24
C SER C 433 -53.53 31.76 16.54
N THR C 434 -53.56 32.75 17.43
CA THR C 434 -52.34 33.47 17.81
C THR C 434 -52.48 33.92 19.26
N THR C 435 -51.34 33.96 19.95
CA THR C 435 -51.30 34.36 21.35
C THR C 435 -50.08 35.23 21.58
N PHE C 436 -50.24 36.26 22.41
CA PHE C 436 -49.17 37.20 22.74
C PHE C 436 -48.73 37.06 24.20
N GLU C 437 -48.83 35.86 24.75
CA GLU C 437 -48.43 35.65 26.14
C GLU C 437 -46.92 35.81 26.31
N HIS C 438 -46.14 35.26 25.38
CA HIS C 438 -44.68 35.35 25.44
C HIS C 438 -44.16 36.57 24.68
N GLN C 439 -44.72 37.74 25.01
CA GLN C 439 -44.31 38.99 24.37
C GLN C 439 -43.12 39.61 25.08
N GLN C 440 -43.26 39.85 26.38
CA GLN C 440 -42.15 40.46 27.13
C GLN C 440 -40.92 39.58 27.17
N PRO C 441 -41.01 38.27 27.40
CA PRO C 441 -39.78 37.45 27.39
C PRO C 441 -39.01 37.53 26.09
N LEU C 442 -39.71 37.58 24.95
CA LEU C 442 -39.03 37.67 23.67
C LEU C 442 -38.59 39.10 23.38
N GLN C 443 -39.39 40.09 23.78
CA GLN C 443 -39.03 41.49 23.54
C GLN C 443 -37.79 41.88 24.34
N ASP C 444 -37.59 41.28 25.51
CA ASP C 444 -36.44 41.57 26.34
C ASP C 444 -35.23 40.70 26.01
N ARG C 445 -35.15 40.18 24.77
CA ARG C 445 -34.03 39.34 24.39
C ARG C 445 -33.62 39.52 22.94
N MET C 446 -34.05 40.60 22.28
CA MET C 446 -33.71 40.85 20.89
C MET C 446 -33.43 42.34 20.71
N PHE C 447 -33.13 42.72 19.46
CA PHE C 447 -32.86 44.12 19.10
C PHE C 447 -33.61 44.39 17.80
N LYS C 448 -34.83 44.92 17.92
CA LYS C 448 -35.66 45.19 16.75
C LYS C 448 -35.02 46.29 15.91
N PHE C 449 -34.75 45.98 14.64
CA PHE C 449 -34.18 46.93 13.70
C PHE C 449 -35.19 47.13 12.58
N GLU C 450 -35.95 48.23 12.65
CA GLU C 450 -36.96 48.52 11.65
C GLU C 450 -36.30 49.01 10.37
N LEU C 451 -36.34 48.17 9.34
CA LEU C 451 -35.75 48.48 8.02
C LEU C 451 -36.88 48.44 7.00
N THR C 452 -37.66 49.53 6.95
CA THR C 452 -38.80 49.61 6.04
C THR C 452 -38.40 50.09 4.65
N ARG C 453 -37.35 50.91 4.55
CA ARG C 453 -36.94 51.44 3.26
C ARG C 453 -36.39 50.32 2.38
N ARG C 454 -36.73 50.36 1.10
CA ARG C 454 -36.28 49.36 0.14
C ARG C 454 -35.01 49.82 -0.56
N LEU C 455 -34.15 48.87 -0.89
CA LEU C 455 -32.90 49.15 -1.57
C LEU C 455 -33.10 49.14 -3.09
N ASP C 456 -32.06 49.55 -3.80
CA ASP C 456 -32.09 49.59 -5.25
C ASP C 456 -31.75 48.22 -5.83
N HIS C 457 -31.98 48.08 -7.13
CA HIS C 457 -31.70 46.81 -7.81
C HIS C 457 -30.22 46.62 -8.08
N ASP C 458 -29.48 47.72 -8.30
CA ASP C 458 -28.04 47.67 -8.57
C ASP C 458 -27.21 47.90 -7.31
N PHE C 459 -27.74 47.53 -6.14
CA PHE C 459 -26.99 47.74 -4.90
C PHE C 459 -25.92 46.67 -4.71
N GLY C 460 -26.22 45.43 -5.05
CA GLY C 460 -25.26 44.35 -4.90
C GLY C 460 -25.19 43.83 -3.49
N LYS C 461 -24.76 42.57 -3.37
CA LYS C 461 -24.63 41.93 -2.07
C LYS C 461 -23.37 42.40 -1.36
N VAL C 462 -23.41 42.34 -0.03
CA VAL C 462 -22.28 42.76 0.79
C VAL C 462 -21.23 41.64 0.79
N THR C 463 -19.98 42.01 0.53
CA THR C 463 -18.90 41.05 0.50
C THR C 463 -18.47 40.71 1.92
N LYS C 464 -17.40 39.94 2.06
CA LYS C 464 -16.90 39.54 3.38
C LYS C 464 -15.98 40.59 3.98
N GLN C 465 -15.13 41.22 3.17
CA GLN C 465 -14.24 42.26 3.68
C GLN C 465 -15.03 43.46 4.20
N GLU C 466 -16.24 43.68 3.67
CA GLU C 466 -17.05 44.79 4.14
C GLU C 466 -17.44 44.60 5.60
N VAL C 467 -17.77 43.37 5.99
CA VAL C 467 -18.12 43.10 7.38
C VAL C 467 -16.93 43.35 8.29
N LYS C 468 -15.73 42.92 7.86
CA LYS C 468 -14.53 43.15 8.65
C LYS C 468 -14.26 44.64 8.81
N ASP C 469 -14.40 45.41 7.72
CA ASP C 469 -14.18 46.84 7.80
C ASP C 469 -15.21 47.50 8.72
N PHE C 470 -16.46 47.06 8.65
CA PHE C 470 -17.50 47.63 9.51
C PHE C 470 -17.21 47.34 10.97
N PHE C 471 -16.79 46.11 11.29
CA PHE C 471 -16.48 45.78 12.67
C PHE C 471 -15.24 46.54 13.15
N ARG C 472 -14.27 46.75 12.26
CA ARG C 472 -13.10 47.54 12.64
C ARG C 472 -13.50 48.98 12.95
N TRP C 473 -14.34 49.57 12.10
CA TRP C 473 -14.82 50.92 12.37
C TRP C 473 -15.60 50.98 13.67
N ALA C 474 -16.40 49.94 13.95
CA ALA C 474 -17.14 49.88 15.21
C ALA C 474 -16.18 49.88 16.40
N LYS C 475 -15.18 48.99 16.36
CA LYS C 475 -14.20 48.95 17.44
C LYS C 475 -13.45 50.27 17.57
N ASP C 476 -13.28 50.99 16.47
CA ASP C 476 -12.58 52.28 16.53
C ASP C 476 -13.42 53.33 17.25
N HIS C 477 -14.74 53.20 17.21
CA HIS C 477 -15.65 54.15 17.85
C HIS C 477 -16.67 53.37 18.65
N VAL C 478 -16.47 53.31 19.96
CA VAL C 478 -17.34 52.57 20.87
C VAL C 478 -18.17 53.58 21.67
N VAL C 479 -19.43 53.25 21.89
CA VAL C 479 -20.34 54.09 22.65
C VAL C 479 -21.23 53.20 23.51
N GLU C 480 -21.79 53.80 24.56
CA GLU C 480 -22.65 53.06 25.48
C GLU C 480 -23.97 52.71 24.79
N VAL C 481 -24.32 51.43 24.83
CA VAL C 481 -25.56 50.93 24.22
C VAL C 481 -26.58 50.71 25.32
N GLU C 482 -27.77 51.27 25.14
CA GLU C 482 -28.83 51.13 26.13
C GLU C 482 -29.57 49.80 25.93
N HIS C 483 -29.90 49.15 27.05
CA HIS C 483 -30.61 47.87 27.03
C HIS C 483 -32.09 48.15 26.79
N GLU C 484 -32.51 48.07 25.54
CA GLU C 484 -33.89 48.31 25.17
C GLU C 484 -34.25 47.45 23.97
N PHE C 485 -35.54 47.20 23.80
CA PHE C 485 -36.01 46.39 22.69
C PHE C 485 -35.96 47.16 21.37
N TYR C 486 -36.28 48.45 21.41
CA TYR C 486 -36.27 49.30 20.23
C TYR C 486 -34.96 50.09 20.19
N VAL C 487 -34.25 50.01 19.07
CA VAL C 487 -32.99 50.72 18.90
C VAL C 487 -33.27 52.13 18.43
N LYS C 488 -32.59 53.10 19.03
CA LYS C 488 -32.77 54.50 18.67
C LYS C 488 -32.33 54.73 17.24
N LYS C 489 -33.21 55.34 16.43
CA LYS C 489 -32.90 55.63 15.04
C LYS C 489 -32.02 56.87 14.94
N GLY C 490 -31.52 57.12 13.73
CA GLY C 490 -30.67 58.27 13.48
C GLY C 490 -31.44 59.56 13.66
N GLY C 491 -30.96 60.44 14.53
CA GLY C 491 -31.62 61.72 14.77
C GLY C 491 -31.45 62.68 13.61
N PRO D 3 21.43 26.35 1.25
CA PRO D 3 22.58 25.44 1.26
C PRO D 3 22.33 24.20 2.12
N GLY D 4 22.49 23.02 1.51
CA GLY D 4 22.29 21.78 2.23
C GLY D 4 23.51 21.37 3.04
N PHE D 5 23.33 20.29 3.80
CA PHE D 5 24.39 19.77 4.64
C PHE D 5 24.28 18.25 4.70
N TYR D 6 25.39 17.61 5.05
CA TYR D 6 25.46 16.15 5.18
C TYR D 6 25.68 15.81 6.64
N GLU D 7 24.79 14.99 7.20
CA GLU D 7 24.87 14.57 8.60
C GLU D 7 25.75 13.32 8.67
N ILE D 8 27.00 13.50 9.10
CA ILE D 8 27.96 12.41 9.22
C ILE D 8 27.98 11.95 10.67
N VAL D 9 27.98 10.63 10.87
CA VAL D 9 28.00 10.02 12.19
C VAL D 9 29.39 9.40 12.39
N ILE D 10 30.09 9.85 13.42
CA ILE D 10 31.42 9.36 13.75
C ILE D 10 31.39 8.89 15.20
N LYS D 11 31.39 7.58 15.41
CA LYS D 11 31.36 7.03 16.76
C LYS D 11 32.70 7.23 17.43
N VAL D 12 32.70 7.85 18.60
CA VAL D 12 33.92 8.11 19.36
C VAL D 12 34.19 6.88 20.22
N PRO D 13 35.31 6.19 20.03
CA PRO D 13 35.60 5.01 20.86
C PRO D 13 35.63 5.37 22.34
N SER D 14 34.73 4.74 23.10
CA SER D 14 34.66 5.01 24.54
C SER D 14 35.68 4.16 25.30
N ASP D 15 35.72 2.86 25.02
CA ASP D 15 36.65 1.95 25.67
C ASP D 15 37.87 1.77 24.76
N LEU D 16 38.99 2.38 25.14
CA LEU D 16 40.21 2.29 24.34
C LEU D 16 40.80 0.88 24.36
N ASP D 17 40.44 0.06 25.34
CA ASP D 17 40.98 -1.30 25.41
C ASP D 17 40.23 -2.25 24.47
N GLU D 18 38.90 -2.10 24.39
CA GLU D 18 38.09 -2.96 23.55
C GLU D 18 37.98 -2.44 22.12
N HIS D 19 37.75 -1.13 21.96
CA HIS D 19 37.62 -0.55 20.62
C HIS D 19 38.96 -0.40 19.92
N LEU D 20 40.03 -0.20 20.69
CA LEU D 20 41.38 -0.02 20.13
C LEU D 20 42.33 -0.97 20.85
N PRO D 21 42.20 -2.27 20.61
CA PRO D 21 43.09 -3.24 21.28
C PRO D 21 44.52 -3.10 20.76
N GLY D 22 45.46 -3.01 21.69
CA GLY D 22 46.86 -2.87 21.34
C GLY D 22 47.33 -1.45 21.12
N ILE D 23 46.56 -0.45 21.55
CA ILE D 23 46.95 0.94 21.37
C ILE D 23 48.15 1.25 22.27
N SER D 24 49.06 2.07 21.76
CA SER D 24 50.25 2.43 22.53
C SER D 24 49.85 3.21 23.78
N ASP D 25 50.70 3.13 24.81
CA ASP D 25 50.42 3.83 26.04
C ASP D 25 50.60 5.34 25.90
N SER D 26 51.45 5.77 24.96
CA SER D 26 51.67 7.21 24.78
C SER D 26 50.39 7.91 24.33
N PHE D 27 49.62 7.28 23.45
CA PHE D 27 48.38 7.88 22.98
C PHE D 27 47.40 8.06 24.13
N VAL D 28 47.22 7.02 24.96
CA VAL D 28 46.30 7.11 26.08
C VAL D 28 46.79 8.16 27.08
N ASN D 29 48.09 8.22 27.31
CA ASN D 29 48.64 9.20 28.24
C ASN D 29 48.37 10.62 27.74
N TRP D 30 48.62 10.87 26.46
CA TRP D 30 48.38 12.20 25.91
C TRP D 30 46.89 12.54 25.90
N VAL D 31 46.03 11.55 25.70
CA VAL D 31 44.60 11.83 25.67
C VAL D 31 44.07 12.09 27.07
N ALA D 32 44.64 11.44 28.08
CA ALA D 32 44.17 11.64 29.46
C ALA D 32 44.77 12.88 30.10
N GLU D 33 45.97 13.28 29.68
CA GLU D 33 46.63 14.44 30.27
C GLU D 33 46.05 15.75 29.77
N LYS D 34 45.36 15.75 28.64
CA LYS D 34 44.79 16.97 28.08
C LYS D 34 43.49 17.29 28.82
N GLU D 35 43.51 18.35 29.61
CA GLU D 35 42.34 18.79 30.36
C GLU D 35 41.64 19.93 29.62
N TRP D 36 40.34 20.04 29.83
CA TRP D 36 39.51 21.05 29.20
C TRP D 36 38.77 21.86 30.26
N GLU D 37 38.36 23.06 29.88
CA GLU D 37 37.62 23.95 30.76
C GLU D 37 36.67 24.79 29.93
N LEU D 38 35.42 24.88 30.37
CA LEU D 38 34.42 25.64 29.65
C LEU D 38 34.77 27.13 29.67
N PRO D 39 34.26 27.90 28.71
CA PRO D 39 34.55 29.34 28.69
C PRO D 39 33.99 30.01 29.94
N PRO D 40 34.36 31.26 30.19
CA PRO D 40 33.81 31.95 31.37
C PRO D 40 32.30 32.07 31.34
N ASP D 41 31.72 32.50 30.21
CA ASP D 41 30.27 32.63 30.07
C ASP D 41 29.66 31.32 29.58
N SER D 42 29.75 30.31 30.42
CA SER D 42 29.23 28.97 30.11
C SER D 42 28.54 28.43 31.35
N ASP D 43 27.22 28.27 31.29
CA ASP D 43 26.43 27.74 32.39
C ASP D 43 26.43 26.22 32.43
N MET D 44 27.10 25.55 31.49
CA MET D 44 27.13 24.10 31.47
C MET D 44 27.94 23.56 32.64
N ASP D 45 27.50 22.44 33.20
CA ASP D 45 28.20 21.82 34.31
C ASP D 45 29.35 20.96 33.80
N LEU D 46 30.55 21.21 34.32
CA LEU D 46 31.72 20.45 33.90
C LEU D 46 31.77 19.06 34.52
N ASN D 47 31.12 18.86 35.67
CA ASN D 47 31.14 17.55 36.30
C ASN D 47 30.48 16.50 35.42
N LEU D 48 29.43 16.87 34.69
CA LEU D 48 28.74 15.93 33.83
C LEU D 48 29.53 15.66 32.55
N ILE D 49 30.30 16.64 32.07
CA ILE D 49 31.08 16.48 30.85
C ILE D 49 32.33 15.67 31.17
N GLU D 50 32.75 14.86 30.21
CA GLU D 50 33.93 14.01 30.37
C GLU D 50 35.19 14.81 30.07
N GLN D 51 36.33 14.12 30.04
CA GLN D 51 37.62 14.74 29.76
C GLN D 51 38.31 14.06 28.58
N ALA D 52 38.76 12.82 28.72
CA ALA D 52 39.40 12.14 27.61
C ALA D 52 38.48 11.98 26.41
N PRO D 53 37.22 11.57 26.56
CA PRO D 53 36.33 11.53 25.37
C PRO D 53 36.19 12.88 24.70
N LEU D 54 36.18 13.96 25.47
CA LEU D 54 36.09 15.29 24.88
C LEU D 54 37.31 15.57 24.00
N THR D 55 38.50 15.26 24.50
CA THR D 55 39.71 15.48 23.69
C THR D 55 39.71 14.59 22.46
N VAL D 56 39.26 13.34 22.60
CA VAL D 56 39.20 12.44 21.45
C VAL D 56 38.27 13.00 20.38
N ALA D 57 37.08 13.45 20.79
CA ALA D 57 36.12 14.01 19.85
C ALA D 57 36.66 15.28 19.21
N GLU D 58 37.35 16.12 19.99
CA GLU D 58 37.92 17.35 19.43
C GLU D 58 38.96 17.03 18.37
N LYS D 59 39.87 16.11 18.67
CA LYS D 59 40.87 15.72 17.67
C LYS D 59 40.21 15.13 16.44
N LEU D 60 39.20 14.27 16.63
CA LEU D 60 38.54 13.63 15.49
C LEU D 60 37.89 14.68 14.60
N GLN D 61 37.11 15.59 15.18
CA GLN D 61 36.41 16.59 14.37
C GLN D 61 37.38 17.57 13.75
N ARG D 62 38.48 17.90 14.43
CA ARG D 62 39.48 18.79 13.83
C ARG D 62 40.10 18.13 12.61
N ASP D 63 40.51 16.87 12.73
CA ASP D 63 41.09 16.16 11.60
C ASP D 63 40.08 16.02 10.47
N PHE D 64 38.81 15.76 10.81
CA PHE D 64 37.78 15.64 9.79
C PHE D 64 37.61 16.95 9.03
N LEU D 65 37.53 18.07 9.75
CA LEU D 65 37.39 19.37 9.10
C LEU D 65 38.60 19.69 8.24
N THR D 66 39.80 19.38 8.73
CA THR D 66 41.00 19.63 7.95
C THR D 66 41.00 18.83 6.65
N GLU D 67 40.69 17.53 6.74
CA GLU D 67 40.66 16.70 5.54
C GLU D 67 39.57 17.17 4.58
N TRP D 68 38.42 17.60 5.11
CA TRP D 68 37.35 18.09 4.24
C TRP D 68 37.77 19.35 3.51
N ARG D 69 38.39 20.30 4.24
CA ARG D 69 38.84 21.54 3.60
C ARG D 69 39.95 21.26 2.60
N ARG D 70 40.75 20.22 2.83
CA ARG D 70 41.83 19.91 1.91
C ARG D 70 41.32 19.23 0.65
N VAL D 71 40.33 18.35 0.77
CA VAL D 71 39.84 17.59 -0.37
C VAL D 71 38.76 18.33 -1.17
N SER D 72 38.06 19.28 -0.54
CA SER D 72 36.99 20.01 -1.21
C SER D 72 37.44 21.34 -1.79
N LYS D 73 38.58 21.87 -1.35
CA LYS D 73 39.09 23.15 -1.84
C LYS D 73 38.11 24.27 -1.53
N ALA D 74 37.49 24.21 -0.35
CA ALA D 74 36.51 25.20 0.09
C ALA D 74 36.74 25.50 1.56
N PRO D 75 37.80 26.24 1.88
CA PRO D 75 38.07 26.56 3.29
C PRO D 75 37.01 27.44 3.94
N GLU D 76 36.23 28.17 3.15
CA GLU D 76 35.17 29.02 3.68
C GLU D 76 33.83 28.31 3.80
N ALA D 77 33.84 26.98 3.82
CA ALA D 77 32.60 26.22 3.93
C ALA D 77 32.11 26.19 5.37
N LEU D 78 30.79 26.20 5.53
CA LEU D 78 30.19 26.18 6.84
C LEU D 78 30.06 24.75 7.36
N PHE D 79 30.11 24.61 8.68
CA PHE D 79 30.00 23.30 9.32
C PHE D 79 29.34 23.48 10.68
N PHE D 80 29.03 22.35 11.32
CA PHE D 80 28.39 22.37 12.64
C PHE D 80 28.60 20.99 13.26
N VAL D 81 29.53 20.93 14.21
CA VAL D 81 29.84 19.68 14.93
C VAL D 81 29.24 19.76 16.32
N GLN D 82 28.74 18.63 16.81
CA GLN D 82 28.12 18.54 18.13
C GLN D 82 28.48 17.19 18.73
N PHE D 83 29.30 17.21 19.79
CA PHE D 83 29.71 15.99 20.47
C PHE D 83 28.67 15.66 21.55
N GLU D 84 28.03 14.51 21.41
CA GLU D 84 27.00 14.06 22.34
C GLU D 84 27.43 12.74 22.98
N LYS D 85 26.55 12.20 23.82
CA LYS D 85 26.79 10.94 24.52
C LYS D 85 25.56 10.05 24.33
N GLY D 86 25.68 9.04 23.47
CA GLY D 86 24.58 8.14 23.20
C GLY D 86 24.23 7.29 24.43
N GLU D 87 23.17 6.50 24.26
CA GLU D 87 22.73 5.63 25.34
C GLU D 87 23.69 4.48 25.59
N SER D 88 24.52 4.13 24.61
CA SER D 88 25.48 3.03 24.78
C SER D 88 26.82 3.29 24.09
N TYR D 89 27.00 4.43 23.44
CA TYR D 89 28.25 4.75 22.77
C TYR D 89 28.25 6.22 22.38
N PHE D 90 29.43 6.81 22.37
CA PHE D 90 29.56 8.21 22.00
C PHE D 90 29.56 8.38 20.49
N HIS D 91 29.03 9.51 20.03
CA HIS D 91 28.94 9.81 18.61
C HIS D 91 28.99 11.33 18.43
N MET D 92 28.95 11.76 17.17
CA MET D 92 28.98 13.17 16.83
C MET D 92 28.07 13.42 15.63
N HIS D 93 27.34 14.54 15.69
CA HIS D 93 26.44 14.92 14.60
C HIS D 93 27.13 15.97 13.73
N VAL D 94 28.21 15.53 13.07
CA VAL D 94 28.97 16.41 12.21
C VAL D 94 28.12 16.86 11.03
N LEU D 95 28.31 18.10 10.61
CA LEU D 95 27.58 18.67 9.49
C LEU D 95 28.55 19.46 8.61
N VAL D 96 28.50 19.20 7.31
CA VAL D 96 29.37 19.87 6.35
C VAL D 96 28.54 20.27 5.15
N GLU D 97 28.82 21.46 4.61
CA GLU D 97 28.10 21.95 3.45
C GLU D 97 28.44 21.13 2.21
N THR D 98 27.58 21.24 1.20
CA THR D 98 27.75 20.52 -0.06
C THR D 98 28.49 21.35 -1.10
N THR D 99 29.12 22.46 -0.70
CA THR D 99 29.84 23.29 -1.65
C THR D 99 31.11 22.58 -2.11
N GLY D 100 31.22 22.36 -3.42
CA GLY D 100 32.37 21.69 -3.99
C GLY D 100 32.39 20.19 -3.81
N VAL D 101 31.34 19.60 -3.22
CA VAL D 101 31.28 18.16 -3.02
C VAL D 101 29.89 17.68 -3.38
N LYS D 102 29.75 17.02 -4.53
CA LYS D 102 28.47 16.50 -4.97
C LYS D 102 28.11 15.24 -4.21
N SER D 103 26.89 14.75 -4.44
CA SER D 103 26.43 13.55 -3.75
C SER D 103 27.06 12.28 -4.30
N MET D 104 27.62 12.32 -5.51
CA MET D 104 28.24 11.17 -6.13
C MET D 104 29.73 11.06 -5.84
N VAL D 105 30.25 11.88 -4.93
CA VAL D 105 31.67 11.86 -4.61
C VAL D 105 31.86 11.83 -3.09
N LEU D 106 30.76 11.94 -2.35
CA LEU D 106 30.86 11.95 -0.89
C LEU D 106 31.32 10.60 -0.35
N GLY D 107 30.93 9.50 -1.00
CA GLY D 107 31.32 8.19 -0.52
C GLY D 107 32.82 7.99 -0.52
N ARG D 108 33.49 8.43 -1.58
CA ARG D 108 34.94 8.28 -1.66
C ARG D 108 35.65 9.18 -0.66
N PHE D 109 35.18 10.42 -0.50
CA PHE D 109 35.79 11.33 0.46
C PHE D 109 35.63 10.82 1.88
N LEU D 110 34.48 10.21 2.19
CA LEU D 110 34.27 9.66 3.52
C LEU D 110 35.26 8.54 3.81
N SER D 111 35.43 7.63 2.86
CA SER D 111 36.38 6.54 3.05
C SER D 111 37.81 7.06 3.16
N GLN D 112 38.17 8.06 2.36
CA GLN D 112 39.51 8.62 2.44
C GLN D 112 39.75 9.27 3.80
N ILE D 113 38.76 10.02 4.31
CA ILE D 113 38.90 10.65 5.62
C ILE D 113 39.00 9.60 6.71
N ARG D 114 38.21 8.54 6.61
CA ARG D 114 38.29 7.46 7.60
C ARG D 114 39.67 6.81 7.59
N GLU D 115 40.21 6.53 6.40
CA GLU D 115 41.53 5.93 6.32
C GLU D 115 42.59 6.86 6.90
N LYS D 116 42.50 8.16 6.59
CA LYS D 116 43.46 9.11 7.11
C LYS D 116 43.39 9.20 8.63
N LEU D 117 42.17 9.20 9.18
CA LEU D 117 42.02 9.25 10.64
C LEU D 117 42.56 7.98 11.29
N ILE D 118 42.35 6.82 10.66
CA ILE D 118 42.83 5.58 11.23
C ILE D 118 44.34 5.53 11.18
N GLN D 119 44.95 6.07 10.12
CA GLN D 119 46.39 6.04 9.97
C GLN D 119 47.09 7.12 10.80
N ARG D 120 46.39 8.18 11.16
CA ARG D 120 47.00 9.27 11.91
C ARG D 120 46.66 9.17 13.40
N ILE D 121 45.38 9.34 13.75
CA ILE D 121 44.96 9.33 15.14
C ILE D 121 45.20 7.95 15.74
N TYR D 122 44.42 6.96 15.30
CA TYR D 122 44.56 5.61 15.86
C TYR D 122 45.85 4.95 15.44
N ARG D 123 46.54 5.46 14.42
CA ARG D 123 47.82 4.91 13.97
C ARG D 123 47.63 3.48 13.44
N GLY D 124 46.83 3.35 12.40
CA GLY D 124 46.58 2.08 11.75
C GLY D 124 45.48 1.25 12.37
N ILE D 125 45.42 1.22 13.70
CA ILE D 125 44.40 0.42 14.39
C ILE D 125 43.03 0.97 14.03
N GLU D 126 42.19 0.11 13.44
CA GLU D 126 40.84 0.51 13.05
C GLU D 126 39.87 0.21 14.18
N PRO D 127 39.00 1.16 14.57
CA PRO D 127 38.03 0.87 15.62
C PRO D 127 37.14 -0.31 15.27
N THR D 128 36.82 -1.12 16.27
CA THR D 128 36.01 -2.31 16.10
C THR D 128 34.54 -2.07 16.43
N LEU D 129 34.08 -0.82 16.34
CA LEU D 129 32.69 -0.51 16.63
C LEU D 129 31.81 -0.76 15.40
N PRO D 130 30.56 -1.18 15.60
CA PRO D 130 29.67 -1.39 14.44
C PRO D 130 29.47 -0.12 13.64
N ASN D 131 30.14 -0.02 12.48
CA ASN D 131 30.03 1.14 11.61
C ASN D 131 30.40 2.42 12.36
N TRP D 132 31.65 2.48 12.81
CA TRP D 132 32.13 3.64 13.55
C TRP D 132 32.18 4.89 12.68
N PHE D 133 32.22 4.75 11.37
CA PHE D 133 32.28 5.88 10.44
C PHE D 133 31.26 5.65 9.33
N ALA D 134 30.26 6.53 9.24
CA ALA D 134 29.23 6.43 8.22
C ALA D 134 28.58 7.79 8.08
N VAL D 135 27.64 7.89 7.13
CA VAL D 135 26.91 9.12 6.85
C VAL D 135 25.41 8.81 6.88
N THR D 136 24.64 9.75 7.41
CA THR D 136 23.20 9.55 7.50
C THR D 136 22.59 9.42 6.12
N LYS D 137 21.70 8.43 5.97
CA LYS D 137 21.02 8.17 4.71
C LYS D 137 19.54 8.46 4.85
N THR D 138 18.89 8.72 3.70
CA THR D 138 17.46 8.97 3.70
C THR D 138 16.66 7.73 4.08
N ARG D 139 17.25 6.55 3.99
CA ARG D 139 16.58 5.31 4.34
C ARG D 139 17.61 4.33 4.87
N ASN D 140 17.20 3.54 5.85
CA ASN D 140 18.11 2.55 6.44
C ASN D 140 18.57 1.56 5.38
N GLY D 141 19.83 1.13 5.48
CA GLY D 141 20.40 0.20 4.54
C GLY D 141 21.05 0.90 3.37
N ALA D 142 21.32 0.10 2.33
CA ALA D 142 21.95 0.59 1.10
C ALA D 142 20.93 1.07 0.07
N GLY D 143 19.70 1.33 0.49
CA GLY D 143 18.67 1.81 -0.42
C GLY D 143 18.62 3.31 -0.52
N GLY D 144 18.24 3.97 0.58
CA GLY D 144 18.17 5.42 0.58
C GLY D 144 19.53 6.04 0.32
N GLY D 145 19.50 7.26 -0.22
CA GLY D 145 20.71 7.98 -0.56
C GLY D 145 21.14 8.93 0.54
N ASN D 146 22.14 9.75 0.22
CA ASN D 146 22.67 10.71 1.17
C ASN D 146 21.58 11.68 1.59
N LYS D 147 21.40 11.84 2.90
CA LYS D 147 20.37 12.73 3.45
C LYS D 147 20.91 14.15 3.42
N VAL D 148 20.43 14.95 2.47
CA VAL D 148 20.85 16.36 2.34
C VAL D 148 19.89 17.17 3.19
N VAL D 149 20.27 17.39 4.45
CA VAL D 149 19.44 18.15 5.38
C VAL D 149 19.50 19.63 5.02
N ASP D 150 18.85 20.47 5.83
CA ASP D 150 18.81 21.90 5.61
C ASP D 150 19.26 22.62 6.88
N GLU D 151 19.32 23.95 6.80
CA GLU D 151 19.74 24.73 7.96
C GLU D 151 18.78 24.58 9.13
N SER D 152 17.52 24.24 8.85
CA SER D 152 16.54 24.07 9.92
C SER D 152 16.73 22.77 10.70
N TYR D 153 17.67 21.92 10.28
CA TYR D 153 17.92 20.67 10.98
C TYR D 153 18.70 20.87 12.28
N ILE D 154 19.47 21.95 12.39
CA ILE D 154 20.26 22.21 13.59
C ILE D 154 19.33 22.54 14.75
N PRO D 155 18.47 23.55 14.64
CA PRO D 155 17.57 23.87 15.76
C PRO D 155 16.42 22.89 15.93
N ASN D 156 16.36 21.82 15.15
CA ASN D 156 15.27 20.85 15.22
C ASN D 156 15.68 19.52 15.85
N TYR D 157 16.97 19.29 16.05
CA TYR D 157 17.43 18.02 16.61
C TYR D 157 18.67 18.20 17.47
N LEU D 158 19.57 19.11 17.06
CA LEU D 158 20.81 19.31 17.79
C LEU D 158 20.61 20.26 18.98
N LEU D 159 20.15 21.47 18.71
CA LEU D 159 19.97 22.44 19.78
C LEU D 159 18.97 21.99 20.83
N PRO D 160 17.84 21.36 20.50
CA PRO D 160 16.92 20.91 21.55
C PRO D 160 17.59 20.09 22.65
N LYS D 161 18.59 19.28 22.30
CA LYS D 161 19.29 18.50 23.31
C LYS D 161 20.00 19.42 24.30
N THR D 162 19.97 19.03 25.56
CA THR D 162 20.47 19.86 26.66
C THR D 162 21.71 19.21 27.28
N GLN D 163 22.11 19.73 28.44
CA GLN D 163 23.32 19.28 29.13
C GLN D 163 23.46 17.77 29.23
N PRO D 164 22.41 17.01 29.62
CA PRO D 164 22.60 15.56 29.79
C PRO D 164 23.15 14.87 28.54
N GLU D 165 22.52 15.12 27.40
CA GLU D 165 22.97 14.50 26.15
C GLU D 165 24.05 15.31 25.44
N LEU D 166 24.26 16.56 25.83
CA LEU D 166 25.26 17.42 25.20
C LEU D 166 26.57 17.37 25.96
N GLN D 167 27.66 17.53 25.23
CA GLN D 167 29.00 17.53 25.82
C GLN D 167 29.82 18.70 25.29
N TRP D 168 29.87 18.84 23.96
CA TRP D 168 30.61 19.92 23.33
C TRP D 168 30.07 20.10 21.92
N ALA D 169 30.53 21.18 21.28
CA ALA D 169 30.11 21.49 19.92
C ALA D 169 31.06 22.51 19.32
N TRP D 170 31.27 22.40 18.01
CA TRP D 170 32.15 23.32 17.28
C TRP D 170 31.47 23.71 15.99
N THR D 171 31.45 25.01 15.69
CA THR D 171 30.84 25.52 14.48
C THR D 171 31.35 26.92 14.20
N ASN D 172 31.46 27.26 12.92
CA ASN D 172 31.93 28.57 12.50
C ASN D 172 30.80 29.51 12.10
N MET D 173 29.56 29.02 12.04
CA MET D 173 28.44 29.87 11.66
C MET D 173 28.23 30.97 12.69
N GLU D 174 28.03 32.20 12.21
CA GLU D 174 27.83 33.33 13.11
C GLU D 174 26.49 33.25 13.83
N GLN D 175 25.52 32.50 13.30
CA GLN D 175 24.21 32.38 13.94
C GLN D 175 24.18 31.35 15.06
N TYR D 176 25.24 30.56 15.22
CA TYR D 176 25.31 29.53 16.26
C TYR D 176 26.65 29.58 16.96
N LEU D 177 27.10 30.78 17.30
CA LEU D 177 28.38 30.97 17.99
C LEU D 177 28.22 30.86 19.51
N SER D 178 27.32 31.67 20.08
CA SER D 178 27.11 31.64 21.52
C SER D 178 26.41 30.38 21.99
N ALA D 179 25.76 29.65 21.08
CA ALA D 179 25.05 28.43 21.41
C ALA D 179 25.95 27.20 21.39
N CYS D 180 27.27 27.39 21.42
CA CYS D 180 28.18 26.25 21.41
C CYS D 180 28.25 25.58 22.78
N LEU D 181 28.44 26.38 23.83
CA LEU D 181 28.54 25.87 25.20
C LEU D 181 27.70 26.76 26.12
N ASN D 182 26.42 26.86 25.80
CA ASN D 182 25.49 27.66 26.60
C ASN D 182 24.09 27.13 26.39
N LEU D 183 23.46 26.66 27.49
CA LEU D 183 22.11 26.13 27.38
C LEU D 183 21.09 27.23 27.16
N THR D 184 21.32 28.42 27.73
CA THR D 184 20.37 29.51 27.58
C THR D 184 20.26 29.93 26.11
N GLU D 185 21.39 30.09 25.44
CA GLU D 185 21.37 30.48 24.03
C GLU D 185 20.71 29.42 23.17
N ARG D 186 20.99 28.14 23.46
CA ARG D 186 20.36 27.06 22.70
C ARG D 186 18.85 27.07 22.87
N LYS D 187 18.39 27.23 24.12
CA LYS D 187 16.95 27.27 24.37
C LYS D 187 16.32 28.48 23.69
N ARG D 188 17.00 29.64 23.73
CA ARG D 188 16.46 30.82 23.07
C ARG D 188 16.34 30.61 21.57
N LEU D 189 17.37 30.01 20.95
CA LEU D 189 17.31 29.75 19.52
C LEU D 189 16.20 28.76 19.18
N VAL D 190 16.03 27.73 20.01
CA VAL D 190 14.98 26.75 19.76
C VAL D 190 13.61 27.42 19.87
N ALA D 191 13.42 28.27 20.87
CA ALA D 191 12.15 28.96 21.01
C ALA D 191 11.89 29.89 19.83
N GLN D 192 12.92 30.60 19.38
CA GLN D 192 12.76 31.48 18.23
C GLN D 192 12.40 30.70 16.98
N HIS D 193 13.05 29.55 16.76
CA HIS D 193 12.73 28.74 15.61
C HIS D 193 11.31 28.18 15.69
N LEU D 194 10.88 27.79 16.88
CA LEU D 194 9.52 27.27 17.05
C LEU D 194 8.49 28.37 16.81
N THR D 195 8.80 29.60 17.24
CA THR D 195 7.88 30.70 17.03
C THR D 195 7.84 31.13 15.56
N HIS D 196 8.96 31.02 14.85
CA HIS D 196 8.98 31.39 13.44
C HIS D 196 8.05 30.50 12.62
N VAL D 197 8.22 29.19 12.73
CA VAL D 197 7.38 28.24 12.00
C VAL D 197 5.94 28.35 12.49
N PRO D 215 2.64 27.17 2.58
CA PRO D 215 3.49 25.99 2.78
C PRO D 215 3.24 24.97 1.66
N VAL D 216 4.32 24.48 1.02
CA VAL D 216 4.20 23.49 -0.08
C VAL D 216 5.38 22.52 0.00
N ILE D 217 5.49 21.60 -0.96
CA ILE D 217 6.61 20.62 -0.99
C ILE D 217 7.04 20.43 -2.46
N ARG D 218 8.34 20.51 -2.74
CA ARG D 218 8.81 20.35 -4.12
C ARG D 218 9.37 18.95 -4.30
N SER D 219 8.87 18.22 -5.29
CA SER D 219 9.33 16.88 -5.58
C SER D 219 9.20 16.62 -7.07
N LYS D 220 10.05 15.72 -7.58
CA LYS D 220 10.02 15.39 -9.00
C LYS D 220 8.73 14.69 -9.40
N THR D 221 8.06 14.03 -8.46
CA THR D 221 6.81 13.34 -8.77
C THR D 221 5.59 14.25 -8.70
N SER D 222 5.66 15.32 -7.90
CA SER D 222 4.54 16.25 -7.79
C SER D 222 4.65 17.42 -8.77
N ALA D 223 5.86 17.77 -9.19
CA ALA D 223 6.02 18.87 -10.14
C ALA D 223 5.34 18.54 -11.47
N ARG D 224 5.48 17.31 -11.94
CA ARG D 224 4.84 16.91 -13.19
C ARG D 224 3.33 16.79 -13.02
N TYR D 225 2.86 16.36 -11.85
CA TYR D 225 1.43 16.27 -11.61
C TYR D 225 0.79 17.65 -11.57
N MET D 226 1.50 18.64 -11.01
CA MET D 226 0.96 19.99 -10.95
C MET D 226 0.79 20.58 -12.34
N GLU D 227 1.62 20.16 -13.29
CA GLU D 227 1.48 20.63 -14.67
C GLU D 227 0.45 19.80 -15.44
N LEU D 228 0.35 18.51 -15.14
CA LEU D 228 -0.64 17.67 -15.80
C LEU D 228 -2.05 18.10 -15.43
N VAL D 229 -2.29 18.41 -14.15
CA VAL D 229 -3.62 18.83 -13.73
C VAL D 229 -3.99 20.17 -14.37
N GLY D 230 -2.99 21.03 -14.61
CA GLY D 230 -3.27 22.29 -15.27
C GLY D 230 -3.49 22.15 -16.77
N TRP D 231 -2.78 21.22 -17.41
CA TRP D 231 -2.98 20.98 -18.82
C TRP D 231 -4.32 20.29 -19.09
N LEU D 232 -4.77 19.43 -18.16
CA LEU D 232 -6.05 18.77 -18.34
C LEU D 232 -7.19 19.78 -18.38
N VAL D 233 -7.24 20.69 -17.40
CA VAL D 233 -8.28 21.71 -17.39
C VAL D 233 -8.18 22.61 -18.61
N ASP D 234 -6.96 22.85 -19.09
CA ASP D 234 -6.79 23.67 -20.28
C ASP D 234 -7.37 22.98 -21.51
N LYS D 235 -7.15 21.68 -21.65
CA LYS D 235 -7.69 20.93 -22.77
C LYS D 235 -9.17 20.61 -22.60
N GLY D 236 -9.71 20.72 -21.38
CA GLY D 236 -11.11 20.44 -21.15
C GLY D 236 -11.43 18.97 -20.95
N ILE D 237 -10.56 18.25 -20.26
CA ILE D 237 -10.77 16.82 -20.01
C ILE D 237 -11.45 16.66 -18.66
N THR D 238 -12.51 15.84 -18.62
CA THR D 238 -13.24 15.61 -17.39
C THR D 238 -13.60 14.14 -17.21
N SER D 239 -12.94 13.23 -17.93
CA SER D 239 -13.22 11.80 -17.83
C SER D 239 -12.10 11.06 -18.55
N GLU D 240 -12.19 9.73 -18.56
CA GLU D 240 -11.17 8.92 -19.20
C GLU D 240 -11.28 8.95 -20.72
N LYS D 241 -12.50 9.07 -21.25
CA LYS D 241 -12.66 9.11 -22.70
C LYS D 241 -12.07 10.37 -23.29
N GLN D 242 -12.22 11.50 -22.59
CA GLN D 242 -11.65 12.76 -23.09
C GLN D 242 -10.12 12.69 -23.13
N TRP D 243 -9.51 11.98 -22.19
CA TRP D 243 -8.06 11.83 -22.20
C TRP D 243 -7.60 11.03 -23.42
N ILE D 244 -8.31 9.96 -23.75
CA ILE D 244 -7.95 9.16 -24.92
C ILE D 244 -8.23 9.94 -26.20
N GLN D 245 -9.26 10.80 -26.19
CA GLN D 245 -9.57 11.59 -27.37
C GLN D 245 -8.38 12.44 -27.81
N GLU D 246 -7.56 12.88 -26.86
CA GLU D 246 -6.38 13.69 -27.20
C GLU D 246 -5.22 12.81 -27.64
N ASP D 247 -4.85 11.84 -26.81
CA ASP D 247 -3.75 10.93 -27.14
C ASP D 247 -3.89 9.68 -26.30
N GLN D 248 -4.08 8.54 -26.94
CA GLN D 248 -4.23 7.29 -26.21
C GLN D 248 -2.93 6.90 -25.51
N ALA D 249 -1.79 7.11 -26.17
CA ALA D 249 -0.52 6.77 -25.55
C ALA D 249 -0.27 7.60 -24.30
N SER D 250 -0.61 8.89 -24.35
CA SER D 250 -0.43 9.75 -23.18
C SER D 250 -1.26 9.26 -22.01
N TYR D 251 -2.52 8.90 -22.26
CA TYR D 251 -3.38 8.40 -21.19
C TYR D 251 -2.86 7.07 -20.64
N ILE D 252 -2.39 6.19 -21.54
CA ILE D 252 -1.89 4.89 -21.08
C ILE D 252 -0.63 5.07 -20.25
N SER D 253 0.20 6.08 -20.57
CA SER D 253 1.44 6.28 -19.82
C SER D 253 1.16 6.66 -18.38
N PHE D 254 0.04 7.33 -18.11
CA PHE D 254 -0.32 7.78 -16.78
C PHE D 254 -1.19 6.78 -16.03
N ASN D 255 -1.14 5.50 -16.39
CA ASN D 255 -1.92 4.48 -15.70
C ASN D 255 -1.28 3.11 -15.87
N ALA D 256 0.05 3.04 -15.70
CA ALA D 256 0.74 1.77 -15.83
C ALA D 256 0.68 0.97 -14.53
N ALA D 257 0.99 1.61 -13.41
CA ALA D 257 0.97 0.98 -12.10
C ALA D 257 -0.22 1.47 -11.29
N SER D 258 -0.45 0.82 -10.15
CA SER D 258 -1.56 1.20 -9.29
C SER D 258 -1.40 2.63 -8.79
N ASN D 259 -0.15 3.03 -8.47
CA ASN D 259 0.08 4.40 -8.03
C ASN D 259 -0.29 5.39 -9.13
N SER D 260 -0.04 5.03 -10.39
CA SER D 260 -0.43 5.89 -11.50
C SER D 260 -1.91 5.80 -11.80
N ARG D 261 -2.55 4.67 -11.51
CA ARG D 261 -3.97 4.52 -11.75
C ARG D 261 -4.77 5.36 -10.76
N SER D 262 -4.44 5.25 -9.46
CA SER D 262 -5.11 6.10 -8.47
C SER D 262 -4.87 7.57 -8.75
N GLN D 263 -3.71 7.91 -9.32
CA GLN D 263 -3.45 9.29 -9.70
C GLN D 263 -4.44 9.78 -10.74
N ILE D 264 -4.89 8.90 -11.63
CA ILE D 264 -5.88 9.29 -12.64
C ILE D 264 -7.17 9.72 -11.97
N LYS D 265 -7.67 8.90 -11.04
CA LYS D 265 -8.90 9.23 -10.33
C LYS D 265 -8.73 10.51 -9.51
N ALA D 266 -7.59 10.65 -8.83
CA ALA D 266 -7.35 11.85 -8.04
C ALA D 266 -7.37 13.10 -8.92
N ALA D 267 -6.68 13.04 -10.06
CA ALA D 267 -6.64 14.19 -10.96
C ALA D 267 -8.01 14.48 -11.53
N LEU D 268 -8.79 13.45 -11.86
CA LEU D 268 -10.13 13.67 -12.36
C LEU D 268 -10.99 14.38 -11.32
N ASP D 269 -10.96 13.89 -10.08
CA ASP D 269 -11.75 14.51 -9.02
C ASP D 269 -11.33 15.95 -8.79
N ASN D 270 -10.02 16.21 -8.75
CA ASN D 270 -9.54 17.56 -8.51
C ASN D 270 -9.92 18.49 -9.65
N ALA D 271 -9.79 18.02 -10.90
CA ALA D 271 -10.16 18.84 -12.05
C ALA D 271 -11.65 19.14 -12.03
N GLY D 272 -12.48 18.16 -11.66
CA GLY D 272 -13.90 18.42 -11.56
C GLY D 272 -14.23 19.45 -10.49
N LYS D 273 -13.65 19.28 -9.30
CA LYS D 273 -13.92 20.21 -8.21
C LYS D 273 -13.39 21.61 -8.53
N ILE D 274 -12.36 21.71 -9.36
CA ILE D 274 -11.84 23.01 -9.75
C ILE D 274 -12.73 23.65 -10.81
N MET D 275 -13.08 22.89 -11.85
CA MET D 275 -14.00 23.39 -12.87
C MET D 275 -15.32 23.83 -12.24
N SER D 276 -15.67 23.21 -11.11
CA SER D 276 -16.91 23.61 -10.39
C SER D 276 -16.75 25.04 -9.87
N LEU D 277 -15.50 25.52 -9.77
CA LEU D 277 -15.24 26.88 -9.23
C LEU D 277 -14.28 27.63 -10.17
N THR D 278 -14.68 27.84 -11.43
CA THR D 278 -13.83 28.64 -12.36
C THR D 278 -14.10 30.13 -12.12
N LYS D 279 -15.06 30.71 -12.83
CA LYS D 279 -15.39 32.14 -12.69
C LYS D 279 -16.64 32.40 -13.53
N THR D 280 -16.62 31.91 -14.78
CA THR D 280 -17.78 32.05 -15.68
C THR D 280 -17.79 30.89 -16.67
N ALA D 281 -18.96 30.48 -17.15
CA ALA D 281 -19.04 29.42 -18.16
C ALA D 281 -18.34 29.81 -19.46
N PRO D 282 -18.51 31.06 -19.94
CA PRO D 282 -17.87 31.43 -21.21
C PRO D 282 -16.36 31.22 -21.21
N ASP D 283 -15.75 31.12 -20.03
CA ASP D 283 -14.32 30.86 -19.95
C ASP D 283 -13.93 29.61 -20.72
N TYR D 284 -14.84 28.62 -20.79
CA TYR D 284 -14.59 27.39 -21.52
C TYR D 284 -15.30 27.34 -22.87
N LEU D 285 -16.38 28.11 -23.05
CA LEU D 285 -17.10 28.10 -24.32
C LEU D 285 -16.47 29.03 -25.34
N VAL D 286 -16.00 30.20 -24.90
CA VAL D 286 -15.40 31.16 -25.82
C VAL D 286 -14.13 30.56 -26.40
N GLY D 287 -13.99 30.67 -27.73
CA GLY D 287 -12.83 30.13 -28.40
C GLY D 287 -11.59 30.97 -28.16
N GLN D 288 -10.46 30.46 -28.66
CA GLN D 288 -9.18 31.13 -28.52
C GLN D 288 -8.86 31.94 -29.77
N GLN D 289 -8.61 31.25 -30.88
CA GLN D 289 -8.28 31.93 -32.12
C GLN D 289 -9.52 32.55 -32.75
N PRO D 290 -9.36 33.62 -33.53
CA PRO D 290 -10.53 34.25 -34.15
C PRO D 290 -11.12 33.42 -35.28
N VAL D 291 -12.19 33.91 -35.89
CA VAL D 291 -12.88 33.22 -36.97
C VAL D 291 -12.57 33.93 -38.28
N GLU D 292 -12.34 33.14 -39.33
CA GLU D 292 -12.05 33.68 -40.66
C GLU D 292 -13.15 33.43 -41.67
N ASP D 293 -14.10 32.53 -41.38
CA ASP D 293 -15.19 32.24 -42.30
C ASP D 293 -16.41 31.85 -41.45
N ILE D 294 -17.24 32.84 -41.13
CA ILE D 294 -18.43 32.60 -40.32
C ILE D 294 -19.62 32.14 -41.15
N SER D 295 -19.64 32.44 -42.46
CA SER D 295 -20.76 32.03 -43.28
C SER D 295 -20.88 30.52 -43.35
N SER D 296 -19.76 29.80 -43.28
CA SER D 296 -19.81 28.34 -43.33
C SER D 296 -20.37 27.73 -42.05
N ASN D 297 -20.39 28.48 -40.95
CA ASN D 297 -20.91 27.96 -39.70
C ASN D 297 -22.41 27.68 -39.82
N ARG D 298 -22.85 26.59 -39.19
CA ARG D 298 -24.27 26.24 -39.23
C ARG D 298 -25.11 27.20 -38.40
N ILE D 299 -24.55 27.73 -37.31
CA ILE D 299 -25.30 28.67 -36.48
C ILE D 299 -25.62 29.94 -37.27
N TYR D 300 -24.68 30.39 -38.09
CA TYR D 300 -24.92 31.58 -38.91
C TYR D 300 -26.11 31.37 -39.85
N LYS D 301 -26.13 30.22 -40.53
CA LYS D 301 -27.24 29.94 -41.44
C LYS D 301 -28.55 29.77 -40.69
N ILE D 302 -28.50 29.13 -39.52
CA ILE D 302 -29.72 28.93 -38.72
C ILE D 302 -30.28 30.28 -38.29
N LEU D 303 -29.41 31.23 -37.95
CA LEU D 303 -29.87 32.54 -37.50
C LEU D 303 -30.32 33.40 -38.67
N GLU D 304 -29.70 33.25 -39.85
CA GLU D 304 -30.09 34.04 -41.00
C GLU D 304 -31.32 33.50 -41.71
N LEU D 305 -31.66 32.23 -41.50
CA LEU D 305 -32.83 31.65 -42.15
C LEU D 305 -34.12 32.03 -41.44
N ASN D 306 -34.09 32.08 -40.10
CA ASN D 306 -35.27 32.42 -39.33
C ASN D 306 -35.58 33.92 -39.34
N GLY D 307 -34.74 34.72 -39.97
CA GLY D 307 -34.97 36.16 -40.03
C GLY D 307 -34.46 36.89 -38.82
N TYR D 308 -33.16 36.78 -38.55
CA TYR D 308 -32.54 37.43 -37.40
C TYR D 308 -31.11 37.79 -37.75
N ASP D 309 -30.71 39.01 -37.41
CA ASP D 309 -29.35 39.47 -37.69
C ASP D 309 -28.34 38.57 -36.97
N PRO D 310 -27.48 37.85 -37.69
CA PRO D 310 -26.49 37.01 -36.98
C PRO D 310 -25.63 37.78 -36.00
N GLN D 311 -25.26 39.02 -36.33
CA GLN D 311 -24.42 39.81 -35.43
C GLN D 311 -25.15 40.10 -34.13
N TYR D 312 -26.40 40.58 -34.22
CA TYR D 312 -27.16 40.88 -33.01
C TYR D 312 -27.42 39.64 -32.21
N ALA D 313 -27.72 38.52 -32.88
CA ALA D 313 -27.96 37.27 -32.16
C ALA D 313 -26.71 36.81 -31.43
N ALA D 314 -25.54 36.92 -32.08
CA ALA D 314 -24.29 36.53 -31.43
C ALA D 314 -24.00 37.43 -30.24
N SER D 315 -24.24 38.73 -30.38
CA SER D 315 -24.03 39.65 -29.26
C SER D 315 -24.96 39.32 -28.10
N VAL D 316 -26.22 38.99 -28.40
CA VAL D 316 -27.17 38.64 -27.35
C VAL D 316 -26.72 37.35 -26.65
N PHE D 317 -26.27 36.37 -27.43
CA PHE D 317 -25.80 35.13 -26.83
C PHE D 317 -24.59 35.37 -25.93
N LEU D 318 -23.66 36.20 -26.39
CA LEU D 318 -22.48 36.50 -25.57
C LEU D 318 -22.88 37.20 -24.29
N GLY D 319 -23.77 38.18 -24.37
CA GLY D 319 -24.23 38.88 -23.18
C GLY D 319 -25.00 37.98 -22.23
N TRP D 320 -25.71 36.99 -22.76
CA TRP D 320 -26.48 36.08 -21.92
C TRP D 320 -25.58 35.07 -21.23
N ALA D 321 -24.54 34.59 -21.93
CA ALA D 321 -23.63 33.62 -21.35
C ALA D 321 -22.66 34.24 -20.36
N THR D 322 -22.38 35.54 -20.47
CA THR D 322 -21.45 36.23 -19.59
C THR D 322 -22.11 36.87 -18.38
N LYS D 323 -23.41 36.61 -18.16
CA LYS D 323 -24.14 37.19 -17.03
C LYS D 323 -24.09 38.71 -17.06
N LYS D 324 -24.12 39.30 -18.26
CA LYS D 324 -24.04 40.75 -18.38
C LYS D 324 -25.40 41.41 -18.16
N PHE D 325 -26.49 40.73 -18.52
CA PHE D 325 -27.82 41.31 -18.34
C PHE D 325 -28.29 41.22 -16.90
N GLY D 326 -27.97 40.11 -16.22
CA GLY D 326 -28.38 39.93 -14.85
C GLY D 326 -29.79 39.39 -14.72
N LYS D 327 -30.77 40.28 -14.58
CA LYS D 327 -32.16 39.85 -14.46
C LYS D 327 -32.66 39.26 -15.77
N ARG D 328 -32.37 39.93 -16.89
CA ARG D 328 -32.79 39.47 -18.21
C ARG D 328 -31.76 38.53 -18.85
N ASN D 329 -30.99 37.81 -18.05
CA ASN D 329 -29.96 36.90 -18.55
C ASN D 329 -30.57 35.54 -18.84
N THR D 330 -31.45 35.51 -19.84
CA THR D 330 -32.11 34.28 -20.25
C THR D 330 -32.56 34.42 -21.70
N ILE D 331 -32.52 33.31 -22.42
CA ILE D 331 -32.94 33.25 -23.82
C ILE D 331 -33.98 32.15 -23.96
N TRP D 332 -35.02 32.42 -24.75
CA TRP D 332 -36.11 31.49 -24.98
C TRP D 332 -36.37 31.40 -26.48
N LEU D 333 -36.15 30.22 -27.05
CA LEU D 333 -36.37 29.99 -28.47
C LEU D 333 -37.77 29.42 -28.66
N PHE D 334 -38.61 30.17 -29.39
CA PHE D 334 -40.02 29.75 -29.63
C PHE D 334 -40.18 29.16 -31.02
N GLY D 335 -41.35 28.58 -31.32
CA GLY D 335 -41.58 27.91 -32.62
C GLY D 335 -41.58 26.41 -32.41
N PRO D 336 -41.99 25.55 -33.37
CA PRO D 336 -42.08 24.08 -33.14
C PRO D 336 -40.70 23.49 -32.87
N ALA D 337 -40.64 22.24 -32.42
CA ALA D 337 -39.34 21.63 -32.06
C ALA D 337 -38.44 21.50 -33.28
N THR D 338 -37.11 21.56 -33.08
CA THR D 338 -36.14 21.35 -34.15
C THR D 338 -36.31 22.41 -35.24
N THR D 339 -36.34 23.68 -34.85
CA THR D 339 -36.53 24.74 -35.86
C THR D 339 -35.41 25.73 -35.68
N GLY D 340 -34.17 25.23 -35.69
CA GLY D 340 -33.02 26.11 -35.41
C GLY D 340 -32.95 26.37 -33.92
N LYS D 341 -33.60 25.51 -33.13
CA LYS D 341 -33.61 25.68 -31.66
C LYS D 341 -32.96 24.47 -31.00
N THR D 342 -33.30 23.25 -31.45
CA THR D 342 -32.78 22.06 -30.79
C THR D 342 -31.34 21.77 -31.21
N ASN D 343 -30.97 22.08 -32.45
CA ASN D 343 -29.62 21.79 -32.91
C ASN D 343 -28.59 22.61 -32.15
N ILE D 344 -28.82 23.91 -32.03
CA ILE D 344 -27.87 24.78 -31.34
C ILE D 344 -27.76 24.38 -29.87
N ALA D 345 -28.89 24.08 -29.24
CA ALA D 345 -28.87 23.68 -27.83
C ALA D 345 -28.12 22.37 -27.64
N GLU D 346 -28.35 21.40 -28.53
CA GLU D 346 -27.64 20.13 -28.44
C GLU D 346 -26.14 20.33 -28.64
N ALA D 347 -25.75 21.18 -29.59
CA ALA D 347 -24.34 21.45 -29.80
C ALA D 347 -23.72 22.11 -28.58
N ILE D 348 -24.43 23.05 -27.96
CA ILE D 348 -23.92 23.71 -26.76
C ILE D 348 -23.77 22.70 -25.63
N ALA D 349 -24.75 21.81 -25.47
CA ALA D 349 -24.68 20.81 -24.42
C ALA D 349 -23.52 19.86 -24.65
N HIS D 350 -23.27 19.50 -25.91
CA HIS D 350 -22.13 18.62 -26.22
C HIS D 350 -20.79 19.33 -26.08
N THR D 351 -20.78 20.66 -26.21
CA THR D 351 -19.53 21.40 -26.09
C THR D 351 -19.14 21.63 -24.63
N VAL D 352 -20.10 22.07 -23.82
CA VAL D 352 -19.84 22.35 -22.41
C VAL D 352 -19.44 21.07 -21.70
N PRO D 353 -18.78 21.13 -20.54
CA PRO D 353 -18.37 19.90 -19.86
C PRO D 353 -19.56 19.07 -19.41
N PHE D 354 -20.43 19.65 -18.60
CA PHE D 354 -21.60 18.97 -18.07
C PHE D 354 -22.87 19.72 -18.47
N TYR D 355 -23.96 18.98 -18.56
CA TYR D 355 -25.26 19.55 -18.93
C TYR D 355 -26.36 18.73 -18.28
N GLY D 356 -27.59 19.23 -18.38
CA GLY D 356 -28.74 18.57 -17.81
C GLY D 356 -30.04 19.00 -18.44
N CYS D 357 -30.89 18.03 -18.77
CA CYS D 357 -32.19 18.31 -19.38
C CYS D 357 -33.23 18.49 -18.29
N VAL D 358 -34.01 19.57 -18.40
CA VAL D 358 -35.06 19.84 -17.41
C VAL D 358 -36.19 18.85 -17.63
N ASN D 359 -36.39 17.95 -16.66
CA ASN D 359 -37.45 16.95 -16.74
C ASN D 359 -38.79 17.63 -16.47
N TRP D 360 -39.42 18.11 -17.55
CA TRP D 360 -40.71 18.78 -17.41
C TRP D 360 -41.79 17.82 -16.94
N THR D 361 -41.64 16.52 -17.23
CA THR D 361 -42.66 15.56 -16.81
C THR D 361 -42.70 15.44 -15.29
N ASN D 362 -41.54 15.43 -14.64
CA ASN D 362 -41.44 15.32 -13.19
C ASN D 362 -41.56 16.72 -12.60
N GLU D 363 -42.80 17.11 -12.27
CA GLU D 363 -43.03 18.43 -11.70
C GLU D 363 -42.50 18.55 -10.27
N ASN D 364 -42.31 17.42 -9.58
CA ASN D 364 -41.80 17.47 -8.21
C ASN D 364 -40.33 17.85 -8.19
N PHE D 365 -39.52 17.19 -9.01
CA PHE D 365 -38.07 17.45 -9.09
C PHE D 365 -37.67 17.51 -10.55
N PRO D 366 -38.08 18.56 -11.26
CA PRO D 366 -37.71 18.66 -12.68
C PRO D 366 -36.22 18.90 -12.91
N PHE D 367 -35.52 19.47 -11.93
CA PHE D 367 -34.08 19.74 -12.05
C PHE D 367 -33.23 18.58 -11.54
N ASN D 368 -33.74 17.35 -11.63
CA ASN D 368 -32.96 16.21 -11.17
C ASN D 368 -31.73 15.98 -12.03
N ASP D 369 -31.88 16.12 -13.34
CA ASP D 369 -30.75 15.93 -14.25
C ASP D 369 -29.84 17.14 -14.31
N CYS D 370 -30.31 18.31 -13.89
CA CYS D 370 -29.52 19.54 -13.91
C CYS D 370 -28.76 19.76 -12.60
N VAL D 371 -28.33 18.70 -11.93
CA VAL D 371 -27.61 18.80 -10.68
C VAL D 371 -26.11 18.85 -10.97
N ASP D 372 -25.42 19.84 -10.41
CA ASP D 372 -23.99 19.99 -10.60
C ASP D 372 -23.65 20.19 -12.08
N LYS D 373 -24.51 20.91 -12.79
CA LYS D 373 -24.32 21.20 -14.21
C LYS D 373 -24.07 22.69 -14.41
N MET D 374 -23.38 23.01 -15.51
CA MET D 374 -23.04 24.38 -15.83
C MET D 374 -24.11 25.09 -16.64
N VAL D 375 -24.95 24.35 -17.37
CA VAL D 375 -26.00 24.93 -18.19
C VAL D 375 -27.28 24.14 -17.95
N ILE D 376 -28.41 24.85 -17.93
CA ILE D 376 -29.73 24.26 -17.73
C ILE D 376 -30.44 24.30 -19.07
N TRP D 377 -30.62 23.13 -19.68
CA TRP D 377 -31.26 23.01 -20.98
C TRP D 377 -32.69 22.51 -20.80
N TRP D 378 -33.64 23.23 -21.40
CA TRP D 378 -35.06 22.87 -21.36
C TRP D 378 -35.46 22.47 -22.78
N GLU D 379 -35.47 21.18 -23.05
CA GLU D 379 -35.81 20.64 -24.37
C GLU D 379 -37.24 20.16 -24.37
N GLU D 380 -38.06 20.76 -25.23
CA GLU D 380 -39.48 20.42 -25.38
C GLU D 380 -40.13 20.14 -24.03
N GLY D 381 -40.17 21.18 -23.20
CA GLY D 381 -40.76 21.08 -21.88
C GLY D 381 -41.50 22.33 -21.46
N LYS D 382 -42.65 22.17 -20.84
CA LYS D 382 -43.47 23.28 -20.39
C LYS D 382 -43.07 23.71 -18.98
N MET D 383 -43.42 24.94 -18.64
CA MET D 383 -43.11 25.49 -17.32
C MET D 383 -44.06 24.91 -16.28
N THR D 384 -43.51 24.62 -15.10
CA THR D 384 -44.27 24.07 -13.99
C THR D 384 -44.38 25.09 -12.87
N ALA D 385 -45.50 25.03 -12.15
CA ALA D 385 -45.75 25.95 -11.05
C ALA D 385 -45.12 25.48 -9.74
N LYS D 386 -44.64 24.23 -9.68
CA LYS D 386 -44.05 23.73 -8.44
C LYS D 386 -42.66 24.29 -8.19
N VAL D 387 -41.97 24.76 -9.23
CA VAL D 387 -40.62 25.31 -9.08
C VAL D 387 -40.51 26.61 -9.85
N VAL D 388 -41.62 27.36 -9.93
CA VAL D 388 -41.59 28.63 -10.64
C VAL D 388 -40.99 29.73 -9.77
N GLU D 389 -41.34 29.76 -8.49
CA GLU D 389 -40.79 30.78 -7.59
C GLU D 389 -39.29 30.60 -7.42
N SER D 390 -38.84 29.36 -7.20
CA SER D 390 -37.42 29.11 -7.05
C SER D 390 -36.66 29.33 -8.36
N ALA D 391 -37.31 29.04 -9.49
CA ALA D 391 -36.65 29.25 -10.78
C ALA D 391 -36.52 30.72 -11.11
N LYS D 392 -37.49 31.54 -10.67
CA LYS D 392 -37.42 32.97 -10.94
C LYS D 392 -36.18 33.60 -10.30
N ALA D 393 -35.74 33.07 -9.16
CA ALA D 393 -34.55 33.60 -8.50
C ALA D 393 -33.31 33.37 -9.36
N ILE D 394 -33.12 32.14 -9.84
CA ILE D 394 -31.97 31.86 -10.70
C ILE D 394 -32.09 32.59 -12.02
N LEU D 395 -33.30 32.80 -12.52
CA LEU D 395 -33.49 33.51 -13.78
C LEU D 395 -33.31 35.01 -13.61
N GLY D 396 -33.64 35.55 -12.43
CA GLY D 396 -33.50 36.97 -12.18
C GLY D 396 -32.17 37.34 -11.55
N GLY D 397 -31.17 36.46 -11.71
CA GLY D 397 -29.86 36.72 -11.15
C GLY D 397 -29.85 36.70 -9.64
N SER D 398 -30.24 35.57 -9.05
CA SER D 398 -30.28 35.44 -7.61
C SER D 398 -30.01 33.98 -7.24
N LYS D 399 -29.37 33.78 -6.09
CA LYS D 399 -29.05 32.45 -5.60
C LYS D 399 -30.20 31.89 -4.78
N VAL D 400 -30.33 30.57 -4.83
CA VAL D 400 -31.39 29.87 -4.09
C VAL D 400 -31.07 28.39 -4.03
N ARG D 401 -31.29 27.77 -2.87
CA ARG D 401 -31.02 26.35 -2.67
C ARG D 401 -32.32 25.58 -2.87
N VAL D 402 -32.42 24.90 -4.01
CA VAL D 402 -33.61 24.11 -4.33
C VAL D 402 -33.36 22.66 -3.93
N ASP D 403 -34.44 21.91 -3.76
CA ASP D 403 -34.34 20.50 -3.38
C ASP D 403 -33.89 19.67 -4.57
N GLN D 404 -33.82 18.36 -4.36
CA GLN D 404 -33.41 17.42 -5.39
C GLN D 404 -34.26 16.16 -5.28
N LYS D 405 -34.09 15.27 -6.26
CA LYS D 405 -34.83 14.01 -6.30
C LYS D 405 -34.14 13.01 -5.37
N CYS D 406 -34.70 12.83 -4.18
CA CYS D 406 -34.14 11.90 -3.19
C CYS D 406 -32.71 12.27 -2.83
N LYS D 407 -32.43 13.57 -2.75
CA LYS D 407 -31.10 14.05 -2.42
C LYS D 407 -31.22 15.40 -1.75
N SER D 408 -30.19 15.76 -0.99
CA SER D 408 -30.18 17.03 -0.29
C SER D 408 -30.15 18.20 -1.28
N SER D 409 -30.49 19.37 -0.77
CA SER D 409 -30.50 20.57 -1.60
C SER D 409 -29.08 20.97 -1.98
N ALA D 410 -28.99 21.95 -2.89
CA ALA D 410 -27.70 22.44 -3.35
C ALA D 410 -27.89 23.80 -3.98
N GLN D 411 -26.99 24.73 -3.64
CA GLN D 411 -27.08 26.08 -4.19
C GLN D 411 -26.81 26.07 -5.69
N ILE D 412 -27.65 26.82 -6.41
CA ILE D 412 -27.50 26.91 -7.89
C ILE D 412 -27.18 28.37 -8.23
N ASP D 413 -25.89 28.67 -8.42
CA ASP D 413 -25.48 30.08 -8.68
C ASP D 413 -26.12 30.57 -9.99
N PRO D 414 -26.30 31.89 -10.17
CA PRO D 414 -26.84 32.42 -11.43
C PRO D 414 -26.19 31.81 -12.66
N THR D 415 -26.94 30.96 -13.36
CA THR D 415 -26.44 30.28 -14.56
C THR D 415 -27.35 30.56 -15.74
N PRO D 416 -26.78 30.90 -16.93
CA PRO D 416 -27.58 31.18 -18.15
C PRO D 416 -28.44 29.98 -18.53
N VAL D 417 -29.77 30.11 -18.38
CA VAL D 417 -30.70 29.01 -18.73
C VAL D 417 -31.11 29.16 -20.21
N ILE D 418 -31.32 28.04 -20.90
CA ILE D 418 -31.76 28.09 -22.33
C ILE D 418 -33.05 27.27 -22.50
N VAL D 419 -34.10 27.89 -23.03
CA VAL D 419 -35.36 27.19 -23.24
C VAL D 419 -35.54 26.99 -24.75
N THR D 420 -35.94 25.78 -25.15
CA THR D 420 -36.17 25.42 -26.55
C THR D 420 -37.43 24.56 -26.60
N SER D 421 -38.59 25.19 -26.51
CA SER D 421 -39.87 24.53 -26.52
C SER D 421 -40.74 25.10 -27.65
N ASN D 422 -41.86 24.43 -27.90
CA ASN D 422 -42.80 24.82 -28.94
C ASN D 422 -44.06 25.48 -28.39
N THR D 423 -44.59 25.00 -27.27
CA THR D 423 -45.78 25.59 -26.68
C THR D 423 -45.43 26.86 -25.91
N ASN D 424 -46.43 27.69 -25.71
CA ASN D 424 -46.25 28.95 -24.99
C ASN D 424 -45.81 28.67 -23.56
N MET D 425 -44.59 29.08 -23.21
CA MET D 425 -44.08 28.87 -21.86
C MET D 425 -44.85 29.68 -20.83
N CYS D 426 -45.57 30.72 -21.24
CA CYS D 426 -46.33 31.52 -20.29
C CYS D 426 -47.43 30.70 -19.63
N ALA D 427 -47.94 29.67 -20.31
CA ALA D 427 -48.99 28.80 -19.77
C ALA D 427 -48.36 27.84 -18.76
N VAL D 428 -48.01 28.40 -17.60
CA VAL D 428 -47.39 27.61 -16.54
C VAL D 428 -48.41 26.61 -16.01
N ILE D 429 -48.06 25.33 -16.06
CA ILE D 429 -48.93 24.26 -15.60
C ILE D 429 -48.73 24.08 -14.10
N ASP D 430 -49.84 23.84 -13.38
CA ASP D 430 -49.83 23.64 -11.94
C ASP D 430 -50.57 22.34 -11.63
N GLY D 431 -49.99 21.21 -12.04
CA GLY D 431 -50.60 19.92 -11.82
C GLY D 431 -51.62 19.56 -12.88
N ASN D 432 -52.88 19.43 -12.47
CA ASN D 432 -53.98 19.09 -13.38
C ASN D 432 -54.75 20.32 -13.82
N SER D 433 -54.05 21.42 -14.08
CA SER D 433 -54.69 22.67 -14.51
C SER D 433 -53.62 23.54 -15.16
N THR D 434 -54.00 24.78 -15.48
CA THR D 434 -53.08 25.72 -16.10
C THR D 434 -53.41 27.12 -15.62
N THR D 435 -52.37 27.95 -15.47
CA THR D 435 -52.52 29.32 -15.01
C THR D 435 -51.62 30.22 -15.84
N PHE D 436 -51.84 31.54 -15.70
CA PHE D 436 -51.06 32.54 -16.42
C PHE D 436 -50.61 33.67 -15.49
N GLU D 437 -50.61 33.45 -14.18
CA GLU D 437 -50.20 34.49 -13.26
C GLU D 437 -48.72 34.85 -13.43
N HIS D 438 -47.89 33.87 -13.81
CA HIS D 438 -46.46 34.08 -14.01
C HIS D 438 -46.12 34.40 -15.46
N GLN D 439 -46.99 35.13 -16.17
CA GLN D 439 -46.73 35.47 -17.56
C GLN D 439 -45.75 36.62 -17.67
N GLN D 440 -46.12 37.78 -17.13
CA GLN D 440 -45.27 38.97 -17.19
C GLN D 440 -43.99 38.78 -16.39
N PRO D 441 -44.05 38.19 -15.19
CA PRO D 441 -42.80 37.97 -14.44
C PRO D 441 -41.77 37.16 -15.20
N LEU D 442 -42.22 36.14 -15.95
CA LEU D 442 -41.28 35.31 -16.70
C LEU D 442 -40.92 35.94 -18.05
N GLN D 443 -41.80 36.77 -18.60
CA GLN D 443 -41.52 37.41 -19.89
C GLN D 443 -40.58 38.59 -19.73
N ASP D 444 -40.58 39.25 -18.58
CA ASP D 444 -39.70 40.39 -18.33
C ASP D 444 -38.27 39.97 -17.99
N ARG D 445 -37.95 38.67 -18.10
CA ARG D 445 -36.61 38.19 -17.81
C ARG D 445 -36.15 37.14 -18.81
N MET D 446 -36.69 37.20 -20.04
CA MET D 446 -36.33 36.24 -21.07
C MET D 446 -36.40 36.93 -22.42
N PHE D 447 -35.68 36.36 -23.39
CA PHE D 447 -35.65 36.86 -24.76
C PHE D 447 -36.45 35.92 -25.65
N LYS D 448 -37.34 36.49 -26.46
CA LYS D 448 -38.18 35.71 -27.36
C LYS D 448 -37.52 35.63 -28.73
N PHE D 449 -37.24 34.43 -29.20
CA PHE D 449 -36.63 34.18 -30.50
C PHE D 449 -37.62 33.36 -31.34
N GLU D 450 -38.41 34.07 -32.15
CA GLU D 450 -39.43 33.43 -32.99
C GLU D 450 -38.72 32.72 -34.15
N LEU D 451 -38.25 31.50 -33.85
CA LEU D 451 -37.57 30.67 -34.84
C LEU D 451 -38.56 29.63 -35.36
N THR D 452 -39.42 30.08 -36.27
CA THR D 452 -40.45 29.21 -36.84
C THR D 452 -39.97 28.46 -38.09
N ARG D 453 -38.91 28.92 -38.73
CA ARG D 453 -38.42 28.26 -39.93
C ARG D 453 -37.84 26.90 -39.58
N ARG D 454 -38.28 25.87 -40.28
CA ARG D 454 -37.81 24.51 -40.05
C ARG D 454 -36.60 24.21 -40.93
N LEU D 455 -35.62 23.54 -40.34
CA LEU D 455 -34.40 23.19 -41.05
C LEU D 455 -34.65 22.00 -41.98
N ASP D 456 -33.87 21.94 -43.05
CA ASP D 456 -34.00 20.86 -44.02
C ASP D 456 -33.45 19.55 -43.44
N HIS D 457 -33.78 18.45 -44.10
CA HIS D 457 -33.31 17.14 -43.64
C HIS D 457 -31.80 17.01 -43.81
N ASP D 458 -31.22 17.65 -44.82
CA ASP D 458 -29.78 17.59 -45.07
C ASP D 458 -29.04 18.79 -44.48
N PHE D 459 -29.56 19.37 -43.39
CA PHE D 459 -28.92 20.52 -42.77
C PHE D 459 -27.69 20.12 -41.98
N GLY D 460 -27.69 18.92 -41.38
CA GLY D 460 -26.56 18.47 -40.60
C GLY D 460 -26.54 19.03 -39.19
N LYS D 461 -26.05 18.25 -38.24
CA LYS D 461 -25.98 18.70 -36.86
C LYS D 461 -24.79 19.61 -36.64
N VAL D 462 -24.95 20.56 -35.73
CA VAL D 462 -23.89 21.51 -35.41
C VAL D 462 -22.86 20.83 -34.50
N THR D 463 -21.59 21.12 -34.74
CA THR D 463 -20.50 20.54 -33.99
C THR D 463 -20.07 21.49 -32.87
N LYS D 464 -19.12 21.02 -32.05
CA LYS D 464 -18.63 21.84 -30.94
C LYS D 464 -17.74 22.98 -31.44
N GLN D 465 -16.89 22.70 -32.44
CA GLN D 465 -16.06 23.76 -33.01
C GLN D 465 -16.91 24.88 -33.58
N GLU D 466 -18.08 24.55 -34.13
CA GLU D 466 -18.97 25.57 -34.65
C GLU D 466 -19.46 26.49 -33.53
N VAL D 467 -19.87 25.91 -32.40
CA VAL D 467 -20.32 26.73 -31.28
C VAL D 467 -19.18 27.58 -30.74
N LYS D 468 -17.97 27.01 -30.70
CA LYS D 468 -16.81 27.77 -30.24
C LYS D 468 -16.56 28.97 -31.14
N ASP D 469 -16.56 28.73 -32.46
CA ASP D 469 -16.34 29.82 -33.41
C ASP D 469 -17.44 30.87 -33.32
N PHE D 470 -18.68 30.43 -33.10
CA PHE D 470 -19.78 31.38 -32.96
C PHE D 470 -19.59 32.26 -31.73
N PHE D 471 -19.29 31.63 -30.58
CA PHE D 471 -19.07 32.41 -29.36
C PHE D 471 -17.87 33.33 -29.48
N ARG D 472 -16.86 32.93 -30.24
CA ARG D 472 -15.69 33.79 -30.43
C ARG D 472 -16.04 34.99 -31.32
N TRP D 473 -16.67 34.72 -32.46
CA TRP D 473 -17.09 35.81 -33.34
C TRP D 473 -18.04 36.76 -32.64
N ALA D 474 -18.81 36.27 -31.68
CA ALA D 474 -19.67 37.15 -30.90
C ALA D 474 -18.88 38.23 -30.18
N LYS D 475 -17.60 37.98 -29.90
CA LYS D 475 -16.76 38.97 -29.23
C LYS D 475 -16.03 39.89 -30.21
N ASP D 476 -15.65 39.39 -31.38
CA ASP D 476 -14.95 40.20 -32.35
C ASP D 476 -15.81 41.32 -32.91
N HIS D 477 -17.13 41.15 -32.92
CA HIS D 477 -18.07 42.14 -33.43
C HIS D 477 -19.15 42.37 -32.37
N VAL D 478 -18.89 43.30 -31.45
CA VAL D 478 -19.81 43.61 -30.37
C VAL D 478 -20.71 44.76 -30.80
N VAL D 479 -21.97 44.70 -30.40
CA VAL D 479 -22.95 45.73 -30.71
C VAL D 479 -23.75 46.03 -29.45
N GLU D 480 -24.37 47.21 -29.44
CA GLU D 480 -25.16 47.65 -28.29
C GLU D 480 -26.39 46.76 -28.15
N VAL D 481 -26.38 45.89 -27.15
CA VAL D 481 -27.49 44.98 -26.88
C VAL D 481 -28.50 45.69 -26.00
N GLU D 482 -29.72 45.87 -26.51
CA GLU D 482 -30.78 46.53 -25.77
C GLU D 482 -31.55 45.53 -24.92
N HIS D 483 -31.81 45.89 -23.68
CA HIS D 483 -32.54 45.04 -22.75
C HIS D 483 -34.03 45.14 -23.08
N GLU D 484 -34.53 44.16 -23.82
CA GLU D 484 -35.93 44.14 -24.21
C GLU D 484 -36.40 42.69 -24.31
N PHE D 485 -37.70 42.53 -24.53
CA PHE D 485 -38.28 41.19 -24.64
C PHE D 485 -38.14 40.65 -26.06
N TYR D 486 -38.65 41.39 -27.05
CA TYR D 486 -38.57 40.98 -28.44
C TYR D 486 -37.24 41.42 -29.02
N VAL D 487 -36.48 40.45 -29.54
CA VAL D 487 -35.18 40.72 -30.13
C VAL D 487 -35.35 41.24 -31.55
N LYS D 488 -34.54 42.21 -31.94
CA LYS D 488 -34.63 42.78 -33.28
C LYS D 488 -34.32 41.71 -34.32
N LYS D 489 -35.08 41.75 -35.42
CA LYS D 489 -34.89 40.80 -36.51
C LYS D 489 -33.95 41.38 -37.56
N GLY D 490 -33.57 40.53 -38.51
CA GLY D 490 -32.66 40.93 -39.56
C GLY D 490 -33.37 41.64 -40.70
N GLY D 491 -33.20 42.96 -40.78
CA GLY D 491 -33.82 43.75 -41.83
C GLY D 491 -33.11 43.63 -43.15
N PRO E 3 20.82 53.38 -23.17
CA PRO E 3 22.19 53.63 -22.69
C PRO E 3 22.41 53.14 -21.26
N GLY E 4 23.34 52.21 -21.09
CA GLY E 4 23.64 51.66 -19.78
C GLY E 4 24.45 52.62 -18.93
N PHE E 5 24.67 52.21 -17.68
CA PHE E 5 25.43 53.01 -16.73
C PHE E 5 26.23 52.08 -15.83
N TYR E 6 27.29 52.63 -15.25
CA TYR E 6 28.16 51.90 -14.33
C TYR E 6 27.84 52.31 -12.91
N GLU E 7 27.70 51.32 -12.02
CA GLU E 7 27.39 51.55 -10.61
C GLU E 7 28.70 51.48 -9.83
N ILE E 8 29.24 52.64 -9.48
CA ILE E 8 30.48 52.75 -8.72
C ILE E 8 30.15 53.32 -7.35
N VAL E 9 30.42 52.53 -6.31
CA VAL E 9 30.16 52.94 -4.94
C VAL E 9 31.40 53.65 -4.40
N ILE E 10 31.18 54.82 -3.78
CA ILE E 10 32.26 55.62 -3.20
C ILE E 10 31.84 56.02 -1.80
N LYS E 11 32.59 55.55 -0.80
CA LYS E 11 32.29 55.87 0.58
C LYS E 11 32.78 57.26 0.94
N VAL E 12 31.95 58.01 1.65
CA VAL E 12 32.26 59.37 2.06
C VAL E 12 32.79 59.31 3.49
N PRO E 13 34.09 59.59 3.72
CA PRO E 13 34.61 59.55 5.10
C PRO E 13 33.86 60.49 6.04
N SER E 14 33.14 59.92 6.99
CA SER E 14 32.38 60.73 7.95
C SER E 14 33.32 61.35 8.99
N ASP E 15 33.88 60.51 9.85
CA ASP E 15 34.81 60.97 10.88
C ASP E 15 36.16 61.26 10.24
N LEU E 16 36.51 62.55 10.12
CA LEU E 16 37.78 62.92 9.51
C LEU E 16 38.96 62.55 10.38
N ASP E 17 38.76 62.35 11.68
CA ASP E 17 39.86 61.99 12.57
C ASP E 17 40.18 60.51 12.51
N GLU E 18 39.18 59.66 12.33
CA GLU E 18 39.38 58.22 12.27
C GLU E 18 39.59 57.72 10.84
N HIS E 19 38.78 58.19 9.90
CA HIS E 19 38.91 57.74 8.52
C HIS E 19 40.08 58.42 7.81
N LEU E 20 40.44 59.64 8.20
CA LEU E 20 41.53 60.39 7.60
C LEU E 20 42.49 60.84 8.69
N PRO E 21 43.22 59.91 9.30
CA PRO E 21 44.16 60.29 10.37
C PRO E 21 45.30 61.13 9.81
N GLY E 22 45.58 62.24 10.49
CA GLY E 22 46.64 63.14 10.07
C GLY E 22 46.21 64.20 9.09
N ILE E 23 44.91 64.47 8.96
CA ILE E 23 44.43 65.49 8.03
C ILE E 23 44.72 66.87 8.61
N SER E 24 45.10 67.80 7.73
CA SER E 24 45.40 69.15 8.17
C SER E 24 44.15 69.84 8.69
N ASP E 25 44.34 70.83 9.57
CA ASP E 25 43.21 71.55 10.13
C ASP E 25 42.54 72.44 9.09
N SER E 26 43.28 72.87 8.06
CA SER E 26 42.68 73.71 7.03
C SER E 26 41.58 72.97 6.29
N PHE E 27 41.75 71.68 6.04
CA PHE E 27 40.72 70.91 5.34
C PHE E 27 39.47 70.78 6.20
N VAL E 28 39.64 70.50 7.49
CA VAL E 28 38.49 70.40 8.38
C VAL E 28 37.77 71.74 8.47
N ASN E 29 38.54 72.83 8.48
CA ASN E 29 37.93 74.15 8.52
C ASN E 29 37.06 74.40 7.30
N TRP E 30 37.56 74.04 6.12
CA TRP E 30 36.78 74.23 4.90
C TRP E 30 35.56 73.31 4.89
N VAL E 31 35.70 72.09 5.40
CA VAL E 31 34.58 71.16 5.41
C VAL E 31 33.49 71.65 6.36
N ALA E 32 33.88 72.26 7.48
CA ALA E 32 32.91 72.73 8.46
C ALA E 32 32.34 74.09 8.14
N GLU E 33 33.04 74.91 7.35
CA GLU E 33 32.58 76.26 7.03
C GLU E 33 31.61 76.27 5.86
N LYS E 34 31.88 75.49 4.82
CA LYS E 34 31.03 75.47 3.64
C LYS E 34 29.63 74.97 3.99
N GLU E 35 28.65 75.87 3.98
CA GLU E 35 27.27 75.54 4.27
C GLU E 35 26.51 75.27 2.98
N TRP E 36 25.37 74.60 3.12
CA TRP E 36 24.52 74.25 2.00
C TRP E 36 23.06 74.53 2.34
N GLU E 37 22.25 74.71 1.30
CA GLU E 37 20.83 74.97 1.47
C GLU E 37 20.08 74.38 0.27
N LEU E 38 18.98 73.70 0.55
CA LEU E 38 18.20 73.09 -0.51
C LEU E 38 17.60 74.17 -1.42
N PRO E 39 17.21 73.80 -2.64
CA PRO E 39 16.61 74.78 -3.55
C PRO E 39 15.32 75.33 -2.98
N PRO E 40 14.77 76.39 -3.59
CA PRO E 40 13.52 76.94 -3.07
C PRO E 40 12.37 75.94 -3.08
N ASP E 41 12.22 75.18 -4.17
CA ASP E 41 11.16 74.18 -4.29
C ASP E 41 11.70 72.82 -3.87
N SER E 42 11.89 72.67 -2.57
CA SER E 42 12.40 71.44 -1.98
C SER E 42 11.68 71.19 -0.65
N ASP E 43 10.98 70.06 -0.57
CA ASP E 43 10.24 69.71 0.63
C ASP E 43 11.09 68.95 1.65
N MET E 44 12.30 68.53 1.29
CA MET E 44 13.15 67.81 2.21
C MET E 44 13.58 68.70 3.37
N ASP E 45 13.72 68.10 4.54
CA ASP E 45 14.12 68.83 5.73
C ASP E 45 15.64 68.96 5.78
N LEU E 46 16.12 70.19 5.96
CA LEU E 46 17.55 70.43 6.02
C LEU E 46 18.15 69.98 7.35
N ASN E 47 17.35 69.93 8.42
CA ASN E 47 17.88 69.52 9.71
C ASN E 47 18.34 68.06 9.67
N LEU E 48 17.58 67.19 9.02
CA LEU E 48 17.97 65.79 8.93
C LEU E 48 19.20 65.59 8.05
N ILE E 49 19.41 66.47 7.08
CA ILE E 49 20.56 66.37 6.18
C ILE E 49 21.78 66.96 6.88
N GLU E 50 22.85 66.19 6.94
CA GLU E 50 24.08 66.66 7.58
C GLU E 50 24.72 67.76 6.73
N GLN E 51 25.69 68.44 7.33
CA GLN E 51 26.38 69.55 6.69
C GLN E 51 27.81 69.22 6.31
N ALA E 52 28.61 68.71 7.24
CA ALA E 52 30.01 68.42 6.93
C ALA E 52 30.15 67.34 5.86
N PRO E 53 29.44 66.22 5.92
CA PRO E 53 29.63 65.20 4.87
C PRO E 53 29.11 65.64 3.52
N LEU E 54 28.16 66.58 3.48
CA LEU E 54 27.60 67.01 2.19
C LEU E 54 28.65 67.72 1.35
N THR E 55 29.48 68.56 1.96
CA THR E 55 30.53 69.24 1.21
C THR E 55 31.52 68.24 0.64
N VAL E 56 31.92 67.25 1.44
CA VAL E 56 32.86 66.24 0.97
C VAL E 56 32.25 65.46 -0.18
N ALA E 57 30.97 65.07 -0.06
CA ALA E 57 30.31 64.33 -1.13
C ALA E 57 30.23 65.16 -2.41
N GLU E 58 29.90 66.45 -2.29
CA GLU E 58 29.80 67.30 -3.46
C GLU E 58 31.15 67.44 -4.14
N LYS E 59 32.20 67.71 -3.37
CA LYS E 59 33.53 67.82 -3.95
C LYS E 59 33.95 66.52 -4.62
N LEU E 60 33.68 65.39 -3.96
CA LEU E 60 34.05 64.09 -4.52
C LEU E 60 33.35 63.83 -5.84
N GLN E 61 32.03 64.04 -5.89
CA GLN E 61 31.30 63.77 -7.12
C GLN E 61 31.70 64.75 -8.22
N ARG E 62 31.96 66.01 -7.88
CA ARG E 62 32.40 66.98 -8.88
C ARG E 62 33.73 66.56 -9.49
N ASP E 63 34.72 66.23 -8.64
CA ASP E 63 36.02 65.82 -9.15
C ASP E 63 35.92 64.52 -9.93
N PHE E 64 35.05 63.61 -9.49
CA PHE E 64 34.88 62.34 -10.20
C PHE E 64 34.32 62.58 -11.60
N LEU E 65 33.30 63.43 -11.71
CA LEU E 65 32.75 63.75 -13.03
C LEU E 65 33.78 64.46 -13.89
N THR E 66 34.56 65.36 -13.30
CA THR E 66 35.57 66.08 -14.07
C THR E 66 36.62 65.12 -14.61
N GLU E 67 37.04 64.15 -13.81
CA GLU E 67 38.05 63.20 -14.26
C GLU E 67 37.46 62.20 -15.26
N TRP E 68 36.18 61.84 -15.10
CA TRP E 68 35.56 60.91 -16.01
C TRP E 68 35.37 61.54 -17.40
N ARG E 69 34.93 62.79 -17.44
CA ARG E 69 34.76 63.48 -18.72
C ARG E 69 36.08 63.63 -19.46
N ARG E 70 37.20 63.54 -18.76
CA ARG E 70 38.52 63.63 -19.39
C ARG E 70 39.05 62.27 -19.80
N VAL E 71 38.91 61.25 -18.94
CA VAL E 71 39.41 59.93 -19.26
C VAL E 71 38.53 59.20 -20.27
N SER E 72 37.29 59.64 -20.45
CA SER E 72 36.37 59.01 -21.40
C SER E 72 36.14 59.84 -22.65
N LYS E 73 36.48 61.13 -22.65
CA LYS E 73 36.28 61.99 -23.81
C LYS E 73 34.80 62.09 -24.17
N ALA E 74 33.98 62.40 -23.15
CA ALA E 74 32.53 62.53 -23.33
C ALA E 74 32.00 63.54 -22.34
N PRO E 75 32.25 64.83 -22.57
CA PRO E 75 31.77 65.85 -21.63
C PRO E 75 30.25 65.93 -21.59
N GLU E 76 29.56 65.55 -22.66
CA GLU E 76 28.10 65.59 -22.70
C GLU E 76 27.46 64.27 -22.27
N ALA E 77 28.19 63.45 -21.51
CA ALA E 77 27.66 62.17 -21.06
C ALA E 77 26.71 62.38 -19.87
N LEU E 78 25.70 61.52 -19.79
CA LEU E 78 24.73 61.59 -18.72
C LEU E 78 25.26 60.90 -17.47
N PHE E 79 24.83 61.40 -16.31
CA PHE E 79 25.24 60.83 -15.03
C PHE E 79 24.11 61.01 -14.03
N PHE E 80 24.28 60.39 -12.86
CA PHE E 80 23.27 60.48 -11.81
C PHE E 80 23.94 60.09 -10.50
N VAL E 81 24.19 61.08 -9.64
CA VAL E 81 24.82 60.86 -8.34
C VAL E 81 23.76 61.04 -7.26
N GLN E 82 23.82 60.20 -6.23
CA GLN E 82 22.88 60.26 -5.11
C GLN E 82 23.65 60.04 -3.82
N PHE E 83 23.77 61.09 -3.01
CA PHE E 83 24.47 61.03 -1.74
C PHE E 83 23.49 60.55 -0.68
N GLU E 84 23.73 59.35 -0.14
CA GLU E 84 22.88 58.72 0.86
C GLU E 84 23.64 58.62 2.19
N LYS E 85 22.99 57.99 3.16
CA LYS E 85 23.56 57.80 4.49
C LYS E 85 23.25 56.37 4.94
N GLY E 86 24.27 55.52 4.95
CA GLY E 86 24.10 54.14 5.34
C GLY E 86 23.86 54.00 6.84
N GLU E 87 23.66 52.75 7.25
CA GLU E 87 23.41 52.46 8.67
C GLU E 87 24.63 52.74 9.53
N SER E 88 25.84 52.74 8.95
CA SER E 88 27.03 53.00 9.73
C SER E 88 28.13 53.69 8.93
N TYR E 89 27.86 54.13 7.70
CA TYR E 89 28.87 54.80 6.89
C TYR E 89 28.18 55.45 5.70
N PHE E 90 28.69 56.61 5.29
CA PHE E 90 28.12 57.32 4.16
C PHE E 90 28.65 56.76 2.85
N HIS E 91 27.82 56.82 1.81
CA HIS E 91 28.19 56.32 0.50
C HIS E 91 27.45 57.13 -0.56
N MET E 92 27.82 56.90 -1.82
CA MET E 92 27.23 57.60 -2.95
C MET E 92 27.01 56.62 -4.09
N HIS E 93 25.82 56.65 -4.68
CA HIS E 93 25.49 55.79 -5.82
C HIS E 93 25.72 56.55 -7.12
N VAL E 94 27.00 56.73 -7.44
CA VAL E 94 27.39 57.46 -8.64
C VAL E 94 27.12 56.60 -9.86
N LEU E 95 26.55 57.22 -10.89
CA LEU E 95 26.23 56.54 -12.15
C LEU E 95 26.81 57.35 -13.30
N VAL E 96 27.49 56.67 -14.21
CA VAL E 96 28.10 57.30 -15.38
C VAL E 96 27.82 56.44 -16.60
N GLU E 97 27.57 57.08 -17.73
CA GLU E 97 27.27 56.36 -18.95
C GLU E 97 28.47 55.54 -19.39
N THR E 98 28.20 54.50 -20.17
CA THR E 98 29.24 53.60 -20.69
C THR E 98 29.91 54.14 -21.94
N THR E 99 29.61 55.37 -22.35
CA THR E 99 30.21 55.93 -23.55
C THR E 99 31.66 56.32 -23.27
N GLY E 100 32.55 55.93 -24.16
CA GLY E 100 33.97 56.23 -24.01
C GLY E 100 34.76 55.20 -23.24
N VAL E 101 34.26 54.80 -22.08
CA VAL E 101 34.91 53.80 -21.23
C VAL E 101 34.21 52.47 -21.42
N LYS E 102 34.99 51.40 -21.55
CA LYS E 102 34.44 50.07 -21.74
C LYS E 102 34.32 49.34 -20.40
N SER E 103 33.92 48.08 -20.45
CA SER E 103 33.75 47.30 -19.23
C SER E 103 35.06 46.63 -18.81
N MET E 104 35.90 46.24 -19.75
CA MET E 104 37.15 45.58 -19.42
C MET E 104 38.21 46.59 -18.98
N VAL E 105 38.27 47.75 -19.62
CA VAL E 105 39.25 48.77 -19.29
C VAL E 105 38.63 49.78 -18.34
N LEU E 106 38.08 49.30 -17.23
CA LEU E 106 37.46 50.15 -16.23
C LEU E 106 38.26 50.25 -14.93
N GLY E 107 38.94 49.18 -14.53
CA GLY E 107 39.70 49.23 -13.29
C GLY E 107 40.83 50.24 -13.35
N ARG E 108 41.49 50.36 -14.50
CA ARG E 108 42.58 51.32 -14.63
C ARG E 108 42.08 52.75 -14.45
N PHE E 109 41.01 53.11 -15.15
CA PHE E 109 40.46 54.46 -15.01
C PHE E 109 39.94 54.69 -13.60
N LEU E 110 39.34 53.66 -12.99
CA LEU E 110 38.85 53.80 -11.63
C LEU E 110 40.00 54.09 -10.65
N SER E 111 41.09 53.35 -10.78
CA SER E 111 42.24 53.56 -9.90
C SER E 111 42.86 54.93 -10.14
N GLN E 112 42.95 55.35 -11.40
CA GLN E 112 43.50 56.68 -11.69
C GLN E 112 42.64 57.77 -11.07
N ILE E 113 41.31 57.66 -11.22
CA ILE E 113 40.41 58.65 -10.67
C ILE E 113 40.49 58.66 -9.14
N ARG E 114 40.63 57.47 -8.54
CA ARG E 114 40.75 57.40 -7.09
C ARG E 114 42.04 58.08 -6.62
N GLU E 115 43.15 57.82 -7.29
CA GLU E 115 44.40 58.46 -6.93
C GLU E 115 44.32 59.97 -7.08
N LYS E 116 43.70 60.44 -8.16
CA LYS E 116 43.56 61.88 -8.37
C LYS E 116 42.69 62.50 -7.28
N LEU E 117 41.55 61.88 -6.98
CA LEU E 117 40.67 62.38 -5.93
C LEU E 117 41.41 62.44 -4.60
N ILE E 118 42.17 61.40 -4.27
CA ILE E 118 42.94 61.41 -3.03
C ILE E 118 43.91 62.59 -3.03
N GLN E 119 44.82 62.61 -4.00
CA GLN E 119 45.85 63.65 -4.03
C GLN E 119 45.25 65.05 -4.02
N ARG E 120 44.04 65.23 -4.55
CA ARG E 120 43.43 66.55 -4.60
C ARG E 120 42.70 66.88 -3.30
N ILE E 121 41.63 66.14 -2.98
CA ILE E 121 40.83 66.45 -1.80
C ILE E 121 41.61 66.10 -0.52
N TYR E 122 41.98 64.84 -0.38
CA TYR E 122 42.60 64.39 0.87
C TYR E 122 44.07 64.77 0.96
N ARG E 123 44.69 65.15 -0.15
CA ARG E 123 46.09 65.59 -0.17
C ARG E 123 47.02 64.47 0.28
N GLY E 124 46.95 63.36 -0.44
CA GLY E 124 47.80 62.20 -0.20
C GLY E 124 47.24 61.19 0.78
N ILE E 125 46.59 61.68 1.85
CA ILE E 125 46.04 60.77 2.85
C ILE E 125 44.94 59.93 2.22
N GLU E 126 45.09 58.61 2.30
CA GLU E 126 44.11 57.69 1.74
C GLU E 126 43.10 57.30 2.80
N PRO E 127 41.80 57.35 2.53
CA PRO E 127 40.82 56.95 3.54
C PRO E 127 41.04 55.51 3.98
N THR E 128 40.84 55.26 5.27
CA THR E 128 41.02 53.94 5.86
C THR E 128 39.72 53.14 5.88
N LEU E 129 38.75 53.49 5.05
CA LEU E 129 37.49 52.76 5.03
C LEU E 129 37.65 51.48 4.21
N PRO E 130 37.27 50.32 4.74
CA PRO E 130 37.38 49.09 3.95
C PRO E 130 36.59 49.17 2.66
N ASN E 131 37.31 49.08 1.54
CA ASN E 131 36.70 49.14 0.21
C ASN E 131 35.95 50.47 0.02
N TRP E 132 36.66 51.57 0.22
CA TRP E 132 36.07 52.90 0.06
C TRP E 132 35.89 53.29 -1.40
N PHE E 133 36.44 52.52 -2.33
CA PHE E 133 36.31 52.84 -3.76
C PHE E 133 36.31 51.53 -4.53
N ALA E 134 35.14 51.15 -5.06
CA ALA E 134 35.00 49.92 -5.81
C ALA E 134 33.84 50.08 -6.79
N VAL E 135 33.66 49.05 -7.63
CA VAL E 135 32.61 49.02 -8.63
C VAL E 135 31.72 47.81 -8.36
N THR E 136 30.41 48.00 -8.50
CA THR E 136 29.47 46.92 -8.26
C THR E 136 29.61 45.86 -9.35
N LYS E 137 29.88 44.63 -8.93
CA LYS E 137 30.04 43.52 -9.86
C LYS E 137 28.70 42.84 -10.12
N THR E 138 28.70 41.96 -11.12
CA THR E 138 27.48 41.24 -11.50
C THR E 138 27.18 40.10 -10.54
N ARG E 139 28.15 39.66 -9.74
CA ARG E 139 27.96 38.57 -8.80
C ARG E 139 28.76 38.84 -7.54
N ASN E 140 28.17 38.55 -6.39
CA ASN E 140 28.83 38.77 -5.10
C ASN E 140 30.00 37.80 -4.98
N GLY E 141 31.22 38.33 -5.17
CA GLY E 141 32.41 37.51 -5.08
C GLY E 141 33.45 37.90 -6.11
N ALA E 142 34.58 37.19 -6.12
CA ALA E 142 35.66 37.45 -7.06
C ALA E 142 35.50 36.64 -8.34
N GLY E 143 34.31 36.71 -8.93
CA GLY E 143 34.03 35.98 -10.14
C GLY E 143 32.85 36.55 -10.91
N GLY E 144 32.87 37.85 -11.16
CA GLY E 144 31.79 38.51 -11.88
C GLY E 144 32.22 39.82 -12.52
N GLY E 145 31.87 40.01 -13.78
CA GLY E 145 32.23 41.21 -14.49
C GLY E 145 31.54 42.44 -13.92
N ASN E 146 31.89 43.59 -14.50
CA ASN E 146 31.31 44.85 -14.06
C ASN E 146 29.83 44.91 -14.42
N LYS E 147 29.01 45.35 -13.47
CA LYS E 147 27.57 45.45 -13.70
C LYS E 147 27.25 46.67 -14.56
N VAL E 148 26.42 46.47 -15.57
CA VAL E 148 26.02 47.53 -16.49
C VAL E 148 24.50 47.66 -16.35
N VAL E 149 24.06 48.56 -15.48
CA VAL E 149 22.64 48.78 -15.25
C VAL E 149 22.06 49.58 -16.41
N ASP E 150 20.80 50.00 -16.28
CA ASP E 150 20.12 50.78 -17.30
C ASP E 150 19.42 51.96 -16.65
N GLU E 151 18.75 52.77 -17.47
CA GLU E 151 18.05 53.94 -16.94
C GLU E 151 16.95 53.55 -15.97
N SER E 152 16.37 52.36 -16.14
CA SER E 152 15.31 51.90 -15.24
C SER E 152 15.83 51.54 -13.86
N TYR E 153 17.16 51.47 -13.68
CA TYR E 153 17.71 51.14 -12.36
C TYR E 153 17.57 52.28 -11.37
N ILE E 154 17.44 53.52 -11.84
CA ILE E 154 17.33 54.68 -10.97
C ILE E 154 15.98 54.66 -10.28
N PRO E 155 14.86 54.74 -11.01
CA PRO E 155 13.54 54.77 -10.35
C PRO E 155 13.17 53.49 -9.64
N ASN E 156 13.97 52.43 -9.75
CA ASN E 156 13.67 51.16 -9.12
C ASN E 156 14.56 50.86 -7.93
N TYR E 157 15.43 51.79 -7.53
CA TYR E 157 16.34 51.54 -6.42
C TYR E 157 16.71 52.83 -5.69
N LEU E 158 17.05 53.87 -6.46
CA LEU E 158 17.50 55.12 -5.85
C LEU E 158 16.33 56.02 -5.47
N LEU E 159 15.43 56.28 -6.42
CA LEU E 159 14.31 57.18 -6.13
C LEU E 159 13.39 56.67 -5.02
N PRO E 160 13.08 55.38 -4.93
CA PRO E 160 12.21 54.92 -3.83
C PRO E 160 12.68 55.37 -2.45
N LYS E 161 14.01 55.41 -2.28
CA LYS E 161 14.63 55.75 -0.96
C LYS E 161 14.08 57.07 -0.43
N THR E 162 14.12 57.24 0.89
CA THR E 162 13.49 58.45 1.45
C THR E 162 14.45 59.23 2.33
N GLN E 163 13.90 60.09 3.18
CA GLN E 163 14.66 60.97 4.06
C GLN E 163 15.62 60.21 4.96
N PRO E 164 15.19 59.20 5.72
CA PRO E 164 16.13 58.50 6.61
C PRO E 164 17.35 57.97 5.88
N GLU E 165 17.23 57.73 4.58
CA GLU E 165 18.34 57.27 3.74
C GLU E 165 19.04 58.41 3.01
N LEU E 166 18.26 59.28 2.37
CA LEU E 166 18.86 60.27 1.44
C LEU E 166 19.45 61.52 2.10
N GLN E 167 20.43 62.13 1.41
CA GLN E 167 21.01 63.41 1.89
C GLN E 167 21.03 64.39 0.71
N TRP E 168 21.52 63.97 -0.47
CA TRP E 168 21.61 64.85 -1.62
C TRP E 168 21.73 64.01 -2.87
N ALA E 169 21.70 64.69 -4.02
CA ALA E 169 21.80 64.02 -5.31
C ALA E 169 22.07 65.07 -6.38
N TRP E 170 22.83 64.67 -7.39
CA TRP E 170 23.17 65.55 -8.51
C TRP E 170 23.04 64.77 -9.82
N THR E 171 22.51 65.44 -10.83
CA THR E 171 22.33 64.83 -12.14
C THR E 171 22.04 65.92 -13.16
N ASN E 172 22.39 65.65 -14.41
CA ASN E 172 22.16 66.57 -15.51
C ASN E 172 20.99 66.18 -16.40
N MET E 173 20.38 65.02 -16.16
CA MET E 173 19.26 64.59 -16.98
C MET E 173 18.06 65.49 -16.76
N GLU E 174 17.47 65.96 -17.86
CA GLU E 174 16.32 66.85 -17.77
C GLU E 174 15.10 66.18 -17.14
N GLN E 175 15.07 64.84 -17.12
CA GLN E 175 13.94 64.12 -16.56
C GLN E 175 14.10 63.80 -15.08
N TYR E 176 15.30 63.95 -14.53
CA TYR E 176 15.57 63.63 -13.14
C TYR E 176 16.14 64.81 -12.36
N LEU E 177 15.95 66.03 -12.86
CA LEU E 177 16.42 67.20 -12.12
C LEU E 177 15.55 67.49 -10.91
N SER E 178 14.22 67.50 -11.09
CA SER E 178 13.31 67.79 -9.99
C SER E 178 13.23 66.64 -8.99
N ALA E 179 13.66 65.44 -9.36
CA ALA E 179 13.61 64.27 -8.49
C ALA E 179 14.90 64.06 -7.70
N CYS E 180 15.78 65.06 -7.67
CA CYS E 180 17.04 64.94 -6.94
C CYS E 180 16.90 65.39 -5.49
N LEU E 181 16.16 66.48 -5.25
CA LEU E 181 15.95 67.02 -3.90
C LEU E 181 14.47 67.31 -3.69
N ASN E 182 13.63 66.32 -4.00
CA ASN E 182 12.18 66.47 -3.83
C ASN E 182 11.58 65.09 -3.67
N LEU E 183 10.94 64.84 -2.52
CA LEU E 183 10.32 63.54 -2.29
C LEU E 183 9.07 63.34 -3.13
N THR E 184 8.32 64.43 -3.38
CA THR E 184 7.10 64.31 -4.16
C THR E 184 7.40 63.83 -5.58
N GLU E 185 8.36 64.47 -6.24
CA GLU E 185 8.72 64.07 -7.61
C GLU E 185 9.31 62.66 -7.62
N ARG E 186 10.09 62.32 -6.60
CA ARG E 186 10.66 60.97 -6.53
C ARG E 186 9.57 59.93 -6.45
N LYS E 187 8.58 60.14 -5.57
CA LYS E 187 7.48 59.19 -5.44
C LYS E 187 6.65 59.15 -6.72
N ARG E 188 6.45 60.30 -7.35
CA ARG E 188 5.69 60.33 -8.60
C ARG E 188 6.38 59.49 -9.67
N LEU E 189 7.70 59.66 -9.81
CA LEU E 189 8.43 58.88 -10.81
C LEU E 189 8.43 57.40 -10.46
N VAL E 190 8.55 57.07 -9.16
CA VAL E 190 8.55 55.67 -8.76
C VAL E 190 7.21 55.03 -9.08
N ALA E 191 6.12 55.76 -8.89
CA ALA E 191 4.79 55.22 -9.17
C ALA E 191 4.49 55.18 -10.66
N GLN E 192 5.07 56.10 -11.44
CA GLN E 192 4.79 56.12 -12.88
C GLN E 192 5.62 55.07 -13.62
N HIS E 193 6.86 54.85 -13.19
CA HIS E 193 7.71 53.88 -13.88
C HIS E 193 7.24 52.45 -13.62
N LEU E 194 6.86 52.15 -12.37
CA LEU E 194 6.42 50.80 -12.03
C LEU E 194 5.12 50.45 -12.76
N THR E 195 4.23 51.42 -12.90
CA THR E 195 2.96 51.19 -13.58
C THR E 195 3.13 51.25 -15.09
CA PRO E 215 3.25 16.06 -20.32
C PRO E 215 3.33 14.54 -20.50
N VAL E 216 4.54 14.00 -20.40
CA VAL E 216 4.79 12.57 -20.55
C VAL E 216 5.78 12.13 -19.48
N ILE E 217 5.89 10.81 -19.32
CA ILE E 217 6.80 10.22 -18.33
C ILE E 217 7.37 8.94 -18.93
N ARG E 218 8.69 8.81 -18.85
CA ARG E 218 9.39 7.64 -19.39
C ARG E 218 9.78 6.71 -18.24
N SER E 219 9.57 5.41 -18.43
CA SER E 219 9.90 4.42 -17.43
C SER E 219 9.89 3.04 -18.08
N LYS E 220 10.86 2.21 -17.70
CA LYS E 220 10.94 0.87 -18.27
C LYS E 220 9.72 0.02 -17.93
N THR E 221 9.01 0.35 -16.85
CA THR E 221 7.81 -0.39 -16.49
C THR E 221 6.58 0.06 -17.25
N SER E 222 6.58 1.28 -17.78
CA SER E 222 5.46 1.81 -18.55
C SER E 222 5.58 1.57 -20.05
N ALA E 223 6.81 1.49 -20.58
CA ALA E 223 6.98 1.22 -21.99
C ALA E 223 6.44 -0.16 -22.35
N ARG E 224 6.69 -1.15 -21.49
CA ARG E 224 6.18 -2.49 -21.74
C ARG E 224 4.65 -2.50 -21.72
N TYR E 225 4.05 -1.78 -20.79
CA TYR E 225 2.59 -1.71 -20.73
C TYR E 225 2.03 -1.04 -21.98
N MET E 226 2.67 0.03 -22.43
CA MET E 226 2.21 0.72 -23.64
C MET E 226 2.33 -0.20 -24.86
N GLU E 227 3.45 -0.92 -24.97
CA GLU E 227 3.61 -1.85 -26.08
C GLU E 227 2.57 -2.96 -26.04
N LEU E 228 2.25 -3.45 -24.84
CA LEU E 228 1.23 -4.48 -24.70
C LEU E 228 -0.14 -3.94 -25.12
N VAL E 229 -0.47 -2.72 -24.70
CA VAL E 229 -1.74 -2.13 -25.09
C VAL E 229 -1.81 -1.97 -26.60
N GLY E 230 -0.71 -1.52 -27.21
CA GLY E 230 -0.69 -1.38 -28.66
C GLY E 230 -0.87 -2.70 -29.38
N TRP E 231 -0.17 -3.73 -28.90
CA TRP E 231 -0.30 -5.05 -29.51
C TRP E 231 -1.72 -5.60 -29.38
N LEU E 232 -2.34 -5.37 -28.21
CA LEU E 232 -3.71 -5.84 -28.01
C LEU E 232 -4.68 -5.09 -28.92
N VAL E 233 -4.49 -3.78 -29.08
CA VAL E 233 -5.35 -3.02 -29.97
C VAL E 233 -5.15 -3.45 -31.42
N ASP E 234 -3.92 -3.81 -31.79
CA ASP E 234 -3.65 -4.25 -33.16
C ASP E 234 -4.30 -5.60 -33.43
N LYS E 235 -4.04 -6.59 -32.57
CA LYS E 235 -4.62 -7.92 -32.77
C LYS E 235 -6.12 -7.91 -32.52
N GLY E 236 -6.60 -7.05 -31.61
CA GLY E 236 -8.02 -6.98 -31.32
C GLY E 236 -8.47 -8.00 -30.31
N ILE E 237 -7.93 -7.93 -29.11
CA ILE E 237 -8.28 -8.84 -28.02
C ILE E 237 -9.49 -8.26 -27.30
N THR E 238 -10.64 -8.93 -27.43
CA THR E 238 -11.87 -8.44 -26.79
C THR E 238 -11.89 -8.81 -25.31
N SER E 239 -12.08 -10.09 -25.02
CA SER E 239 -12.13 -10.59 -23.66
C SER E 239 -10.84 -11.32 -23.32
N GLU E 240 -10.77 -11.85 -22.09
CA GLU E 240 -9.58 -12.57 -21.66
C GLU E 240 -9.43 -13.92 -22.35
N LYS E 241 -10.52 -14.48 -22.87
CA LYS E 241 -10.43 -15.77 -23.55
C LYS E 241 -9.58 -15.66 -24.82
N GLN E 242 -9.77 -14.59 -25.60
CA GLN E 242 -9.00 -14.42 -26.81
C GLN E 242 -7.51 -14.20 -26.54
N TRP E 243 -7.18 -13.70 -25.35
CA TRP E 243 -5.77 -13.51 -25.01
C TRP E 243 -5.00 -14.83 -25.08
N ILE E 244 -5.54 -15.87 -24.45
CA ILE E 244 -4.88 -17.17 -24.48
C ILE E 244 -4.88 -17.74 -25.89
N GLN E 245 -5.92 -17.44 -26.67
CA GLN E 245 -5.99 -17.95 -28.04
C GLN E 245 -4.87 -17.36 -28.90
N GLU E 246 -4.68 -16.05 -28.83
CA GLU E 246 -3.62 -15.41 -29.63
C GLU E 246 -2.24 -15.78 -29.09
N ASP E 247 -2.06 -15.73 -27.78
CA ASP E 247 -0.76 -16.03 -27.18
C ASP E 247 -0.96 -16.45 -25.73
N GLN E 248 -0.38 -17.59 -25.36
CA GLN E 248 -0.47 -18.10 -23.99
C GLN E 248 0.73 -17.66 -23.15
N ALA E 249 1.92 -17.59 -23.75
CA ALA E 249 3.10 -17.21 -22.98
C ALA E 249 2.98 -15.80 -22.45
N SER E 250 2.40 -14.88 -23.24
CA SER E 250 2.25 -13.50 -22.79
C SER E 250 1.30 -13.42 -21.60
N TYR E 251 0.15 -14.11 -21.69
CA TYR E 251 -0.80 -14.10 -20.58
C TYR E 251 -0.22 -14.75 -19.34
N ILE E 252 0.62 -15.78 -19.53
CA ILE E 252 1.25 -16.43 -18.38
C ILE E 252 2.26 -15.50 -17.72
N SER E 253 3.07 -14.81 -18.53
CA SER E 253 4.09 -13.92 -17.98
C SER E 253 3.45 -12.73 -17.27
N PHE E 254 2.47 -12.09 -17.90
CA PHE E 254 1.84 -10.92 -17.30
C PHE E 254 1.01 -11.29 -16.07
N ASN E 255 0.61 -12.55 -15.94
CA ASN E 255 -0.11 -13.00 -14.75
C ASN E 255 0.83 -13.51 -13.67
N ALA E 256 2.05 -13.89 -14.01
CA ALA E 256 3.01 -14.37 -13.02
C ALA E 256 3.50 -13.28 -12.09
N ALA E 257 3.29 -12.01 -12.42
CA ALA E 257 3.76 -10.92 -11.58
C ALA E 257 3.16 -11.02 -10.19
N SER E 258 3.80 -10.31 -9.24
CA SER E 258 3.32 -10.32 -7.86
C SER E 258 1.90 -9.77 -7.77
N ASN E 259 1.64 -8.66 -8.46
CA ASN E 259 0.31 -8.06 -8.45
C ASN E 259 -0.72 -8.96 -9.12
N SER E 260 -0.31 -9.99 -9.85
CA SER E 260 -1.23 -10.94 -10.46
C SER E 260 -2.16 -10.25 -11.45
N ARG E 261 -3.42 -10.05 -11.05
CA ARG E 261 -4.43 -9.51 -11.96
C ARG E 261 -4.77 -8.07 -11.61
N SER E 262 -3.76 -7.22 -11.45
CA SER E 262 -3.97 -5.80 -11.18
C SER E 262 -3.85 -4.93 -12.42
N GLN E 263 -3.24 -5.44 -13.48
CA GLN E 263 -3.08 -4.69 -14.73
C GLN E 263 -3.78 -5.32 -15.92
N ILE E 264 -4.08 -6.62 -15.86
CA ILE E 264 -4.71 -7.29 -17.00
C ILE E 264 -6.09 -6.70 -17.26
N LYS E 265 -6.92 -6.61 -16.21
CA LYS E 265 -8.26 -6.06 -16.38
C LYS E 265 -8.21 -4.59 -16.81
N ALA E 266 -7.27 -3.83 -16.25
CA ALA E 266 -7.15 -2.42 -16.62
C ALA E 266 -6.80 -2.29 -18.09
N ALA E 267 -5.83 -3.07 -18.57
CA ALA E 267 -5.44 -3.00 -19.97
C ALA E 267 -6.58 -3.45 -20.88
N LEU E 268 -7.32 -4.49 -20.47
CA LEU E 268 -8.45 -4.94 -21.25
C LEU E 268 -9.50 -3.85 -21.39
N ASP E 269 -9.86 -3.21 -20.27
CA ASP E 269 -10.86 -2.15 -20.31
C ASP E 269 -10.36 -0.97 -21.14
N ASN E 270 -9.08 -0.62 -20.99
CA ASN E 270 -8.53 0.51 -21.76
C ASN E 270 -8.58 0.22 -23.25
N ALA E 271 -8.16 -0.97 -23.67
CA ALA E 271 -8.19 -1.32 -25.07
C ALA E 271 -9.62 -1.35 -25.60
N GLY E 272 -10.55 -1.89 -24.82
CA GLY E 272 -11.94 -1.91 -25.25
C GLY E 272 -12.49 -0.51 -25.46
N LYS E 273 -12.24 0.38 -24.49
CA LYS E 273 -12.73 1.75 -24.61
C LYS E 273 -12.08 2.46 -25.79
N ILE E 274 -10.78 2.22 -26.01
CA ILE E 274 -10.08 2.86 -27.12
C ILE E 274 -10.67 2.41 -28.45
N MET E 275 -10.90 1.10 -28.59
CA MET E 275 -11.46 0.57 -29.83
C MET E 275 -12.93 0.97 -30.00
N SER E 276 -13.63 1.27 -28.91
CA SER E 276 -15.04 1.65 -29.02
C SER E 276 -15.18 3.12 -29.39
N LEU E 277 -14.51 4.01 -28.66
CA LEU E 277 -14.67 5.44 -28.91
C LEU E 277 -14.04 5.83 -30.25
N THR E 278 -12.89 5.25 -30.59
CA THR E 278 -12.22 5.56 -31.84
C THR E 278 -12.91 4.87 -33.00
N LYS E 279 -12.63 3.59 -33.19
CA LYS E 279 -13.24 2.82 -34.27
C LYS E 279 -14.63 2.36 -33.87
N THR E 280 -15.38 1.86 -34.86
CA THR E 280 -16.74 1.39 -34.66
C THR E 280 -16.96 0.15 -35.52
N ALA E 281 -18.16 -0.41 -35.44
CA ALA E 281 -18.47 -1.61 -36.21
C ALA E 281 -18.38 -1.38 -37.72
N PRO E 282 -18.89 -0.28 -38.28
CA PRO E 282 -18.77 -0.10 -39.74
C PRO E 282 -17.35 -0.15 -40.26
N ASP E 283 -16.35 0.16 -39.42
CA ASP E 283 -14.97 0.10 -39.87
C ASP E 283 -14.59 -1.29 -40.32
N TYR E 284 -15.11 -2.32 -39.66
CA TYR E 284 -14.83 -3.71 -40.01
C TYR E 284 -15.94 -4.35 -40.83
N LEU E 285 -17.17 -3.85 -40.74
CA LEU E 285 -18.27 -4.44 -41.49
C LEU E 285 -18.09 -4.25 -42.99
N VAL E 286 -17.41 -3.20 -43.41
CA VAL E 286 -17.18 -2.94 -44.83
C VAL E 286 -16.26 -4.03 -45.36
N GLY E 287 -16.78 -4.86 -46.27
CA GLY E 287 -15.98 -5.92 -46.83
C GLY E 287 -14.81 -5.41 -47.66
N GLN E 288 -13.78 -6.26 -47.75
CA GLN E 288 -12.59 -5.89 -48.51
C GLN E 288 -12.84 -6.02 -50.02
N GLN E 289 -12.89 -7.26 -50.50
CA GLN E 289 -13.12 -7.50 -51.91
C GLN E 289 -14.60 -7.39 -52.26
N PRO E 290 -14.94 -7.11 -53.50
CA PRO E 290 -16.35 -6.99 -53.88
C PRO E 290 -17.04 -8.35 -53.85
N VAL E 291 -18.37 -8.29 -53.90
CA VAL E 291 -19.19 -9.50 -53.86
C VAL E 291 -19.27 -10.09 -55.27
N GLU E 292 -18.97 -11.38 -55.38
CA GLU E 292 -19.04 -12.07 -56.66
C GLU E 292 -20.41 -12.67 -56.95
N ASP E 293 -21.15 -13.03 -55.90
CA ASP E 293 -22.48 -13.62 -56.08
C ASP E 293 -23.27 -13.39 -54.79
N ILE E 294 -24.20 -12.45 -54.84
CA ILE E 294 -25.00 -12.14 -53.65
C ILE E 294 -26.14 -13.14 -53.48
N SER E 295 -26.58 -13.77 -54.58
CA SER E 295 -27.68 -14.74 -54.47
C SER E 295 -27.29 -15.92 -53.60
N SER E 296 -26.00 -16.26 -53.55
CA SER E 296 -25.55 -17.39 -52.73
C SER E 296 -25.51 -17.04 -51.25
N ASN E 297 -25.50 -15.76 -50.89
CA ASN E 297 -25.46 -15.37 -49.49
C ASN E 297 -26.73 -15.82 -48.78
N ARG E 298 -26.60 -16.11 -47.49
CA ARG E 298 -27.75 -16.56 -46.70
C ARG E 298 -28.66 -15.40 -46.35
N ILE E 299 -28.10 -14.22 -46.08
CA ILE E 299 -28.93 -13.06 -45.78
C ILE E 299 -29.77 -12.67 -46.98
N TYR E 300 -29.16 -12.70 -48.17
CA TYR E 300 -29.91 -12.38 -49.39
C TYR E 300 -31.06 -13.36 -49.60
N LYS E 301 -30.81 -14.64 -49.40
CA LYS E 301 -31.87 -15.64 -49.56
C LYS E 301 -32.96 -15.44 -48.53
N ILE E 302 -32.60 -15.15 -47.28
CA ILE E 302 -33.59 -14.96 -46.23
C ILE E 302 -34.45 -13.74 -46.55
N LEU E 303 -33.84 -12.69 -47.10
CA LEU E 303 -34.59 -11.47 -47.41
C LEU E 303 -35.44 -11.63 -48.66
N GLU E 304 -35.01 -12.45 -49.61
CA GLU E 304 -35.77 -12.61 -50.85
C GLU E 304 -36.92 -13.60 -50.69
N LEU E 305 -36.68 -14.71 -49.99
CA LEU E 305 -37.74 -15.72 -49.82
C LEU E 305 -38.94 -15.14 -49.10
N ASN E 306 -38.72 -14.23 -48.16
CA ASN E 306 -39.80 -13.62 -47.39
C ASN E 306 -40.59 -12.60 -48.20
N GLY E 307 -40.19 -12.31 -49.43
CA GLY E 307 -40.91 -11.34 -50.25
C GLY E 307 -40.53 -9.90 -50.00
N TYR E 308 -39.27 -9.64 -49.66
CA TYR E 308 -38.79 -8.28 -49.42
C TYR E 308 -37.59 -8.01 -50.30
N ASP E 309 -37.63 -6.87 -51.01
CA ASP E 309 -36.54 -6.48 -51.90
C ASP E 309 -35.23 -6.42 -51.13
N PRO E 310 -34.27 -7.33 -51.39
CA PRO E 310 -33.01 -7.28 -50.65
C PRO E 310 -32.25 -5.99 -50.81
N GLN E 311 -32.49 -5.23 -51.89
CA GLN E 311 -31.74 -3.99 -52.09
C GLN E 311 -32.09 -2.96 -51.03
N TYR E 312 -33.39 -2.77 -50.76
CA TYR E 312 -33.80 -1.81 -49.74
C TYR E 312 -33.33 -2.25 -48.36
N ALA E 313 -33.42 -3.54 -48.06
CA ALA E 313 -32.93 -4.03 -46.78
C ALA E 313 -31.44 -3.80 -46.63
N ALA E 314 -30.67 -4.02 -47.70
CA ALA E 314 -29.24 -3.77 -47.65
C ALA E 314 -28.94 -2.29 -47.44
N SER E 315 -29.65 -1.42 -48.15
CA SER E 315 -29.46 0.01 -47.96
C SER E 315 -29.86 0.43 -46.55
N VAL E 316 -30.94 -0.15 -46.02
CA VAL E 316 -31.37 0.16 -44.66
C VAL E 316 -30.29 -0.26 -43.66
N PHE E 317 -29.72 -1.44 -43.85
CA PHE E 317 -28.65 -1.91 -42.96
C PHE E 317 -27.43 -0.98 -43.05
N LEU E 318 -27.07 -0.57 -44.26
CA LEU E 318 -25.93 0.31 -44.44
C LEU E 318 -26.16 1.64 -43.72
N GLY E 319 -27.35 2.22 -43.87
CA GLY E 319 -27.67 3.47 -43.20
C GLY E 319 -27.83 3.34 -41.70
N TRP E 320 -28.19 2.15 -41.23
CA TRP E 320 -28.47 1.94 -39.78
C TRP E 320 -27.16 1.81 -38.99
N ALA E 321 -26.23 0.99 -39.49
CA ALA E 321 -24.90 0.87 -38.84
C ALA E 321 -24.23 2.24 -38.87
N THR E 322 -24.28 2.92 -40.01
CA THR E 322 -23.65 4.25 -40.14
C THR E 322 -24.53 5.28 -39.47
N LYS E 323 -25.40 4.86 -38.54
CA LYS E 323 -26.23 5.78 -37.78
C LYS E 323 -26.58 7.02 -38.60
N LYS E 324 -27.20 6.78 -39.76
CA LYS E 324 -27.56 7.91 -40.66
C LYS E 324 -29.08 8.20 -40.67
N PHE E 325 -29.88 7.47 -39.90
CA PHE E 325 -31.36 7.67 -39.92
C PHE E 325 -31.77 8.51 -38.72
N GLY E 326 -31.06 8.36 -37.60
CA GLY E 326 -31.39 9.10 -36.37
C GLY E 326 -32.56 8.47 -35.66
N LYS E 327 -33.71 9.15 -35.63
CA LYS E 327 -34.93 8.60 -34.98
C LYS E 327 -35.18 7.18 -35.47
N ARG E 328 -35.16 6.97 -36.78
CA ARG E 328 -35.47 5.67 -37.36
C ARG E 328 -34.23 4.79 -37.53
N ASN E 329 -33.23 4.95 -36.66
CA ASN E 329 -31.99 4.17 -36.76
C ASN E 329 -32.11 2.88 -35.94
N THR E 330 -33.11 2.08 -36.30
CA THR E 330 -33.36 0.81 -35.64
C THR E 330 -34.09 -0.12 -36.61
N ILE E 331 -33.76 -1.40 -36.53
CA ILE E 331 -34.38 -2.44 -37.36
C ILE E 331 -35.16 -3.38 -36.45
N TRP E 332 -36.33 -3.81 -36.92
CA TRP E 332 -37.22 -4.69 -36.17
C TRP E 332 -37.67 -5.81 -37.11
N LEU E 333 -36.99 -6.95 -37.04
CA LEU E 333 -37.33 -8.11 -37.86
C LEU E 333 -38.46 -8.87 -37.18
N PHE E 334 -39.69 -8.51 -37.51
CA PHE E 334 -40.87 -9.12 -36.91
C PHE E 334 -41.30 -10.34 -37.72
N GLY E 335 -41.78 -11.36 -37.02
CA GLY E 335 -42.25 -12.58 -37.65
C GLY E 335 -42.21 -13.76 -36.70
N PRO E 336 -42.81 -14.88 -37.13
CA PRO E 336 -42.81 -16.07 -36.27
C PRO E 336 -41.38 -16.54 -35.97
N ALA E 337 -41.29 -17.44 -35.00
CA ALA E 337 -39.99 -17.98 -34.62
C ALA E 337 -39.43 -18.90 -35.70
N THR E 338 -38.11 -18.92 -35.82
CA THR E 338 -37.41 -19.73 -36.81
C THR E 338 -37.84 -19.34 -38.23
N THR E 339 -37.61 -18.06 -38.54
CA THR E 339 -37.94 -17.49 -39.85
C THR E 339 -36.80 -16.63 -40.34
N GLY E 340 -35.57 -17.03 -40.05
CA GLY E 340 -34.41 -16.27 -40.49
C GLY E 340 -34.18 -14.98 -39.74
N LYS E 341 -34.65 -14.90 -38.49
CA LYS E 341 -34.48 -13.71 -37.67
C LYS E 341 -33.23 -13.80 -36.79
N THR E 342 -33.09 -14.90 -36.06
CA THR E 342 -31.94 -15.08 -35.18
C THR E 342 -30.69 -15.51 -35.93
N ASN E 343 -30.84 -16.15 -37.09
CA ASN E 343 -29.67 -16.60 -37.84
C ASN E 343 -28.80 -15.44 -38.29
N ILE E 344 -29.41 -14.28 -38.57
CA ILE E 344 -28.64 -13.12 -39.02
C ILE E 344 -27.95 -12.45 -37.84
N ALA E 345 -28.67 -12.30 -36.72
CA ALA E 345 -28.07 -11.66 -35.55
C ALA E 345 -26.95 -12.52 -34.96
N GLU E 346 -27.08 -13.85 -35.04
CA GLU E 346 -26.03 -14.72 -34.51
C GLU E 346 -24.71 -14.46 -35.21
N ALA E 347 -24.74 -14.11 -36.50
CA ALA E 347 -23.52 -13.81 -37.23
C ALA E 347 -23.12 -12.35 -37.05
N ILE E 348 -24.09 -11.44 -36.97
CA ILE E 348 -23.78 -10.03 -36.79
C ILE E 348 -23.06 -9.81 -35.47
N ALA E 349 -23.45 -10.54 -34.43
CA ALA E 349 -22.82 -10.38 -33.13
C ALA E 349 -21.45 -11.05 -33.09
N HIS E 350 -21.28 -12.16 -33.81
CA HIS E 350 -20.00 -12.85 -33.82
C HIS E 350 -18.96 -12.14 -34.68
N THR E 351 -19.41 -11.40 -35.69
CA THR E 351 -18.47 -10.70 -36.55
C THR E 351 -17.89 -9.47 -35.86
N VAL E 352 -18.74 -8.66 -35.24
CA VAL E 352 -18.29 -7.44 -34.56
C VAL E 352 -17.39 -7.83 -33.39
N PRO E 353 -16.53 -6.92 -32.90
CA PRO E 353 -15.66 -7.28 -31.78
C PRO E 353 -16.44 -7.54 -30.50
N PHE E 354 -17.20 -6.56 -30.04
CA PHE E 354 -17.99 -6.67 -28.83
C PHE E 354 -19.47 -6.81 -29.17
N TYR E 355 -20.19 -7.53 -28.31
CA TYR E 355 -21.61 -7.75 -28.49
C TYR E 355 -22.27 -7.95 -27.15
N GLY E 356 -23.59 -7.75 -27.11
CA GLY E 356 -24.35 -7.90 -25.89
C GLY E 356 -25.78 -8.30 -26.20
N CYS E 357 -26.58 -8.38 -25.14
CA CYS E 357 -27.99 -8.76 -25.27
C CYS E 357 -28.80 -8.00 -24.23
N VAL E 358 -29.88 -7.37 -24.67
CA VAL E 358 -30.74 -6.61 -23.77
C VAL E 358 -31.62 -7.59 -23.00
N ASN E 359 -31.52 -7.55 -21.67
CA ASN E 359 -32.30 -8.44 -20.81
C ASN E 359 -33.65 -7.78 -20.53
N TRP E 360 -34.64 -8.11 -21.35
CA TRP E 360 -35.97 -7.53 -21.17
C TRP E 360 -36.61 -7.99 -19.86
N THR E 361 -36.20 -9.16 -19.35
CA THR E 361 -36.76 -9.66 -18.10
C THR E 361 -36.40 -8.75 -16.93
N ASN E 362 -35.18 -8.20 -16.93
CA ASN E 362 -34.72 -7.32 -15.87
C ASN E 362 -35.23 -5.91 -16.16
N GLU E 363 -36.31 -5.52 -15.49
CA GLU E 363 -36.87 -4.18 -15.70
C GLU E 363 -36.02 -3.08 -15.08
N ASN E 364 -35.18 -3.42 -14.11
CA ASN E 364 -34.34 -2.41 -13.46
C ASN E 364 -33.12 -2.08 -14.32
N PHE E 365 -32.28 -3.09 -14.59
CA PHE E 365 -31.06 -2.93 -15.38
C PHE E 365 -31.11 -3.88 -16.56
N PRO E 366 -31.94 -3.58 -17.57
CA PRO E 366 -32.01 -4.48 -18.73
C PRO E 366 -30.73 -4.49 -19.56
N PHE E 367 -29.99 -3.39 -19.60
CA PHE E 367 -28.75 -3.30 -20.36
C PHE E 367 -27.55 -3.74 -19.52
N ASN E 368 -27.65 -4.93 -18.93
CA ASN E 368 -26.56 -5.44 -18.09
C ASN E 368 -25.40 -5.94 -18.94
N ASP E 369 -25.69 -6.65 -20.03
CA ASP E 369 -24.63 -7.17 -20.89
C ASP E 369 -24.17 -6.13 -21.90
N CYS E 370 -25.06 -5.25 -22.34
CA CYS E 370 -24.71 -4.21 -23.33
C CYS E 370 -23.98 -3.08 -22.61
N VAL E 371 -22.68 -3.26 -22.45
CA VAL E 371 -21.80 -2.28 -21.79
C VAL E 371 -20.66 -1.99 -22.74
N ASP E 372 -20.68 -0.80 -23.36
CA ASP E 372 -19.64 -0.39 -24.29
C ASP E 372 -19.55 -1.35 -25.47
N LYS E 373 -20.70 -1.61 -26.10
CA LYS E 373 -20.81 -2.50 -27.24
C LYS E 373 -21.09 -1.70 -28.50
N MET E 374 -20.67 -2.25 -29.64
CA MET E 374 -20.88 -1.59 -30.92
C MET E 374 -22.21 -1.97 -31.56
N VAL E 375 -22.73 -3.15 -31.29
CA VAL E 375 -24.00 -3.62 -31.83
C VAL E 375 -24.80 -4.22 -30.68
N ILE E 376 -26.03 -3.74 -30.51
CA ILE E 376 -26.94 -4.20 -29.46
C ILE E 376 -28.01 -5.05 -30.13
N TRP E 377 -27.99 -6.35 -29.84
CA TRP E 377 -28.96 -7.29 -30.39
C TRP E 377 -30.03 -7.58 -29.34
N TRP E 378 -31.29 -7.47 -29.74
CA TRP E 378 -32.43 -7.72 -28.86
C TRP E 378 -33.13 -8.99 -29.33
N GLU E 379 -33.06 -10.03 -28.51
CA GLU E 379 -33.67 -11.33 -28.81
C GLU E 379 -34.94 -11.47 -27.98
N GLU E 380 -36.09 -11.54 -28.67
CA GLU E 380 -37.39 -11.68 -28.01
C GLU E 380 -37.61 -10.54 -27.02
N GLY E 381 -37.36 -9.32 -27.48
CA GLY E 381 -37.51 -8.16 -26.62
C GLY E 381 -38.96 -7.89 -26.26
N LYS E 382 -39.13 -7.19 -25.14
CA LYS E 382 -40.46 -6.83 -24.65
C LYS E 382 -40.34 -5.49 -23.93
N MET E 383 -40.88 -4.44 -24.53
CA MET E 383 -40.80 -3.12 -23.93
C MET E 383 -41.51 -3.09 -22.59
N THR E 384 -40.89 -2.45 -21.61
CA THR E 384 -41.43 -2.32 -20.27
C THR E 384 -41.59 -0.85 -19.91
N ALA E 385 -42.48 -0.59 -18.96
CA ALA E 385 -42.73 0.79 -18.53
C ALA E 385 -41.61 1.35 -17.67
N LYS E 386 -40.74 0.50 -17.14
CA LYS E 386 -39.64 0.96 -16.31
C LYS E 386 -38.48 1.54 -17.12
N VAL E 387 -38.37 1.17 -18.39
CA VAL E 387 -37.29 1.67 -19.24
C VAL E 387 -37.87 2.10 -20.58
N VAL E 388 -39.08 2.65 -20.56
CA VAL E 388 -39.72 3.09 -21.79
C VAL E 388 -39.14 4.42 -22.26
N GLU E 389 -38.65 5.24 -21.33
CA GLU E 389 -38.08 6.53 -21.71
C GLU E 389 -36.67 6.38 -22.26
N SER E 390 -35.79 5.69 -21.53
CA SER E 390 -34.42 5.50 -22.00
C SER E 390 -34.38 4.67 -23.28
N ALA E 391 -35.33 3.75 -23.44
CA ALA E 391 -35.36 2.93 -24.65
C ALA E 391 -35.68 3.77 -25.88
N LYS E 392 -36.61 4.73 -25.74
CA LYS E 392 -36.94 5.59 -26.87
C LYS E 392 -35.75 6.44 -27.30
N ALA E 393 -34.87 6.79 -26.35
CA ALA E 393 -33.70 7.59 -26.70
C ALA E 393 -32.57 6.72 -27.26
N ILE E 394 -32.43 5.50 -26.74
CA ILE E 394 -31.38 4.61 -27.22
C ILE E 394 -31.70 4.12 -28.63
N LEU E 395 -32.88 3.51 -28.80
CA LEU E 395 -33.27 3.01 -30.12
C LEU E 395 -33.39 4.14 -31.13
N GLY E 396 -33.81 5.33 -30.68
CA GLY E 396 -33.96 6.47 -31.56
C GLY E 396 -32.69 7.23 -31.85
N GLY E 397 -31.53 6.67 -31.52
CA GLY E 397 -30.27 7.34 -31.78
C GLY E 397 -30.15 8.66 -31.06
N SER E 398 -30.10 8.62 -29.73
CA SER E 398 -29.98 9.83 -28.93
C SER E 398 -29.23 9.50 -27.65
N LYS E 399 -28.32 10.39 -27.27
CA LYS E 399 -27.54 10.18 -26.06
C LYS E 399 -28.43 10.27 -24.82
N VAL E 400 -28.20 9.37 -23.88
CA VAL E 400 -28.98 9.32 -22.65
C VAL E 400 -28.19 8.52 -21.62
N ARG E 401 -28.24 8.98 -20.38
CA ARG E 401 -27.54 8.33 -19.27
C ARG E 401 -28.50 7.40 -18.54
N VAL E 402 -28.01 6.20 -18.23
CA VAL E 402 -28.80 5.18 -17.54
C VAL E 402 -27.95 4.57 -16.45
N ASP E 403 -28.61 4.09 -15.40
CA ASP E 403 -27.92 3.47 -14.27
C ASP E 403 -27.57 2.03 -14.61
N GLN E 404 -26.33 1.65 -14.34
CA GLN E 404 -25.86 0.30 -14.62
C GLN E 404 -26.12 -0.61 -13.42
N LYS E 405 -25.94 -1.91 -13.64
CA LYS E 405 -26.14 -2.90 -12.60
C LYS E 405 -24.91 -2.97 -11.72
N CYS E 406 -25.04 -2.51 -10.47
CA CYS E 406 -23.94 -2.51 -9.51
C CYS E 406 -22.76 -1.66 -10.00
N LYS E 407 -23.06 -0.63 -10.79
CA LYS E 407 -22.03 0.25 -11.32
C LYS E 407 -22.62 1.64 -11.54
N SER E 408 -21.74 2.62 -11.70
CA SER E 408 -22.17 3.98 -11.91
C SER E 408 -22.87 4.12 -13.25
N SER E 409 -23.56 5.24 -13.44
CA SER E 409 -24.28 5.49 -14.67
C SER E 409 -23.31 5.62 -15.85
N ALA E 410 -23.84 5.41 -17.04
CA ALA E 410 -23.04 5.49 -18.26
C ALA E 410 -23.93 5.96 -19.40
N GLN E 411 -23.38 6.81 -20.26
CA GLN E 411 -24.11 7.35 -21.40
C GLN E 411 -23.96 6.41 -22.59
N ILE E 412 -25.10 5.90 -23.06
CA ILE E 412 -25.12 4.98 -24.24
C ILE E 412 -25.24 5.88 -25.48
N ASP E 413 -24.11 6.15 -26.13
CA ASP E 413 -24.13 7.01 -27.36
C ASP E 413 -24.93 6.29 -28.44
N PRO E 414 -25.47 7.02 -29.45
CA PRO E 414 -26.22 6.38 -30.55
C PRO E 414 -25.50 5.16 -31.11
N THR E 415 -26.04 3.98 -30.84
CA THR E 415 -25.46 2.73 -31.29
C THR E 415 -26.48 1.93 -32.09
N PRO E 416 -26.08 1.27 -33.17
CA PRO E 416 -27.04 0.44 -33.93
C PRO E 416 -27.63 -0.65 -33.04
N VAL E 417 -28.97 -0.65 -32.95
CA VAL E 417 -29.67 -1.71 -32.16
C VAL E 417 -30.53 -2.52 -33.15
N ILE E 418 -30.60 -3.85 -32.95
CA ILE E 418 -31.40 -4.73 -33.85
C ILE E 418 -32.34 -5.60 -33.01
N VAL E 419 -33.62 -5.71 -33.41
CA VAL E 419 -34.57 -6.52 -32.66
C VAL E 419 -34.96 -7.71 -33.52
N THR E 420 -35.15 -8.86 -32.88
CA THR E 420 -35.53 -10.09 -33.57
C THR E 420 -36.58 -10.84 -32.74
N SER E 421 -37.62 -10.12 -32.34
CA SER E 421 -38.70 -10.67 -31.53
C SER E 421 -39.87 -11.07 -32.42
N ASN E 422 -40.74 -11.92 -31.86
CA ASN E 422 -41.92 -12.39 -32.56
C ASN E 422 -43.22 -11.80 -32.04
N THR E 423 -43.21 -11.19 -30.86
CA THR E 423 -44.40 -10.59 -30.28
C THR E 423 -44.49 -9.12 -30.72
N ASN E 424 -45.45 -8.39 -30.17
CA ASN E 424 -45.65 -6.98 -30.50
C ASN E 424 -44.72 -6.14 -29.62
N MET E 425 -43.69 -5.57 -30.23
CA MET E 425 -42.74 -4.74 -29.49
C MET E 425 -43.38 -3.45 -28.97
N CYS E 426 -44.46 -2.99 -29.61
CA CYS E 426 -45.10 -1.76 -29.17
C CYS E 426 -45.82 -1.93 -27.84
N ALA E 427 -46.20 -3.15 -27.48
CA ALA E 427 -46.91 -3.39 -26.22
C ALA E 427 -45.95 -3.15 -25.05
N VAL E 428 -46.31 -2.21 -24.19
CA VAL E 428 -45.50 -1.87 -23.03
C VAL E 428 -46.07 -2.62 -21.83
N ILE E 429 -45.28 -3.53 -21.28
CA ILE E 429 -45.68 -4.33 -20.13
C ILE E 429 -45.36 -3.57 -18.85
N ASP E 430 -46.26 -3.67 -17.86
CA ASP E 430 -46.11 -3.01 -16.57
C ASP E 430 -46.74 -3.91 -15.51
N GLY E 431 -46.05 -5.01 -15.20
CA GLY E 431 -46.54 -5.95 -14.21
C GLY E 431 -47.64 -6.85 -14.74
N ASN E 432 -48.79 -6.85 -14.08
CA ASN E 432 -49.93 -7.67 -14.48
C ASN E 432 -50.90 -6.90 -15.38
N SER E 433 -50.38 -6.10 -16.30
CA SER E 433 -51.21 -5.33 -17.21
C SER E 433 -50.36 -4.90 -18.40
N THR E 434 -51.00 -4.26 -19.37
CA THR E 434 -50.32 -3.79 -20.57
C THR E 434 -50.98 -2.51 -21.05
N THR E 435 -50.16 -1.61 -21.59
CA THR E 435 -50.63 -0.33 -22.09
C THR E 435 -50.01 -0.06 -23.45
N PHE E 436 -50.80 0.49 -24.36
CA PHE E 436 -50.35 0.81 -25.72
C PHE E 436 -50.22 2.31 -25.92
N GLU E 437 -49.89 3.06 -24.86
CA GLU E 437 -49.73 4.50 -24.98
C GLU E 437 -48.53 4.86 -25.83
N HIS E 438 -47.41 4.16 -25.64
CA HIS E 438 -46.18 4.43 -26.38
C HIS E 438 -46.09 3.54 -27.62
N GLN E 439 -47.14 3.53 -28.42
CA GLN E 439 -47.18 2.73 -29.64
C GLN E 439 -46.64 3.50 -30.85
N GLN E 440 -47.18 4.69 -31.10
CA GLN E 440 -46.71 5.48 -32.24
C GLN E 440 -45.25 5.89 -32.11
N PRO E 441 -44.76 6.33 -30.95
CA PRO E 441 -43.33 6.68 -30.86
C PRO E 441 -42.41 5.53 -31.23
N LEU E 442 -42.74 4.31 -30.80
CA LEU E 442 -41.91 3.16 -31.15
C LEU E 442 -42.12 2.73 -32.59
N GLN E 443 -43.34 2.84 -33.10
CA GLN E 443 -43.61 2.45 -34.49
C GLN E 443 -42.91 3.39 -35.46
N ASP E 444 -42.75 4.66 -35.11
CA ASP E 444 -42.11 5.64 -35.96
C ASP E 444 -40.60 5.71 -35.74
N ARG E 445 -39.99 4.63 -35.24
CA ARG E 445 -38.55 4.61 -35.00
C ARG E 445 -37.94 3.25 -35.30
N MET E 446 -38.62 2.39 -36.06
CA MET E 446 -38.12 1.06 -36.39
C MET E 446 -38.55 0.71 -37.80
N PHE E 447 -38.05 -0.43 -38.27
CA PHE E 447 -38.38 -0.95 -39.60
C PHE E 447 -39.01 -2.32 -39.42
N LYS E 448 -40.33 -2.39 -39.51
CA LYS E 448 -41.04 -3.65 -39.33
C LYS E 448 -40.92 -4.52 -40.57
N PHE E 449 -40.84 -5.82 -40.37
CA PHE E 449 -40.74 -6.79 -41.44
C PHE E 449 -41.80 -7.87 -41.26
N GLU E 450 -41.91 -8.75 -42.27
CA GLU E 450 -42.87 -9.85 -42.27
C GLU E 450 -42.18 -11.08 -42.83
N LEU E 451 -41.37 -11.73 -41.99
CA LEU E 451 -40.62 -12.93 -42.37
C LEU E 451 -41.39 -14.13 -41.84
N THR E 452 -42.24 -14.71 -42.70
CA THR E 452 -43.05 -15.86 -42.32
C THR E 452 -42.54 -17.17 -42.89
N ARG E 453 -41.64 -17.12 -43.87
CA ARG E 453 -41.12 -18.33 -44.48
C ARG E 453 -40.10 -18.99 -43.55
N ARG E 454 -40.21 -20.30 -43.39
CA ARG E 454 -39.31 -21.05 -42.53
C ARG E 454 -38.12 -21.57 -43.34
N LEU E 455 -36.95 -21.61 -42.71
CA LEU E 455 -35.74 -22.09 -43.36
C LEU E 455 -35.59 -23.59 -43.15
N ASP E 456 -35.07 -24.27 -44.17
CA ASP E 456 -34.88 -25.71 -44.11
C ASP E 456 -33.67 -26.04 -43.23
N HIS E 457 -33.49 -27.34 -42.98
CA HIS E 457 -32.37 -27.78 -42.16
C HIS E 457 -31.04 -27.63 -42.89
N ASP E 458 -31.05 -27.73 -44.21
CA ASP E 458 -29.83 -27.61 -45.01
C ASP E 458 -29.48 -26.17 -45.35
N PHE E 459 -30.18 -25.19 -44.74
CA PHE E 459 -29.88 -23.79 -45.04
C PHE E 459 -28.55 -23.38 -44.42
N GLY E 460 -28.23 -23.90 -43.24
CA GLY E 460 -26.99 -23.57 -42.58
C GLY E 460 -27.02 -22.18 -41.95
N LYS E 461 -26.13 -21.99 -40.97
CA LYS E 461 -26.04 -20.71 -40.28
C LYS E 461 -25.21 -19.72 -41.08
N VAL E 462 -25.39 -18.45 -40.77
CA VAL E 462 -24.67 -17.38 -41.46
C VAL E 462 -23.27 -17.26 -40.87
N THR E 463 -22.29 -17.13 -41.76
CA THR E 463 -20.89 -17.01 -41.34
C THR E 463 -20.54 -15.53 -41.14
N LYS E 464 -19.27 -15.28 -40.84
CA LYS E 464 -18.81 -13.91 -40.62
C LYS E 464 -18.56 -13.18 -41.93
N GLN E 465 -18.03 -13.88 -42.93
CA GLN E 465 -17.76 -13.24 -44.21
C GLN E 465 -19.05 -12.84 -44.93
N GLU E 466 -20.15 -13.51 -44.62
CA GLU E 466 -21.41 -13.18 -45.28
C GLU E 466 -21.90 -11.80 -44.90
N VAL E 467 -21.72 -11.40 -43.63
CA VAL E 467 -22.13 -10.07 -43.21
C VAL E 467 -21.30 -9.01 -43.92
N LYS E 468 -19.98 -9.24 -44.04
CA LYS E 468 -19.13 -8.28 -44.74
C LYS E 468 -19.51 -8.20 -46.20
N ASP E 469 -19.81 -9.33 -46.84
CA ASP E 469 -20.23 -9.31 -48.23
C ASP E 469 -21.54 -8.56 -48.40
N PHE E 470 -22.49 -8.76 -47.47
CA PHE E 470 -23.76 -8.04 -47.55
C PHE E 470 -23.54 -6.54 -47.39
N PHE E 471 -22.67 -6.14 -46.47
CA PHE E 471 -22.42 -4.71 -46.28
C PHE E 471 -21.71 -4.12 -47.50
N ARG E 472 -20.80 -4.87 -48.12
CA ARG E 472 -20.14 -4.39 -49.32
C ARG E 472 -21.16 -4.23 -50.45
N TRP E 473 -22.05 -5.20 -50.63
CA TRP E 473 -23.08 -5.08 -51.66
C TRP E 473 -24.00 -3.90 -51.37
N ALA E 474 -24.31 -3.66 -50.09
CA ALA E 474 -25.13 -2.50 -49.73
C ALA E 474 -24.43 -1.21 -50.13
N LYS E 475 -23.16 -1.06 -49.76
CA LYS E 475 -22.42 0.14 -50.13
C LYS E 475 -22.31 0.29 -51.64
N ASP E 476 -22.26 -0.82 -52.37
CA ASP E 476 -22.16 -0.77 -53.82
C ASP E 476 -23.48 -0.43 -54.49
N HIS E 477 -24.61 -0.66 -53.81
CA HIS E 477 -25.94 -0.36 -54.35
C HIS E 477 -26.70 0.43 -53.29
N VAL E 478 -26.63 1.76 -53.39
CA VAL E 478 -27.30 2.64 -52.45
C VAL E 478 -28.56 3.20 -53.11
N VAL E 479 -29.64 3.26 -52.34
CA VAL E 479 -30.92 3.78 -52.80
C VAL E 479 -31.50 4.70 -51.74
N GLU E 480 -32.49 5.48 -52.13
CA GLU E 480 -33.13 6.42 -51.22
C GLU E 480 -33.92 5.65 -50.16
N VAL E 481 -33.60 5.88 -48.90
CA VAL E 481 -34.27 5.22 -47.78
C VAL E 481 -35.40 6.14 -47.32
N GLU E 482 -36.64 5.69 -47.52
CA GLU E 482 -37.81 6.46 -47.13
C GLU E 482 -38.21 6.10 -45.70
N HIS E 483 -38.51 7.12 -44.90
CA HIS E 483 -38.92 6.93 -43.51
C HIS E 483 -40.36 6.41 -43.49
N GLU E 484 -40.48 5.10 -43.69
CA GLU E 484 -41.77 4.42 -43.71
C GLU E 484 -41.82 3.36 -42.62
N PHE E 485 -43.01 3.12 -42.10
CA PHE E 485 -43.18 2.11 -41.04
C PHE E 485 -42.92 0.71 -41.59
N TYR E 486 -43.56 0.37 -42.70
CA TYR E 486 -43.39 -0.94 -43.33
C TYR E 486 -42.32 -0.87 -44.40
N VAL E 487 -41.42 -1.85 -44.41
CA VAL E 487 -40.34 -1.88 -45.39
C VAL E 487 -40.91 -2.26 -46.75
N LYS E 488 -40.31 -1.71 -47.80
CA LYS E 488 -40.77 -1.99 -49.16
C LYS E 488 -40.62 -3.48 -49.47
N LYS E 489 -41.74 -4.10 -49.85
CA LYS E 489 -41.73 -5.51 -50.18
C LYS E 489 -41.17 -5.74 -51.57
N GLY E 490 -40.88 -7.00 -51.88
CA GLY E 490 -40.34 -7.37 -53.18
C GLY E 490 -41.41 -7.54 -54.23
N GLY E 491 -41.33 -6.76 -55.31
CA GLY E 491 -42.29 -6.83 -56.39
C GLY E 491 -42.07 -8.02 -57.30
N PRO F 3 36.53 13.53 -40.68
CA PRO F 3 37.68 14.20 -40.05
C PRO F 3 37.33 14.79 -38.69
N GLY F 4 38.03 14.33 -37.66
CA GLY F 4 37.79 14.81 -36.31
C GLY F 4 38.49 16.13 -36.04
N PHE F 5 38.14 16.72 -34.89
CA PHE F 5 38.71 17.99 -34.47
C PHE F 5 38.87 17.98 -32.96
N TYR F 6 39.92 18.66 -32.48
CA TYR F 6 40.18 18.78 -31.06
C TYR F 6 39.46 20.02 -30.52
N GLU F 7 38.64 19.82 -29.49
CA GLU F 7 37.88 20.92 -28.89
C GLU F 7 38.76 21.62 -27.86
N ILE F 8 39.31 22.77 -28.24
CA ILE F 8 40.16 23.57 -27.37
C ILE F 8 39.33 24.72 -26.82
N VAL F 9 39.55 25.04 -25.54
CA VAL F 9 38.83 26.10 -24.85
C VAL F 9 39.86 27.07 -24.28
N ILE F 10 39.63 28.36 -24.50
CA ILE F 10 40.50 29.42 -24.00
C ILE F 10 39.64 30.45 -23.27
N LYS F 11 39.88 30.62 -21.98
CA LYS F 11 39.12 31.56 -21.16
C LYS F 11 39.83 32.91 -21.22
N VAL F 12 39.24 33.85 -21.95
CA VAL F 12 39.84 35.18 -22.08
C VAL F 12 39.72 35.91 -20.74
N PRO F 13 40.76 36.62 -20.28
CA PRO F 13 40.64 37.36 -19.01
C PRO F 13 39.52 38.37 -19.06
N SER F 14 38.55 38.21 -18.16
CA SER F 14 37.42 39.12 -18.10
C SER F 14 37.80 40.47 -17.49
N ASP F 15 38.82 40.48 -16.63
CA ASP F 15 39.29 41.71 -15.99
C ASP F 15 40.81 41.71 -16.05
N LEU F 16 41.36 42.52 -16.95
CA LEU F 16 42.82 42.58 -17.09
C LEU F 16 43.49 43.11 -15.82
N ASP F 17 42.84 44.04 -15.12
CA ASP F 17 43.43 44.60 -13.92
C ASP F 17 43.49 43.58 -12.79
N GLU F 18 42.52 42.66 -12.73
CA GLU F 18 42.50 41.64 -11.69
C GLU F 18 43.16 40.34 -12.14
N HIS F 19 42.98 39.95 -13.40
CA HIS F 19 43.56 38.71 -13.90
C HIS F 19 44.99 38.90 -14.40
N LEU F 20 45.31 40.07 -14.96
CA LEU F 20 46.64 40.36 -15.49
C LEU F 20 47.24 41.52 -14.71
N PRO F 21 47.66 41.28 -13.46
CA PRO F 21 48.26 42.37 -12.67
C PRO F 21 49.61 42.79 -13.24
N GLY F 22 49.82 44.10 -13.29
CA GLY F 22 51.06 44.64 -13.82
C GLY F 22 51.14 44.68 -15.33
N ILE F 23 50.00 44.71 -16.02
CA ILE F 23 50.01 44.74 -17.47
C ILE F 23 50.59 46.07 -17.95
N SER F 24 51.34 46.03 -19.04
CA SER F 24 51.92 47.24 -19.59
C SER F 24 50.84 48.20 -20.06
N ASP F 25 51.20 49.49 -20.08
CA ASP F 25 50.24 50.52 -20.51
C ASP F 25 49.99 50.47 -22.01
N SER F 26 50.99 50.04 -22.78
CA SER F 26 50.83 49.98 -24.23
C SER F 26 49.74 48.99 -24.62
N PHE F 27 49.69 47.85 -23.94
CA PHE F 27 48.67 46.85 -24.25
C PHE F 27 47.28 47.40 -24.01
N VAL F 28 47.06 48.03 -22.85
CA VAL F 28 45.76 48.59 -22.54
C VAL F 28 45.40 49.70 -23.53
N ASN F 29 46.39 50.53 -23.89
CA ASN F 29 46.13 51.60 -24.84
C ASN F 29 45.71 51.05 -26.20
N TRP F 30 46.39 50.00 -26.67
CA TRP F 30 46.04 49.41 -27.95
C TRP F 30 44.69 48.71 -27.89
N VAL F 31 44.36 48.11 -26.75
CA VAL F 31 43.08 47.42 -26.63
C VAL F 31 41.93 48.42 -26.55
N ALA F 32 42.17 49.60 -25.97
CA ALA F 32 41.11 50.58 -25.82
C ALA F 32 40.91 51.41 -27.09
N GLU F 33 42.01 51.92 -27.65
CA GLU F 33 41.91 52.78 -28.83
C GLU F 33 41.50 52.02 -30.08
N LYS F 34 41.70 50.71 -30.12
CA LYS F 34 41.35 49.93 -31.30
C LYS F 34 39.83 49.82 -31.42
N GLU F 35 39.33 50.01 -32.64
CA GLU F 35 37.91 49.94 -32.93
C GLU F 35 37.66 48.88 -34.00
N TRP F 36 36.38 48.66 -34.30
CA TRP F 36 35.99 47.69 -35.30
C TRP F 36 34.66 48.12 -35.91
N GLU F 37 34.26 47.42 -36.96
CA GLU F 37 33.01 47.70 -37.65
C GLU F 37 32.42 46.39 -38.15
N LEU F 38 31.15 46.45 -38.55
CA LEU F 38 30.46 45.26 -39.05
C LEU F 38 30.84 45.02 -40.51
N PRO F 39 31.25 43.81 -40.88
CA PRO F 39 31.57 43.55 -42.30
C PRO F 39 30.37 43.78 -43.18
N PRO F 40 30.55 43.75 -44.51
CA PRO F 40 29.39 43.95 -45.39
C PRO F 40 28.29 42.92 -45.17
N ASP F 41 28.63 41.63 -45.20
CA ASP F 41 27.64 40.56 -45.01
C ASP F 41 27.51 40.25 -43.52
N SER F 42 26.99 41.24 -42.79
CA SER F 42 26.78 41.12 -41.36
C SER F 42 25.55 41.91 -40.96
N ASP F 43 24.72 41.31 -40.11
CA ASP F 43 23.48 41.93 -39.64
C ASP F 43 23.41 41.97 -38.12
N MET F 44 24.55 41.80 -37.44
CA MET F 44 24.58 41.82 -35.98
C MET F 44 24.76 43.25 -35.47
N ASP F 45 24.09 43.56 -34.36
CA ASP F 45 24.18 44.90 -33.79
C ASP F 45 25.57 45.12 -33.20
N LEU F 46 26.22 46.21 -33.61
CA LEU F 46 27.56 46.50 -33.10
C LEU F 46 27.50 47.02 -31.67
N ASN F 47 26.37 47.62 -31.27
CA ASN F 47 26.27 48.13 -29.90
C ASN F 47 26.33 47.00 -28.88
N LEU F 48 25.63 45.89 -29.14
CA LEU F 48 25.64 44.77 -28.22
C LEU F 48 27.01 44.09 -28.20
N ILE F 49 27.70 44.06 -29.33
CA ILE F 49 29.02 43.43 -29.40
C ILE F 49 30.03 44.33 -28.70
N GLU F 50 30.86 43.74 -27.84
CA GLU F 50 31.86 44.51 -27.12
C GLU F 50 32.98 44.93 -28.06
N GLN F 51 33.97 45.64 -27.51
CA GLN F 51 35.09 46.16 -28.28
C GLN F 51 36.41 45.55 -27.80
N ALA F 52 36.84 45.85 -26.59
CA ALA F 52 38.09 45.27 -26.09
C ALA F 52 38.07 43.75 -26.08
N PRO F 53 37.01 43.08 -25.63
CA PRO F 53 37.00 41.60 -25.72
C PRO F 53 37.17 41.10 -27.15
N LEU F 54 36.58 41.81 -28.12
CA LEU F 54 36.73 41.39 -29.52
C LEU F 54 38.18 41.44 -29.95
N THR F 55 38.87 42.54 -29.65
CA THR F 55 40.28 42.65 -30.02
C THR F 55 41.12 41.61 -29.29
N VAL F 56 40.83 41.37 -28.01
CA VAL F 56 41.59 40.38 -27.25
C VAL F 56 41.42 39.00 -27.87
N ALA F 57 40.18 38.63 -28.18
CA ALA F 57 39.92 37.32 -28.77
C ALA F 57 40.57 37.21 -30.15
N GLU F 58 40.54 38.29 -30.94
CA GLU F 58 41.17 38.26 -32.25
C GLU F 58 42.66 38.02 -32.13
N LYS F 59 43.33 38.77 -31.26
CA LYS F 59 44.77 38.57 -31.07
C LYS F 59 45.06 37.16 -30.59
N LEU F 60 44.27 36.68 -29.62
CA LEU F 60 44.51 35.35 -29.06
C LEU F 60 44.37 34.27 -30.13
N GLN F 61 43.26 34.28 -30.86
CA GLN F 61 43.06 33.24 -31.87
C GLN F 61 44.07 33.36 -33.00
N ARG F 62 44.47 34.58 -33.35
CA ARG F 62 45.47 34.74 -34.41
C ARG F 62 46.80 34.14 -33.99
N ASP F 63 47.29 34.49 -32.80
CA ASP F 63 48.56 33.94 -32.36
C ASP F 63 48.48 32.43 -32.17
N PHE F 64 47.33 31.94 -31.68
CA PHE F 64 47.15 30.50 -31.52
C PHE F 64 47.23 29.78 -32.87
N LEU F 65 46.52 30.30 -33.87
CA LEU F 65 46.54 29.67 -35.18
C LEU F 65 47.92 29.72 -35.81
N THR F 66 48.62 30.84 -35.65
CA THR F 66 49.97 30.94 -36.21
C THR F 66 50.89 29.92 -35.54
N GLU F 67 50.84 29.83 -34.21
CA GLU F 67 51.69 28.87 -33.50
C GLU F 67 51.35 27.44 -33.89
N TRP F 68 50.06 27.14 -34.06
CA TRP F 68 49.67 25.80 -34.45
C TRP F 68 50.17 25.46 -35.85
N ARG F 69 50.01 26.39 -36.79
CA ARG F 69 50.48 26.14 -38.15
C ARG F 69 52.00 26.05 -38.20
N ARG F 70 52.70 26.73 -37.29
CA ARG F 70 54.16 26.66 -37.28
C ARG F 70 54.65 25.36 -36.67
N VAL F 71 54.01 24.89 -35.60
CA VAL F 71 54.46 23.67 -34.93
C VAL F 71 53.95 22.41 -35.62
N SER F 72 52.89 22.49 -36.41
CA SER F 72 52.34 21.34 -37.09
C SER F 72 52.83 21.21 -38.53
N LYS F 73 53.40 22.26 -39.11
CA LYS F 73 53.90 22.23 -40.48
C LYS F 73 52.76 21.92 -41.46
N ALA F 74 51.61 22.54 -41.24
CA ALA F 74 50.43 22.34 -42.08
C ALA F 74 49.62 23.63 -42.12
N PRO F 75 50.12 24.65 -42.81
CA PRO F 75 49.39 25.93 -42.88
C PRO F 75 48.06 25.83 -43.62
N GLU F 76 47.86 24.80 -44.44
CA GLU F 76 46.62 24.61 -45.17
C GLU F 76 45.61 23.75 -44.43
N ALA F 77 45.73 23.66 -43.10
CA ALA F 77 44.81 22.87 -42.32
C ALA F 77 43.56 23.67 -41.98
N LEU F 78 42.50 22.95 -41.64
CA LEU F 78 41.23 23.58 -41.29
C LEU F 78 41.22 23.98 -39.82
N PHE F 79 40.28 24.86 -39.47
CA PHE F 79 40.14 25.34 -38.11
C PHE F 79 38.77 26.01 -37.98
N PHE F 80 38.42 26.35 -36.75
CA PHE F 80 37.13 27.00 -36.47
C PHE F 80 37.22 27.65 -35.10
N VAL F 81 37.29 28.98 -35.07
CA VAL F 81 37.35 29.75 -33.84
C VAL F 81 36.02 30.46 -33.64
N GLN F 82 35.56 30.54 -32.39
CA GLN F 82 34.30 31.20 -32.07
C GLN F 82 34.41 31.79 -30.68
N PHE F 83 34.35 33.12 -30.60
CA PHE F 83 34.43 33.82 -29.32
C PHE F 83 33.04 33.94 -28.71
N GLU F 84 32.92 33.55 -27.44
CA GLU F 84 31.66 33.58 -26.72
C GLU F 84 31.74 34.57 -25.56
N LYS F 85 30.56 34.89 -25.03
CA LYS F 85 30.42 35.83 -23.92
C LYS F 85 29.59 35.14 -22.83
N GLY F 86 30.28 34.49 -21.90
CA GLY F 86 29.58 33.80 -20.82
C GLY F 86 29.05 34.76 -19.78
N GLU F 87 28.19 34.23 -18.92
CA GLU F 87 27.59 35.05 -17.86
C GLU F 87 28.61 35.36 -16.77
N SER F 88 29.47 34.40 -16.43
CA SER F 88 30.47 34.60 -15.40
C SER F 88 31.81 35.04 -15.95
N TYR F 89 32.18 34.61 -17.15
CA TYR F 89 33.46 34.97 -17.75
C TYR F 89 33.37 34.72 -19.25
N PHE F 90 34.37 35.24 -19.97
CA PHE F 90 34.46 35.07 -21.41
C PHE F 90 35.27 33.83 -21.73
N HIS F 91 34.77 33.03 -22.67
CA HIS F 91 35.40 31.79 -23.07
C HIS F 91 35.43 31.69 -24.59
N MET F 92 36.51 31.12 -25.11
CA MET F 92 36.69 30.93 -26.54
C MET F 92 36.58 29.45 -26.88
N HIS F 93 36.10 29.15 -28.08
CA HIS F 93 36.00 27.79 -28.59
C HIS F 93 36.84 27.67 -29.85
N VAL F 94 37.98 26.99 -29.74
CA VAL F 94 38.90 26.80 -30.85
C VAL F 94 38.87 25.33 -31.27
N LEU F 95 38.92 25.10 -32.59
CA LEU F 95 38.91 23.75 -33.14
C LEU F 95 40.01 23.64 -34.18
N VAL F 96 40.74 22.53 -34.14
CA VAL F 96 41.84 22.26 -35.05
C VAL F 96 41.74 20.83 -35.55
N GLU F 97 42.14 20.62 -36.80
CA GLU F 97 42.08 19.29 -37.39
C GLU F 97 43.04 18.35 -36.68
N THR F 98 42.67 17.07 -36.65
CA THR F 98 43.47 16.03 -36.02
C THR F 98 44.44 15.36 -36.99
N THR F 99 44.76 16.01 -38.10
CA THR F 99 45.67 15.44 -39.09
C THR F 99 47.11 15.84 -38.76
N GLY F 100 47.99 14.84 -38.70
CA GLY F 100 49.39 15.07 -38.41
C GLY F 100 49.71 15.32 -36.96
N VAL F 101 48.72 15.31 -36.07
CA VAL F 101 48.92 15.54 -34.64
C VAL F 101 48.20 14.43 -33.89
N LYS F 102 48.97 13.58 -33.21
CA LYS F 102 48.38 12.48 -32.45
C LYS F 102 47.93 12.98 -31.07
N SER F 103 47.20 12.12 -30.37
CA SER F 103 46.68 12.47 -29.06
C SER F 103 47.78 12.57 -28.01
N MET F 104 48.94 11.94 -28.25
CA MET F 104 50.03 11.99 -27.28
C MET F 104 50.77 13.31 -27.35
N VAL F 105 51.33 13.63 -28.52
CA VAL F 105 52.07 14.88 -28.70
C VAL F 105 51.16 16.10 -28.66
N LEU F 106 49.84 15.90 -28.67
CA LEU F 106 48.92 17.03 -28.58
C LEU F 106 49.14 17.81 -27.28
N GLY F 107 49.30 17.10 -26.17
CA GLY F 107 49.52 17.77 -24.90
C GLY F 107 50.82 18.55 -24.88
N ARG F 108 51.88 17.98 -25.45
CA ARG F 108 53.16 18.67 -25.50
C ARG F 108 53.06 19.93 -26.36
N PHE F 109 52.40 19.83 -27.51
CA PHE F 109 52.22 21.01 -28.36
C PHE F 109 51.38 22.07 -27.65
N LEU F 110 50.34 21.64 -26.94
CA LEU F 110 49.52 22.60 -26.19
C LEU F 110 50.33 23.30 -25.13
N SER F 111 51.16 22.55 -24.38
CA SER F 111 51.99 23.17 -23.36
C SER F 111 53.00 24.14 -23.98
N GLN F 112 53.57 23.77 -25.12
CA GLN F 112 54.54 24.64 -25.78
C GLN F 112 53.90 25.95 -26.23
N ILE F 113 52.73 25.85 -26.87
CA ILE F 113 52.06 27.07 -27.33
C ILE F 113 51.58 27.90 -26.14
N ARG F 114 51.19 27.24 -25.04
CA ARG F 114 50.80 27.98 -23.85
C ARG F 114 51.98 28.75 -23.27
N GLU F 115 53.14 28.12 -23.20
CA GLU F 115 54.34 28.81 -22.73
C GLU F 115 54.67 29.98 -23.65
N LYS F 116 54.61 29.77 -24.97
CA LYS F 116 54.90 30.85 -25.90
C LYS F 116 53.93 32.01 -25.72
N LEU F 117 52.64 31.71 -25.53
CA LEU F 117 51.65 32.78 -25.37
C LEU F 117 51.87 33.54 -24.07
N ILE F 118 52.10 32.82 -22.96
CA ILE F 118 52.28 33.49 -21.68
C ILE F 118 53.60 34.25 -21.63
N GLN F 119 54.58 33.88 -22.45
CA GLN F 119 55.85 34.60 -22.49
C GLN F 119 55.85 35.73 -23.53
N ARG F 120 54.92 35.72 -24.47
CA ARG F 120 54.84 36.75 -25.51
C ARG F 120 53.60 37.62 -25.36
N ILE F 121 52.41 37.03 -25.42
CA ILE F 121 51.18 37.83 -25.36
C ILE F 121 51.06 38.50 -24.00
N TYR F 122 50.96 37.70 -22.94
CA TYR F 122 50.81 38.26 -21.60
C TYR F 122 52.09 38.90 -21.07
N ARG F 123 53.22 38.74 -21.77
CA ARG F 123 54.48 39.34 -21.36
C ARG F 123 54.90 38.86 -19.98
N GLY F 124 54.76 37.56 -19.75
CA GLY F 124 55.14 36.98 -18.47
C GLY F 124 54.14 37.22 -17.36
N ILE F 125 52.85 37.15 -17.65
CA ILE F 125 51.80 37.34 -16.67
C ILE F 125 50.83 36.16 -16.78
N GLU F 126 50.68 35.41 -15.69
CA GLU F 126 49.80 34.25 -15.68
C GLU F 126 48.41 34.68 -15.25
N PRO F 127 47.38 34.49 -16.08
CA PRO F 127 46.02 34.86 -15.66
C PRO F 127 45.62 34.12 -14.38
N THR F 128 44.86 34.81 -13.53
CA THR F 128 44.41 34.24 -12.27
C THR F 128 43.23 33.29 -12.44
N LEU F 129 42.62 33.23 -13.61
CA LEU F 129 41.48 32.35 -13.81
C LEU F 129 41.94 30.88 -13.76
N PRO F 130 41.18 30.00 -13.12
CA PRO F 130 41.57 28.58 -13.10
C PRO F 130 41.66 28.02 -14.52
N ASN F 131 42.78 27.36 -14.81
CA ASN F 131 43.05 26.78 -16.12
C ASN F 131 42.54 27.67 -17.24
N TRP F 132 43.17 28.83 -17.43
CA TRP F 132 42.73 29.75 -18.48
C TRP F 132 42.85 29.14 -19.87
N PHE F 133 43.67 28.10 -20.04
CA PHE F 133 43.83 27.44 -21.32
C PHE F 133 43.97 25.95 -21.09
N ALA F 134 43.18 25.16 -21.82
CA ALA F 134 43.20 23.71 -21.69
C ALA F 134 42.46 23.13 -22.90
N VAL F 135 42.24 21.82 -22.87
CA VAL F 135 41.54 21.10 -23.93
C VAL F 135 40.40 20.31 -23.32
N THR F 136 39.28 20.23 -24.04
CA THR F 136 38.12 19.51 -23.55
C THR F 136 38.36 18.01 -23.65
N LYS F 137 38.00 17.30 -22.58
CA LYS F 137 38.16 15.85 -22.50
C LYS F 137 36.80 15.18 -22.68
N THR F 138 36.82 13.85 -22.69
CA THR F 138 35.61 13.05 -22.83
C THR F 138 34.88 12.82 -21.50
N ARG F 139 35.33 13.46 -20.43
CA ARG F 139 34.71 13.29 -19.12
C ARG F 139 35.06 14.49 -18.26
N ASN F 140 34.04 15.08 -17.63
CA ASN F 140 34.24 16.24 -16.77
C ASN F 140 35.09 15.86 -15.56
N GLY F 141 36.39 16.11 -15.64
CA GLY F 141 37.28 15.79 -14.54
C GLY F 141 38.68 15.55 -15.06
N ALA F 142 39.56 15.17 -14.12
CA ALA F 142 40.95 14.88 -14.43
C ALA F 142 41.20 13.41 -14.74
N GLY F 143 40.27 12.77 -15.46
CA GLY F 143 40.42 11.37 -15.79
C GLY F 143 39.65 10.99 -17.03
N GLY F 144 39.81 11.77 -18.10
CA GLY F 144 39.13 11.50 -19.35
C GLY F 144 40.01 11.84 -20.53
N GLY F 145 39.82 11.07 -21.61
CA GLY F 145 40.61 11.28 -22.80
C GLY F 145 40.14 12.47 -23.62
N ASN F 146 40.95 12.83 -24.61
CA ASN F 146 40.61 13.96 -25.47
C ASN F 146 39.36 13.65 -26.28
N LYS F 147 38.47 14.63 -26.37
CA LYS F 147 37.22 14.48 -27.10
C LYS F 147 37.46 14.87 -28.55
N VAL F 148 37.40 13.89 -29.45
CA VAL F 148 37.61 14.13 -30.88
C VAL F 148 36.22 14.33 -31.49
N VAL F 149 35.73 15.57 -31.39
CA VAL F 149 34.42 15.93 -31.92
C VAL F 149 34.44 15.82 -33.43
N ASP F 150 33.27 15.93 -34.05
CA ASP F 150 33.12 15.84 -35.49
C ASP F 150 32.57 17.17 -36.02
N GLU F 151 32.41 17.23 -37.35
CA GLU F 151 31.89 18.44 -37.97
C GLU F 151 30.47 18.76 -37.52
N SER F 152 29.71 17.76 -37.07
CA SER F 152 28.35 17.98 -36.61
C SER F 152 28.28 18.64 -35.24
N TYR F 153 29.43 18.83 -34.57
CA TYR F 153 29.43 19.46 -33.26
C TYR F 153 29.16 20.95 -33.33
N ILE F 154 29.43 21.59 -34.46
CA ILE F 154 29.21 23.02 -34.63
C ILE F 154 27.71 23.31 -34.56
N PRO F 155 26.90 22.77 -35.48
CA PRO F 155 25.45 23.06 -35.45
C PRO F 155 24.75 22.52 -34.22
N ASN F 156 25.43 21.78 -33.35
CA ASN F 156 24.80 21.23 -32.16
C ASN F 156 24.87 22.16 -30.95
N TYR F 157 25.89 23.02 -30.88
CA TYR F 157 26.06 23.91 -29.74
C TYR F 157 26.58 25.30 -30.09
N LEU F 158 27.37 25.46 -31.15
CA LEU F 158 27.91 26.79 -31.47
C LEU F 158 26.89 27.65 -32.21
N LEU F 159 26.33 27.12 -33.30
CA LEU F 159 25.38 27.88 -34.11
C LEU F 159 24.11 28.21 -33.33
N PRO F 160 23.56 27.27 -32.55
CA PRO F 160 22.37 27.61 -31.74
C PRO F 160 22.52 28.87 -30.92
N LYS F 161 23.73 29.18 -30.45
CA LYS F 161 23.94 30.39 -29.68
C LYS F 161 23.67 31.61 -30.54
N THR F 162 22.91 32.56 -30.00
CA THR F 162 22.48 33.75 -30.72
C THR F 162 23.42 34.91 -30.42
N GLN F 163 22.97 36.13 -30.69
CA GLN F 163 23.81 37.31 -30.48
C GLN F 163 24.21 37.49 -29.02
N PRO F 164 23.28 37.51 -28.04
CA PRO F 164 23.69 37.71 -26.65
C PRO F 164 24.74 36.71 -26.18
N GLU F 165 24.79 35.55 -26.83
CA GLU F 165 25.78 34.53 -26.51
C GLU F 165 26.99 34.58 -27.43
N LEU F 166 26.78 34.84 -28.72
CA LEU F 166 27.87 34.89 -29.68
C LEU F 166 28.52 36.28 -29.70
N GLN F 167 29.80 36.30 -30.07
CA GLN F 167 30.54 37.56 -30.14
C GLN F 167 31.22 37.68 -31.51
N TRP F 168 32.08 36.72 -31.83
CA TRP F 168 32.80 36.72 -33.11
C TRP F 168 33.11 35.29 -33.49
N ALA F 169 33.62 35.12 -34.71
CA ALA F 169 33.97 33.80 -35.22
C ALA F 169 35.01 33.96 -36.33
N TRP F 170 35.82 32.92 -36.50
CA TRP F 170 36.86 32.91 -37.51
C TRP F 170 37.10 31.48 -37.95
N THR F 171 36.97 31.22 -39.24
CA THR F 171 37.17 29.88 -39.79
C THR F 171 37.53 30.02 -41.27
N ASN F 172 37.62 28.88 -41.97
CA ASN F 172 37.95 28.88 -43.38
C ASN F 172 37.20 27.84 -44.18
N MET F 173 36.37 27.01 -43.54
CA MET F 173 35.62 25.99 -44.26
C MET F 173 34.55 26.63 -45.13
N GLU F 174 34.38 26.09 -46.34
CA GLU F 174 33.38 26.62 -47.26
C GLU F 174 31.96 26.37 -46.76
N GLN F 175 31.77 25.45 -45.82
CA GLN F 175 30.44 25.16 -45.31
C GLN F 175 30.02 26.10 -44.19
N TYR F 176 30.96 26.83 -43.60
CA TYR F 176 30.67 27.74 -42.49
C TYR F 176 31.39 29.06 -42.69
N LEU F 177 31.47 29.53 -43.94
CA LEU F 177 32.12 30.80 -44.21
C LEU F 177 31.15 31.98 -44.08
N SER F 178 29.88 31.77 -44.48
CA SER F 178 28.89 32.83 -44.38
C SER F 178 28.25 32.92 -43.01
N ALA F 179 28.30 31.85 -42.22
CA ALA F 179 27.71 31.82 -40.88
C ALA F 179 28.69 32.24 -39.80
N CYS F 180 29.63 33.14 -40.13
CA CYS F 180 30.61 33.61 -39.15
C CYS F 180 30.09 34.80 -38.35
N LEU F 181 29.54 35.80 -39.03
CA LEU F 181 29.01 37.00 -38.39
C LEU F 181 27.67 37.36 -39.00
N ASN F 182 26.77 36.38 -39.09
CA ASN F 182 25.45 36.58 -39.66
C ASN F 182 24.47 35.66 -38.94
N LEU F 183 23.31 36.20 -38.56
CA LEU F 183 22.31 35.41 -37.86
C LEU F 183 21.41 34.64 -38.82
N THR F 184 21.16 35.19 -40.01
CA THR F 184 20.31 34.50 -40.98
C THR F 184 20.95 33.19 -41.44
N GLU F 185 22.24 33.23 -41.78
CA GLU F 185 22.93 32.01 -42.21
C GLU F 185 22.99 31.00 -41.07
N ARG F 186 23.20 31.48 -39.83
CA ARG F 186 23.23 30.57 -38.70
C ARG F 186 21.88 29.90 -38.48
N LYS F 187 20.80 30.66 -38.61
CA LYS F 187 19.47 30.07 -38.47
C LYS F 187 19.19 29.09 -39.60
N ARG F 188 19.64 29.39 -40.81
CA ARG F 188 19.47 28.45 -41.91
C ARG F 188 20.23 27.16 -41.66
N LEU F 189 21.45 27.27 -41.14
CA LEU F 189 22.22 26.07 -40.82
C LEU F 189 21.58 25.28 -39.69
N VAL F 190 20.99 25.99 -38.71
CA VAL F 190 20.30 25.30 -37.63
C VAL F 190 19.09 24.55 -38.16
N ALA F 191 18.35 25.16 -39.08
CA ALA F 191 17.21 24.48 -39.69
C ALA F 191 17.64 23.27 -40.49
N GLN F 192 18.75 23.39 -41.23
CA GLN F 192 19.27 22.25 -41.98
C GLN F 192 19.69 21.13 -41.04
N HIS F 193 20.33 21.47 -39.93
CA HIS F 193 20.72 20.44 -38.96
C HIS F 193 19.51 19.78 -38.34
N LEU F 194 18.46 20.56 -38.07
CA LEU F 194 17.23 19.98 -37.53
C LEU F 194 16.59 19.03 -38.54
N THR F 195 16.59 19.41 -39.82
CA THR F 195 16.05 18.52 -40.84
C THR F 195 16.88 17.24 -40.94
N HIS F 196 18.21 17.36 -40.85
CA HIS F 196 19.05 16.16 -40.89
C HIS F 196 18.80 15.27 -39.69
N VAL F 197 18.59 15.87 -38.52
CA VAL F 197 18.30 15.08 -37.32
C VAL F 197 16.96 14.38 -37.46
N SER F 198 15.97 15.06 -38.05
CA SER F 198 14.68 14.44 -38.27
C SER F 198 14.80 13.27 -39.25
N GLN F 199 15.60 13.43 -40.30
CA GLN F 199 15.83 12.34 -41.24
C GLN F 199 16.51 11.17 -40.55
N THR F 200 17.50 11.44 -39.70
CA THR F 200 18.16 10.36 -38.97
C THR F 200 17.19 9.65 -38.05
N GLN F 201 16.32 10.40 -37.37
CA GLN F 201 15.33 9.79 -36.51
C GLN F 201 14.38 8.90 -37.30
N GLU F 202 13.91 9.39 -38.45
CA GLU F 202 13.06 8.58 -39.31
C GLU F 202 13.77 7.30 -39.75
N GLN F 203 15.06 7.41 -40.07
CA GLN F 203 15.82 6.23 -40.45
C GLN F 203 15.93 5.25 -39.30
N ASN F 204 16.08 5.76 -38.07
CA ASN F 204 16.18 4.88 -36.91
C ASN F 204 14.90 4.09 -36.70
N LYS F 205 13.75 4.71 -36.98
CA LYS F 205 12.46 4.03 -36.82
C LYS F 205 12.34 2.85 -37.77
N PRO F 215 4.63 -8.27 -26.35
CA PRO F 215 5.59 -7.98 -25.28
C PRO F 215 5.57 -9.07 -24.20
N VAL F 216 6.71 -9.37 -23.59
CA VAL F 216 6.77 -10.40 -22.51
C VAL F 216 7.74 -9.91 -21.43
N ILE F 217 7.32 -9.92 -20.17
CA ILE F 217 8.18 -9.56 -19.06
C ILE F 217 9.11 -10.72 -18.72
N ARG F 218 10.36 -10.40 -18.45
CA ARG F 218 11.38 -11.39 -18.12
C ARG F 218 11.79 -11.24 -16.67
N SER F 219 11.73 -12.35 -15.92
CA SER F 219 12.10 -12.34 -14.51
C SER F 219 12.10 -13.78 -14.01
N LYS F 220 12.75 -13.99 -12.87
CA LYS F 220 12.82 -15.33 -12.29
C LYS F 220 11.43 -15.84 -11.94
N THR F 221 10.60 -14.99 -11.32
CA THR F 221 9.25 -15.41 -10.96
C THR F 221 8.43 -15.74 -12.21
N SER F 222 8.61 -14.97 -13.28
CA SER F 222 7.88 -15.24 -14.52
C SER F 222 8.25 -16.61 -15.08
N ALA F 223 9.55 -16.92 -15.14
CA ALA F 223 9.98 -18.22 -15.64
C ALA F 223 9.50 -19.34 -14.74
N ARG F 224 9.53 -19.13 -13.42
CA ARG F 224 9.05 -20.15 -12.50
C ARG F 224 7.57 -20.43 -12.72
N TYR F 225 6.76 -19.38 -12.85
CA TYR F 225 5.33 -19.55 -13.09
C TYR F 225 5.07 -20.22 -14.44
N MET F 226 5.88 -19.88 -15.45
CA MET F 226 5.73 -20.51 -16.76
C MET F 226 6.01 -22.01 -16.67
N GLU F 227 7.11 -22.37 -16.01
CA GLU F 227 7.42 -23.79 -15.84
C GLU F 227 6.34 -24.50 -15.04
N LEU F 228 5.79 -23.82 -14.03
CA LEU F 228 4.73 -24.43 -13.22
C LEU F 228 3.50 -24.72 -14.06
N VAL F 229 3.02 -23.72 -14.82
CA VAL F 229 1.84 -23.92 -15.63
C VAL F 229 2.11 -24.94 -16.73
N GLY F 230 3.33 -24.98 -17.26
CA GLY F 230 3.66 -25.99 -18.24
C GLY F 230 3.59 -27.39 -17.68
N TRP F 231 4.19 -27.60 -16.51
CA TRP F 231 4.10 -28.91 -15.85
C TRP F 231 2.64 -29.26 -15.57
N LEU F 232 1.84 -28.28 -15.15
CA LEU F 232 0.43 -28.54 -14.87
C LEU F 232 -0.32 -29.00 -16.12
N VAL F 233 -0.18 -28.25 -17.22
CA VAL F 233 -0.89 -28.60 -18.44
C VAL F 233 -0.34 -29.87 -19.07
N ASP F 234 0.90 -30.25 -18.76
CA ASP F 234 1.46 -31.48 -19.29
C ASP F 234 0.98 -32.69 -18.50
N LYS F 235 0.96 -32.60 -17.17
CA LYS F 235 0.51 -33.70 -16.33
C LYS F 235 -1.01 -33.78 -16.23
N GLY F 236 -1.74 -32.88 -16.88
CA GLY F 236 -3.19 -32.91 -16.84
C GLY F 236 -3.77 -32.62 -15.47
N ILE F 237 -3.22 -31.65 -14.76
CA ILE F 237 -3.70 -31.27 -13.44
C ILE F 237 -4.80 -30.23 -13.61
N THR F 238 -5.89 -30.41 -12.86
CA THR F 238 -7.03 -29.50 -12.93
C THR F 238 -7.60 -29.15 -11.55
N SER F 239 -7.04 -29.66 -10.47
CA SER F 239 -7.54 -29.36 -9.13
C SER F 239 -6.44 -29.64 -8.12
N GLU F 240 -6.69 -29.24 -6.88
CA GLU F 240 -5.71 -29.45 -5.82
C GLU F 240 -5.56 -30.92 -5.45
N LYS F 241 -6.56 -31.74 -5.74
CA LYS F 241 -6.46 -33.16 -5.41
C LYS F 241 -5.46 -33.88 -6.31
N GLN F 242 -5.47 -33.55 -7.60
CA GLN F 242 -4.52 -34.19 -8.52
C GLN F 242 -3.09 -33.82 -8.19
N TRP F 243 -2.85 -32.58 -7.73
CA TRP F 243 -1.51 -32.17 -7.36
C TRP F 243 -0.96 -33.04 -6.23
N ILE F 244 -1.80 -33.34 -5.23
CA ILE F 244 -1.35 -34.17 -4.13
C ILE F 244 -1.26 -35.63 -4.57
N GLN F 245 -2.13 -36.06 -5.48
CA GLN F 245 -2.09 -37.44 -5.95
C GLN F 245 -0.82 -37.72 -6.73
N GLU F 246 -0.38 -36.75 -7.54
CA GLU F 246 0.83 -36.94 -8.34
C GLU F 246 2.09 -36.71 -7.51
N ASP F 247 2.28 -35.47 -7.04
CA ASP F 247 3.45 -35.11 -6.23
C ASP F 247 2.97 -34.18 -5.11
N GLN F 248 2.85 -34.72 -3.91
CA GLN F 248 2.40 -33.93 -2.76
C GLN F 248 3.48 -33.04 -2.19
N ALA F 249 4.73 -33.18 -2.65
CA ALA F 249 5.81 -32.35 -2.12
C ALA F 249 5.76 -30.94 -2.70
N SER F 250 5.59 -30.82 -4.02
CA SER F 250 5.52 -29.50 -4.65
C SER F 250 4.32 -28.72 -4.14
N TYR F 251 3.21 -29.40 -3.83
CA TYR F 251 2.03 -28.72 -3.30
C TYR F 251 2.36 -28.01 -2.00
N ILE F 252 2.95 -28.74 -1.04
CA ILE F 252 3.29 -28.13 0.24
C ILE F 252 4.41 -27.11 0.08
N SER F 253 5.28 -27.30 -0.91
CA SER F 253 6.36 -26.34 -1.14
C SER F 253 5.81 -25.00 -1.64
N PHE F 254 4.84 -25.04 -2.54
CA PHE F 254 4.26 -23.82 -3.07
C PHE F 254 3.17 -23.24 -2.17
N ASN F 255 2.63 -24.03 -1.24
CA ASN F 255 1.62 -23.54 -0.32
C ASN F 255 2.21 -22.86 0.91
N ALA F 256 3.54 -22.70 0.97
CA ALA F 256 4.15 -22.06 2.13
C ALA F 256 3.93 -20.56 2.11
N ALA F 257 4.43 -19.88 1.08
CA ALA F 257 4.28 -18.44 0.98
C ALA F 257 2.81 -18.07 0.81
N SER F 258 2.46 -16.89 1.31
CA SER F 258 1.07 -16.42 1.20
C SER F 258 0.75 -15.99 -0.22
N ASN F 259 1.67 -15.29 -0.88
CA ASN F 259 1.42 -14.85 -2.26
C ASN F 259 1.32 -16.02 -3.21
N SER F 260 1.96 -17.15 -2.88
CA SER F 260 1.93 -18.32 -3.75
C SER F 260 0.55 -18.98 -3.76
N ARG F 261 -0.26 -18.79 -2.72
CA ARG F 261 -1.59 -19.39 -2.71
C ARG F 261 -2.46 -18.85 -3.83
N SER F 262 -2.40 -17.54 -4.07
CA SER F 262 -3.15 -16.96 -5.18
C SER F 262 -2.57 -17.37 -6.52
N GLN F 263 -1.25 -17.47 -6.60
CA GLN F 263 -0.61 -17.92 -7.84
C GLN F 263 -1.03 -19.34 -8.18
N ILE F 264 -1.24 -20.19 -7.17
CA ILE F 264 -1.69 -21.56 -7.43
C ILE F 264 -3.04 -21.55 -8.13
N LYS F 265 -3.99 -20.78 -7.59
CA LYS F 265 -5.32 -20.70 -8.21
C LYS F 265 -5.24 -20.08 -9.60
N ALA F 266 -4.40 -19.05 -9.76
CA ALA F 266 -4.25 -18.44 -11.07
C ALA F 266 -3.73 -19.44 -12.09
N ALA F 267 -2.71 -20.22 -11.71
CA ALA F 267 -2.17 -21.22 -12.63
C ALA F 267 -3.20 -22.31 -12.92
N LEU F 268 -3.97 -22.71 -11.91
CA LEU F 268 -5.02 -23.71 -12.14
C LEU F 268 -6.03 -23.20 -13.17
N ASP F 269 -6.51 -21.98 -12.98
CA ASP F 269 -7.48 -21.42 -13.92
C ASP F 269 -6.88 -21.27 -15.32
N ASN F 270 -5.64 -20.82 -15.40
CA ASN F 270 -4.99 -20.65 -16.70
C ASN F 270 -4.84 -21.98 -17.41
N ALA F 271 -4.41 -23.02 -16.70
CA ALA F 271 -4.28 -24.34 -17.31
C ALA F 271 -5.64 -24.88 -17.74
N GLY F 272 -6.67 -24.70 -16.92
CA GLY F 272 -7.99 -25.14 -17.32
C GLY F 272 -8.47 -24.47 -18.58
N LYS F 273 -8.31 -23.14 -18.66
CA LYS F 273 -8.74 -22.41 -19.84
C LYS F 273 -7.93 -22.82 -21.07
N ILE F 274 -6.62 -23.01 -20.90
CA ILE F 274 -5.77 -23.40 -22.03
C ILE F 274 -6.18 -24.77 -22.55
N MET F 275 -6.46 -25.71 -21.63
CA MET F 275 -6.86 -27.04 -22.07
C MET F 275 -8.25 -27.04 -22.68
N SER F 276 -9.14 -26.16 -22.21
CA SER F 276 -10.47 -26.07 -22.81
C SER F 276 -10.41 -25.44 -24.19
N LEU F 277 -9.49 -24.50 -24.41
CA LEU F 277 -9.38 -23.86 -25.71
C LEU F 277 -8.67 -24.74 -26.72
N THR F 278 -7.57 -25.38 -26.31
CA THR F 278 -6.80 -26.22 -27.23
C THR F 278 -7.42 -27.61 -27.34
N LYS F 279 -7.34 -28.40 -26.26
CA LYS F 279 -7.88 -29.75 -26.29
C LYS F 279 -9.41 -29.71 -26.41
N THR F 280 -9.97 -30.85 -26.80
CA THR F 280 -11.41 -31.00 -26.98
C THR F 280 -11.87 -32.24 -26.21
N ALA F 281 -13.16 -32.52 -26.30
CA ALA F 281 -13.76 -33.65 -25.60
C ALA F 281 -13.57 -34.94 -26.39
N PRO F 282 -13.80 -34.95 -27.71
CA PRO F 282 -13.62 -36.21 -28.45
C PRO F 282 -12.20 -36.74 -28.40
N ASP F 283 -11.20 -35.87 -28.31
CA ASP F 283 -9.81 -36.34 -28.28
C ASP F 283 -9.58 -37.24 -27.07
N TYR F 284 -10.12 -36.88 -25.91
CA TYR F 284 -9.97 -37.67 -24.71
C TYR F 284 -11.03 -38.76 -24.56
N LEU F 285 -12.17 -38.63 -25.25
CA LEU F 285 -13.21 -39.63 -25.16
C LEU F 285 -12.89 -40.86 -26.01
N VAL F 286 -12.27 -40.66 -27.17
CA VAL F 286 -11.91 -41.76 -28.05
C VAL F 286 -10.66 -42.44 -27.54
N GLY F 287 -10.66 -43.77 -27.52
CA GLY F 287 -9.50 -44.51 -27.06
C GLY F 287 -8.38 -44.53 -28.08
N GLN F 288 -7.15 -44.50 -27.58
CA GLN F 288 -5.97 -44.51 -28.44
C GLN F 288 -5.59 -45.91 -28.91
N GLN F 289 -6.27 -46.95 -28.43
CA GLN F 289 -6.00 -48.32 -28.82
C GLN F 289 -7.28 -49.00 -29.26
N PRO F 290 -7.20 -49.99 -30.15
CA PRO F 290 -8.41 -50.67 -30.62
C PRO F 290 -9.02 -51.53 -29.53
N VAL F 291 -10.24 -51.97 -29.79
CA VAL F 291 -11.01 -52.80 -28.87
C VAL F 291 -11.28 -54.14 -29.54
N GLU F 292 -11.00 -55.23 -28.82
CA GLU F 292 -11.23 -56.58 -29.32
C GLU F 292 -12.54 -57.17 -28.85
N ASP F 293 -13.21 -56.55 -27.89
CA ASP F 293 -14.48 -57.06 -27.38
C ASP F 293 -15.23 -55.92 -26.70
N ILE F 294 -16.48 -55.69 -27.13
CA ILE F 294 -17.30 -54.63 -26.57
C ILE F 294 -18.31 -55.22 -25.61
N SER F 295 -18.66 -56.50 -25.82
CA SER F 295 -19.63 -57.15 -24.95
C SER F 295 -19.16 -57.21 -23.51
N SER F 296 -17.84 -57.18 -23.29
CA SER F 296 -17.31 -57.25 -21.93
C SER F 296 -17.60 -55.98 -21.13
N ASN F 297 -17.86 -54.86 -21.81
CA ASN F 297 -18.13 -53.61 -21.11
C ASN F 297 -19.56 -53.59 -20.58
N ARG F 298 -19.85 -52.60 -19.74
CA ARG F 298 -21.18 -52.46 -19.15
C ARG F 298 -22.12 -51.63 -20.01
N ILE F 299 -21.58 -50.70 -20.81
CA ILE F 299 -22.43 -49.89 -21.68
C ILE F 299 -23.15 -50.76 -22.69
N TYR F 300 -22.45 -51.76 -23.24
CA TYR F 300 -23.08 -52.66 -24.20
C TYR F 300 -24.22 -53.44 -23.54
N LYS F 301 -24.00 -53.91 -22.31
CA LYS F 301 -25.05 -54.63 -21.61
C LYS F 301 -26.25 -53.73 -21.33
N ILE F 302 -25.99 -52.49 -20.91
CA ILE F 302 -27.08 -51.56 -20.63
C ILE F 302 -27.87 -51.26 -21.89
N LEU F 303 -27.18 -51.15 -23.04
CA LEU F 303 -27.87 -50.83 -24.29
C LEU F 303 -28.61 -52.04 -24.84
N GLU F 304 -28.11 -53.25 -24.60
CA GLU F 304 -28.78 -54.44 -25.12
C GLU F 304 -29.95 -54.88 -24.26
N LEU F 305 -29.86 -54.69 -22.94
CA LEU F 305 -30.95 -55.11 -22.07
C LEU F 305 -32.21 -54.30 -22.34
N ASN F 306 -32.06 -52.98 -22.56
CA ASN F 306 -33.21 -52.13 -22.83
C ASN F 306 -33.77 -52.33 -24.23
N GLY F 307 -33.09 -53.08 -25.09
CA GLY F 307 -33.57 -53.32 -26.44
C GLY F 307 -33.10 -52.32 -27.47
N TYR F 308 -32.16 -51.46 -27.14
CA TYR F 308 -31.65 -50.47 -28.07
C TYR F 308 -30.47 -51.03 -28.86
N ASP F 309 -30.42 -50.69 -30.14
CA ASP F 309 -29.33 -51.17 -31.00
C ASP F 309 -28.00 -50.60 -30.52
N PRO F 310 -27.06 -51.43 -30.06
CA PRO F 310 -25.77 -50.88 -29.62
C PRO F 310 -25.05 -50.12 -30.72
N GLN F 311 -25.09 -50.61 -31.96
CA GLN F 311 -24.42 -49.92 -33.05
C GLN F 311 -24.99 -48.52 -33.28
N TYR F 312 -26.29 -48.35 -33.03
CA TYR F 312 -26.92 -47.04 -33.20
C TYR F 312 -26.52 -46.09 -32.08
N ALA F 313 -26.58 -46.57 -30.83
CA ALA F 313 -26.21 -45.72 -29.70
C ALA F 313 -24.74 -45.34 -29.75
N ALA F 314 -23.89 -46.24 -30.25
CA ALA F 314 -22.47 -45.91 -30.38
C ALA F 314 -22.27 -44.70 -31.29
N SER F 315 -22.87 -44.73 -32.48
CA SER F 315 -22.75 -43.60 -33.39
C SER F 315 -23.43 -42.36 -32.83
N VAL F 316 -24.55 -42.53 -32.13
CA VAL F 316 -25.22 -41.38 -31.52
C VAL F 316 -24.28 -40.68 -30.54
N PHE F 317 -23.62 -41.45 -29.68
CA PHE F 317 -22.69 -40.86 -28.72
C PHE F 317 -21.49 -40.24 -29.42
N LEU F 318 -20.96 -40.92 -30.44
CA LEU F 318 -19.82 -40.38 -31.17
C LEU F 318 -20.17 -39.05 -31.81
N GLY F 319 -21.38 -38.92 -32.35
CA GLY F 319 -21.78 -37.66 -32.96
C GLY F 319 -22.07 -36.59 -31.93
N TRP F 320 -22.66 -36.98 -30.79
CA TRP F 320 -22.92 -36.01 -29.73
C TRP F 320 -21.64 -35.46 -29.14
N ALA F 321 -20.58 -36.27 -29.09
CA ALA F 321 -19.31 -35.79 -28.55
C ALA F 321 -18.63 -34.83 -29.53
N THR F 322 -18.75 -35.09 -30.83
CA THR F 322 -18.13 -34.27 -31.85
C THR F 322 -19.04 -33.15 -32.37
N LYS F 323 -20.21 -32.97 -31.75
CA LYS F 323 -21.17 -31.94 -32.13
C LYS F 323 -21.31 -31.86 -33.66
N LYS F 324 -21.52 -33.02 -34.27
CA LYS F 324 -21.67 -33.10 -35.72
C LYS F 324 -23.12 -32.91 -36.18
N PHE F 325 -24.09 -33.10 -35.29
CA PHE F 325 -25.49 -32.93 -35.66
C PHE F 325 -25.92 -31.47 -35.67
N GLY F 326 -25.19 -30.59 -35.00
CA GLY F 326 -25.54 -29.19 -34.96
C GLY F 326 -26.36 -28.81 -33.75
N LYS F 327 -27.61 -28.41 -33.97
CA LYS F 327 -28.48 -28.04 -32.86
C LYS F 327 -28.83 -29.24 -31.99
N ARG F 328 -28.96 -30.42 -32.59
CA ARG F 328 -29.29 -31.65 -31.85
C ARG F 328 -28.02 -32.28 -31.26
N ASN F 329 -27.35 -31.50 -30.40
CA ASN F 329 -26.13 -31.92 -29.74
C ASN F 329 -26.36 -32.18 -28.25
N THR F 330 -27.47 -32.84 -27.93
CA THR F 330 -27.82 -33.16 -26.56
C THR F 330 -28.51 -34.52 -26.51
N ILE F 331 -28.31 -35.23 -25.40
CA ILE F 331 -28.91 -36.54 -25.17
C ILE F 331 -29.65 -36.49 -23.83
N TRP F 332 -30.84 -37.10 -23.81
CA TRP F 332 -31.67 -37.14 -22.61
C TRP F 332 -32.14 -38.56 -22.39
N LEU F 333 -31.71 -39.15 -21.28
CA LEU F 333 -32.09 -40.51 -20.92
C LEU F 333 -33.30 -40.46 -19.99
N PHE F 334 -34.43 -41.00 -20.44
CA PHE F 334 -35.66 -41.01 -19.68
C PHE F 334 -35.98 -42.43 -19.22
N GLY F 335 -36.48 -42.56 -17.99
CA GLY F 335 -36.84 -43.84 -17.45
C GLY F 335 -36.75 -43.84 -15.93
N PRO F 336 -37.19 -44.94 -15.31
CA PRO F 336 -37.14 -45.04 -13.85
C PRO F 336 -35.71 -44.94 -13.34
N ALA F 337 -35.61 -44.79 -12.01
CA ALA F 337 -34.29 -44.69 -11.38
C ALA F 337 -33.59 -46.04 -11.40
N THR F 338 -32.25 -45.99 -11.46
CA THR F 338 -31.42 -47.18 -11.50
C THR F 338 -31.73 -48.03 -12.73
N THR F 339 -31.53 -47.42 -13.90
CA THR F 339 -31.78 -48.09 -15.18
C THR F 339 -30.66 -47.81 -16.17
N GLY F 340 -29.44 -47.60 -15.68
CA GLY F 340 -28.30 -47.35 -16.54
C GLY F 340 -28.10 -45.92 -16.95
N LYS F 341 -28.95 -45.00 -16.49
CA LYS F 341 -28.81 -43.59 -16.85
C LYS F 341 -27.74 -42.91 -16.02
N THR F 342 -27.91 -42.92 -14.69
CA THR F 342 -26.95 -42.25 -13.81
C THR F 342 -25.57 -42.85 -13.95
N ASN F 343 -25.49 -44.18 -14.11
CA ASN F 343 -24.18 -44.83 -14.22
C ASN F 343 -23.42 -44.31 -15.43
N ILE F 344 -24.02 -44.41 -16.62
CA ILE F 344 -23.35 -43.99 -17.84
C ILE F 344 -23.08 -42.49 -17.80
N ALA F 345 -24.01 -41.72 -17.24
CA ALA F 345 -23.81 -40.27 -17.17
C ALA F 345 -22.60 -39.92 -16.32
N GLU F 346 -22.50 -40.51 -15.12
CA GLU F 346 -21.36 -40.25 -14.25
C GLU F 346 -20.07 -40.75 -14.89
N ALA F 347 -20.13 -41.88 -15.59
CA ALA F 347 -18.93 -42.39 -16.26
C ALA F 347 -18.44 -41.41 -17.31
N ILE F 348 -19.35 -40.94 -18.17
CA ILE F 348 -18.95 -40.00 -19.22
C ILE F 348 -18.49 -38.68 -18.62
N ALA F 349 -19.06 -38.28 -17.47
CA ALA F 349 -18.66 -37.03 -16.85
C ALA F 349 -17.26 -37.13 -16.24
N HIS F 350 -16.97 -38.24 -15.56
CA HIS F 350 -15.68 -38.43 -14.92
C HIS F 350 -14.61 -38.90 -15.90
N THR F 351 -14.97 -39.26 -17.13
CA THR F 351 -13.98 -39.69 -18.10
C THR F 351 -12.93 -38.61 -18.30
N VAL F 352 -13.34 -37.40 -18.65
CA VAL F 352 -12.43 -36.28 -18.87
C VAL F 352 -12.28 -35.50 -17.57
N PRO F 353 -11.16 -34.81 -17.35
CA PRO F 353 -11.01 -34.06 -16.09
C PRO F 353 -12.02 -32.94 -15.95
N PHE F 354 -12.31 -32.21 -17.02
CA PHE F 354 -13.24 -31.09 -16.96
C PHE F 354 -14.68 -31.61 -17.05
N TYR F 355 -15.47 -31.32 -16.02
CA TYR F 355 -16.86 -31.74 -15.98
C TYR F 355 -17.61 -30.86 -15.00
N GLY F 356 -18.87 -30.56 -15.32
CA GLY F 356 -19.69 -29.72 -14.47
C GLY F 356 -21.04 -30.36 -14.22
N CYS F 357 -21.63 -29.99 -13.08
CA CYS F 357 -22.93 -30.50 -12.66
C CYS F 357 -23.91 -29.32 -12.63
N VAL F 358 -24.92 -29.35 -13.49
CA VAL F 358 -25.92 -28.29 -13.55
C VAL F 358 -26.70 -28.27 -12.24
N ASN F 359 -26.33 -27.37 -11.33
CA ASN F 359 -26.98 -27.26 -10.04
C ASN F 359 -28.28 -26.49 -10.23
N TRP F 360 -29.29 -27.20 -10.74
CA TRP F 360 -30.60 -26.58 -10.97
C TRP F 360 -31.28 -26.17 -9.67
N THR F 361 -30.93 -26.80 -8.55
CA THR F 361 -31.54 -26.43 -7.28
C THR F 361 -31.23 -24.99 -6.91
N ASN F 362 -30.01 -24.52 -7.21
CA ASN F 362 -29.61 -23.15 -6.93
C ASN F 362 -29.87 -22.31 -8.17
N GLU F 363 -31.05 -21.69 -8.22
CA GLU F 363 -31.43 -20.86 -9.35
C GLU F 363 -30.61 -19.59 -9.45
N ASN F 364 -29.89 -19.20 -8.39
CA ASN F 364 -29.09 -17.98 -8.43
C ASN F 364 -27.86 -18.17 -9.31
N PHE F 365 -27.13 -19.25 -9.11
CA PHE F 365 -25.92 -19.56 -9.88
C PHE F 365 -25.94 -21.03 -10.27
N PRO F 366 -26.84 -21.43 -11.16
CA PRO F 366 -26.92 -22.83 -11.56
C PRO F 366 -25.73 -23.25 -12.41
N PHE F 367 -25.42 -22.47 -13.44
CA PHE F 367 -24.32 -22.75 -14.35
C PHE F 367 -23.00 -22.16 -13.87
N ASN F 368 -22.69 -22.31 -12.58
CA ASN F 368 -21.45 -21.77 -12.04
C ASN F 368 -20.28 -22.71 -12.32
N ASP F 369 -20.45 -24.00 -12.05
CA ASP F 369 -19.41 -25.00 -12.27
C ASP F 369 -19.47 -25.61 -13.67
N CYS F 370 -20.11 -24.93 -14.62
CA CYS F 370 -20.21 -25.43 -15.99
C CYS F 370 -19.52 -24.52 -17.00
N VAL F 371 -18.70 -23.58 -16.53
CA VAL F 371 -17.98 -22.66 -17.42
C VAL F 371 -16.64 -23.27 -17.78
N ASP F 372 -16.32 -23.29 -19.07
CA ASP F 372 -15.08 -23.85 -19.57
C ASP F 372 -14.93 -25.32 -19.17
N LYS F 373 -15.90 -26.12 -19.61
CA LYS F 373 -15.93 -27.55 -19.33
C LYS F 373 -16.18 -28.32 -20.61
N MET F 374 -15.89 -29.62 -20.58
CA MET F 374 -16.07 -30.49 -21.73
C MET F 374 -17.37 -31.27 -21.69
N VAL F 375 -17.87 -31.60 -20.49
CA VAL F 375 -19.12 -32.34 -20.33
C VAL F 375 -19.97 -31.62 -19.30
N ILE F 376 -21.24 -31.42 -19.63
CA ILE F 376 -22.19 -30.74 -18.75
C ILE F 376 -23.23 -31.78 -18.35
N TRP F 377 -23.06 -32.37 -17.17
CA TRP F 377 -23.96 -33.39 -16.66
C TRP F 377 -25.10 -32.72 -15.90
N TRP F 378 -26.33 -33.12 -16.22
CA TRP F 378 -27.54 -32.60 -15.58
C TRP F 378 -28.25 -33.78 -14.91
N GLU F 379 -27.93 -34.01 -13.64
CA GLU F 379 -28.52 -35.12 -12.88
C GLU F 379 -29.85 -34.67 -12.28
N GLU F 380 -30.92 -35.37 -12.66
CA GLU F 380 -32.26 -35.07 -12.17
C GLU F 380 -32.62 -33.61 -12.44
N GLY F 381 -32.59 -33.25 -13.73
CA GLY F 381 -32.88 -31.88 -14.11
C GLY F 381 -34.37 -31.60 -14.19
N LYS F 382 -34.71 -30.33 -14.02
CA LYS F 382 -36.09 -29.89 -14.08
C LYS F 382 -36.11 -28.48 -14.69
N MET F 383 -36.65 -28.37 -15.90
CA MET F 383 -36.69 -27.08 -16.58
C MET F 383 -37.54 -26.09 -15.81
N THR F 384 -36.93 -24.99 -15.39
CA THR F 384 -37.61 -23.93 -14.66
C THR F 384 -37.81 -22.72 -15.56
N ALA F 385 -38.67 -21.81 -15.11
CA ALA F 385 -38.95 -20.60 -15.88
C ALA F 385 -37.82 -19.60 -15.83
N LYS F 386 -36.90 -19.74 -14.87
CA LYS F 386 -35.79 -18.80 -14.75
C LYS F 386 -34.64 -19.19 -15.67
N VAL F 387 -34.32 -20.48 -15.76
CA VAL F 387 -33.22 -20.95 -16.59
C VAL F 387 -33.75 -21.37 -17.95
N VAL F 388 -34.97 -20.94 -18.28
CA VAL F 388 -35.55 -21.29 -19.58
C VAL F 388 -34.83 -20.56 -20.71
N GLU F 389 -34.22 -19.42 -20.42
CA GLU F 389 -33.52 -18.67 -21.47
C GLU F 389 -32.12 -19.22 -21.70
N SER F 390 -31.41 -19.59 -20.63
CA SER F 390 -30.06 -20.10 -20.77
C SER F 390 -30.04 -21.59 -21.12
N ALA F 391 -31.01 -22.35 -20.63
CA ALA F 391 -31.04 -23.78 -20.93
C ALA F 391 -31.21 -24.03 -22.41
N LYS F 392 -32.11 -23.29 -23.07
CA LYS F 392 -32.31 -23.48 -24.50
C LYS F 392 -31.05 -23.13 -25.28
N ALA F 393 -30.39 -22.03 -24.92
CA ALA F 393 -29.17 -21.64 -25.62
C ALA F 393 -28.04 -22.63 -25.39
N ILE F 394 -27.98 -23.24 -24.22
CA ILE F 394 -26.93 -24.20 -23.94
C ILE F 394 -27.21 -25.54 -24.61
N LEU F 395 -28.48 -25.91 -24.77
CA LEU F 395 -28.82 -27.19 -25.39
C LEU F 395 -28.75 -27.11 -26.91
N GLY F 396 -29.13 -25.96 -27.49
CA GLY F 396 -29.11 -25.79 -28.92
C GLY F 396 -27.77 -25.47 -29.52
N GLY F 397 -26.72 -25.41 -28.71
CA GLY F 397 -25.39 -25.10 -29.21
C GLY F 397 -25.24 -23.65 -29.64
N SER F 398 -25.44 -22.73 -28.70
CA SER F 398 -25.33 -21.31 -28.97
C SER F 398 -24.64 -20.63 -27.80
N LYS F 399 -23.74 -19.70 -28.11
CA LYS F 399 -23.01 -18.98 -27.07
C LYS F 399 -23.97 -18.10 -26.27
N VAL F 400 -23.90 -18.22 -24.94
CA VAL F 400 -24.76 -17.45 -24.05
C VAL F 400 -23.98 -17.16 -22.78
N ARG F 401 -24.13 -15.95 -22.26
CA ARG F 401 -23.45 -15.54 -21.04
C ARG F 401 -24.28 -15.90 -19.82
N VAL F 402 -23.60 -16.33 -18.76
CA VAL F 402 -24.25 -16.72 -17.51
C VAL F 402 -23.54 -16.04 -16.36
N ASP F 403 -24.23 -15.96 -15.22
CA ASP F 403 -23.68 -15.34 -14.03
C ASP F 403 -22.74 -16.31 -13.31
N GLN F 404 -22.06 -15.79 -12.30
CA GLN F 404 -21.11 -16.59 -11.52
C GLN F 404 -21.10 -16.05 -10.09
N LYS F 405 -20.55 -16.87 -9.19
CA LYS F 405 -20.45 -16.52 -7.78
C LYS F 405 -19.18 -15.73 -7.55
N CYS F 406 -19.32 -14.46 -7.16
CA CYS F 406 -18.19 -13.58 -6.89
C CYS F 406 -17.27 -13.45 -8.11
N LYS F 407 -17.85 -13.50 -9.31
CA LYS F 407 -17.08 -13.40 -10.53
C LYS F 407 -17.96 -12.79 -11.61
N SER F 408 -17.30 -12.21 -12.62
CA SER F 408 -18.02 -11.58 -13.72
C SER F 408 -18.77 -12.64 -14.52
N SER F 409 -19.81 -12.18 -15.23
CA SER F 409 -20.63 -13.06 -16.05
C SER F 409 -19.79 -13.63 -17.19
N ALA F 410 -19.41 -14.90 -17.08
CA ALA F 410 -18.60 -15.54 -18.10
C ALA F 410 -19.49 -16.04 -19.23
N GLN F 411 -18.86 -16.68 -20.23
CA GLN F 411 -19.55 -17.22 -21.38
C GLN F 411 -19.26 -18.71 -21.50
N ILE F 412 -20.24 -19.46 -22.01
CA ILE F 412 -20.14 -20.90 -22.19
C ILE F 412 -20.23 -21.18 -23.68
N ASP F 413 -19.20 -21.81 -24.23
CA ASP F 413 -19.18 -22.15 -25.64
C ASP F 413 -20.00 -23.41 -25.90
N PRO F 414 -20.36 -23.67 -27.16
CA PRO F 414 -21.13 -24.88 -27.46
C PRO F 414 -20.44 -26.15 -26.99
N THR F 415 -20.98 -26.76 -25.94
CA THR F 415 -20.42 -27.97 -25.36
C THR F 415 -21.47 -29.08 -25.33
N PRO F 416 -21.09 -30.33 -25.62
CA PRO F 416 -22.07 -31.43 -25.54
C PRO F 416 -22.65 -31.54 -24.14
N VAL F 417 -23.97 -31.41 -24.06
CA VAL F 417 -24.70 -31.47 -22.79
C VAL F 417 -25.45 -32.80 -22.73
N ILE F 418 -25.53 -33.37 -21.52
CA ILE F 418 -26.22 -34.62 -21.28
C ILE F 418 -27.16 -34.44 -20.09
N VAL F 419 -28.37 -34.98 -20.21
CA VAL F 419 -29.39 -34.87 -19.18
C VAL F 419 -29.87 -36.27 -18.82
N THR F 420 -30.15 -36.48 -17.54
CA THR F 420 -30.64 -37.77 -17.05
C THR F 420 -31.61 -37.51 -15.91
N SER F 421 -32.89 -37.77 -16.16
CA SER F 421 -33.91 -37.55 -15.14
C SER F 421 -35.11 -38.43 -15.46
N ASN F 422 -35.95 -38.65 -14.46
CA ASN F 422 -37.15 -39.47 -14.59
C ASN F 422 -38.40 -38.64 -14.86
N THR F 423 -38.34 -37.32 -14.73
CA THR F 423 -39.47 -36.46 -14.97
C THR F 423 -39.48 -35.98 -16.43
N ASN F 424 -40.48 -35.18 -16.78
CA ASN F 424 -40.62 -34.64 -18.12
C ASN F 424 -39.81 -33.35 -18.22
N MET F 425 -38.70 -33.41 -18.98
CA MET F 425 -37.86 -32.23 -19.12
C MET F 425 -38.55 -31.15 -19.96
N CYS F 426 -39.42 -31.55 -20.88
CA CYS F 426 -40.11 -30.57 -21.71
C CYS F 426 -41.05 -29.69 -20.89
N ALA F 427 -41.56 -30.20 -19.78
CA ALA F 427 -42.46 -29.43 -18.93
C ALA F 427 -41.67 -28.39 -18.16
N VAL F 428 -41.95 -27.12 -18.43
CA VAL F 428 -41.27 -26.02 -17.76
C VAL F 428 -42.04 -25.68 -16.49
N ILE F 429 -41.41 -25.86 -15.34
CA ILE F 429 -42.03 -25.59 -14.05
C ILE F 429 -41.88 -24.11 -13.73
N ASP F 430 -42.91 -23.53 -13.12
CA ASP F 430 -42.92 -22.12 -12.74
C ASP F 430 -43.71 -22.00 -11.43
N GLY F 431 -43.12 -22.50 -10.36
CA GLY F 431 -43.75 -22.47 -9.05
C GLY F 431 -44.91 -23.43 -8.93
N ASN F 432 -46.13 -22.90 -8.78
CA ASN F 432 -47.34 -23.70 -8.66
C ASN F 432 -48.08 -23.81 -9.99
N SER F 433 -47.34 -23.92 -11.10
CA SER F 433 -47.95 -24.01 -12.42
C SER F 433 -46.95 -24.65 -13.36
N THR F 434 -47.43 -25.01 -14.55
CA THR F 434 -46.59 -25.63 -15.56
C THR F 434 -47.08 -25.20 -16.94
N THR F 435 -46.13 -25.04 -17.87
CA THR F 435 -46.43 -24.64 -19.23
C THR F 435 -45.65 -25.51 -20.20
N PHE F 436 -46.29 -25.86 -21.32
CA PHE F 436 -45.67 -26.70 -22.35
C PHE F 436 -45.40 -25.90 -23.63
N GLU F 437 -45.07 -24.62 -23.49
CA GLU F 437 -44.80 -23.80 -24.67
C GLU F 437 -43.50 -24.21 -25.34
N HIS F 438 -42.47 -24.51 -24.55
CA HIS F 438 -41.16 -24.91 -25.07
C HIS F 438 -41.04 -26.42 -25.21
N GLN F 439 -42.09 -27.08 -25.69
CA GLN F 439 -42.05 -28.54 -25.86
C GLN F 439 -41.33 -28.93 -27.14
N GLN F 440 -41.75 -28.36 -28.27
CA GLN F 440 -41.13 -28.70 -29.54
C GLN F 440 -39.67 -28.25 -29.60
N PRO F 441 -39.32 -27.03 -29.22
CA PRO F 441 -37.90 -26.63 -29.27
C PRO F 441 -36.99 -27.56 -28.48
N LEU F 442 -37.47 -28.12 -27.36
CA LEU F 442 -36.66 -29.03 -26.58
C LEU F 442 -36.69 -30.45 -27.14
N GLN F 443 -37.80 -30.85 -27.77
CA GLN F 443 -37.87 -32.19 -28.35
C GLN F 443 -37.06 -32.30 -29.61
N ASP F 444 -36.83 -31.19 -30.32
CA ASP F 444 -36.06 -31.16 -31.55
C ASP F 444 -34.56 -30.97 -31.30
N ARG F 445 -34.09 -31.26 -30.08
CA ARG F 445 -32.68 -31.10 -29.76
C ARG F 445 -32.10 -32.23 -28.91
N MET F 446 -32.92 -32.96 -28.15
CA MET F 446 -32.45 -34.05 -27.31
C MET F 446 -32.69 -35.39 -28.00
N PHE F 447 -32.17 -36.45 -27.38
CA PHE F 447 -32.30 -37.81 -27.87
C PHE F 447 -32.91 -38.66 -26.75
N LYS F 448 -34.22 -38.88 -26.83
CA LYS F 448 -34.90 -39.65 -25.80
C LYS F 448 -34.52 -41.13 -25.90
N PHE F 449 -34.26 -41.74 -24.75
CA PHE F 449 -33.88 -43.14 -24.67
C PHE F 449 -34.80 -43.82 -23.65
N GLU F 450 -35.64 -44.73 -24.14
CA GLU F 450 -36.57 -45.46 -23.28
C GLU F 450 -35.82 -46.59 -22.60
N LEU F 451 -35.29 -46.31 -21.41
CA LEU F 451 -34.53 -47.28 -20.62
C LEU F 451 -35.39 -47.67 -19.41
N THR F 452 -36.39 -48.53 -19.66
CA THR F 452 -37.29 -48.97 -18.61
C THR F 452 -36.79 -50.20 -17.87
N ARG F 453 -35.85 -50.95 -18.44
CA ARG F 453 -35.33 -52.14 -17.79
C ARG F 453 -34.44 -51.77 -16.61
N ARG F 454 -34.59 -52.50 -15.51
CA ARG F 454 -33.80 -52.27 -14.31
C ARG F 454 -32.57 -53.16 -14.31
N LEU F 455 -31.48 -52.64 -13.74
CA LEU F 455 -30.23 -53.37 -13.65
C LEU F 455 -30.18 -54.20 -12.37
N ASP F 456 -29.27 -55.16 -12.36
CA ASP F 456 -29.10 -56.03 -11.20
C ASP F 456 -28.24 -55.35 -10.14
N HIS F 457 -28.33 -55.87 -8.91
CA HIS F 457 -27.56 -55.30 -7.82
C HIS F 457 -26.06 -55.56 -7.98
N ASP F 458 -25.69 -56.69 -8.59
CA ASP F 458 -24.29 -57.03 -8.82
C ASP F 458 -23.80 -56.59 -10.19
N PHE F 459 -24.34 -55.50 -10.72
CA PHE F 459 -23.91 -55.03 -12.04
C PHE F 459 -22.61 -54.23 -11.96
N GLY F 460 -22.53 -53.30 -11.01
CA GLY F 460 -21.34 -52.49 -10.84
C GLY F 460 -21.37 -51.22 -11.66
N LYS F 461 -20.54 -50.27 -11.28
CA LYS F 461 -20.44 -49.00 -11.96
C LYS F 461 -19.54 -49.09 -13.18
N VAL F 462 -19.72 -48.16 -14.10
CA VAL F 462 -18.93 -48.10 -15.33
C VAL F 462 -17.70 -47.23 -15.09
N THR F 463 -16.56 -47.68 -15.61
CA THR F 463 -15.30 -46.99 -15.45
C THR F 463 -15.01 -46.13 -16.68
N LYS F 464 -13.90 -45.39 -16.63
CA LYS F 464 -13.53 -44.53 -17.75
C LYS F 464 -12.96 -45.34 -18.92
N GLN F 465 -12.25 -46.43 -18.63
CA GLN F 465 -11.75 -47.28 -19.71
C GLN F 465 -12.90 -47.86 -20.52
N GLU F 466 -14.02 -48.15 -19.87
CA GLU F 466 -15.19 -48.64 -20.58
C GLU F 466 -15.71 -47.59 -21.56
N VAL F 467 -15.77 -46.33 -21.13
CA VAL F 467 -16.23 -45.27 -22.02
C VAL F 467 -15.25 -45.07 -23.16
N LYS F 468 -13.94 -45.17 -22.88
CA LYS F 468 -12.95 -45.04 -23.94
C LYS F 468 -13.13 -46.15 -24.98
N ASP F 469 -13.31 -47.39 -24.52
CA ASP F 469 -13.50 -48.50 -25.44
C ASP F 469 -14.80 -48.34 -26.23
N PHE F 470 -15.85 -47.84 -25.59
CA PHE F 470 -17.11 -47.62 -26.28
C PHE F 470 -16.94 -46.58 -27.39
N PHE F 471 -16.26 -45.48 -27.08
CA PHE F 471 -16.04 -44.45 -28.09
C PHE F 471 -15.15 -44.97 -29.23
N ARG F 472 -14.15 -45.79 -28.90
CA ARG F 472 -13.31 -46.37 -29.93
C ARG F 472 -14.12 -47.28 -30.85
N TRP F 473 -14.97 -48.13 -30.27
CA TRP F 473 -15.81 -48.99 -31.08
C TRP F 473 -16.79 -48.18 -31.93
N ALA F 474 -17.31 -47.09 -31.38
CA ALA F 474 -18.19 -46.22 -32.14
C ALA F 474 -17.47 -45.64 -33.35
N LYS F 475 -16.25 -45.13 -33.14
CA LYS F 475 -15.47 -44.60 -34.25
C LYS F 475 -15.13 -45.69 -35.26
N ASP F 476 -14.97 -46.93 -34.80
CA ASP F 476 -14.65 -48.02 -35.72
C ASP F 476 -15.85 -48.39 -36.57
N HIS F 477 -17.04 -48.40 -35.98
CA HIS F 477 -18.28 -48.75 -36.68
C HIS F 477 -19.17 -47.50 -36.70
N VAL F 478 -19.21 -46.82 -37.84
CA VAL F 478 -20.00 -45.61 -38.02
C VAL F 478 -21.22 -45.95 -38.85
N VAL F 479 -22.40 -45.50 -38.41
CA VAL F 479 -23.65 -45.71 -39.12
C VAL F 479 -24.44 -44.42 -39.13
N GLU F 480 -25.36 -44.32 -40.09
CA GLU F 480 -26.19 -43.12 -40.22
C GLU F 480 -27.11 -42.99 -39.02
N VAL F 481 -27.17 -41.78 -38.46
CA VAL F 481 -28.01 -41.49 -37.31
C VAL F 481 -29.14 -40.57 -37.77
N GLU F 482 -30.38 -41.03 -37.63
CA GLU F 482 -31.54 -40.25 -38.04
C GLU F 482 -31.88 -39.22 -36.96
N HIS F 483 -32.10 -37.98 -37.39
CA HIS F 483 -32.45 -36.89 -36.47
C HIS F 483 -33.92 -37.03 -36.09
N GLU F 484 -34.17 -37.81 -35.04
CA GLU F 484 -35.53 -38.03 -34.55
C GLU F 484 -35.53 -37.94 -33.04
N PHE F 485 -36.69 -37.56 -32.48
CA PHE F 485 -36.81 -37.45 -31.03
C PHE F 485 -36.69 -38.81 -30.36
N TYR F 486 -37.41 -39.81 -30.88
CA TYR F 486 -37.37 -41.16 -30.33
C TYR F 486 -36.27 -41.94 -31.02
N VAL F 487 -35.26 -42.36 -30.26
CA VAL F 487 -34.15 -43.12 -30.82
C VAL F 487 -34.64 -44.49 -31.27
N LYS F 488 -34.17 -44.94 -32.42
CA LYS F 488 -34.58 -46.24 -32.95
C LYS F 488 -34.06 -47.36 -32.05
N LYS F 489 -34.94 -48.28 -31.72
CA LYS F 489 -34.59 -49.42 -30.87
C LYS F 489 -34.10 -50.58 -31.71
N GLY F 490 -33.47 -51.55 -31.04
CA GLY F 490 -32.95 -52.72 -31.72
C GLY F 490 -34.07 -53.65 -32.12
N GLY F 491 -34.25 -53.86 -33.43
CA GLY F 491 -35.30 -54.75 -33.91
C GLY F 491 -35.07 -56.19 -33.55
N PRO G 3 29.78 -42.64 -37.98
CA PRO G 3 29.66 -41.18 -37.94
C PRO G 3 28.30 -40.68 -38.42
N GLY G 4 28.08 -39.37 -38.35
CA GLY G 4 26.83 -38.77 -38.75
C GLY G 4 26.80 -38.44 -40.23
N PHE G 5 25.81 -37.64 -40.60
CA PHE G 5 25.61 -37.21 -41.98
C PHE G 5 25.38 -35.72 -42.02
N TYR G 6 25.94 -35.07 -43.04
CA TYR G 6 25.80 -33.63 -43.22
C TYR G 6 24.65 -33.35 -44.19
N GLU G 7 23.75 -32.46 -43.79
CA GLU G 7 22.59 -32.08 -44.59
C GLU G 7 22.91 -30.81 -45.35
N ILE G 8 22.91 -30.90 -46.69
CA ILE G 8 23.19 -29.77 -47.56
C ILE G 8 22.05 -29.66 -48.56
N VAL G 9 21.49 -28.46 -48.69
CA VAL G 9 20.39 -28.19 -49.61
C VAL G 9 20.92 -27.26 -50.70
N ILE G 10 20.66 -27.62 -51.96
CA ILE G 10 21.09 -26.86 -53.11
C ILE G 10 19.92 -26.71 -54.06
N LYS G 11 19.82 -25.55 -54.70
CA LYS G 11 18.74 -25.25 -55.64
C LYS G 11 19.23 -25.48 -57.06
N VAL G 12 18.41 -26.16 -57.85
CA VAL G 12 18.74 -26.48 -59.24
C VAL G 12 17.97 -25.50 -60.14
N PRO G 13 18.64 -24.81 -61.05
CA PRO G 13 17.92 -23.89 -61.94
C PRO G 13 16.85 -24.63 -62.75
N SER G 14 15.62 -24.11 -62.69
CA SER G 14 14.52 -24.74 -63.42
C SER G 14 14.53 -24.31 -64.89
N ASP G 15 14.70 -23.02 -65.15
CA ASP G 15 14.73 -22.50 -66.51
C ASP G 15 16.13 -22.59 -67.09
N LEU G 16 16.21 -22.86 -68.39
CA LEU G 16 17.48 -22.98 -69.10
C LEU G 16 17.94 -21.65 -69.70
N ASP G 17 17.42 -20.52 -69.20
CA ASP G 17 17.81 -19.22 -69.72
C ASP G 17 17.52 -18.12 -68.69
N GLU G 18 16.37 -18.21 -68.03
CA GLU G 18 16.03 -17.21 -67.02
C GLU G 18 16.89 -17.36 -65.77
N HIS G 19 16.99 -18.58 -65.25
CA HIS G 19 17.77 -18.85 -64.05
C HIS G 19 19.24 -19.14 -64.37
N LEU G 20 19.65 -19.05 -65.64
CA LEU G 20 21.02 -19.30 -66.05
C LEU G 20 21.39 -18.34 -67.17
N PRO G 21 21.52 -17.06 -66.85
CA PRO G 21 21.87 -16.08 -67.89
C PRO G 21 23.32 -16.23 -68.34
N GLY G 22 23.52 -16.15 -69.65
CA GLY G 22 24.84 -16.29 -70.24
C GLY G 22 25.31 -17.71 -70.44
N ILE G 23 24.47 -18.71 -70.16
CA ILE G 23 24.86 -20.09 -70.33
C ILE G 23 25.01 -20.40 -71.81
N SER G 24 26.00 -21.23 -72.15
CA SER G 24 26.22 -21.59 -73.54
C SER G 24 25.01 -22.33 -74.11
N ASP G 25 24.89 -22.29 -75.44
CA ASP G 25 23.76 -22.93 -76.10
C ASP G 25 23.89 -24.45 -76.08
N SER G 26 25.11 -24.98 -75.96
CA SER G 26 25.29 -26.43 -75.94
C SER G 26 24.58 -27.06 -74.75
N PHE G 27 24.68 -26.43 -73.58
CA PHE G 27 24.03 -26.97 -72.39
C PHE G 27 22.51 -26.98 -72.55
N VAL G 28 21.96 -25.86 -73.05
CA VAL G 28 20.51 -25.80 -73.23
C VAL G 28 20.04 -26.78 -74.28
N ASN G 29 20.86 -27.05 -75.30
CA ASN G 29 20.48 -27.99 -76.34
C ASN G 29 20.55 -29.43 -75.84
N TRP G 30 21.57 -29.76 -75.04
CA TRP G 30 21.70 -31.12 -74.52
C TRP G 30 20.69 -31.40 -73.41
N VAL G 31 20.29 -30.37 -72.65
CA VAL G 31 19.34 -30.59 -71.57
C VAL G 31 17.91 -30.65 -72.09
N ALA G 32 17.62 -29.97 -73.19
CA ALA G 32 16.25 -29.98 -73.72
C ALA G 32 15.95 -31.25 -74.48
N GLU G 33 16.93 -31.78 -75.23
CA GLU G 33 16.71 -32.99 -76.00
C GLU G 33 16.86 -34.27 -75.18
N LYS G 34 17.52 -34.19 -74.03
CA LYS G 34 17.71 -35.38 -73.20
C LYS G 34 16.38 -35.85 -72.64
N GLU G 35 16.13 -37.15 -72.73
CA GLU G 35 14.89 -37.74 -72.22
C GLU G 35 15.24 -39.03 -71.48
N TRP G 36 14.76 -39.16 -70.25
CA TRP G 36 15.03 -40.32 -69.42
C TRP G 36 13.80 -41.22 -69.37
N GLU G 37 13.91 -42.31 -68.61
CA GLU G 37 12.84 -43.28 -68.47
C GLU G 37 12.80 -43.77 -67.02
N LEU G 38 11.60 -44.07 -66.54
CA LEU G 38 11.45 -44.56 -65.18
C LEU G 38 11.72 -46.05 -65.11
N PRO G 39 12.48 -46.53 -64.14
CA PRO G 39 12.71 -47.98 -64.02
C PRO G 39 11.42 -48.73 -63.82
N PRO G 40 11.44 -50.06 -63.92
CA PRO G 40 10.19 -50.82 -63.72
C PRO G 40 9.59 -50.64 -62.33
N ASP G 41 10.43 -50.65 -61.29
CA ASP G 41 9.92 -50.51 -59.93
C ASP G 41 9.31 -49.13 -59.71
N SER G 42 9.75 -48.12 -60.47
CA SER G 42 9.24 -46.77 -60.31
C SER G 42 7.75 -46.72 -60.63
N ASP G 43 6.92 -46.45 -59.63
CA ASP G 43 5.48 -46.36 -59.81
C ASP G 43 5.01 -44.97 -60.23
N MET G 44 5.84 -43.95 -60.05
CA MET G 44 5.46 -42.61 -60.43
C MET G 44 5.27 -42.50 -61.94
N ASP G 45 4.62 -41.42 -62.36
CA ASP G 45 4.35 -41.16 -63.76
C ASP G 45 5.39 -40.21 -64.34
N LEU G 46 5.66 -40.37 -65.63
CA LEU G 46 6.64 -39.52 -66.30
C LEU G 46 6.12 -38.11 -66.55
N ASN G 47 4.80 -37.92 -66.51
CA ASN G 47 4.25 -36.59 -66.75
C ASN G 47 4.72 -35.60 -65.69
N LEU G 48 4.60 -35.98 -64.42
CA LEU G 48 5.02 -35.10 -63.34
C LEU G 48 6.54 -34.92 -63.34
N ILE G 49 7.27 -35.99 -63.62
CA ILE G 49 8.73 -35.94 -63.65
C ILE G 49 9.17 -35.18 -64.90
N GLU G 50 9.57 -33.92 -64.72
CA GLU G 50 10.03 -33.12 -65.84
C GLU G 50 11.29 -33.71 -66.46
N GLN G 51 11.52 -33.38 -67.73
CA GLN G 51 12.66 -33.93 -68.48
C GLN G 51 13.90 -33.07 -68.33
N ALA G 52 13.84 -31.81 -68.78
CA ALA G 52 15.02 -30.96 -68.77
C ALA G 52 15.60 -30.80 -67.37
N PRO G 53 14.83 -30.52 -66.32
CA PRO G 53 15.42 -30.39 -64.98
C PRO G 53 16.13 -31.65 -64.50
N LEU G 54 15.76 -32.82 -65.02
CA LEU G 54 16.39 -34.06 -64.58
C LEU G 54 17.81 -34.18 -65.12
N THR G 55 18.04 -33.75 -66.36
CA THR G 55 19.38 -33.79 -66.92
C THR G 55 20.32 -32.85 -66.16
N VAL G 56 19.81 -31.69 -65.74
CA VAL G 56 20.63 -30.76 -64.97
C VAL G 56 21.03 -31.40 -63.65
N ALA G 57 20.09 -32.06 -62.97
CA ALA G 57 20.41 -32.73 -61.72
C ALA G 57 21.39 -33.86 -61.92
N GLU G 58 21.25 -34.61 -63.02
CA GLU G 58 22.18 -35.68 -63.32
C GLU G 58 23.59 -35.14 -63.50
N LYS G 59 23.73 -34.09 -64.31
CA LYS G 59 25.05 -33.48 -64.49
C LYS G 59 25.60 -32.96 -63.17
N LEU G 60 24.75 -32.31 -62.36
CA LEU G 60 25.20 -31.73 -61.11
C LEU G 60 25.73 -32.81 -60.17
N GLN G 61 24.97 -33.91 -60.01
CA GLN G 61 25.41 -34.97 -59.10
C GLN G 61 26.64 -35.68 -59.66
N ARG G 62 26.70 -35.88 -60.98
CA ARG G 62 27.88 -36.52 -61.56
C ARG G 62 29.13 -35.68 -61.34
N ASP G 63 29.00 -34.36 -61.38
CA ASP G 63 30.16 -33.49 -61.16
C ASP G 63 30.44 -33.26 -59.68
N PHE G 64 29.45 -33.45 -58.80
CA PHE G 64 29.62 -33.18 -57.38
C PHE G 64 30.10 -34.40 -56.61
N LEU G 65 29.73 -35.61 -57.02
CA LEU G 65 30.18 -36.79 -56.29
C LEU G 65 31.69 -36.96 -56.39
N THR G 66 32.27 -36.63 -57.55
CA THR G 66 33.72 -36.73 -57.69
C THR G 66 34.43 -35.76 -56.75
N GLU G 67 33.92 -34.52 -56.64
CA GLU G 67 34.53 -33.56 -55.74
C GLU G 67 34.33 -33.95 -54.27
N TRP G 68 33.18 -34.56 -53.95
CA TRP G 68 32.94 -35.02 -52.59
C TRP G 68 33.91 -36.15 -52.23
N ARG G 69 34.11 -37.09 -53.14
CA ARG G 69 35.06 -38.18 -52.89
C ARG G 69 36.47 -37.64 -52.70
N ARG G 70 36.80 -36.53 -53.37
CA ARG G 70 38.13 -35.95 -53.22
C ARG G 70 38.28 -35.23 -51.89
N VAL G 71 37.31 -34.38 -51.55
CA VAL G 71 37.38 -33.61 -50.31
C VAL G 71 37.11 -34.45 -49.07
N SER G 72 36.60 -35.68 -49.24
CA SER G 72 36.32 -36.55 -48.11
C SER G 72 37.36 -37.65 -47.92
N LYS G 73 38.10 -38.00 -48.96
CA LYS G 73 39.11 -39.07 -48.89
C LYS G 73 38.47 -40.38 -48.44
N ALA G 74 37.29 -40.67 -48.98
CA ALA G 74 36.56 -41.89 -48.64
C ALA G 74 35.60 -42.26 -49.76
N PRO G 75 36.07 -42.94 -50.81
CA PRO G 75 35.17 -43.30 -51.91
C PRO G 75 34.06 -44.26 -51.50
N GLU G 76 34.26 -45.04 -50.44
CA GLU G 76 33.25 -45.98 -49.97
C GLU G 76 32.19 -45.32 -49.10
N ALA G 77 32.21 -44.00 -48.98
CA ALA G 77 31.22 -43.31 -48.17
C ALA G 77 29.81 -43.52 -48.75
N LEU G 78 28.81 -43.18 -47.93
CA LEU G 78 27.41 -43.33 -48.31
C LEU G 78 26.80 -41.94 -48.46
N PHE G 79 26.35 -41.62 -49.66
CA PHE G 79 25.71 -40.35 -49.97
C PHE G 79 24.24 -40.58 -50.32
N PHE G 80 23.51 -39.47 -50.41
CA PHE G 80 22.08 -39.53 -50.72
C PHE G 80 21.62 -38.15 -51.12
N VAL G 81 21.14 -38.02 -52.37
CA VAL G 81 20.59 -36.78 -52.88
C VAL G 81 19.20 -37.06 -53.42
N GLN G 82 18.24 -36.19 -53.10
CA GLN G 82 16.86 -36.34 -53.51
C GLN G 82 16.44 -35.12 -54.33
N PHE G 83 16.22 -35.34 -55.63
CA PHE G 83 15.78 -34.28 -56.52
C PHE G 83 14.28 -34.07 -56.33
N GLU G 84 13.90 -32.93 -55.77
CA GLU G 84 12.52 -32.60 -55.47
C GLU G 84 12.13 -31.31 -56.17
N LYS G 85 10.88 -30.90 -55.96
CA LYS G 85 10.32 -29.69 -56.55
C LYS G 85 9.89 -28.73 -55.45
N GLY G 86 10.14 -27.44 -55.65
CA GLY G 86 9.78 -26.42 -54.70
C GLY G 86 8.56 -25.62 -55.14
N GLU G 87 8.37 -24.49 -54.47
CA GLU G 87 7.24 -23.62 -54.81
C GLU G 87 7.37 -23.04 -56.21
N SER G 88 8.61 -22.91 -56.71
CA SER G 88 8.79 -22.38 -58.06
C SER G 88 10.13 -22.75 -58.68
N TYR G 89 10.79 -23.81 -58.21
CA TYR G 89 12.09 -24.22 -58.74
C TYR G 89 12.39 -25.61 -58.19
N PHE G 90 13.52 -26.17 -58.62
CA PHE G 90 13.96 -27.48 -58.20
C PHE G 90 15.12 -27.36 -57.22
N HIS G 91 15.32 -28.41 -56.42
CA HIS G 91 16.38 -28.44 -55.45
C HIS G 91 16.69 -29.88 -55.08
N MET G 92 17.95 -30.13 -54.72
CA MET G 92 18.42 -31.46 -54.35
C MET G 92 18.73 -31.48 -52.86
N HIS G 93 18.21 -32.48 -52.16
CA HIS G 93 18.44 -32.64 -50.72
C HIS G 93 19.65 -33.55 -50.53
N VAL G 94 20.84 -32.96 -50.69
CA VAL G 94 22.08 -33.71 -50.55
C VAL G 94 22.25 -34.13 -49.10
N LEU G 95 22.77 -35.34 -48.90
CA LEU G 95 23.00 -35.89 -47.56
C LEU G 95 24.23 -36.79 -47.64
N VAL G 96 25.40 -36.22 -47.39
CA VAL G 96 26.65 -36.97 -47.44
C VAL G 96 26.99 -37.46 -46.04
N GLU G 97 27.96 -38.36 -45.95
CA GLU G 97 28.38 -38.93 -44.68
C GLU G 97 29.51 -38.11 -44.07
N THR G 98 29.54 -38.07 -42.73
CA THR G 98 30.57 -37.33 -42.00
C THR G 98 31.84 -38.18 -41.97
N THR G 99 32.63 -38.06 -43.04
CA THR G 99 33.88 -38.80 -43.17
C THR G 99 34.94 -37.87 -43.73
N GLY G 100 36.09 -37.83 -43.05
CA GLY G 100 37.19 -36.97 -43.49
C GLY G 100 36.98 -35.52 -43.09
N VAL G 101 35.96 -34.88 -43.67
CA VAL G 101 35.66 -33.49 -43.38
C VAL G 101 35.22 -33.36 -41.93
N LYS G 102 35.13 -32.13 -41.43
CA LYS G 102 34.71 -31.87 -40.06
C LYS G 102 33.82 -30.64 -40.04
N SER G 103 32.98 -30.57 -38.99
CA SER G 103 32.04 -29.45 -38.88
C SER G 103 32.78 -28.12 -38.72
N MET G 104 33.91 -28.12 -38.03
CA MET G 104 34.66 -26.87 -37.83
C MET G 104 35.23 -26.35 -39.13
N VAL G 105 35.56 -27.24 -40.07
CA VAL G 105 36.13 -26.84 -41.35
C VAL G 105 35.29 -27.44 -42.47
N LEU G 106 34.06 -26.95 -42.62
CA LEU G 106 33.16 -27.39 -43.67
C LEU G 106 32.84 -26.29 -44.68
N GLY G 107 32.68 -25.05 -44.21
CA GLY G 107 32.41 -23.96 -45.13
C GLY G 107 33.50 -23.77 -46.17
N ARG G 108 34.75 -24.04 -45.79
CA ARG G 108 35.86 -23.90 -46.74
C ARG G 108 35.66 -24.84 -47.92
N PHE G 109 35.47 -26.14 -47.65
CA PHE G 109 35.26 -27.10 -48.73
C PHE G 109 33.98 -26.81 -49.48
N LEU G 110 32.94 -26.34 -48.78
CA LEU G 110 31.69 -26.01 -49.45
C LEU G 110 31.90 -24.91 -50.47
N SER G 111 32.57 -23.82 -50.08
CA SER G 111 32.84 -22.73 -50.99
C SER G 111 33.78 -23.15 -52.11
N GLN G 112 34.75 -24.03 -51.81
CA GLN G 112 35.64 -24.51 -52.86
C GLN G 112 34.86 -25.28 -53.92
N ILE G 113 33.98 -26.19 -53.49
CA ILE G 113 33.17 -26.94 -54.44
C ILE G 113 32.23 -26.01 -55.20
N ARG G 114 31.70 -24.99 -54.51
CA ARG G 114 30.83 -24.03 -55.17
C ARG G 114 31.57 -23.31 -56.29
N GLU G 115 32.78 -22.83 -56.02
CA GLU G 115 33.57 -22.15 -57.04
C GLU G 115 33.93 -23.11 -58.17
N LYS G 116 34.27 -24.35 -57.84
CA LYS G 116 34.60 -25.33 -58.87
C LYS G 116 33.41 -25.57 -59.79
N LEU G 117 32.21 -25.71 -59.21
CA LEU G 117 31.02 -25.92 -60.03
C LEU G 117 30.70 -24.69 -60.87
N ILE G 118 30.90 -23.49 -60.30
CA ILE G 118 30.63 -22.27 -61.05
C ILE G 118 31.58 -22.15 -62.23
N GLN G 119 32.83 -22.57 -62.05
CA GLN G 119 33.82 -22.46 -63.11
C GLN G 119 33.73 -23.61 -64.12
N ARG G 120 33.14 -24.74 -63.74
CA ARG G 120 33.06 -25.90 -64.62
C ARG G 120 31.70 -25.97 -65.31
N ILE G 121 30.66 -26.27 -64.53
CA ILE G 121 29.33 -26.44 -65.11
C ILE G 121 28.81 -25.11 -65.64
N TYR G 122 28.62 -24.14 -64.75
CA TYR G 122 28.09 -22.84 -65.17
C TYR G 122 29.08 -22.03 -65.98
N ARG G 123 30.38 -22.29 -65.82
CA ARG G 123 31.44 -21.60 -66.56
C ARG G 123 31.40 -20.09 -66.24
N GLY G 124 31.83 -19.78 -65.02
CA GLY G 124 31.90 -18.40 -64.58
C GLY G 124 30.55 -17.71 -64.53
N ILE G 125 29.51 -18.44 -64.15
CA ILE G 125 28.16 -17.90 -64.04
C ILE G 125 27.56 -18.37 -62.73
N GLU G 126 26.93 -17.46 -61.99
CA GLU G 126 26.31 -17.78 -60.72
C GLU G 126 24.80 -17.79 -60.85
N PRO G 127 24.11 -18.85 -60.41
CA PRO G 127 22.64 -18.85 -60.50
C PRO G 127 22.04 -17.66 -59.75
N THR G 128 20.92 -17.17 -60.28
CA THR G 128 20.23 -16.03 -59.71
C THR G 128 19.16 -16.45 -58.69
N LEU G 129 19.27 -17.66 -58.12
CA LEU G 129 18.29 -18.11 -57.15
C LEU G 129 18.68 -17.66 -55.75
N PRO G 130 17.71 -17.49 -54.84
CA PRO G 130 18.06 -17.10 -53.46
C PRO G 130 18.91 -18.17 -52.79
N ASN G 131 20.15 -17.79 -52.46
CA ASN G 131 21.12 -18.68 -51.84
C ASN G 131 21.03 -20.09 -52.41
N TRP G 132 21.43 -20.25 -53.68
CA TRP G 132 21.36 -21.56 -54.31
C TRP G 132 22.27 -22.58 -53.63
N PHE G 133 23.28 -22.13 -52.89
CA PHE G 133 24.20 -23.00 -52.18
C PHE G 133 24.20 -22.62 -50.70
N ALA G 134 23.83 -23.57 -49.85
CA ALA G 134 23.80 -23.32 -48.41
C ALA G 134 23.75 -24.65 -47.69
N VAL G 135 24.20 -24.65 -46.44
CA VAL G 135 24.23 -25.83 -45.58
C VAL G 135 23.21 -25.65 -44.47
N THR G 136 22.54 -26.74 -44.11
CA THR G 136 21.54 -26.69 -43.05
C THR G 136 22.21 -26.58 -41.70
N LYS G 137 21.77 -25.60 -40.90
CA LYS G 137 22.31 -25.36 -39.57
C LYS G 137 21.42 -26.01 -38.52
N THR G 138 21.92 -26.01 -37.28
CA THR G 138 21.18 -26.59 -36.16
C THR G 138 20.05 -25.70 -35.69
N ARG G 139 20.08 -24.41 -36.02
CA ARG G 139 19.04 -23.48 -35.62
C ARG G 139 18.82 -22.45 -36.73
N ASN G 140 17.56 -22.13 -36.98
CA ASN G 140 17.21 -21.16 -38.02
C ASN G 140 17.72 -19.78 -37.62
N GLY G 141 18.80 -19.33 -38.27
CA GLY G 141 19.38 -18.04 -37.99
C GLY G 141 20.89 -18.08 -37.93
N ALA G 142 21.51 -16.92 -37.71
CA ALA G 142 22.97 -16.82 -37.63
C ALA G 142 23.45 -17.08 -36.21
N GLY G 143 23.13 -18.28 -35.73
CA GLY G 143 23.52 -18.69 -34.38
C GLY G 143 23.37 -20.18 -34.15
N GLY G 144 23.89 -20.98 -35.08
CA GLY G 144 23.80 -22.42 -34.96
C GLY G 144 24.82 -23.13 -35.82
N GLY G 145 25.48 -24.14 -35.26
CA GLY G 145 26.47 -24.90 -35.99
C GLY G 145 25.86 -25.77 -37.07
N ASN G 146 26.73 -26.54 -37.72
CA ASN G 146 26.28 -27.43 -38.79
C ASN G 146 25.48 -28.58 -38.21
N LYS G 147 24.36 -28.88 -38.86
CA LYS G 147 23.49 -29.96 -38.41
C LYS G 147 24.10 -31.31 -38.81
N VAL G 148 24.11 -32.25 -37.87
CA VAL G 148 24.65 -33.59 -38.09
C VAL G 148 23.53 -34.57 -37.77
N VAL G 149 22.70 -34.85 -38.77
CA VAL G 149 21.58 -35.78 -38.60
C VAL G 149 22.09 -37.20 -38.68
N ASP G 150 21.18 -38.16 -38.62
CA ASP G 150 21.54 -39.58 -38.68
C ASP G 150 20.60 -40.26 -39.69
N GLU G 151 20.55 -41.59 -39.62
CA GLU G 151 19.70 -42.34 -40.54
C GLU G 151 18.22 -42.09 -40.29
N SER G 152 17.84 -41.69 -39.08
CA SER G 152 16.44 -41.42 -38.77
C SER G 152 15.90 -40.17 -39.46
N TYR G 153 16.77 -39.36 -40.05
CA TYR G 153 16.32 -38.15 -40.73
C TYR G 153 15.76 -38.45 -42.12
N ILE G 154 16.23 -39.51 -42.76
CA ILE G 154 15.80 -39.87 -44.11
C ILE G 154 14.30 -40.15 -44.09
N PRO G 155 13.81 -41.10 -43.29
CA PRO G 155 12.37 -41.38 -43.26
C PRO G 155 11.52 -40.37 -42.50
N ASN G 156 12.09 -39.23 -42.11
CA ASN G 156 11.36 -38.22 -41.35
C ASN G 156 10.84 -37.07 -42.21
N TYR G 157 11.59 -36.68 -43.25
CA TYR G 157 11.18 -35.56 -44.09
C TYR G 157 11.36 -35.80 -45.59
N LEU G 158 12.20 -36.75 -46.01
CA LEU G 158 12.42 -36.99 -47.43
C LEU G 158 11.48 -38.05 -47.99
N LEU G 159 11.43 -39.21 -47.34
CA LEU G 159 10.56 -40.30 -47.80
C LEU G 159 9.10 -39.93 -47.69
N PRO G 160 8.66 -39.30 -46.59
CA PRO G 160 7.24 -38.93 -46.49
C PRO G 160 6.74 -38.05 -47.63
N LYS G 161 7.64 -37.34 -48.32
CA LYS G 161 7.23 -36.48 -49.41
C LYS G 161 6.60 -37.31 -50.53
N THR G 162 5.74 -36.65 -51.31
CA THR G 162 4.99 -37.28 -52.38
C THR G 162 5.46 -36.74 -53.74
N GLN G 163 4.69 -37.04 -54.78
CA GLN G 163 5.03 -36.61 -56.13
C GLN G 163 5.24 -35.11 -56.25
N PRO G 164 4.31 -34.25 -55.83
CA PRO G 164 4.55 -32.79 -55.99
C PRO G 164 5.78 -32.29 -55.28
N GLU G 165 6.32 -33.06 -54.32
CA GLU G 165 7.55 -32.69 -53.60
C GLU G 165 8.65 -33.71 -53.83
N LEU G 166 8.67 -34.33 -55.01
CA LEU G 166 9.69 -35.33 -55.32
C LEU G 166 9.76 -35.49 -56.84
N GLN G 167 10.97 -35.71 -57.35
CA GLN G 167 11.18 -35.88 -58.77
C GLN G 167 12.15 -37.04 -59.05
N TRP G 168 13.33 -36.97 -58.46
CA TRP G 168 14.33 -38.01 -58.64
C TRP G 168 15.19 -38.10 -57.37
N ALA G 169 16.01 -39.14 -57.31
CA ALA G 169 16.89 -39.36 -56.17
C ALA G 169 18.01 -40.29 -56.57
N TRP G 170 19.24 -39.91 -56.25
CA TRP G 170 20.43 -40.71 -56.54
C TRP G 170 21.11 -41.08 -55.24
N THR G 171 21.60 -42.32 -55.17
CA THR G 171 22.28 -42.82 -53.98
C THR G 171 22.85 -44.19 -54.30
N ASN G 172 23.63 -44.73 -53.35
CA ASN G 172 24.23 -46.04 -53.50
C ASN G 172 23.99 -46.93 -52.28
N MET G 173 23.25 -46.48 -51.28
CA MET G 173 22.99 -47.28 -50.11
C MET G 173 22.12 -48.48 -50.49
N GLU G 174 22.56 -49.68 -50.10
CA GLU G 174 21.81 -50.89 -50.42
C GLU G 174 20.43 -50.89 -49.77
N GLN G 175 20.24 -50.15 -48.69
CA GLN G 175 18.96 -50.06 -48.00
C GLN G 175 18.03 -49.01 -48.59
N TYR G 176 18.33 -48.51 -49.78
CA TYR G 176 17.50 -47.49 -50.40
C TYR G 176 17.40 -47.62 -51.92
N LEU G 177 18.09 -48.59 -52.54
CA LEU G 177 18.01 -48.72 -54.00
C LEU G 177 16.61 -49.06 -54.46
N SER G 178 15.86 -49.81 -53.66
CA SER G 178 14.49 -50.20 -54.00
C SER G 178 13.46 -49.15 -53.61
N ALA G 179 13.90 -47.97 -53.17
CA ALA G 179 12.97 -46.91 -52.75
C ALA G 179 13.41 -45.55 -53.30
N CYS G 180 14.04 -45.53 -54.47
CA CYS G 180 14.48 -44.26 -55.04
C CYS G 180 13.35 -43.55 -55.78
N LEU G 181 12.47 -44.32 -56.44
CA LEU G 181 11.35 -43.74 -57.18
C LEU G 181 10.07 -44.52 -56.95
N ASN G 182 9.94 -45.17 -55.79
CA ASN G 182 8.76 -45.95 -55.45
C ASN G 182 8.20 -45.44 -54.13
N LEU G 183 6.97 -44.92 -54.17
CA LEU G 183 6.35 -44.41 -52.95
C LEU G 183 5.97 -45.53 -51.99
N THR G 184 5.58 -46.69 -52.52
CA THR G 184 5.22 -47.81 -51.66
C THR G 184 6.41 -48.26 -50.82
N GLU G 185 7.58 -48.42 -51.46
CA GLU G 185 8.76 -48.83 -50.71
C GLU G 185 9.22 -47.74 -49.75
N ARG G 186 9.03 -46.47 -50.11
CA ARG G 186 9.38 -45.39 -49.19
C ARG G 186 8.49 -45.44 -47.95
N LYS G 187 7.19 -45.65 -48.13
CA LYS G 187 6.30 -45.79 -46.98
C LYS G 187 6.64 -47.02 -46.16
N ARG G 188 7.05 -48.11 -46.83
CA ARG G 188 7.46 -49.31 -46.11
C ARG G 188 8.69 -49.04 -45.25
N LEU G 189 9.67 -48.31 -45.80
CA LEU G 189 10.86 -47.96 -45.02
C LEU G 189 10.50 -47.04 -43.86
N VAL G 190 9.57 -46.11 -44.08
CA VAL G 190 9.14 -45.23 -43.00
C VAL G 190 8.48 -46.04 -41.89
N ALA G 191 7.64 -47.01 -42.26
CA ALA G 191 7.02 -47.87 -41.26
C ALA G 191 8.05 -48.72 -40.54
N GLN G 192 9.07 -49.18 -41.26
CA GLN G 192 10.13 -49.96 -40.61
C GLN G 192 10.89 -49.10 -39.59
N HIS G 193 11.17 -47.85 -39.95
CA HIS G 193 11.84 -46.95 -39.00
C HIS G 193 10.95 -46.68 -37.79
N LEU G 194 9.65 -46.50 -38.01
CA LEU G 194 8.74 -46.28 -36.90
C LEU G 194 8.69 -47.50 -35.99
N THR G 195 8.71 -48.70 -36.57
CA THR G 195 8.72 -49.92 -35.76
C THR G 195 10.03 -50.05 -34.99
N HIS G 196 11.15 -49.68 -35.62
CA HIS G 196 12.43 -49.69 -34.90
C HIS G 196 12.39 -48.73 -33.71
N VAL G 197 11.79 -47.56 -33.90
CA VAL G 197 11.69 -46.61 -32.80
C VAL G 197 10.78 -47.15 -31.70
N SER G 198 9.66 -47.77 -32.09
CA SER G 198 8.74 -48.32 -31.11
C SER G 198 9.40 -49.44 -30.31
N GLN G 199 10.28 -50.22 -30.96
CA GLN G 199 10.99 -51.28 -30.26
C GLN G 199 11.75 -50.73 -29.05
N THR G 200 12.39 -49.57 -29.22
CA THR G 200 13.09 -48.93 -28.11
C THR G 200 12.11 -48.25 -27.15
N GLN G 201 11.00 -47.71 -27.68
CA GLN G 201 10.02 -47.08 -26.81
C GLN G 201 9.39 -48.10 -25.87
N GLU G 202 8.98 -49.24 -26.40
CA GLU G 202 8.36 -50.29 -25.60
C GLU G 202 9.42 -51.06 -24.81
N PRO G 215 8.32 -26.95 -11.13
CA PRO G 215 9.50 -26.65 -10.30
C PRO G 215 9.15 -26.74 -8.80
N VAL G 216 9.97 -26.10 -7.94
CA VAL G 216 9.70 -26.09 -6.47
C VAL G 216 10.22 -24.79 -5.87
N ILE G 217 10.21 -24.69 -4.53
CA ILE G 217 10.76 -23.48 -3.83
C ILE G 217 11.87 -23.96 -2.89
N ARG G 218 13.11 -23.47 -3.08
CA ARG G 218 14.17 -23.84 -2.16
C ARG G 218 14.63 -22.60 -1.41
N SER G 219 14.38 -22.57 -0.11
CA SER G 219 14.77 -21.43 0.71
C SER G 219 14.72 -21.85 2.17
N LYS G 220 15.49 -21.13 3.01
CA LYS G 220 15.53 -21.43 4.43
C LYS G 220 14.19 -21.20 5.11
N THR G 221 13.34 -20.34 4.54
CA THR G 221 12.02 -20.08 5.13
C THR G 221 10.99 -21.11 4.71
N SER G 222 11.11 -21.64 3.49
CA SER G 222 10.15 -22.65 3.02
C SER G 222 10.51 -24.05 3.49
N ALA G 223 11.80 -24.30 3.75
CA ALA G 223 12.20 -25.63 4.23
C ALA G 223 11.60 -25.92 5.59
N ARG G 224 11.57 -24.92 6.48
CA ARG G 224 10.97 -25.12 7.80
C ARG G 224 9.49 -25.47 7.68
N TYR G 225 8.77 -24.77 6.78
CA TYR G 225 7.36 -25.07 6.58
C TYR G 225 7.16 -26.45 6.00
N MET G 226 7.99 -26.83 5.02
CA MET G 226 7.87 -28.15 4.42
C MET G 226 8.19 -29.27 5.41
N GLU G 227 9.06 -28.99 6.38
CA GLU G 227 9.36 -29.98 7.41
C GLU G 227 8.27 -30.03 8.47
N LEU G 228 7.68 -28.88 8.80
CA LEU G 228 6.63 -28.85 9.81
C LEU G 228 5.35 -29.50 9.30
N VAL G 229 5.01 -29.28 8.03
CA VAL G 229 3.79 -29.88 7.49
C VAL G 229 3.90 -31.40 7.51
N GLY G 230 5.11 -31.94 7.44
CA GLY G 230 5.30 -33.37 7.50
C GLY G 230 5.37 -33.88 8.93
N TRP G 231 6.01 -33.11 9.81
CA TRP G 231 6.10 -33.49 11.21
C TRP G 231 4.71 -33.55 11.85
N LEU G 232 3.83 -32.61 11.46
CA LEU G 232 2.48 -32.63 12.00
C LEU G 232 1.74 -33.89 11.60
N VAL G 233 2.00 -34.39 10.39
CA VAL G 233 1.37 -35.63 9.95
C VAL G 233 1.99 -36.83 10.66
N ASP G 234 3.32 -36.80 10.86
CA ASP G 234 3.97 -37.90 11.57
C ASP G 234 3.47 -38.01 13.00
N LYS G 235 3.21 -36.87 13.65
CA LYS G 235 2.69 -36.87 15.01
C LYS G 235 1.17 -36.86 15.07
N GLY G 236 0.50 -36.75 13.93
CA GLY G 236 -0.96 -36.75 13.90
C GLY G 236 -1.56 -35.58 14.65
N ILE G 237 -1.32 -34.37 14.16
CA ILE G 237 -1.85 -33.15 14.76
C ILE G 237 -3.05 -32.71 13.93
N THR G 238 -4.24 -32.80 14.54
CA THR G 238 -5.46 -32.40 13.83
C THR G 238 -5.63 -30.89 13.81
N SER G 239 -5.36 -30.22 14.93
CA SER G 239 -5.48 -28.77 15.02
C SER G 239 -4.48 -28.28 16.06
N GLU G 240 -4.59 -27.00 16.42
CA GLU G 240 -3.69 -26.42 17.40
C GLU G 240 -3.83 -27.07 18.77
N LYS G 241 -4.97 -27.71 19.05
CA LYS G 241 -5.15 -28.38 20.33
C LYS G 241 -4.13 -29.50 20.51
N GLN G 242 -4.01 -30.38 19.53
CA GLN G 242 -3.03 -31.45 19.60
C GLN G 242 -1.61 -30.90 19.59
N TRP G 243 -1.37 -29.82 18.84
CA TRP G 243 -0.04 -29.21 18.83
C TRP G 243 0.34 -28.73 20.22
N ILE G 244 -0.59 -28.11 20.94
CA ILE G 244 -0.30 -27.64 22.29
C ILE G 244 -0.15 -28.82 23.24
N GLN G 245 -0.99 -29.85 23.08
CA GLN G 245 -0.88 -31.03 23.93
C GLN G 245 0.48 -31.69 23.76
N GLU G 246 1.03 -31.68 22.55
CA GLU G 246 2.33 -32.29 22.29
C GLU G 246 3.46 -31.38 22.76
N ASP G 247 3.64 -30.23 22.09
CA ASP G 247 4.72 -29.31 22.44
C ASP G 247 4.23 -27.90 22.14
N GLN G 248 3.78 -27.20 23.17
CA GLN G 248 3.29 -25.84 22.99
C GLN G 248 4.39 -24.85 22.63
N ALA G 249 5.66 -25.22 22.86
CA ALA G 249 6.75 -24.31 22.54
C ALA G 249 6.80 -23.99 21.06
N SER G 250 6.71 -25.02 20.21
CA SER G 250 6.75 -24.80 18.76
C SER G 250 5.55 -23.98 18.30
N TYR G 251 4.36 -24.26 18.86
CA TYR G 251 3.18 -23.51 18.48
C TYR G 251 3.31 -22.04 18.87
N ILE G 252 3.85 -21.76 20.05
CA ILE G 252 4.02 -20.37 20.48
C ILE G 252 5.10 -19.69 19.64
N SER G 253 6.14 -20.41 19.24
CA SER G 253 7.19 -19.82 18.42
C SER G 253 6.67 -19.49 17.02
N PHE G 254 5.88 -20.38 16.43
CA PHE G 254 5.32 -20.14 15.11
C PHE G 254 4.19 -19.12 15.13
N ASN G 255 3.68 -18.76 16.30
CA ASN G 255 2.60 -17.79 16.40
C ASN G 255 3.09 -16.35 16.45
N ALA G 256 4.38 -16.13 16.62
CA ALA G 256 4.93 -14.77 16.68
C ALA G 256 5.14 -14.16 15.31
N ALA G 257 5.19 -14.97 14.26
CA ALA G 257 5.41 -14.46 12.92
C ALA G 257 4.22 -13.60 12.48
N SER G 258 4.47 -12.77 11.47
CA SER G 258 3.42 -11.90 10.95
C SER G 258 2.30 -12.72 10.31
N ASN G 259 2.66 -13.71 9.49
CA ASN G 259 1.70 -14.58 8.84
C ASN G 259 1.40 -15.83 9.67
N SER G 260 1.32 -15.68 10.99
CA SER G 260 1.09 -16.83 11.85
C SER G 260 -0.25 -17.49 11.56
N ARG G 261 -1.32 -16.69 11.46
CA ARG G 261 -2.65 -17.24 11.24
C ARG G 261 -2.72 -17.99 9.91
N SER G 262 -2.31 -17.33 8.82
CA SER G 262 -2.36 -17.97 7.51
C SER G 262 -1.46 -19.18 7.44
N GLN G 263 -0.23 -19.07 7.97
CA GLN G 263 0.68 -20.21 7.96
C GLN G 263 0.06 -21.40 8.69
N ILE G 264 -0.49 -21.16 9.89
CA ILE G 264 -1.03 -22.26 10.70
C ILE G 264 -2.23 -22.89 9.99
N LYS G 265 -3.16 -22.06 9.52
CA LYS G 265 -4.36 -22.62 8.91
C LYS G 265 -4.03 -23.37 7.62
N ALA G 266 -3.11 -22.83 6.82
CA ALA G 266 -2.72 -23.53 5.60
C ALA G 266 -2.03 -24.85 5.91
N ALA G 267 -1.11 -24.85 6.89
CA ALA G 267 -0.43 -26.08 7.26
C ALA G 267 -1.43 -27.13 7.74
N LEU G 268 -2.41 -26.72 8.55
CA LEU G 268 -3.40 -27.68 9.05
C LEU G 268 -4.26 -28.22 7.93
N ASP G 269 -4.78 -27.33 7.08
CA ASP G 269 -5.62 -27.77 5.98
C ASP G 269 -4.88 -28.66 5.00
N ASN G 270 -3.57 -28.43 4.83
CA ASN G 270 -2.78 -29.29 3.96
C ASN G 270 -2.52 -30.65 4.59
N ALA G 271 -1.99 -30.66 5.83
CA ALA G 271 -1.77 -31.91 6.54
C ALA G 271 -3.03 -32.77 6.52
N GLY G 272 -4.20 -32.16 6.73
CA GLY G 272 -5.44 -32.91 6.65
C GLY G 272 -5.62 -33.55 5.28
N LYS G 273 -5.39 -32.77 4.22
CA LYS G 273 -5.53 -33.31 2.87
C LYS G 273 -4.50 -34.40 2.60
N ILE G 274 -3.26 -34.22 3.07
CA ILE G 274 -2.23 -35.21 2.81
C ILE G 274 -2.55 -36.52 3.53
N MET G 275 -3.03 -36.44 4.77
CA MET G 275 -3.34 -37.65 5.52
C MET G 275 -4.67 -38.27 5.11
N SER G 276 -5.54 -37.51 4.44
CA SER G 276 -6.83 -38.04 3.99
C SER G 276 -6.72 -38.72 2.63
N LEU G 277 -5.87 -38.21 1.75
CA LEU G 277 -5.69 -38.77 0.41
C LEU G 277 -4.64 -39.87 0.35
N THR G 278 -4.14 -40.32 1.50
CA THR G 278 -3.13 -41.37 1.54
C THR G 278 -3.48 -42.39 2.62
N LYS G 279 -3.54 -41.94 3.88
CA LYS G 279 -3.87 -42.83 4.98
C LYS G 279 -5.38 -43.05 5.05
N THR G 280 -5.76 -44.11 5.74
CA THR G 280 -7.16 -44.50 5.91
C THR G 280 -7.43 -44.78 7.38
N ALA G 281 -8.68 -45.11 7.69
CA ALA G 281 -9.04 -45.39 9.08
C ALA G 281 -8.30 -46.57 9.67
N PRO G 282 -8.15 -47.70 8.97
CA PRO G 282 -7.42 -48.83 9.58
C PRO G 282 -5.99 -48.50 9.96
N ASP G 283 -5.35 -47.55 9.27
CA ASP G 283 -3.98 -47.19 9.60
C ASP G 283 -3.87 -46.70 11.04
N TYR G 284 -4.85 -45.91 11.50
CA TYR G 284 -4.87 -45.43 12.88
C TYR G 284 -5.63 -46.35 13.82
N LEU G 285 -6.52 -47.18 13.29
CA LEU G 285 -7.28 -48.08 14.15
C LEU G 285 -6.50 -49.36 14.47
N VAL G 286 -5.74 -49.86 13.50
CA VAL G 286 -4.95 -51.08 13.71
C VAL G 286 -3.74 -50.74 14.56
N GLY G 287 -3.66 -51.36 15.73
CA GLY G 287 -2.54 -51.11 16.61
C GLY G 287 -1.22 -51.60 16.03
N GLN G 288 -0.13 -51.02 16.55
CA GLN G 288 1.21 -51.37 16.10
C GLN G 288 1.78 -52.56 16.86
N GLN G 289 1.79 -52.49 18.19
CA GLN G 289 2.31 -53.57 19.01
C GLN G 289 1.31 -54.72 19.08
N PRO G 290 1.79 -55.94 19.33
CA PRO G 290 0.86 -57.08 19.41
C PRO G 290 0.01 -57.05 20.66
N VAL G 291 -0.89 -58.02 20.80
CA VAL G 291 -1.80 -58.12 21.94
C VAL G 291 -1.46 -59.40 22.70
N GLU G 292 -1.25 -59.28 24.01
CA GLU G 292 -0.92 -60.42 24.85
C GLU G 292 -2.14 -60.99 25.58
N ASP G 293 -3.15 -60.18 25.84
CA ASP G 293 -4.35 -60.64 26.52
C ASP G 293 -5.52 -59.76 26.09
N ILE G 294 -6.39 -60.31 25.24
CA ILE G 294 -7.53 -59.55 24.74
C ILE G 294 -8.76 -59.71 25.63
N SER G 295 -8.78 -60.72 26.51
CA SER G 295 -9.93 -60.91 27.38
C SER G 295 -10.16 -59.70 28.28
N SER G 296 -9.10 -59.01 28.66
CA SER G 296 -9.23 -57.83 29.51
C SER G 296 -9.82 -56.63 28.80
N ASN G 297 -9.94 -56.68 27.47
CA ASN G 297 -10.50 -55.56 26.73
C ASN G 297 -11.99 -55.43 27.00
N ARG G 298 -12.47 -54.19 26.91
CA ARG G 298 -13.90 -53.93 27.13
C ARG G 298 -14.74 -54.32 25.92
N ILE G 299 -14.20 -54.12 24.71
CA ILE G 299 -14.93 -54.50 23.51
C ILE G 299 -15.13 -56.01 23.47
N TYR G 300 -14.10 -56.77 23.87
CA TYR G 300 -14.21 -58.22 23.90
C TYR G 300 -15.32 -58.67 24.85
N LYS G 301 -15.37 -58.07 26.04
CA LYS G 301 -16.42 -58.42 27.00
C LYS G 301 -17.80 -58.04 26.48
N ILE G 302 -17.90 -56.87 25.85
CA ILE G 302 -19.20 -56.42 25.33
C ILE G 302 -19.68 -57.36 24.23
N LEU G 303 -18.76 -57.84 23.40
CA LEU G 303 -19.14 -58.73 22.31
C LEU G 303 -19.41 -60.15 22.78
N GLU G 304 -18.76 -60.58 23.87
CA GLU G 304 -18.97 -61.94 24.36
C GLU G 304 -20.20 -62.05 25.24
N LEU G 305 -20.55 -60.98 25.98
CA LEU G 305 -21.72 -61.04 26.86
C LEU G 305 -23.01 -61.18 26.05
N ASN G 306 -23.08 -60.54 24.89
CA ASN G 306 -24.26 -60.57 24.05
C ASN G 306 -24.35 -61.84 23.21
N GLY G 307 -23.44 -62.80 23.41
CA GLY G 307 -23.45 -64.04 22.67
C GLY G 307 -22.76 -63.99 21.32
N TYR G 308 -22.45 -62.80 20.81
CA TYR G 308 -21.79 -62.69 19.52
C TYR G 308 -20.39 -63.28 19.60
N ASP G 309 -20.01 -64.04 18.58
CA ASP G 309 -18.69 -64.66 18.52
C ASP G 309 -17.62 -63.57 18.48
N PRO G 310 -16.70 -63.52 19.45
CA PRO G 310 -15.67 -62.47 19.40
C PRO G 310 -14.87 -62.48 18.12
N GLN G 311 -14.46 -63.65 17.64
CA GLN G 311 -13.66 -63.72 16.41
C GLN G 311 -14.45 -63.18 15.22
N TYR G 312 -15.68 -63.67 15.03
CA TYR G 312 -16.48 -63.24 13.89
C TYR G 312 -16.81 -61.75 14.01
N ALA G 313 -17.18 -61.29 15.21
CA ALA G 313 -17.50 -59.88 15.39
C ALA G 313 -16.30 -59.00 15.06
N ALA G 314 -15.11 -59.40 15.52
CA ALA G 314 -13.91 -58.63 15.23
C ALA G 314 -13.60 -58.65 13.73
N SER G 315 -13.85 -59.79 13.07
CA SER G 315 -13.65 -59.85 11.63
C SER G 315 -14.59 -58.91 10.89
N VAL G 316 -15.82 -58.77 11.39
CA VAL G 316 -16.76 -57.85 10.77
C VAL G 316 -16.26 -56.42 10.86
N PHE G 317 -15.76 -56.04 12.05
CA PHE G 317 -15.22 -54.70 12.21
C PHE G 317 -14.00 -54.47 11.32
N LEU G 318 -13.13 -55.48 11.23
CA LEU G 318 -11.94 -55.35 10.39
C LEU G 318 -12.34 -55.16 8.92
N GLY G 319 -13.32 -55.93 8.45
CA GLY G 319 -13.77 -55.78 7.08
C GLY G 319 -14.49 -54.47 6.83
N TRP G 320 -15.19 -53.95 7.84
CA TRP G 320 -15.89 -52.68 7.69
C TRP G 320 -14.93 -51.51 7.68
N ALA G 321 -13.82 -51.62 8.43
CA ALA G 321 -12.85 -50.53 8.46
C ALA G 321 -12.00 -50.47 7.21
N THR G 322 -11.72 -51.62 6.58
CA THR G 322 -10.89 -51.69 5.39
C THR G 322 -11.70 -51.62 4.09
N LYS G 323 -13.02 -51.43 4.19
CA LYS G 323 -13.88 -51.37 3.01
C LYS G 323 -13.80 -52.66 2.21
N LYS G 324 -13.86 -53.78 2.92
CA LYS G 324 -13.78 -55.10 2.29
C LYS G 324 -15.13 -55.59 1.77
N PHE G 325 -16.23 -55.14 2.37
CA PHE G 325 -17.55 -55.57 1.93
C PHE G 325 -18.06 -54.76 0.75
N GLY G 326 -17.61 -53.51 0.61
CA GLY G 326 -18.05 -52.67 -0.47
C GLY G 326 -19.34 -51.93 -0.17
N LYS G 327 -20.47 -52.47 -0.66
CA LYS G 327 -21.75 -51.84 -0.41
C LYS G 327 -22.17 -51.97 1.05
N ARG G 328 -21.82 -53.09 1.69
CA ARG G 328 -22.16 -53.33 3.09
C ARG G 328 -21.07 -52.78 4.02
N ASN G 329 -20.69 -51.53 3.82
CA ASN G 329 -19.65 -50.89 4.60
C ASN G 329 -20.25 -50.00 5.69
N THR G 330 -21.08 -50.62 6.53
CA THR G 330 -21.71 -49.92 7.64
C THR G 330 -22.08 -50.93 8.70
N ILE G 331 -22.05 -50.47 9.96
CA ILE G 331 -22.40 -51.29 11.12
C ILE G 331 -23.47 -50.55 11.91
N TRP G 332 -24.45 -51.31 12.41
CA TRP G 332 -25.57 -50.76 13.17
C TRP G 332 -25.76 -51.59 14.43
N LEU G 333 -25.58 -50.96 15.58
CA LEU G 333 -25.75 -51.63 16.88
C LEU G 333 -27.16 -51.36 17.39
N PHE G 334 -27.94 -52.42 17.57
CA PHE G 334 -29.32 -52.32 18.03
C PHE G 334 -29.42 -52.82 19.46
N GLY G 335 -30.25 -52.16 20.26
CA GLY G 335 -30.47 -52.53 21.63
C GLY G 335 -30.78 -51.34 22.51
N PRO G 336 -31.15 -51.59 23.77
CA PRO G 336 -31.46 -50.48 24.68
C PRO G 336 -30.25 -49.60 24.91
N ALA G 337 -30.48 -48.48 25.60
CA ALA G 337 -29.41 -47.55 25.90
C ALA G 337 -28.50 -48.11 26.99
N THR G 338 -27.24 -47.67 26.98
CA THR G 338 -26.24 -48.10 27.95
C THR G 338 -26.03 -49.62 27.87
N THR G 339 -25.68 -50.08 26.65
CA THR G 339 -25.42 -51.48 26.39
C THR G 339 -24.17 -51.68 25.55
N GLY G 340 -23.18 -50.82 25.70
CA GLY G 340 -21.95 -50.92 24.97
C GLY G 340 -21.96 -50.27 23.60
N LYS G 341 -23.12 -49.80 23.13
CA LYS G 341 -23.20 -49.18 21.81
C LYS G 341 -22.51 -47.83 21.80
N THR G 342 -23.00 -46.90 22.64
CA THR G 342 -22.42 -45.56 22.66
C THR G 342 -20.95 -45.59 23.06
N ASN G 343 -20.59 -46.45 24.01
CA ASN G 343 -19.20 -46.54 24.46
C ASN G 343 -18.28 -46.91 23.31
N ILE G 344 -18.56 -48.03 22.65
CA ILE G 344 -17.70 -48.49 21.56
C ILE G 344 -17.71 -47.48 20.41
N ALA G 345 -18.87 -46.90 20.13
CA ALA G 345 -18.96 -45.93 19.04
C ALA G 345 -18.06 -44.73 19.31
N GLU G 346 -18.19 -44.15 20.50
CA GLU G 346 -17.37 -42.98 20.84
C GLU G 346 -15.88 -43.34 20.87
N ALA G 347 -15.56 -44.54 21.36
CA ALA G 347 -14.16 -44.96 21.39
C ALA G 347 -13.59 -45.04 19.97
N ILE G 348 -14.30 -45.71 19.06
CA ILE G 348 -13.81 -45.86 17.70
C ILE G 348 -13.79 -44.52 16.98
N ALA G 349 -14.69 -43.60 17.35
CA ALA G 349 -14.71 -42.29 16.69
C ALA G 349 -13.60 -41.39 17.19
N HIS G 350 -13.23 -41.49 18.47
CA HIS G 350 -12.18 -40.66 19.03
C HIS G 350 -10.77 -41.23 18.81
N THR G 351 -10.66 -42.54 18.59
CA THR G 351 -9.34 -43.13 18.36
C THR G 351 -8.70 -42.57 17.10
N VAL G 352 -9.49 -42.37 16.05
CA VAL G 352 -8.98 -41.84 14.78
C VAL G 352 -8.80 -40.34 14.90
N PRO G 353 -7.96 -39.71 14.06
CA PRO G 353 -7.79 -38.26 14.15
C PRO G 353 -9.05 -37.48 13.83
N PHE G 354 -9.55 -37.65 12.60
CA PHE G 354 -10.76 -36.97 12.14
C PHE G 354 -11.93 -37.95 12.15
N TYR G 355 -13.08 -37.47 12.65
CA TYR G 355 -14.28 -38.29 12.70
C TYR G 355 -15.50 -37.39 12.51
N GLY G 356 -16.49 -37.90 11.77
CA GLY G 356 -17.69 -37.15 11.51
C GLY G 356 -18.72 -37.30 12.62
N CYS G 357 -19.77 -36.47 12.53
CA CYS G 357 -20.85 -36.48 13.51
C CYS G 357 -22.14 -36.17 12.77
N VAL G 358 -22.91 -37.21 12.45
CA VAL G 358 -24.17 -37.03 11.75
C VAL G 358 -25.14 -36.27 12.63
N ASN G 359 -25.82 -35.27 12.05
CA ASN G 359 -26.79 -34.44 12.77
C ASN G 359 -27.93 -34.13 11.80
N TRP G 360 -28.99 -34.94 11.86
CA TRP G 360 -30.15 -34.78 11.01
C TRP G 360 -31.22 -33.89 11.63
N THR G 361 -30.93 -33.25 12.77
CA THR G 361 -31.91 -32.37 13.39
C THR G 361 -32.24 -31.19 12.49
N ASN G 362 -31.24 -30.68 11.77
CA ASN G 362 -31.41 -29.56 10.86
C ASN G 362 -31.53 -30.09 9.44
N GLU G 363 -32.69 -29.87 8.82
CA GLU G 363 -32.93 -30.32 7.46
C GLU G 363 -32.23 -29.48 6.40
N ASN G 364 -31.56 -28.39 6.80
CA ASN G 364 -30.88 -27.54 5.83
C ASN G 364 -29.49 -28.08 5.49
N PHE G 365 -28.73 -28.51 6.50
CA PHE G 365 -27.38 -29.04 6.30
C PHE G 365 -27.22 -30.29 7.15
N PRO G 366 -27.87 -31.39 6.76
CA PRO G 366 -27.77 -32.62 7.54
C PRO G 366 -26.37 -33.22 7.48
N PHE G 367 -25.85 -33.43 6.27
CA PHE G 367 -24.52 -34.00 6.07
C PHE G 367 -23.48 -32.87 6.03
N ASN G 368 -23.34 -32.21 7.17
CA ASN G 368 -22.40 -31.10 7.30
C ASN G 368 -21.02 -31.59 7.72
N ASP G 369 -20.91 -32.15 8.93
CA ASP G 369 -19.64 -32.67 9.43
C ASP G 369 -19.42 -34.09 8.94
N CYS G 370 -19.21 -34.21 7.63
CA CYS G 370 -18.99 -35.50 7.00
C CYS G 370 -17.96 -35.47 5.88
N VAL G 371 -17.47 -34.31 5.47
CA VAL G 371 -16.49 -34.21 4.39
C VAL G 371 -15.09 -34.26 4.99
N ASP G 372 -14.21 -35.04 4.36
CA ASP G 372 -12.82 -35.18 4.80
C ASP G 372 -12.77 -35.76 6.22
N LYS G 373 -13.40 -36.93 6.37
CA LYS G 373 -13.47 -37.63 7.64
C LYS G 373 -13.07 -39.08 7.44
N MET G 374 -12.89 -39.79 8.55
CA MET G 374 -12.50 -41.20 8.53
C MET G 374 -13.51 -42.12 9.19
N VAL G 375 -14.28 -41.64 10.17
CA VAL G 375 -15.28 -42.44 10.85
C VAL G 375 -16.51 -41.55 11.07
N ILE G 376 -17.60 -41.86 10.37
CA ILE G 376 -18.84 -41.09 10.47
C ILE G 376 -19.68 -41.73 11.57
N TRP G 377 -19.78 -41.05 12.71
CA TRP G 377 -20.56 -41.54 13.83
C TRP G 377 -21.98 -41.00 13.76
N TRP G 378 -22.96 -41.90 13.83
CA TRP G 378 -24.38 -41.54 13.77
C TRP G 378 -25.00 -41.88 15.12
N GLU G 379 -24.88 -40.95 16.06
CA GLU G 379 -25.39 -41.13 17.41
C GLU G 379 -26.90 -40.88 17.42
N GLU G 380 -27.68 -41.90 17.78
CA GLU G 380 -29.13 -41.81 17.84
C GLU G 380 -29.70 -41.35 16.50
N GLY G 381 -29.60 -42.24 15.52
CA GLY G 381 -30.06 -41.96 14.19
C GLY G 381 -31.52 -42.36 13.99
N LYS G 382 -32.18 -41.66 13.06
CA LYS G 382 -33.58 -41.94 12.73
C LYS G 382 -33.78 -41.65 11.25
N MET G 383 -34.01 -42.70 10.48
CA MET G 383 -34.20 -42.54 9.04
C MET G 383 -35.46 -41.74 8.76
N THR G 384 -35.35 -40.77 7.87
CA THR G 384 -36.47 -39.92 7.47
C THR G 384 -36.64 -39.95 5.97
N ALA G 385 -37.86 -39.68 5.51
CA ALA G 385 -38.17 -39.67 4.09
C ALA G 385 -37.67 -38.43 3.38
N LYS G 386 -37.11 -37.46 4.09
CA LYS G 386 -36.63 -36.23 3.49
C LYS G 386 -35.17 -36.31 3.07
N VAL G 387 -34.39 -37.22 3.66
CA VAL G 387 -32.98 -37.35 3.34
C VAL G 387 -32.61 -38.83 3.28
N VAL G 388 -33.41 -39.62 2.58
CA VAL G 388 -33.14 -41.04 2.45
C VAL G 388 -32.29 -41.35 1.23
N GLU G 389 -32.43 -40.57 0.15
CA GLU G 389 -31.65 -40.82 -1.05
C GLU G 389 -30.16 -40.66 -0.77
N SER G 390 -29.75 -39.48 -0.31
CA SER G 390 -28.35 -39.26 -0.01
C SER G 390 -27.85 -40.19 1.09
N ALA G 391 -28.74 -40.56 2.03
CA ALA G 391 -28.34 -41.47 3.09
C ALA G 391 -28.00 -42.84 2.54
N LYS G 392 -28.80 -43.33 1.58
CA LYS G 392 -28.52 -44.64 0.99
C LYS G 392 -27.18 -44.64 0.27
N ALA G 393 -26.82 -43.51 -0.35
CA ALA G 393 -25.55 -43.43 -1.06
C ALA G 393 -24.38 -43.30 -0.10
N ILE G 394 -24.56 -42.56 1.00
CA ILE G 394 -23.48 -42.38 1.96
C ILE G 394 -23.24 -43.67 2.74
N LEU G 395 -24.30 -44.44 3.01
CA LEU G 395 -24.15 -45.68 3.76
C LEU G 395 -23.59 -46.81 2.90
N GLY G 396 -23.89 -46.81 1.61
CA GLY G 396 -23.43 -47.82 0.70
C GLY G 396 -22.03 -47.62 0.16
N GLY G 397 -21.27 -46.69 0.74
CA GLY G 397 -19.91 -46.44 0.26
C GLY G 397 -19.85 -45.89 -1.14
N SER G 398 -20.82 -45.07 -1.53
CA SER G 398 -20.87 -44.47 -2.85
C SER G 398 -20.63 -42.97 -2.75
N LYS G 399 -20.05 -42.42 -3.81
CA LYS G 399 -19.76 -40.98 -3.85
C LYS G 399 -21.03 -40.19 -4.10
N VAL G 400 -21.16 -39.06 -3.42
CA VAL G 400 -22.33 -38.19 -3.56
C VAL G 400 -22.02 -36.83 -2.95
N ARG G 401 -22.44 -35.77 -3.63
CA ARG G 401 -22.20 -34.42 -3.15
C ARG G 401 -23.24 -34.02 -2.11
N VAL G 402 -22.90 -33.02 -1.31
CA VAL G 402 -23.76 -32.49 -0.26
C VAL G 402 -23.62 -30.98 -0.24
N ASP G 403 -24.40 -30.34 0.64
CA ASP G 403 -24.39 -28.89 0.81
C ASP G 403 -23.94 -28.56 2.23
N GLN G 404 -22.83 -27.85 2.34
CA GLN G 404 -22.28 -27.46 3.63
C GLN G 404 -22.85 -26.12 4.07
N LYS G 405 -22.69 -25.83 5.37
CA LYS G 405 -23.18 -24.59 5.95
C LYS G 405 -22.17 -23.48 5.69
N CYS G 406 -22.60 -22.43 4.99
CA CYS G 406 -21.75 -21.30 4.67
C CYS G 406 -20.53 -21.72 3.85
N LYS G 407 -20.67 -22.78 3.05
CA LYS G 407 -19.59 -23.28 2.22
C LYS G 407 -20.18 -23.92 0.98
N SER G 408 -19.34 -24.05 -0.05
CA SER G 408 -19.77 -24.65 -1.29
C SER G 408 -19.93 -26.17 -1.12
N SER G 409 -20.51 -26.79 -2.14
CA SER G 409 -20.73 -28.23 -2.12
C SER G 409 -19.39 -28.97 -2.10
N ALA G 410 -19.44 -30.20 -1.59
CA ALA G 410 -18.25 -31.04 -1.51
C ALA G 410 -18.67 -32.51 -1.55
N GLN G 411 -17.82 -33.33 -2.15
CA GLN G 411 -18.08 -34.75 -2.27
C GLN G 411 -17.53 -35.50 -1.06
N ILE G 412 -18.22 -36.57 -0.68
CA ILE G 412 -17.83 -37.41 0.45
C ILE G 412 -17.43 -38.78 -0.11
N ASP G 413 -16.13 -39.04 -0.13
CA ASP G 413 -15.63 -40.31 -0.63
C ASP G 413 -16.08 -41.44 0.28
N PRO G 414 -16.00 -42.69 -0.20
CA PRO G 414 -16.40 -43.83 0.64
C PRO G 414 -15.61 -43.86 1.93
N THR G 415 -16.33 -43.72 3.05
CA THR G 415 -15.74 -43.71 4.37
C THR G 415 -16.52 -44.63 5.29
N PRO G 416 -15.84 -45.36 6.18
CA PRO G 416 -16.56 -46.23 7.12
C PRO G 416 -17.56 -45.44 7.95
N VAL G 417 -18.77 -45.97 8.08
CA VAL G 417 -19.84 -45.34 8.82
C VAL G 417 -20.33 -46.32 9.89
N ILE G 418 -20.68 -45.78 11.06
CA ILE G 418 -21.19 -46.57 12.18
C ILE G 418 -22.48 -45.95 12.66
N VAL G 419 -23.45 -46.79 12.99
CA VAL G 419 -24.76 -46.36 13.46
C VAL G 419 -25.00 -46.95 14.84
N THR G 420 -25.68 -46.18 15.70
CA THR G 420 -26.00 -46.63 17.05
C THR G 420 -27.32 -46.00 17.45
N SER G 421 -28.37 -46.80 17.55
CA SER G 421 -29.69 -46.31 17.93
C SER G 421 -30.49 -47.47 18.49
N ASN G 422 -31.61 -47.13 19.13
CA ASN G 422 -32.51 -48.12 19.72
C ASN G 422 -33.76 -48.37 18.89
N THR G 423 -34.00 -47.59 17.85
CA THR G 423 -35.16 -47.74 16.99
C THR G 423 -34.77 -48.43 15.68
N ASN G 424 -35.79 -48.88 14.95
CA ASN G 424 -35.57 -49.55 13.68
C ASN G 424 -35.18 -48.53 12.62
N MET G 425 -33.94 -48.60 12.15
CA MET G 425 -33.48 -47.65 11.14
C MET G 425 -34.15 -47.90 9.80
N CYS G 426 -34.58 -49.13 9.54
CA CYS G 426 -35.23 -49.44 8.27
C CYS G 426 -36.57 -48.71 8.14
N ALA G 427 -37.23 -48.43 9.26
CA ALA G 427 -38.52 -47.74 9.24
C ALA G 427 -38.29 -46.27 8.87
N VAL G 428 -38.73 -45.88 7.68
CA VAL G 428 -38.58 -44.51 7.21
C VAL G 428 -39.72 -43.68 7.77
N ILE G 429 -39.39 -42.70 8.60
CA ILE G 429 -40.39 -41.82 9.21
C ILE G 429 -40.68 -40.68 8.27
N ASP G 430 -41.95 -40.27 8.20
CA ASP G 430 -42.40 -39.17 7.34
C ASP G 430 -43.48 -38.41 8.10
N GLY G 431 -43.07 -37.60 9.07
CA GLY G 431 -43.99 -36.82 9.86
C GLY G 431 -44.80 -37.68 10.81
N ASN G 432 -46.13 -37.64 10.65
CA ASN G 432 -47.04 -38.43 11.49
C ASN G 432 -47.40 -39.77 10.86
N SER G 433 -46.44 -40.40 10.18
CA SER G 433 -46.68 -41.69 9.54
C SER G 433 -45.34 -42.39 9.35
N THR G 434 -45.39 -43.62 8.85
CA THR G 434 -44.19 -44.41 8.63
C THR G 434 -44.41 -45.30 7.42
N THR G 435 -43.33 -45.57 6.69
CA THR G 435 -43.37 -46.41 5.50
C THR G 435 -42.13 -47.29 5.46
N PHE G 436 -42.31 -48.54 5.05
CA PHE G 436 -41.22 -49.51 4.95
C PHE G 436 -40.83 -49.77 3.50
N GLU G 437 -40.90 -48.75 2.65
CA GLU G 437 -40.55 -48.93 1.24
C GLU G 437 -39.05 -49.17 1.07
N HIS G 438 -38.23 -48.34 1.72
CA HIS G 438 -36.78 -48.46 1.64
C HIS G 438 -36.23 -49.38 2.72
N GLN G 439 -36.79 -50.59 2.81
CA GLN G 439 -36.36 -51.57 3.80
C GLN G 439 -35.21 -52.42 3.29
N GLN G 440 -35.36 -52.99 2.10
CA GLN G 440 -34.29 -53.84 1.55
C GLN G 440 -33.02 -53.05 1.27
N PRO G 441 -33.07 -51.87 0.64
CA PRO G 441 -31.81 -51.13 0.39
C PRO G 441 -31.03 -50.85 1.66
N LEU G 442 -31.70 -50.58 2.77
CA LEU G 442 -31.01 -50.31 4.02
C LEU G 442 -30.56 -51.59 4.71
N GLN G 443 -31.37 -52.65 4.62
CA GLN G 443 -31.00 -53.91 5.24
C GLN G 443 -29.78 -54.54 4.58
N ASP G 444 -29.61 -54.32 3.27
CA ASP G 444 -28.47 -54.86 2.53
C ASP G 444 -27.28 -53.91 2.54
N ARG G 445 -27.13 -53.08 3.58
CA ARG G 445 -26.01 -52.15 3.64
C ARG G 445 -25.51 -51.91 5.05
N MET G 446 -26.00 -52.65 6.06
CA MET G 446 -25.58 -52.47 7.44
C MET G 446 -25.32 -53.83 8.05
N PHE G 447 -24.96 -53.84 9.33
CA PHE G 447 -24.67 -55.05 10.09
C PHE G 447 -25.39 -54.94 11.44
N LYS G 448 -26.58 -55.51 11.52
CA LYS G 448 -27.37 -55.45 12.76
C LYS G 448 -26.64 -56.19 13.87
N PHE G 449 -26.40 -55.51 14.97
CA PHE G 449 -25.72 -56.09 16.14
C PHE G 449 -26.65 -55.92 17.34
N GLU G 450 -27.39 -56.99 17.66
CA GLU G 450 -28.33 -56.98 18.77
C GLU G 450 -27.56 -57.08 20.08
N LEU G 451 -27.40 -55.94 20.77
CA LEU G 451 -26.69 -55.87 22.03
C LEU G 451 -27.71 -55.54 23.13
N THR G 452 -28.48 -56.55 23.52
CA THR G 452 -29.52 -56.36 24.53
C THR G 452 -28.98 -56.45 25.95
N ARG G 453 -27.83 -57.10 26.15
CA ARG G 453 -27.28 -57.24 27.48
C ARG G 453 -26.81 -55.89 28.00
N ARG G 454 -27.17 -55.57 29.25
CA ARG G 454 -26.79 -54.32 29.87
C ARG G 454 -25.48 -54.47 30.62
N LEU G 455 -24.67 -53.42 30.59
CA LEU G 455 -23.38 -53.43 31.26
C LEU G 455 -23.51 -52.88 32.68
N ASP G 456 -22.53 -53.21 33.51
CA ASP G 456 -22.52 -52.76 34.90
C ASP G 456 -22.12 -51.29 34.98
N HIS G 457 -22.42 -50.69 36.14
CA HIS G 457 -22.10 -49.28 36.34
C HIS G 457 -20.59 -49.06 36.40
N ASP G 458 -19.85 -50.04 36.91
CA ASP G 458 -18.39 -49.95 37.01
C ASP G 458 -17.67 -50.55 35.81
N PHE G 459 -18.32 -50.56 34.64
CA PHE G 459 -17.68 -51.13 33.47
C PHE G 459 -16.59 -50.21 32.93
N GLY G 460 -16.79 -48.90 33.02
CA GLY G 460 -15.81 -47.94 32.53
C GLY G 460 -15.86 -47.76 31.03
N LYS G 461 -15.46 -46.58 30.56
CA LYS G 461 -15.46 -46.29 29.14
C LYS G 461 -14.27 -46.95 28.45
N VAL G 462 -14.45 -47.24 27.17
CA VAL G 462 -13.39 -47.88 26.38
C VAL G 462 -12.38 -46.82 25.97
N THR G 463 -11.14 -46.99 26.41
CA THR G 463 -10.08 -46.05 26.07
C THR G 463 -9.68 -46.20 24.61
N LYS G 464 -8.69 -45.40 24.20
CA LYS G 464 -8.22 -45.44 22.81
C LYS G 464 -7.30 -46.63 22.57
N GLN G 465 -6.49 -47.02 23.56
CA GLN G 465 -5.63 -48.18 23.40
C GLN G 465 -6.42 -49.47 23.26
N GLU G 466 -7.61 -49.53 23.87
CA GLU G 466 -8.43 -50.73 23.76
C GLU G 466 -8.87 -50.96 22.32
N VAL G 467 -9.26 -49.90 21.62
CA VAL G 467 -9.66 -50.02 20.23
C VAL G 467 -8.49 -50.50 19.38
N LYS G 468 -7.30 -49.95 19.64
CA LYS G 468 -6.11 -50.37 18.90
C LYS G 468 -5.84 -51.85 19.13
N ASP G 469 -5.90 -52.30 20.39
CA ASP G 469 -5.66 -53.71 20.68
C ASP G 469 -6.71 -54.60 20.02
N PHE G 470 -7.97 -54.17 20.04
CA PHE G 470 -9.03 -54.96 19.42
C PHE G 470 -8.80 -55.08 17.92
N PHE G 471 -8.46 -53.98 17.26
CA PHE G 471 -8.22 -54.04 15.83
C PHE G 471 -6.99 -54.87 15.50
N ARG G 472 -5.96 -54.81 16.35
CA ARG G 472 -4.77 -55.63 16.13
C ARG G 472 -5.11 -57.11 16.25
N TRP G 473 -5.86 -57.48 17.30
CA TRP G 473 -6.27 -58.87 17.44
C TRP G 473 -7.17 -59.31 16.29
N ALA G 474 -8.00 -58.41 15.77
CA ALA G 474 -8.84 -58.74 14.63
C ALA G 474 -7.99 -59.04 13.40
N LYS G 475 -7.03 -58.15 13.10
CA LYS G 475 -6.16 -58.38 11.96
C LYS G 475 -5.32 -59.64 12.14
N ASP G 476 -4.99 -59.99 13.39
CA ASP G 476 -4.21 -61.18 13.64
C ASP G 476 -5.01 -62.46 13.44
N HIS G 477 -6.34 -62.38 13.53
CA HIS G 477 -7.22 -63.54 13.36
C HIS G 477 -8.36 -63.14 12.44
N VAL G 478 -8.26 -63.53 11.17
CA VAL G 478 -9.27 -63.21 10.16
C VAL G 478 -10.00 -64.50 9.79
N VAL G 479 -11.30 -64.37 9.52
CA VAL G 479 -12.15 -65.48 9.12
C VAL G 479 -13.08 -65.01 8.01
N GLU G 480 -13.88 -65.95 7.49
CA GLU G 480 -14.82 -65.64 6.43
C GLU G 480 -16.05 -64.95 7.02
N VAL G 481 -16.33 -63.73 6.56
CA VAL G 481 -17.47 -62.95 7.02
C VAL G 481 -18.57 -63.05 5.98
N GLU G 482 -19.73 -63.52 6.39
CA GLU G 482 -20.86 -63.66 5.48
C GLU G 482 -21.56 -62.33 5.29
N HIS G 483 -21.93 -62.04 4.04
CA HIS G 483 -22.61 -60.79 3.69
C HIS G 483 -24.09 -60.96 3.97
N GLU G 484 -24.49 -60.63 5.20
CA GLU G 484 -25.87 -60.73 5.62
C GLU G 484 -26.19 -59.59 6.58
N PHE G 485 -27.50 -59.31 6.71
CA PHE G 485 -27.93 -58.24 7.61
C PHE G 485 -27.87 -58.68 9.07
N TYR G 486 -28.34 -59.89 9.36
CA TYR G 486 -28.34 -60.42 10.72
C TYR G 486 -27.05 -61.22 10.92
N VAL G 487 -26.20 -60.73 11.81
CA VAL G 487 -24.93 -61.40 12.10
C VAL G 487 -25.20 -62.62 12.99
N LYS G 488 -24.66 -63.76 12.59
CA LYS G 488 -24.86 -64.98 13.36
C LYS G 488 -24.18 -64.87 14.72
N LYS G 489 -24.95 -65.14 15.77
CA LYS G 489 -24.41 -65.07 17.12
C LYS G 489 -23.60 -66.33 17.45
N GLY G 490 -22.72 -66.20 18.43
CA GLY G 490 -21.88 -67.30 18.84
C GLY G 490 -22.63 -68.35 19.63
N GLY G 491 -23.31 -69.26 18.93
CA GLY G 491 -24.07 -70.30 19.58
C GLY G 491 -23.19 -71.28 20.33
#